data_9KBG
#
_entry.id   9KBG
#
_cell.length_a   1.00
_cell.length_b   1.00
_cell.length_c   1.00
_cell.angle_alpha   90.00
_cell.angle_beta   90.00
_cell.angle_gamma   90.00
#
_symmetry.space_group_name_H-M   'P 1'
#
loop_
_entity.id
_entity.type
_entity.pdbx_description
1 polymer 'Non-structural protein 1'
2 non-polymer 'PHOSPHOAMINOPHOSPHONIC ACID-ADENYLATE ESTER'
3 non-polymer 'MAGNESIUM ION'
4 water water
#
_entity_poly.entity_id   1
_entity_poly.type   'polypeptide(L)'
_entity_poly.pdbx_seq_one_letter_code
;ELFRGVLQVSSNVLDCANDNWWCSLLDLDTSDWEPLTHTNRLMAIYLSSVASKLDFTGGPLAGCLYFFQVECNKFEEGYH
IHVVIGGPGLNPRNLTVCVEGLFNNVLYHLVTGNVKLKFLPGMTTKGKYFRDGEQFIENYLMKKIPLNVVWCVTNIDGYI
DTCISATFRRGACHAKKPRMTTAINDTSSDAGEPSGTGAEVVPFNGKGTKASIKFQTMVNWLCENRVFTEDKWKLVDFNQ
YTLLSSSHSGSFQIQSALKLAIYKATNLVPTSTFLLHADFEQVMCIKDNKIVKLLLCQNYDPLLVGQHVLKWIDKKCGKK
NTLWFYGPPSTGKTNLAMAIAKSVPVYGMVNWNNENFPFNDVAGKSLVVWDEGIIKSTIVEAAKAILGGQPTRVDQKMRG
SVAVPGVPVVITSNGDITFVVSGNTTTTVHAKALKERMVKLNFTVRCSPDMGLLTEADVQQWLTWCNAQSWDHYENWAIN
YTFDFPGINADALHPDLQTTPIVTDTSISSSGGESSEELSESSFFNLITPGACNTETPRSSTPIPGTSSGESLVGSPVSS
EVVAASWEE
;
_entity_poly.pdbx_strand_id   A,B,C,D,E,F,G,H,I,J,K,L
#
# COMPACT_ATOMS: atom_id res chain seq x y z
N VAL A 201 -29.20 5.64 -49.71
CA VAL A 201 -28.35 6.78 -49.41
C VAL A 201 -27.38 7.04 -50.57
N VAL A 202 -27.39 8.26 -51.08
CA VAL A 202 -26.52 8.65 -52.18
C VAL A 202 -25.12 8.92 -51.62
N PRO A 203 -24.08 8.28 -52.16
CA PRO A 203 -22.72 8.51 -51.65
C PRO A 203 -22.27 9.95 -51.90
N PHE A 204 -21.33 10.38 -51.05
CA PHE A 204 -20.79 11.73 -51.16
C PHE A 204 -20.06 11.90 -52.49
N ASN A 205 -20.31 13.04 -53.14
CA ASN A 205 -19.75 13.33 -54.46
C ASN A 205 -18.27 13.71 -54.43
N GLY A 206 -17.58 13.58 -53.30
CA GLY A 206 -16.17 13.90 -53.27
C GLY A 206 -15.37 12.98 -54.18
N LYS A 207 -14.36 13.56 -54.83
CA LYS A 207 -13.51 12.83 -55.78
C LYS A 207 -12.11 12.71 -55.22
N GLY A 208 -11.51 11.53 -55.38
CA GLY A 208 -10.18 11.28 -54.89
C GLY A 208 -9.09 11.58 -55.89
N THR A 209 -7.86 11.67 -55.41
CA THR A 209 -6.70 11.93 -56.23
C THR A 209 -6.09 10.60 -56.69
N LYS A 210 -4.91 10.68 -57.32
CA LYS A 210 -4.23 9.47 -57.76
C LYS A 210 -3.75 8.64 -56.57
N ALA A 211 -3.23 9.31 -55.53
CA ALA A 211 -2.76 8.59 -54.35
C ALA A 211 -3.91 7.88 -53.64
N SER A 212 -5.07 8.52 -53.55
CA SER A 212 -6.23 7.89 -52.93
C SER A 212 -6.68 6.66 -53.70
N ILE A 213 -6.68 6.74 -55.03
CA ILE A 213 -7.06 5.60 -55.85
C ILE A 213 -6.05 4.47 -55.70
N LYS A 214 -4.77 4.80 -55.64
CA LYS A 214 -3.74 3.78 -55.43
C LYS A 214 -3.90 3.11 -54.07
N PHE A 215 -4.21 3.90 -53.04
CA PHE A 215 -4.44 3.33 -51.71
C PHE A 215 -5.65 2.40 -51.69
N GLN A 216 -6.73 2.80 -52.37
CA GLN A 216 -7.91 1.95 -52.45
C GLN A 216 -7.60 0.66 -53.19
N THR A 217 -6.83 0.75 -54.28
CA THR A 217 -6.42 -0.45 -55.01
C THR A 217 -5.57 -1.36 -54.14
N MET A 218 -4.69 -0.78 -53.32
CA MET A 218 -3.89 -1.58 -52.41
C MET A 218 -4.75 -2.28 -51.37
N VAL A 219 -5.77 -1.59 -50.86
CA VAL A 219 -6.69 -2.21 -49.89
C VAL A 219 -7.43 -3.37 -50.54
N ASN A 220 -7.89 -3.17 -51.78
CA ASN A 220 -8.57 -4.26 -52.50
C ASN A 220 -7.63 -5.44 -52.72
N TRP A 221 -6.37 -5.16 -53.07
CA TRP A 221 -5.38 -6.22 -53.25
C TRP A 221 -5.15 -6.99 -51.96
N LEU A 222 -5.08 -6.28 -50.83
CA LEU A 222 -4.93 -6.94 -49.54
C LEU A 222 -6.12 -7.83 -49.23
N CYS A 223 -7.33 -7.36 -49.55
CA CYS A 223 -8.52 -8.17 -49.32
C CYS A 223 -8.55 -9.41 -50.19
N GLU A 224 -8.17 -9.28 -51.47
CA GLU A 224 -8.27 -10.39 -52.40
C GLU A 224 -7.29 -11.50 -52.07
N ASN A 225 -6.08 -11.14 -51.63
CA ASN A 225 -5.03 -12.11 -51.37
C ASN A 225 -5.03 -12.62 -49.93
N ARG A 226 -6.02 -12.21 -49.13
CA ARG A 226 -6.18 -12.68 -47.75
C ARG A 226 -4.93 -12.39 -46.91
N VAL A 227 -4.45 -11.15 -47.00
CA VAL A 227 -3.32 -10.68 -46.20
C VAL A 227 -3.88 -9.74 -45.13
N PHE A 228 -3.70 -10.10 -43.87
CA PHE A 228 -4.27 -9.35 -42.77
C PHE A 228 -3.28 -9.04 -41.65
N THR A 229 -2.03 -9.47 -41.77
CA THR A 229 -1.00 -9.20 -40.77
C THR A 229 0.25 -8.67 -41.46
N GLU A 230 1.07 -7.97 -40.67
CA GLU A 230 2.33 -7.44 -41.19
C GLU A 230 3.28 -8.55 -41.60
N ASP A 231 3.35 -9.62 -40.81
CA ASP A 231 4.24 -10.74 -41.13
C ASP A 231 3.85 -11.40 -42.44
N LYS A 232 2.54 -11.59 -42.66
CA LYS A 232 2.11 -12.19 -43.92
C LYS A 232 2.37 -11.26 -45.09
N TRP A 233 2.24 -9.93 -44.89
CA TRP A 233 2.58 -8.99 -45.94
C TRP A 233 4.06 -9.08 -46.30
N LYS A 234 4.93 -9.17 -45.29
CA LYS A 234 6.35 -9.33 -45.55
C LYS A 234 6.65 -10.64 -46.28
N LEU A 235 5.99 -11.72 -45.87
CA LEU A 235 6.24 -13.02 -46.48
C LEU A 235 5.76 -13.05 -47.94
N VAL A 236 4.60 -12.46 -48.21
CA VAL A 236 4.01 -12.57 -49.54
C VAL A 236 4.64 -11.59 -50.51
N ASP A 237 4.77 -10.32 -50.10
CA ASP A 237 5.31 -9.27 -50.96
C ASP A 237 6.27 -8.41 -50.12
N PHE A 238 7.55 -8.79 -50.12
CA PHE A 238 8.55 -8.00 -49.41
C PHE A 238 8.92 -6.74 -50.17
N ASN A 239 8.83 -6.75 -51.51
CA ASN A 239 9.22 -5.59 -52.30
C ASN A 239 8.32 -4.40 -52.01
N GLN A 240 7.01 -4.61 -52.06
CA GLN A 240 6.07 -3.52 -51.79
C GLN A 240 6.17 -3.04 -50.35
N TYR A 241 6.33 -3.96 -49.41
CA TYR A 241 6.48 -3.58 -48.01
C TYR A 241 7.72 -2.71 -47.80
N THR A 242 8.85 -3.11 -48.39
CA THR A 242 10.08 -2.33 -48.27
C THR A 242 9.94 -0.97 -48.94
N LEU A 243 9.29 -0.92 -50.11
CA LEU A 243 9.09 0.36 -50.79
C LEU A 243 8.21 1.28 -49.97
N LEU A 244 7.18 0.74 -49.31
CA LEU A 244 6.28 1.56 -48.53
C LEU A 244 6.94 2.05 -47.24
N SER A 245 7.74 1.21 -46.60
CA SER A 245 8.29 1.53 -45.29
C SER A 245 9.51 2.44 -45.36
N SER A 246 9.71 3.14 -46.47
CA SER A 246 10.83 4.06 -46.62
C SER A 246 10.52 5.47 -46.11
N SER A 247 9.29 5.73 -45.68
CA SER A 247 8.91 7.06 -45.24
C SER A 247 7.74 6.95 -44.26
N HIS A 248 7.44 8.08 -43.60
CA HIS A 248 6.35 8.11 -42.62
C HIS A 248 5.01 7.86 -43.29
N SER A 249 4.80 8.42 -44.49
CA SER A 249 3.52 8.27 -45.16
C SER A 249 3.22 6.82 -45.49
N GLY A 250 4.21 6.08 -46.00
CA GLY A 250 4.00 4.68 -46.30
C GLY A 250 3.77 3.84 -45.05
N SER A 251 4.47 4.18 -43.96
CA SER A 251 4.26 3.45 -42.71
C SER A 251 2.85 3.66 -42.17
N PHE A 252 2.34 4.90 -42.27
CA PHE A 252 0.96 5.15 -41.88
C PHE A 252 -0.01 4.40 -42.79
N GLN A 253 0.27 4.41 -44.10
CA GLN A 253 -0.61 3.76 -45.06
C GLN A 253 -0.67 2.26 -44.85
N ILE A 254 0.43 1.64 -44.43
CA ILE A 254 0.43 0.21 -44.20
C ILE A 254 -0.60 -0.17 -43.14
N GLN A 255 -0.55 0.52 -41.99
CA GLN A 255 -1.48 0.23 -40.91
C GLN A 255 -2.91 0.58 -41.31
N SER A 256 -3.10 1.72 -41.99
CA SER A 256 -4.45 2.12 -42.40
C SER A 256 -5.06 1.09 -43.35
N ALA A 257 -4.28 0.64 -44.32
CA ALA A 257 -4.76 -0.35 -45.29
C ALA A 257 -5.04 -1.68 -44.61
N LEU A 258 -4.19 -2.09 -43.67
CA LEU A 258 -4.42 -3.35 -42.97
C LEU A 258 -5.73 -3.29 -42.18
N LYS A 259 -5.96 -2.19 -41.47
CA LYS A 259 -7.20 -2.06 -40.70
C LYS A 259 -8.43 -2.04 -41.61
N LEU A 260 -8.35 -1.30 -42.73
CA LEU A 260 -9.49 -1.24 -43.65
C LEU A 260 -9.76 -2.60 -44.28
N ALA A 261 -8.70 -3.33 -44.65
CA ALA A 261 -8.89 -4.66 -45.22
C ALA A 261 -9.52 -5.61 -44.22
N ILE A 262 -9.07 -5.59 -42.97
CA ILE A 262 -9.68 -6.45 -41.95
C ILE A 262 -11.15 -6.10 -41.77
N TYR A 263 -11.47 -4.81 -41.70
CA TYR A 263 -12.87 -4.42 -41.52
C TYR A 263 -13.72 -4.85 -42.71
N LYS A 264 -13.22 -4.68 -43.94
CA LYS A 264 -14.00 -5.08 -45.11
C LYS A 264 -14.21 -6.59 -45.13
N ALA A 265 -13.18 -7.36 -44.78
CA ALA A 265 -13.30 -8.81 -44.78
C ALA A 265 -14.29 -9.29 -43.71
N THR A 266 -14.30 -8.64 -42.55
CA THR A 266 -15.11 -9.13 -41.44
C THR A 266 -16.56 -8.63 -41.47
N ASN A 267 -16.79 -7.36 -41.82
CA ASN A 267 -18.11 -6.76 -41.66
C ASN A 267 -18.87 -6.52 -42.96
N LEU A 268 -18.18 -6.40 -44.09
CA LEU A 268 -18.85 -6.05 -45.34
C LEU A 268 -19.03 -7.22 -46.29
N VAL A 269 -18.29 -8.31 -46.12
CA VAL A 269 -18.35 -9.48 -46.99
C VAL A 269 -18.72 -10.68 -46.13
N PRO A 270 -19.74 -11.46 -46.51
CA PRO A 270 -20.08 -12.64 -45.73
C PRO A 270 -18.92 -13.65 -45.71
N THR A 271 -18.76 -14.30 -44.55
CA THR A 271 -17.67 -15.27 -44.40
C THR A 271 -17.85 -16.47 -45.31
N SER A 272 -19.09 -16.86 -45.60
CA SER A 272 -19.34 -18.03 -46.43
C SER A 272 -18.75 -17.88 -47.82
N THR A 273 -18.63 -16.64 -48.31
CA THR A 273 -18.00 -16.43 -49.61
C THR A 273 -16.52 -16.80 -49.59
N PHE A 274 -15.85 -16.60 -48.46
CA PHE A 274 -14.46 -17.02 -48.35
C PHE A 274 -14.32 -18.54 -48.29
N LEU A 275 -15.37 -19.25 -47.88
CA LEU A 275 -15.31 -20.70 -47.83
C LEU A 275 -15.59 -21.33 -49.19
N LEU A 276 -16.59 -20.83 -49.90
CA LEU A 276 -16.95 -21.37 -51.19
C LEU A 276 -15.88 -21.03 -52.23
N HIS A 277 -15.80 -21.86 -53.27
CA HIS A 277 -14.82 -21.67 -54.33
C HIS A 277 -15.48 -21.73 -55.70
N CYS A 285 -15.32 -38.64 -56.91
CA CYS A 285 -15.10 -37.21 -56.70
C CYS A 285 -15.12 -36.86 -55.22
N ILE A 286 -16.31 -36.52 -54.71
CA ILE A 286 -16.45 -36.17 -53.31
C ILE A 286 -16.26 -37.39 -52.41
N LYS A 287 -16.38 -38.60 -52.96
CA LYS A 287 -16.23 -39.81 -52.15
C LYS A 287 -14.81 -39.96 -51.62
N ASP A 288 -13.82 -39.40 -52.30
CA ASP A 288 -12.43 -39.49 -51.89
C ASP A 288 -12.04 -38.41 -50.89
N ASN A 289 -12.93 -37.47 -50.58
CA ASN A 289 -12.62 -36.43 -49.63
C ASN A 289 -12.52 -37.00 -48.22
N LYS A 290 -11.63 -36.42 -47.40
CA LYS A 290 -11.41 -36.93 -46.05
C LYS A 290 -12.52 -36.51 -45.10
N ILE A 291 -13.09 -35.32 -45.28
CA ILE A 291 -14.09 -34.82 -44.32
C ILE A 291 -15.36 -35.66 -44.37
N VAL A 292 -15.80 -36.03 -45.58
CA VAL A 292 -17.03 -36.82 -45.69
C VAL A 292 -16.82 -38.20 -45.09
N LYS A 293 -15.66 -38.81 -45.31
CA LYS A 293 -15.37 -40.10 -44.70
C LYS A 293 -15.32 -40.00 -43.19
N LEU A 294 -14.69 -38.95 -42.66
CA LEU A 294 -14.63 -38.77 -41.21
C LEU A 294 -16.03 -38.60 -40.62
N LEU A 295 -16.89 -37.83 -41.28
CA LEU A 295 -18.24 -37.64 -40.77
C LEU A 295 -19.09 -38.88 -40.96
N LEU A 296 -18.76 -39.74 -41.93
CA LEU A 296 -19.49 -40.99 -42.09
C LEU A 296 -19.08 -42.02 -41.04
N CYS A 297 -17.81 -42.00 -40.63
CA CYS A 297 -17.35 -42.92 -39.59
C CYS A 297 -18.06 -42.67 -38.27
N GLN A 298 -18.47 -41.43 -38.01
CA GLN A 298 -19.18 -41.09 -36.78
C GLN A 298 -20.69 -41.13 -36.93
N ASN A 299 -21.19 -41.80 -37.96
CA ASN A 299 -22.64 -41.98 -38.17
C ASN A 299 -23.34 -40.63 -38.34
N TYR A 300 -22.76 -39.76 -39.15
CA TYR A 300 -23.31 -38.43 -39.42
C TYR A 300 -23.37 -38.20 -40.93
N ASP A 301 -24.34 -37.38 -41.33
CA ASP A 301 -24.52 -37.06 -42.75
C ASP A 301 -23.66 -35.83 -43.08
N PRO A 302 -22.64 -35.97 -43.93
CA PRO A 302 -21.78 -34.81 -44.22
C PRO A 302 -22.52 -33.64 -44.86
N LEU A 303 -23.54 -33.91 -45.66
CA LEU A 303 -24.27 -32.84 -46.35
C LEU A 303 -24.97 -31.93 -45.34
N LEU A 304 -25.68 -32.52 -44.38
CA LEU A 304 -26.37 -31.73 -43.37
C LEU A 304 -25.39 -30.96 -42.51
N VAL A 305 -24.26 -31.58 -42.15
CA VAL A 305 -23.25 -30.90 -41.35
C VAL A 305 -22.68 -29.71 -42.11
N GLY A 306 -22.41 -29.88 -43.40
CA GLY A 306 -21.89 -28.78 -44.19
C GLY A 306 -22.88 -27.64 -44.34
N GLN A 307 -24.15 -27.97 -44.58
CA GLN A 307 -25.17 -26.93 -44.68
C GLN A 307 -25.33 -26.19 -43.35
N HIS A 308 -25.29 -26.93 -42.23
CA HIS A 308 -25.37 -26.28 -40.93
C HIS A 308 -24.17 -25.39 -40.67
N VAL A 309 -22.99 -25.82 -41.08
CA VAL A 309 -21.79 -24.99 -40.92
C VAL A 309 -21.91 -23.72 -41.74
N LEU A 310 -22.39 -23.84 -42.98
CA LEU A 310 -22.57 -22.67 -43.83
C LEU A 310 -23.55 -21.68 -43.22
N LYS A 311 -24.66 -22.18 -42.67
CA LYS A 311 -25.64 -21.28 -42.06
C LYS A 311 -25.14 -20.71 -40.73
N TRP A 312 -24.32 -21.48 -40.01
CA TRP A 312 -23.83 -21.08 -38.70
C TRP A 312 -22.75 -20.01 -38.80
N ILE A 313 -21.86 -20.13 -39.78
CA ILE A 313 -20.75 -19.17 -39.90
C ILE A 313 -21.21 -17.81 -40.40
N ASP A 314 -22.42 -17.71 -40.94
CA ASP A 314 -22.99 -16.45 -41.39
C ASP A 314 -23.90 -15.81 -40.34
N LYS A 315 -23.93 -16.36 -39.13
CA LYS A 315 -24.76 -15.84 -38.04
C LYS A 315 -26.24 -15.83 -38.43
N LYS A 316 -26.72 -16.96 -38.97
CA LYS A 316 -28.11 -17.10 -39.39
C LYS A 316 -28.82 -18.20 -38.61
N CYS A 317 -28.35 -18.49 -37.39
CA CYS A 317 -28.92 -19.54 -36.57
C CYS A 317 -29.60 -19.00 -35.31
N GLY A 318 -29.66 -17.69 -35.15
CA GLY A 318 -30.36 -17.12 -34.00
C GLY A 318 -29.55 -17.27 -32.73
N LYS A 319 -30.18 -17.85 -31.71
CA LYS A 319 -29.54 -17.99 -30.40
C LYS A 319 -28.47 -19.08 -30.37
N LYS A 320 -28.53 -20.04 -31.28
CA LYS A 320 -27.58 -21.16 -31.31
C LYS A 320 -26.36 -20.73 -32.10
N ASN A 321 -25.37 -20.18 -31.41
CA ASN A 321 -24.16 -19.66 -32.03
C ASN A 321 -22.94 -20.54 -31.81
N THR A 322 -23.05 -21.57 -30.97
CA THR A 322 -21.91 -22.38 -30.58
C THR A 322 -21.99 -23.76 -31.23
N LEU A 323 -20.81 -24.30 -31.56
CA LEU A 323 -20.68 -25.64 -32.13
C LEU A 323 -19.71 -26.42 -31.26
N TRP A 324 -20.17 -27.56 -30.73
CA TRP A 324 -19.42 -28.32 -29.74
C TRP A 324 -19.04 -29.68 -30.32
N PHE A 325 -17.75 -30.01 -30.26
CA PHE A 325 -17.24 -31.32 -30.60
C PHE A 325 -16.83 -32.03 -29.33
N TYR A 326 -17.41 -33.20 -29.09
CA TYR A 326 -17.20 -33.94 -27.86
C TYR A 326 -16.95 -35.41 -28.16
N GLY A 327 -16.01 -36.01 -27.45
CA GLY A 327 -15.72 -37.42 -27.61
C GLY A 327 -14.42 -37.86 -26.96
N PRO A 328 -14.12 -39.15 -27.07
CA PRO A 328 -12.85 -39.67 -26.54
C PRO A 328 -11.66 -39.11 -27.30
N PRO A 329 -10.46 -39.22 -26.75
CA PRO A 329 -9.28 -38.65 -27.42
C PRO A 329 -8.97 -39.33 -28.74
N SER A 330 -8.30 -38.57 -29.62
CA SER A 330 -7.86 -39.04 -30.93
C SER A 330 -9.05 -39.50 -31.79
N THR A 331 -9.98 -38.66 -32.13
CA THR A 331 -11.20 -39.02 -32.88
C THR A 331 -11.39 -37.97 -33.98
N GLY A 332 -10.46 -37.01 -34.15
CA GLY A 332 -10.48 -36.01 -35.22
C GLY A 332 -10.96 -34.64 -34.86
N LYS A 333 -11.29 -34.31 -33.62
CA LYS A 333 -11.94 -33.03 -33.21
C LYS A 333 -11.04 -31.84 -33.52
N THR A 334 -9.90 -31.67 -32.91
CA THR A 334 -9.02 -30.53 -33.28
C THR A 334 -8.84 -30.44 -34.80
N ASN A 335 -8.49 -31.51 -35.51
CA ASN A 335 -8.36 -31.53 -36.99
C ASN A 335 -9.58 -30.92 -37.71
N LEU A 336 -10.81 -31.39 -37.59
CA LEU A 336 -11.94 -30.79 -38.35
C LEU A 336 -12.21 -29.33 -37.94
N ALA A 337 -11.79 -28.85 -36.79
CA ALA A 337 -12.14 -27.51 -36.32
C ALA A 337 -11.04 -26.57 -36.64
N MET A 338 -9.83 -27.04 -36.65
CA MET A 338 -8.72 -26.13 -36.86
C MET A 338 -8.48 -26.10 -38.36
N ALA A 339 -9.35 -26.74 -39.12
CA ALA A 339 -9.27 -26.66 -40.57
C ALA A 339 -10.27 -25.63 -41.01
N ILE A 340 -11.40 -25.49 -40.34
CA ILE A 340 -12.38 -24.42 -40.67
C ILE A 340 -11.73 -23.13 -40.26
N ALA A 341 -11.00 -23.11 -39.19
CA ALA A 341 -10.39 -21.91 -38.64
C ALA A 341 -9.37 -21.45 -39.63
N LYS A 342 -8.58 -22.36 -40.16
CA LYS A 342 -7.65 -21.92 -41.17
C LYS A 342 -8.34 -21.55 -42.49
N SER A 343 -9.58 -21.96 -42.69
CA SER A 343 -10.29 -21.62 -43.92
C SER A 343 -10.89 -20.22 -43.87
N VAL A 344 -11.18 -19.70 -42.68
CA VAL A 344 -11.76 -18.37 -42.53
C VAL A 344 -10.64 -17.33 -42.61
N PRO A 345 -10.93 -16.07 -42.95
CA PRO A 345 -9.88 -15.06 -43.02
C PRO A 345 -9.13 -14.86 -41.70
N VAL A 346 -9.87 -14.51 -40.64
CA VAL A 346 -9.28 -14.24 -39.34
C VAL A 346 -9.97 -15.10 -38.30
N TYR A 347 -9.17 -15.72 -37.43
CA TYR A 347 -9.71 -16.52 -36.33
C TYR A 347 -8.94 -16.20 -35.06
N GLY A 348 -9.63 -16.29 -33.92
CA GLY A 348 -9.03 -16.09 -32.62
C GLY A 348 -9.16 -17.34 -31.77
N MET A 349 -8.36 -17.39 -30.71
CA MET A 349 -8.32 -18.53 -29.81
C MET A 349 -8.50 -18.07 -28.37
N VAL A 350 -9.33 -18.81 -27.62
CA VAL A 350 -9.49 -18.54 -26.20
C VAL A 350 -8.22 -18.90 -25.43
N ASN A 351 -7.45 -19.87 -25.93
CA ASN A 351 -6.25 -20.32 -25.23
C ASN A 351 -5.17 -19.24 -25.23
N TRP A 352 -5.11 -18.40 -26.27
CA TRP A 352 -4.08 -17.37 -26.31
C TRP A 352 -4.31 -16.28 -25.28
N ASN A 353 -5.57 -15.96 -24.99
CA ASN A 353 -5.89 -14.84 -24.11
C ASN A 353 -5.48 -15.17 -22.67
N ASN A 354 -5.62 -14.17 -21.80
CA ASN A 354 -5.28 -14.33 -20.40
C ASN A 354 -6.33 -15.21 -19.71
N GLU A 355 -5.91 -15.82 -18.60
CA GLU A 355 -6.80 -16.71 -17.86
C GLU A 355 -8.00 -15.96 -17.30
N ASN A 356 -7.77 -14.76 -16.76
CA ASN A 356 -8.86 -13.99 -16.18
C ASN A 356 -9.69 -13.25 -17.23
N PHE A 357 -9.17 -13.10 -18.44
CA PHE A 357 -9.85 -12.39 -19.53
C PHE A 357 -9.79 -13.26 -20.78
N PRO A 358 -10.63 -14.30 -20.86
CA PRO A 358 -10.58 -15.20 -22.02
C PRO A 358 -11.22 -14.64 -23.27
N PHE A 359 -11.91 -13.51 -23.20
CA PHE A 359 -12.64 -12.98 -24.36
C PHE A 359 -12.16 -11.58 -24.71
N ASN A 360 -10.85 -11.36 -24.74
CA ASN A 360 -10.31 -10.04 -25.06
C ASN A 360 -10.55 -9.67 -26.52
N ASP A 361 -10.00 -10.45 -27.44
CA ASP A 361 -10.06 -10.13 -28.87
C ASP A 361 -11.13 -10.99 -29.53
N VAL A 362 -12.37 -10.50 -29.47
CA VAL A 362 -13.48 -11.09 -30.20
C VAL A 362 -14.03 -10.17 -31.28
N ALA A 363 -13.61 -8.91 -31.30
CA ALA A 363 -14.03 -7.96 -32.33
C ALA A 363 -13.05 -8.00 -33.49
N GLY A 364 -13.57 -8.06 -34.70
CA GLY A 364 -12.74 -8.19 -35.88
C GLY A 364 -12.33 -9.61 -36.21
N LYS A 365 -13.03 -10.61 -35.66
CA LYS A 365 -12.72 -12.01 -35.91
C LYS A 365 -13.90 -12.67 -36.60
N SER A 366 -13.59 -13.60 -37.50
CA SER A 366 -14.62 -14.40 -38.16
C SER A 366 -15.00 -15.64 -37.38
N LEU A 367 -14.14 -16.08 -36.45
CA LEU A 367 -14.38 -17.31 -35.71
C LEU A 367 -13.55 -17.29 -34.44
N VAL A 368 -14.09 -17.91 -33.39
CA VAL A 368 -13.39 -18.08 -32.13
C VAL A 368 -13.32 -19.57 -31.81
N VAL A 369 -12.12 -20.06 -31.50
CA VAL A 369 -11.88 -21.48 -31.25
C VAL A 369 -11.51 -21.65 -29.78
N TRP A 370 -12.19 -22.58 -29.11
CA TRP A 370 -11.90 -22.95 -27.72
C TRP A 370 -11.53 -24.42 -27.70
N ASP A 371 -10.26 -24.72 -27.46
CA ASP A 371 -9.74 -26.08 -27.55
C ASP A 371 -9.55 -26.66 -26.16
N GLU A 372 -10.17 -27.82 -25.92
CA GLU A 372 -10.10 -28.52 -24.65
C GLU A 372 -10.49 -27.60 -23.49
N GLY A 373 -11.68 -27.02 -23.62
CA GLY A 373 -12.12 -25.96 -22.73
C GLY A 373 -13.04 -26.43 -21.62
N ILE A 374 -13.01 -25.67 -20.51
CA ILE A 374 -13.88 -25.91 -19.37
C ILE A 374 -14.38 -24.56 -18.87
N ILE A 375 -15.63 -24.52 -18.44
CA ILE A 375 -16.28 -23.28 -18.03
C ILE A 375 -16.25 -23.20 -16.51
N LYS A 376 -15.68 -22.11 -15.99
CA LYS A 376 -15.65 -21.85 -14.56
C LYS A 376 -16.82 -20.97 -14.15
N SER A 377 -17.06 -20.89 -12.84
CA SER A 377 -18.17 -20.10 -12.32
C SER A 377 -17.89 -18.60 -12.36
N THR A 378 -16.62 -18.19 -12.46
CA THR A 378 -16.30 -16.77 -12.50
C THR A 378 -16.59 -16.15 -13.86
N ILE A 379 -16.50 -16.92 -14.94
CA ILE A 379 -16.65 -16.39 -16.29
C ILE A 379 -17.92 -16.89 -16.96
N VAL A 380 -18.81 -17.55 -16.21
CA VAL A 380 -20.01 -18.11 -16.80
C VAL A 380 -20.94 -17.01 -17.31
N GLU A 381 -20.99 -15.86 -16.63
CA GLU A 381 -21.87 -14.78 -17.05
C GLU A 381 -21.49 -14.25 -18.42
N ALA A 382 -20.20 -14.06 -18.66
CA ALA A 382 -19.74 -13.61 -19.98
C ALA A 382 -19.78 -14.74 -20.99
N ALA A 383 -19.56 -15.98 -20.55
CA ALA A 383 -19.60 -17.12 -21.46
C ALA A 383 -21.00 -17.30 -22.04
N LYS A 384 -22.04 -17.18 -21.21
CA LYS A 384 -23.40 -17.31 -21.71
C LYS A 384 -23.72 -16.23 -22.73
N ALA A 385 -23.18 -15.02 -22.54
CA ALA A 385 -23.44 -13.94 -23.49
C ALA A 385 -22.71 -14.16 -24.81
N ILE A 386 -21.43 -14.55 -24.74
CA ILE A 386 -20.65 -14.70 -25.97
C ILE A 386 -21.13 -15.92 -26.76
N LEU A 387 -21.46 -17.01 -26.07
CA LEU A 387 -21.89 -18.22 -26.76
C LEU A 387 -23.25 -18.07 -27.42
N GLY A 388 -24.06 -17.11 -26.97
CA GLY A 388 -25.36 -16.86 -27.57
C GLY A 388 -25.38 -15.84 -28.69
N GLY A 389 -24.25 -15.17 -28.93
CA GLY A 389 -24.17 -14.17 -29.98
C GLY A 389 -24.50 -12.77 -29.54
N GLN A 390 -24.68 -12.52 -28.23
CA GLN A 390 -25.00 -11.20 -27.73
C GLN A 390 -23.74 -10.39 -27.47
N PRO A 391 -23.80 -9.08 -27.62
CA PRO A 391 -22.63 -8.23 -27.37
C PRO A 391 -22.56 -7.74 -25.93
N THR A 392 -21.36 -7.39 -25.52
CA THR A 392 -21.12 -6.90 -24.17
C THR A 392 -21.49 -5.41 -24.07
N ARG A 393 -21.47 -4.91 -22.84
CA ARG A 393 -21.78 -3.50 -22.61
C ARG A 393 -20.75 -2.59 -23.27
N VAL A 394 -19.47 -2.99 -23.22
CA VAL A 394 -18.41 -2.15 -23.79
C VAL A 394 -18.61 -2.01 -25.29
N ASP A 395 -18.91 -3.11 -25.99
CA ASP A 395 -19.13 -3.05 -27.43
C ASP A 395 -20.34 -2.18 -27.76
N GLN A 396 -21.42 -2.34 -27.02
CA GLN A 396 -22.62 -1.54 -27.26
C GLN A 396 -22.36 -0.06 -27.03
N LYS A 397 -21.60 0.28 -26.00
CA LYS A 397 -21.30 1.68 -25.71
C LYS A 397 -20.37 2.29 -26.75
N MET A 398 -19.33 1.54 -27.16
CA MET A 398 -18.38 2.06 -28.12
C MET A 398 -19.01 2.20 -29.52
N ARG A 399 -19.85 1.24 -29.91
CA ARG A 399 -20.51 1.32 -31.20
C ARG A 399 -21.75 2.21 -31.17
N GLY A 400 -22.41 2.32 -30.03
CA GLY A 400 -23.61 3.13 -29.91
C GLY A 400 -24.74 2.66 -30.81
N SER A 401 -24.94 1.34 -30.87
CA SER A 401 -25.97 0.78 -31.75
C SER A 401 -26.79 -0.33 -31.11
N VAL A 402 -26.55 -0.69 -29.85
CA VAL A 402 -27.24 -1.73 -29.08
C VAL A 402 -27.34 -3.07 -29.82
N ALA A 403 -27.57 -3.03 -31.14
CA ALA A 403 -27.65 -4.24 -31.95
C ALA A 403 -26.31 -4.44 -32.66
N VAL A 404 -25.42 -5.17 -31.97
CA VAL A 404 -24.09 -5.44 -32.48
C VAL A 404 -23.96 -6.92 -32.77
N PRO A 405 -23.49 -7.31 -33.95
CA PRO A 405 -23.37 -8.75 -34.27
C PRO A 405 -22.32 -9.43 -33.40
N GLY A 406 -22.57 -10.72 -33.14
CA GLY A 406 -21.64 -11.55 -32.41
C GLY A 406 -20.69 -12.31 -33.32
N VAL A 407 -19.92 -13.20 -32.71
CA VAL A 407 -18.96 -14.02 -33.45
C VAL A 407 -19.25 -15.50 -33.18
N PRO A 408 -19.23 -16.35 -34.21
CA PRO A 408 -19.41 -17.78 -33.98
C PRO A 408 -18.29 -18.36 -33.13
N VAL A 409 -18.63 -19.39 -32.35
CA VAL A 409 -17.69 -20.05 -31.45
C VAL A 409 -17.73 -21.55 -31.73
N VAL A 410 -16.56 -22.17 -31.70
CA VAL A 410 -16.44 -23.62 -31.82
C VAL A 410 -15.63 -24.13 -30.62
N ILE A 411 -16.10 -25.22 -30.01
CA ILE A 411 -15.50 -25.76 -28.80
C ILE A 411 -15.27 -27.25 -28.98
N THR A 412 -14.09 -27.72 -28.58
CA THR A 412 -13.79 -29.14 -28.48
C THR A 412 -13.40 -29.45 -27.04
N SER A 413 -13.88 -30.59 -26.53
CA SER A 413 -13.62 -30.96 -25.15
C SER A 413 -13.67 -32.48 -25.00
N ASN A 414 -13.08 -32.95 -23.89
CA ASN A 414 -13.09 -34.36 -23.54
C ASN A 414 -14.14 -34.72 -22.50
N GLY A 415 -14.76 -33.72 -21.86
CA GLY A 415 -15.77 -33.96 -20.85
C GLY A 415 -16.99 -33.08 -21.07
N ASP A 416 -17.98 -33.29 -20.22
CA ASP A 416 -19.23 -32.52 -20.29
C ASP A 416 -18.99 -31.13 -19.74
N ILE A 417 -19.14 -30.11 -20.59
CA ILE A 417 -18.88 -28.73 -20.19
C ILE A 417 -20.12 -28.03 -19.66
N THR A 418 -21.25 -28.72 -19.58
CA THR A 418 -22.43 -28.15 -18.94
C THR A 418 -22.32 -28.14 -17.42
N PHE A 419 -21.39 -28.90 -16.86
CA PHE A 419 -21.11 -28.86 -15.43
C PHE A 419 -20.15 -27.72 -15.16
N VAL A 420 -20.61 -26.70 -14.44
CA VAL A 420 -19.82 -25.49 -14.22
C VAL A 420 -18.97 -25.67 -12.98
N VAL A 421 -17.69 -25.35 -13.09
CA VAL A 421 -16.75 -25.50 -11.98
C VAL A 421 -16.90 -24.32 -11.03
N SER A 422 -17.23 -24.62 -9.78
CA SER A 422 -17.28 -23.61 -8.73
C SER A 422 -16.50 -24.15 -7.54
N GLY A 423 -15.46 -23.43 -7.12
CA GLY A 423 -14.62 -23.91 -6.04
C GLY A 423 -13.97 -25.24 -6.42
N ASN A 424 -14.19 -26.25 -5.60
CA ASN A 424 -13.74 -27.60 -5.87
C ASN A 424 -14.89 -28.53 -6.22
N THR A 425 -15.97 -27.99 -6.78
CA THR A 425 -17.19 -28.75 -7.02
C THR A 425 -17.72 -28.40 -8.42
N THR A 426 -18.51 -29.30 -8.99
CA THR A 426 -19.19 -29.05 -10.25
C THR A 426 -20.69 -28.90 -9.99
N THR A 427 -21.28 -27.85 -10.54
CA THR A 427 -22.69 -27.55 -10.36
C THR A 427 -23.43 -27.65 -11.69
N THR A 428 -24.76 -27.77 -11.60
CA THR A 428 -25.61 -27.95 -12.77
C THR A 428 -26.69 -26.87 -12.88
N VAL A 429 -26.50 -25.73 -12.21
CA VAL A 429 -27.52 -24.69 -12.23
C VAL A 429 -27.52 -23.86 -13.51
N HIS A 430 -26.53 -24.06 -14.38
CA HIS A 430 -26.50 -23.39 -15.67
C HIS A 430 -26.68 -24.34 -16.85
N ALA A 431 -26.97 -25.62 -16.59
CA ALA A 431 -27.03 -26.61 -17.65
C ALA A 431 -28.22 -26.41 -18.59
N LYS A 432 -29.20 -25.58 -18.23
CA LYS A 432 -30.35 -25.35 -19.10
C LYS A 432 -30.12 -24.19 -20.04
N ALA A 433 -29.54 -23.09 -19.56
CA ALA A 433 -29.27 -21.96 -20.43
C ALA A 433 -28.17 -22.27 -21.44
N LEU A 434 -27.19 -23.09 -21.06
CA LEU A 434 -26.10 -23.41 -21.97
C LEU A 434 -26.57 -24.27 -23.14
N LYS A 435 -27.48 -25.22 -22.88
CA LYS A 435 -27.96 -26.10 -23.94
C LYS A 435 -28.80 -25.37 -24.98
N GLU A 436 -29.37 -24.21 -24.62
CA GLU A 436 -30.17 -23.45 -25.56
C GLU A 436 -29.32 -22.75 -26.61
N ARG A 437 -28.00 -22.75 -26.45
CA ARG A 437 -27.09 -21.98 -27.30
C ARG A 437 -26.11 -22.86 -28.06
N MET A 438 -26.23 -24.18 -27.96
CA MET A 438 -25.18 -25.08 -28.43
C MET A 438 -25.76 -26.20 -29.27
N VAL A 439 -24.97 -26.66 -30.23
CA VAL A 439 -25.26 -27.85 -31.02
C VAL A 439 -24.11 -28.82 -30.81
N LYS A 440 -24.44 -30.06 -30.43
CA LYS A 440 -23.46 -31.02 -29.95
C LYS A 440 -23.29 -32.17 -30.94
N LEU A 441 -22.04 -32.53 -31.20
CA LEU A 441 -21.69 -33.67 -32.03
C LEU A 441 -20.78 -34.60 -31.26
N ASN A 442 -20.99 -35.91 -31.44
CA ASN A 442 -20.23 -36.94 -30.72
C ASN A 442 -19.24 -37.59 -31.68
N PHE A 443 -17.97 -37.61 -31.30
CA PHE A 443 -16.90 -38.21 -32.09
C PHE A 443 -16.39 -39.42 -31.32
N THR A 444 -16.99 -40.59 -31.57
CA THR A 444 -16.70 -41.79 -30.80
C THR A 444 -15.60 -42.65 -31.44
N VAL A 445 -15.76 -42.98 -32.72
CA VAL A 445 -14.87 -43.91 -33.41
C VAL A 445 -13.45 -43.35 -33.46
N ARG A 446 -12.49 -44.11 -32.96
CA ARG A 446 -11.09 -43.72 -33.00
C ARG A 446 -10.58 -43.72 -34.44
N CYS A 447 -9.69 -42.77 -34.73
CA CYS A 447 -9.13 -42.60 -36.07
C CYS A 447 -7.80 -43.34 -36.20
N SER A 448 -7.44 -43.62 -37.45
CA SER A 448 -6.20 -44.30 -37.78
C SER A 448 -5.00 -43.44 -37.43
N PRO A 449 -3.88 -44.03 -37.00
CA PRO A 449 -2.69 -43.24 -36.67
C PRO A 449 -1.99 -42.59 -37.86
N ASP A 450 -2.48 -42.82 -39.09
CA ASP A 450 -1.89 -42.24 -40.29
C ASP A 450 -3.00 -41.54 -41.08
N MET A 451 -3.86 -40.83 -40.35
CA MET A 451 -4.96 -40.07 -40.95
C MET A 451 -4.48 -38.88 -41.76
N GLY A 452 -3.48 -38.16 -41.29
CA GLY A 452 -2.96 -37.01 -42.00
C GLY A 452 -3.62 -35.73 -41.57
N LEU A 453 -2.86 -34.64 -41.64
CA LEU A 453 -3.38 -33.33 -41.26
C LEU A 453 -4.32 -32.82 -42.35
N LEU A 454 -5.50 -32.35 -41.94
CA LEU A 454 -6.48 -31.86 -42.90
C LEU A 454 -6.03 -30.55 -43.52
N THR A 455 -6.57 -30.25 -44.69
CA THR A 455 -6.15 -29.11 -45.49
C THR A 455 -7.36 -28.25 -45.83
N GLU A 456 -7.13 -26.94 -45.92
CA GLU A 456 -8.20 -25.99 -46.26
C GLU A 456 -8.88 -26.35 -47.58
N ALA A 457 -8.12 -26.93 -48.52
CA ALA A 457 -8.70 -27.32 -49.80
C ALA A 457 -9.79 -28.36 -49.62
N ASP A 458 -9.59 -29.30 -48.69
CA ASP A 458 -10.63 -30.29 -48.41
C ASP A 458 -11.91 -29.64 -47.91
N VAL A 459 -11.78 -28.68 -47.00
CA VAL A 459 -12.95 -27.98 -46.48
C VAL A 459 -13.65 -27.21 -47.59
N GLN A 460 -12.87 -26.53 -48.44
CA GLN A 460 -13.47 -25.78 -49.54
C GLN A 460 -14.22 -26.70 -50.50
N GLN A 461 -13.63 -27.84 -50.86
CA GLN A 461 -14.29 -28.79 -51.75
C GLN A 461 -15.56 -29.32 -51.12
N TRP A 462 -15.49 -29.72 -49.85
CA TRP A 462 -16.66 -30.29 -49.18
C TRP A 462 -17.79 -29.27 -49.08
N LEU A 463 -17.47 -28.03 -48.71
CA LEU A 463 -18.51 -27.02 -48.57
C LEU A 463 -19.08 -26.60 -49.93
N THR A 464 -18.23 -26.54 -50.96
CA THR A 464 -18.73 -26.24 -52.30
C THR A 464 -19.67 -27.32 -52.79
N TRP A 465 -19.33 -28.60 -52.54
CA TRP A 465 -20.23 -29.67 -52.93
C TRP A 465 -21.53 -29.63 -52.14
N CYS A 466 -21.45 -29.31 -50.85
CA CYS A 466 -22.66 -29.28 -50.01
C CYS A 466 -23.58 -28.12 -50.40
N ASN A 467 -23.02 -26.97 -50.78
CA ASN A 467 -23.86 -25.81 -51.06
C ASN A 467 -24.69 -25.99 -52.32
N ALA A 468 -24.21 -26.76 -53.28
CA ALA A 468 -24.93 -26.92 -54.54
C ALA A 468 -26.16 -27.80 -54.40
N GLN A 469 -26.14 -28.74 -53.46
CA GLN A 469 -27.24 -29.69 -53.31
C GLN A 469 -28.49 -28.98 -52.78
N SER A 470 -29.60 -29.74 -52.74
CA SER A 470 -30.85 -29.20 -52.26
C SER A 470 -30.76 -28.90 -50.76
N TRP A 471 -31.64 -28.00 -50.31
CA TRP A 471 -31.61 -27.54 -48.93
C TRP A 471 -32.78 -28.01 -48.09
N ASP A 472 -33.87 -28.48 -48.70
CA ASP A 472 -35.12 -28.70 -47.98
C ASP A 472 -34.92 -29.59 -46.75
N HIS A 473 -34.01 -30.56 -46.83
CA HIS A 473 -33.68 -31.40 -45.70
C HIS A 473 -33.01 -30.64 -44.56
N TYR A 474 -32.67 -29.36 -44.75
CA TYR A 474 -32.16 -28.54 -43.66
C TYR A 474 -33.24 -27.69 -43.02
N GLU A 475 -33.97 -26.90 -43.81
CA GLU A 475 -34.98 -26.05 -43.19
C GLU A 475 -36.23 -26.83 -42.75
N ASN A 476 -36.37 -28.10 -43.14
CA ASN A 476 -37.43 -28.90 -42.53
C ASN A 476 -37.14 -29.12 -41.05
N TRP A 477 -35.86 -29.35 -40.71
CA TRP A 477 -35.44 -29.48 -39.32
C TRP A 477 -35.20 -28.15 -38.63
N ALA A 478 -34.96 -27.08 -39.40
CA ALA A 478 -34.55 -25.80 -38.83
C ALA A 478 -35.66 -25.04 -38.12
N ILE A 479 -36.93 -25.48 -38.20
CA ILE A 479 -37.98 -24.81 -37.44
C ILE A 479 -37.68 -24.90 -35.94
N ASN A 480 -37.31 -26.08 -35.47
CA ASN A 480 -36.99 -26.31 -34.07
C ASN A 480 -35.58 -26.87 -33.99
N TYR A 481 -34.66 -26.10 -33.39
CA TYR A 481 -33.28 -26.53 -33.27
C TYR A 481 -33.12 -27.41 -32.04
N THR A 482 -32.50 -28.56 -32.21
CA THR A 482 -32.29 -29.53 -31.14
C THR A 482 -30.86 -29.42 -30.61
N PHE A 483 -30.70 -29.74 -29.33
CA PHE A 483 -29.38 -29.72 -28.71
C PHE A 483 -28.46 -30.76 -29.32
N ASP A 484 -28.98 -31.95 -29.58
CA ASP A 484 -28.20 -33.02 -30.21
C ASP A 484 -28.42 -33.00 -31.71
N PHE A 485 -27.33 -33.09 -32.46
CA PHE A 485 -27.44 -33.09 -33.91
C PHE A 485 -28.09 -34.38 -34.40
N PRO A 486 -29.00 -34.31 -35.36
CA PRO A 486 -29.67 -35.52 -35.85
C PRO A 486 -28.66 -36.54 -36.39
N GLY A 487 -28.93 -37.81 -36.12
CA GLY A 487 -28.08 -38.88 -36.59
C GLY A 487 -28.30 -39.20 -38.06
N ILE A 488 -27.42 -40.05 -38.57
CA ILE A 488 -27.48 -40.41 -39.98
C ILE A 488 -28.77 -41.19 -40.27
N ASN A 489 -29.16 -41.19 -41.54
CA ASN A 489 -30.31 -41.94 -42.02
C ASN A 489 -29.97 -42.48 -43.40
N ALA A 490 -29.77 -43.80 -43.51
CA ALA A 490 -29.39 -44.40 -44.78
C ALA A 490 -30.47 -44.25 -45.84
N ASP A 491 -31.75 -44.24 -45.45
CA ASP A 491 -32.82 -44.07 -46.42
C ASP A 491 -32.78 -42.67 -47.05
N ALA A 492 -32.48 -41.65 -46.26
CA ALA A 492 -32.44 -40.27 -46.74
C ALA A 492 -31.04 -39.82 -47.13
N LEU A 493 -30.06 -40.72 -47.11
CA LEU A 493 -28.71 -40.35 -47.48
C LEU A 493 -28.63 -39.96 -48.95
N HIS A 494 -27.76 -39.02 -49.27
CA HIS A 494 -27.63 -38.56 -50.64
C HIS A 494 -27.08 -39.67 -51.52
N PRO A 495 -27.66 -39.89 -52.71
CA PRO A 495 -27.20 -41.01 -53.56
C PRO A 495 -25.78 -40.85 -54.08
N ASP A 496 -25.22 -39.64 -54.08
CA ASP A 496 -23.90 -39.43 -54.67
C ASP A 496 -22.82 -40.14 -53.87
N LEU A 497 -22.91 -40.12 -52.54
CA LEU A 497 -21.88 -40.66 -51.66
C LEU A 497 -22.25 -42.01 -51.06
N GLN A 498 -23.14 -42.75 -51.71
CA GLN A 498 -23.52 -44.08 -51.25
C GLN A 498 -22.32 -45.04 -51.26
N VAL B 201 -24.95 39.84 -34.04
CA VAL B 201 -23.50 39.82 -34.27
C VAL B 201 -23.20 39.55 -35.73
N VAL B 202 -22.45 40.45 -36.35
CA VAL B 202 -22.06 40.28 -37.75
C VAL B 202 -20.99 39.20 -37.84
N PRO B 203 -21.16 38.20 -38.70
CA PRO B 203 -20.15 37.14 -38.81
C PRO B 203 -18.83 37.66 -39.34
N PHE B 204 -17.76 36.94 -38.99
CA PHE B 204 -16.42 37.35 -39.39
C PHE B 204 -16.28 37.29 -40.91
N ASN B 205 -15.38 38.13 -41.43
CA ASN B 205 -15.17 38.26 -42.87
C ASN B 205 -14.11 37.28 -43.39
N GLY B 206 -14.03 36.10 -42.80
CA GLY B 206 -13.08 35.11 -43.29
C GLY B 206 -13.55 34.50 -44.60
N LYS B 207 -12.60 34.24 -45.49
CA LYS B 207 -12.87 33.64 -46.79
C LYS B 207 -12.19 32.27 -46.86
N GLY B 208 -12.96 31.26 -47.27
CA GLY B 208 -12.44 29.91 -47.31
C GLY B 208 -11.91 29.50 -48.66
N THR B 209 -11.08 28.47 -48.65
CA THR B 209 -10.52 27.91 -49.87
C THR B 209 -11.39 26.75 -50.35
N LYS B 210 -10.96 26.07 -51.41
CA LYS B 210 -11.71 24.93 -51.94
C LYS B 210 -11.80 23.81 -50.91
N ALA B 211 -10.69 23.54 -50.22
CA ALA B 211 -10.69 22.47 -49.21
C ALA B 211 -11.66 22.78 -48.07
N SER B 212 -11.71 24.05 -47.65
CA SER B 212 -12.63 24.42 -46.57
C SER B 212 -14.08 24.23 -46.98
N ILE B 213 -14.43 24.64 -48.20
CA ILE B 213 -15.80 24.47 -48.67
C ILE B 213 -16.14 22.99 -48.81
N LYS B 214 -15.18 22.19 -49.29
CA LYS B 214 -15.40 20.75 -49.38
C LYS B 214 -15.63 20.13 -48.01
N PHE B 215 -14.83 20.55 -47.02
CA PHE B 215 -15.01 20.05 -45.66
C PHE B 215 -16.37 20.44 -45.09
N GLN B 216 -16.79 21.68 -45.32
CA GLN B 216 -18.09 22.13 -44.85
C GLN B 216 -19.23 21.34 -45.51
N THR B 217 -19.10 21.07 -46.81
CA THR B 217 -20.09 20.26 -47.51
C THR B 217 -20.13 18.85 -46.96
N MET B 218 -18.97 18.28 -46.65
CA MET B 218 -18.93 16.95 -46.05
C MET B 218 -19.60 16.94 -44.68
N VAL B 219 -19.37 17.98 -43.87
CA VAL B 219 -20.03 18.07 -42.57
C VAL B 219 -21.55 18.15 -42.75
N ASN B 220 -22.00 18.96 -43.71
CA ASN B 220 -23.43 19.06 -43.97
C ASN B 220 -24.02 17.72 -44.40
N TRP B 221 -23.30 16.99 -45.26
CA TRP B 221 -23.74 15.66 -45.67
C TRP B 221 -23.84 14.71 -44.48
N LEU B 222 -22.82 14.74 -43.61
CA LEU B 222 -22.83 13.87 -42.44
C LEU B 222 -24.02 14.16 -41.54
N CYS B 223 -24.30 15.46 -41.31
CA CYS B 223 -25.44 15.82 -40.47
C CYS B 223 -26.77 15.48 -41.13
N GLU B 224 -26.88 15.64 -42.45
CA GLU B 224 -28.14 15.43 -43.14
C GLU B 224 -28.47 13.95 -43.30
N ASN B 225 -27.45 13.09 -43.44
CA ASN B 225 -27.68 11.67 -43.65
C ASN B 225 -27.77 10.88 -42.34
N ARG B 226 -27.77 11.56 -41.20
CA ARG B 226 -27.95 10.93 -39.89
C ARG B 226 -26.88 9.88 -39.62
N VAL B 227 -25.63 10.22 -39.93
CA VAL B 227 -24.48 9.38 -39.62
C VAL B 227 -23.58 10.16 -38.68
N PHE B 228 -23.23 9.54 -37.54
CA PHE B 228 -22.48 10.21 -36.49
C PHE B 228 -21.38 9.37 -35.89
N THR B 229 -21.12 8.17 -36.42
CA THR B 229 -20.08 7.29 -35.90
C THR B 229 -19.25 6.76 -37.06
N GLU B 230 -18.06 6.27 -36.73
CA GLU B 230 -17.17 5.71 -37.74
C GLU B 230 -17.77 4.45 -38.36
N ASP B 231 -18.42 3.62 -37.54
CA ASP B 231 -18.97 2.36 -38.05
C ASP B 231 -20.09 2.61 -39.06
N LYS B 232 -20.99 3.54 -38.77
CA LYS B 232 -22.05 3.83 -39.73
C LYS B 232 -21.50 4.52 -40.98
N TRP B 233 -20.43 5.31 -40.83
CA TRP B 233 -19.79 5.89 -42.01
C TRP B 233 -19.20 4.81 -42.90
N LYS B 234 -18.55 3.81 -42.31
CA LYS B 234 -18.02 2.70 -43.09
C LYS B 234 -19.14 1.90 -43.74
N LEU B 235 -20.23 1.65 -43.01
CA LEU B 235 -21.33 0.87 -43.55
C LEU B 235 -22.04 1.58 -44.69
N VAL B 236 -22.22 2.90 -44.57
CA VAL B 236 -23.01 3.66 -45.54
C VAL B 236 -22.17 4.07 -46.74
N ASP B 237 -20.97 4.59 -46.51
CA ASP B 237 -20.09 5.05 -47.59
C ASP B 237 -18.67 4.59 -47.27
N PHE B 238 -18.32 3.40 -47.75
CA PHE B 238 -16.97 2.88 -47.55
C PHE B 238 -15.97 3.51 -48.51
N ASN B 239 -16.44 3.94 -49.68
CA ASN B 239 -15.54 4.55 -50.66
C ASN B 239 -14.94 5.84 -50.13
N GLN B 240 -15.78 6.74 -49.60
CA GLN B 240 -15.29 8.00 -49.06
C GLN B 240 -14.39 7.79 -47.86
N TYR B 241 -14.76 6.85 -46.98
CA TYR B 241 -13.92 6.56 -45.81
C TYR B 241 -12.56 6.04 -46.24
N THR B 242 -12.52 5.14 -47.22
CA THR B 242 -11.25 4.61 -47.70
C THR B 242 -10.41 5.70 -48.35
N LEU B 243 -11.05 6.58 -49.13
CA LEU B 243 -10.31 7.67 -49.76
C LEU B 243 -9.75 8.64 -48.73
N LEU B 244 -10.50 8.93 -47.67
CA LEU B 244 -10.01 9.86 -46.65
C LEU B 244 -8.91 9.23 -45.79
N SER B 245 -9.01 7.93 -45.51
CA SER B 245 -8.08 7.28 -44.61
C SER B 245 -6.71 7.01 -45.22
N SER B 246 -6.41 7.61 -46.38
CA SER B 246 -5.13 7.37 -47.04
C SER B 246 -4.01 8.30 -46.57
N SER B 247 -4.32 9.30 -45.75
CA SER B 247 -3.32 10.27 -45.33
C SER B 247 -3.69 10.80 -43.94
N HIS B 248 -2.73 11.50 -43.33
CA HIS B 248 -2.96 12.09 -42.01
C HIS B 248 -4.04 13.15 -42.06
N SER B 249 -4.07 13.95 -43.13
CA SER B 249 -5.05 15.02 -43.23
C SER B 249 -6.47 14.47 -43.26
N GLY B 250 -6.70 13.42 -44.04
CA GLY B 250 -8.03 12.82 -44.10
C GLY B 250 -8.44 12.20 -42.78
N SER B 251 -7.50 11.56 -42.09
CA SER B 251 -7.81 10.99 -40.79
C SER B 251 -8.19 12.06 -39.77
N PHE B 252 -7.47 13.19 -39.79
CA PHE B 252 -7.85 14.31 -38.93
C PHE B 252 -9.23 14.85 -39.30
N GLN B 253 -9.48 14.98 -40.60
CA GLN B 253 -10.76 15.53 -41.07
C GLN B 253 -11.93 14.63 -40.70
N ILE B 254 -11.73 13.32 -40.69
CA ILE B 254 -12.82 12.41 -40.32
C ILE B 254 -13.31 12.71 -38.91
N GLN B 255 -12.38 12.76 -37.95
CA GLN B 255 -12.75 13.03 -36.57
C GLN B 255 -13.30 14.44 -36.41
N SER B 256 -12.68 15.43 -37.05
CA SER B 256 -13.16 16.79 -36.93
C SER B 256 -14.59 16.94 -37.46
N ALA B 257 -14.86 16.34 -38.62
CA ALA B 257 -16.20 16.43 -39.20
C ALA B 257 -17.21 15.66 -38.39
N LEU B 258 -16.81 14.51 -37.83
CA LEU B 258 -17.74 13.77 -36.97
C LEU B 258 -18.12 14.58 -35.75
N LYS B 259 -17.14 15.21 -35.09
CA LYS B 259 -17.44 16.03 -33.93
C LYS B 259 -18.31 17.22 -34.30
N LEU B 260 -18.01 17.88 -35.43
CA LEU B 260 -18.80 19.03 -35.85
C LEU B 260 -20.24 18.63 -36.17
N ALA B 261 -20.43 17.50 -36.85
CA ALA B 261 -21.76 17.03 -37.18
C ALA B 261 -22.55 16.66 -35.92
N ILE B 262 -21.89 16.02 -34.96
CA ILE B 262 -22.56 15.68 -33.70
C ILE B 262 -23.01 16.95 -32.99
N TYR B 263 -22.12 17.95 -32.92
CA TYR B 263 -22.47 19.20 -32.27
C TYR B 263 -23.63 19.90 -32.97
N LYS B 264 -23.59 19.95 -34.31
CA LYS B 264 -24.66 20.61 -35.04
C LYS B 264 -25.99 19.90 -34.85
N ALA B 265 -25.97 18.56 -34.82
CA ALA B 265 -27.20 17.81 -34.64
C ALA B 265 -27.78 17.98 -33.25
N THR B 266 -26.93 17.97 -32.22
CA THR B 266 -27.43 17.97 -30.85
C THR B 266 -27.56 19.37 -30.24
N ASN B 267 -27.06 20.41 -30.89
CA ASN B 267 -27.08 21.71 -30.23
C ASN B 267 -27.69 22.82 -31.07
N LEU B 268 -27.46 22.82 -32.38
CA LEU B 268 -27.90 23.93 -33.22
C LEU B 268 -29.29 23.74 -33.82
N VAL B 269 -29.75 22.51 -33.95
CA VAL B 269 -31.05 22.20 -34.55
C VAL B 269 -31.91 21.52 -33.48
N PRO B 270 -33.14 21.96 -33.27
CA PRO B 270 -34.00 21.29 -32.29
C PRO B 270 -34.26 19.85 -32.67
N THR B 271 -34.41 19.00 -31.64
CA THR B 271 -34.58 17.58 -31.87
C THR B 271 -35.90 17.27 -32.58
N SER B 272 -36.96 18.03 -32.26
CA SER B 272 -38.26 17.78 -32.83
C SER B 272 -38.27 17.93 -34.35
N THR B 273 -37.33 18.68 -34.92
CA THR B 273 -37.24 18.78 -36.37
C THR B 273 -36.87 17.43 -36.98
N PHE B 274 -35.99 16.68 -36.31
CA PHE B 274 -35.63 15.36 -36.80
C PHE B 274 -36.79 14.37 -36.72
N LEU B 275 -37.64 14.51 -35.70
CA LEU B 275 -38.77 13.61 -35.54
C LEU B 275 -39.84 13.84 -36.60
N LEU B 276 -40.09 15.09 -36.98
CA LEU B 276 -41.10 15.42 -37.96
C LEU B 276 -40.58 15.21 -39.38
N HIS B 277 -41.49 14.85 -40.27
CA HIS B 277 -41.14 14.60 -41.67
C HIS B 277 -42.36 14.77 -42.57
N CYS B 285 -56.15 5.56 -42.16
CA CYS B 285 -54.79 6.08 -42.26
C CYS B 285 -54.06 5.96 -40.92
N ILE B 286 -54.38 6.87 -39.99
CA ILE B 286 -53.76 6.85 -38.68
C ILE B 286 -54.23 5.69 -37.82
N LYS B 287 -55.33 5.04 -38.20
CA LYS B 287 -55.80 3.88 -37.44
C LYS B 287 -54.81 2.73 -37.50
N ASP B 288 -54.22 2.50 -38.68
CA ASP B 288 -53.27 1.40 -38.84
C ASP B 288 -51.97 1.62 -38.07
N ASN B 289 -51.74 2.82 -37.55
CA ASN B 289 -50.53 3.07 -36.77
C ASN B 289 -50.57 2.28 -35.47
N LYS B 290 -49.50 1.51 -35.22
CA LYS B 290 -49.46 0.67 -34.04
C LYS B 290 -49.34 1.49 -32.76
N ILE B 291 -48.71 2.66 -32.83
CA ILE B 291 -48.54 3.49 -31.63
C ILE B 291 -49.89 3.95 -31.11
N VAL B 292 -50.79 4.36 -32.00
CA VAL B 292 -52.10 4.85 -31.59
C VAL B 292 -52.89 3.75 -30.90
N LYS B 293 -52.89 2.55 -31.49
CA LYS B 293 -53.61 1.43 -30.90
C LYS B 293 -53.00 1.02 -29.57
N LEU B 294 -51.66 1.02 -29.48
CA LEU B 294 -51.00 0.66 -28.23
C LEU B 294 -51.34 1.65 -27.12
N LEU B 295 -51.36 2.95 -27.46
CA LEU B 295 -51.71 3.95 -26.46
C LEU B 295 -53.19 3.93 -26.11
N LEU B 296 -54.05 3.50 -27.03
CA LEU B 296 -55.47 3.39 -26.73
C LEU B 296 -55.77 2.17 -25.86
N CYS B 297 -55.02 1.08 -26.04
CA CYS B 297 -55.23 -0.10 -25.21
C CYS B 297 -54.87 0.17 -23.75
N GLN B 298 -54.00 1.14 -23.50
CA GLN B 298 -53.55 1.47 -22.16
C GLN B 298 -54.36 2.60 -21.53
N ASN B 299 -55.54 2.90 -22.07
CA ASN B 299 -56.46 3.89 -21.50
C ASN B 299 -55.82 5.27 -21.46
N TYR B 300 -55.20 5.66 -22.57
CA TYR B 300 -54.55 6.96 -22.68
C TYR B 300 -54.87 7.59 -24.02
N ASP B 301 -54.82 8.92 -24.06
CA ASP B 301 -55.13 9.66 -25.27
C ASP B 301 -53.84 9.85 -26.09
N PRO B 302 -53.75 9.29 -27.29
CA PRO B 302 -52.51 9.42 -28.07
C PRO B 302 -52.13 10.86 -28.41
N LEU B 303 -53.11 11.75 -28.60
CA LEU B 303 -52.80 13.11 -29.02
C LEU B 303 -52.06 13.88 -27.94
N LEU B 304 -52.56 13.82 -26.70
CA LEU B 304 -51.91 14.55 -25.61
C LEU B 304 -50.53 13.97 -25.33
N VAL B 305 -50.40 12.64 -25.40
CA VAL B 305 -49.10 11.99 -25.21
C VAL B 305 -48.12 12.45 -26.28
N GLY B 306 -48.57 12.51 -27.54
CA GLY B 306 -47.69 12.97 -28.61
C GLY B 306 -47.26 14.41 -28.44
N GLN B 307 -48.21 15.27 -28.06
CA GLN B 307 -47.85 16.68 -27.83
C GLN B 307 -46.86 16.82 -26.68
N HIS B 308 -47.06 16.05 -25.60
CA HIS B 308 -46.13 16.10 -24.49
C HIS B 308 -44.76 15.56 -24.87
N VAL B 309 -44.70 14.53 -25.73
CA VAL B 309 -43.42 14.03 -26.19
C VAL B 309 -42.72 15.07 -27.06
N LEU B 310 -43.48 15.76 -27.92
CA LEU B 310 -42.89 16.81 -28.74
C LEU B 310 -42.34 17.94 -27.91
N LYS B 311 -43.07 18.36 -26.87
CA LYS B 311 -42.60 19.45 -26.03
C LYS B 311 -41.46 19.02 -25.11
N TRP B 312 -41.46 17.74 -24.69
CA TRP B 312 -40.47 17.24 -23.74
C TRP B 312 -39.12 17.04 -24.39
N ILE B 313 -39.09 16.55 -25.63
CA ILE B 313 -37.81 16.33 -26.31
C ILE B 313 -37.12 17.65 -26.65
N ASP B 314 -37.84 18.77 -26.61
CA ASP B 314 -37.27 20.09 -26.87
C ASP B 314 -36.94 20.83 -25.59
N LYS B 315 -37.05 20.18 -24.43
CA LYS B 315 -36.73 20.79 -23.13
C LYS B 315 -37.57 22.04 -22.88
N LYS B 316 -38.85 21.97 -23.22
CA LYS B 316 -39.79 23.07 -22.99
C LYS B 316 -40.82 22.72 -21.92
N CYS B 317 -40.44 21.87 -20.96
CA CYS B 317 -41.35 21.45 -19.91
C CYS B 317 -40.95 21.93 -18.52
N GLY B 318 -39.81 22.58 -18.38
CA GLY B 318 -39.38 23.09 -17.08
C GLY B 318 -38.57 22.07 -16.32
N LYS B 319 -38.94 21.85 -15.06
CA LYS B 319 -38.23 20.90 -14.20
C LYS B 319 -38.68 19.47 -14.41
N LYS B 320 -39.78 19.23 -15.14
CA LYS B 320 -40.26 17.88 -15.41
C LYS B 320 -39.57 17.35 -16.65
N ASN B 321 -38.30 16.98 -16.46
CA ASN B 321 -37.44 16.53 -17.54
C ASN B 321 -37.48 15.02 -17.77
N THR B 322 -38.22 14.28 -16.95
CA THR B 322 -38.19 12.83 -16.98
C THR B 322 -39.55 12.28 -17.40
N LEU B 323 -39.54 11.17 -18.14
CA LEU B 323 -40.73 10.46 -18.55
C LEU B 323 -40.63 9.03 -18.04
N TRP B 324 -41.67 8.56 -17.36
CA TRP B 324 -41.65 7.27 -16.68
C TRP B 324 -42.74 6.37 -17.24
N PHE B 325 -42.35 5.15 -17.64
CA PHE B 325 -43.29 4.12 -18.07
C PHE B 325 -43.29 3.00 -17.03
N TYR B 326 -44.45 2.74 -16.45
CA TYR B 326 -44.59 1.80 -15.35
C TYR B 326 -45.70 0.79 -15.65
N GLY B 327 -45.46 -0.47 -15.30
CA GLY B 327 -46.45 -1.50 -15.49
C GLY B 327 -45.90 -2.90 -15.37
N PRO B 328 -46.77 -3.93 -15.35
CA PRO B 328 -46.35 -5.31 -15.15
C PRO B 328 -45.72 -5.95 -16.35
N PRO B 329 -45.12 -7.17 -16.32
CA PRO B 329 -44.39 -7.70 -17.50
C PRO B 329 -45.10 -7.65 -18.87
N SER B 330 -44.42 -7.75 -20.01
CA SER B 330 -44.92 -7.54 -21.41
C SER B 330 -46.18 -6.69 -21.61
N THR B 331 -46.09 -5.38 -21.44
CA THR B 331 -47.22 -4.45 -21.63
C THR B 331 -46.90 -3.40 -22.70
N GLY B 332 -45.68 -3.38 -23.28
CA GLY B 332 -45.22 -2.40 -24.30
C GLY B 332 -44.53 -1.19 -23.70
N LYS B 333 -43.24 -1.25 -23.43
CA LYS B 333 -42.57 -0.18 -22.67
C LYS B 333 -41.15 -0.07 -23.16
N THR B 334 -40.39 -1.14 -23.29
CA THR B 334 -39.09 -1.05 -23.94
C THR B 334 -39.36 -0.99 -25.44
N ASN B 335 -40.59 -1.11 -25.85
CA ASN B 335 -40.93 -0.95 -27.26
C ASN B 335 -41.18 0.53 -27.57
N LEU B 336 -42.10 1.20 -26.88
CA LEU B 336 -42.42 2.60 -27.24
C LEU B 336 -41.20 3.45 -26.96
N ALA B 337 -40.31 3.03 -26.08
CA ALA B 337 -39.16 3.84 -25.65
C ALA B 337 -38.03 3.68 -26.63
N MET B 338 -37.82 2.50 -27.16
CA MET B 338 -36.63 2.33 -28.00
C MET B 338 -36.99 2.62 -29.44
N ALA B 339 -38.22 2.94 -29.74
CA ALA B 339 -38.59 3.44 -31.07
C ALA B 339 -38.42 4.95 -30.99
N ILE B 340 -38.69 5.56 -29.83
CA ILE B 340 -38.37 6.98 -29.63
C ILE B 340 -36.85 7.18 -29.66
N ALA B 341 -36.10 6.27 -29.05
CA ALA B 341 -34.65 6.39 -29.00
C ALA B 341 -34.04 6.33 -30.40
N LYS B 342 -34.56 5.45 -31.26
CA LYS B 342 -34.06 5.35 -32.62
C LYS B 342 -34.64 6.41 -33.55
N SER B 343 -35.67 7.14 -33.11
CA SER B 343 -36.18 8.25 -33.91
C SER B 343 -35.38 9.54 -33.72
N VAL B 344 -34.46 9.58 -32.76
CA VAL B 344 -33.66 10.77 -32.52
C VAL B 344 -32.24 10.53 -33.02
N PRO B 345 -31.45 11.57 -33.31
CA PRO B 345 -30.11 11.36 -33.86
C PRO B 345 -29.19 10.49 -33.00
N VAL B 346 -28.96 10.89 -31.76
CA VAL B 346 -28.03 10.20 -30.88
C VAL B 346 -28.70 9.99 -29.52
N TYR B 347 -28.57 8.78 -28.98
CA TYR B 347 -29.12 8.46 -27.67
C TYR B 347 -28.11 7.63 -26.90
N GLY B 348 -28.26 7.62 -25.58
CA GLY B 348 -27.39 6.84 -24.72
C GLY B 348 -28.18 6.07 -23.68
N MET B 349 -27.51 5.08 -23.09
CA MET B 349 -28.10 4.21 -22.10
C MET B 349 -27.36 4.33 -20.77
N VAL B 350 -28.12 4.26 -19.68
CA VAL B 350 -27.52 4.08 -18.37
C VAL B 350 -26.96 2.66 -18.24
N ASN B 351 -27.60 1.69 -18.91
CA ASN B 351 -27.15 0.31 -18.84
C ASN B 351 -25.75 0.14 -19.41
N TRP B 352 -25.45 0.82 -20.51
CA TRP B 352 -24.12 0.71 -21.11
C TRP B 352 -23.03 1.24 -20.20
N ASN B 353 -23.33 2.31 -19.45
CA ASN B 353 -22.31 2.94 -18.62
C ASN B 353 -21.92 2.03 -17.46
N ASN B 354 -20.83 2.40 -16.79
CA ASN B 354 -20.32 1.62 -15.67
C ASN B 354 -21.29 1.65 -14.50
N GLU B 355 -21.22 0.62 -13.67
CA GLU B 355 -22.12 0.53 -12.52
C GLU B 355 -21.93 1.70 -11.57
N ASN B 356 -20.68 2.08 -11.31
CA ASN B 356 -20.39 3.18 -10.40
C ASN B 356 -20.56 4.55 -11.04
N PHE B 357 -20.68 4.62 -12.36
CA PHE B 357 -20.87 5.89 -13.08
C PHE B 357 -22.04 5.75 -14.04
N PRO B 358 -23.27 5.73 -13.52
CA PRO B 358 -24.44 5.61 -14.40
C PRO B 358 -24.58 6.76 -15.39
N PHE B 359 -24.16 7.96 -15.01
CA PHE B 359 -24.31 9.17 -15.81
C PHE B 359 -22.97 9.66 -16.35
N ASN B 360 -22.11 8.72 -16.75
CA ASN B 360 -20.76 9.07 -17.18
C ASN B 360 -20.77 9.94 -18.43
N ASP B 361 -21.49 9.51 -19.46
CA ASP B 361 -21.49 10.19 -20.76
C ASP B 361 -22.90 10.66 -21.08
N VAL B 362 -23.14 11.96 -20.93
CA VAL B 362 -24.40 12.57 -21.34
C VAL B 362 -24.22 13.71 -22.32
N ALA B 363 -23.02 14.28 -22.44
CA ALA B 363 -22.80 15.36 -23.39
C ALA B 363 -22.83 14.83 -24.82
N GLY B 364 -23.47 15.58 -25.71
CA GLY B 364 -23.60 15.16 -27.09
C GLY B 364 -24.73 14.17 -27.35
N LYS B 365 -25.63 13.97 -26.40
CA LYS B 365 -26.73 13.04 -26.54
C LYS B 365 -28.05 13.80 -26.64
N SER B 366 -28.94 13.31 -27.49
CA SER B 366 -30.28 13.87 -27.59
C SER B 366 -31.27 13.20 -26.64
N LEU B 367 -30.91 12.06 -26.06
CA LEU B 367 -31.80 11.34 -25.17
C LEU B 367 -30.99 10.34 -24.36
N VAL B 368 -31.45 10.07 -23.14
CA VAL B 368 -30.86 9.06 -22.26
C VAL B 368 -31.97 8.11 -21.84
N VAL B 369 -31.70 6.81 -21.94
CA VAL B 369 -32.69 5.77 -21.69
C VAL B 369 -32.25 4.96 -20.48
N TRP B 370 -33.17 4.78 -19.52
CA TRP B 370 -32.94 3.97 -18.33
C TRP B 370 -33.96 2.85 -18.35
N ASP B 371 -33.52 1.63 -18.67
CA ASP B 371 -34.40 0.49 -18.86
C ASP B 371 -34.40 -0.39 -17.62
N GLU B 372 -35.59 -0.65 -17.07
CA GLU B 372 -35.80 -1.47 -15.88
C GLU B 372 -34.75 -1.19 -14.81
N GLY B 373 -34.64 0.09 -14.46
CA GLY B 373 -33.64 0.57 -13.54
C GLY B 373 -34.17 0.83 -12.14
N ILE B 374 -33.24 0.94 -11.20
CA ILE B 374 -33.57 1.22 -9.80
C ILE B 374 -32.60 2.28 -9.29
N ILE B 375 -33.07 3.12 -8.38
CA ILE B 375 -32.30 4.25 -7.86
C ILE B 375 -31.71 3.84 -6.52
N LYS B 376 -30.39 3.95 -6.38
CA LYS B 376 -29.68 3.67 -5.15
C LYS B 376 -29.41 4.95 -4.38
N SER B 377 -29.13 4.78 -3.09
CA SER B 377 -28.85 5.93 -2.23
C SER B 377 -27.45 6.49 -2.42
N THR B 378 -26.54 5.73 -3.04
CA THR B 378 -25.19 6.22 -3.27
C THR B 378 -25.09 7.11 -4.50
N ILE B 379 -26.11 7.11 -5.37
CA ILE B 379 -26.11 7.91 -6.59
C ILE B 379 -27.35 8.80 -6.68
N VAL B 380 -28.12 8.92 -5.59
CA VAL B 380 -29.37 9.66 -5.65
C VAL B 380 -29.10 11.16 -5.82
N GLU B 381 -27.98 11.66 -5.32
CA GLU B 381 -27.68 13.08 -5.45
C GLU B 381 -27.48 13.47 -6.91
N ALA B 382 -26.75 12.67 -7.67
CA ALA B 382 -26.58 12.93 -9.10
C ALA B 382 -27.84 12.61 -9.88
N ALA B 383 -28.59 11.59 -9.45
CA ALA B 383 -29.84 11.25 -10.13
C ALA B 383 -30.85 12.39 -10.05
N LYS B 384 -30.97 13.01 -8.88
CA LYS B 384 -31.91 14.12 -8.74
C LYS B 384 -31.55 15.28 -9.66
N ALA B 385 -30.26 15.55 -9.82
CA ALA B 385 -29.84 16.62 -10.72
C ALA B 385 -30.11 16.25 -12.17
N ILE B 386 -29.74 15.04 -12.59
CA ILE B 386 -29.85 14.69 -14.00
C ILE B 386 -31.30 14.51 -14.44
N LEU B 387 -32.16 13.98 -13.57
CA LEU B 387 -33.56 13.79 -13.93
C LEU B 387 -34.36 15.08 -13.91
N GLY B 388 -33.85 16.12 -13.26
CA GLY B 388 -34.51 17.40 -13.21
C GLY B 388 -34.08 18.40 -14.26
N GLY B 389 -33.12 18.04 -15.11
CA GLY B 389 -32.62 18.94 -16.13
C GLY B 389 -31.49 19.86 -15.67
N GLN B 390 -31.07 19.74 -14.43
CA GLN B 390 -30.01 20.60 -13.91
C GLN B 390 -28.67 20.20 -14.51
N PRO B 391 -27.93 21.13 -15.09
CA PRO B 391 -26.63 20.79 -15.68
C PRO B 391 -25.63 20.34 -14.62
N THR B 392 -24.72 19.47 -15.03
CA THR B 392 -23.68 19.01 -14.13
C THR B 392 -22.65 20.11 -13.90
N ARG B 393 -21.96 20.02 -12.77
CA ARG B 393 -21.02 21.06 -12.37
C ARG B 393 -19.79 21.10 -13.28
N VAL B 394 -19.36 19.96 -13.78
CA VAL B 394 -18.18 19.91 -14.66
C VAL B 394 -18.46 20.65 -15.96
N ASP B 395 -19.65 20.45 -16.54
CA ASP B 395 -20.01 21.18 -17.76
C ASP B 395 -20.12 22.67 -17.50
N GLN B 396 -20.66 23.04 -16.33
CA GLN B 396 -20.73 24.47 -15.97
C GLN B 396 -19.35 25.07 -15.89
N LYS B 397 -18.39 24.37 -15.27
CA LYS B 397 -17.03 24.88 -15.16
C LYS B 397 -16.36 24.98 -16.52
N MET B 398 -16.50 23.94 -17.35
CA MET B 398 -15.80 23.92 -18.63
C MET B 398 -16.40 24.92 -19.61
N ARG B 399 -17.74 25.00 -19.67
CA ARG B 399 -18.39 25.93 -20.58
C ARG B 399 -18.33 27.36 -20.08
N GLY B 400 -17.98 27.59 -18.83
CA GLY B 400 -17.93 28.93 -18.28
C GLY B 400 -19.28 29.63 -18.25
N SER B 401 -20.34 28.89 -17.91
CA SER B 401 -21.67 29.45 -17.86
C SER B 401 -22.54 28.58 -16.98
N VAL B 402 -23.72 29.07 -16.65
CA VAL B 402 -24.69 28.34 -15.85
C VAL B 402 -25.94 28.08 -16.69
N ALA B 403 -25.76 27.97 -18.01
CA ALA B 403 -26.87 27.80 -18.94
C ALA B 403 -26.67 26.58 -19.81
N VAL B 404 -25.99 25.56 -19.29
CA VAL B 404 -25.86 24.30 -20.03
C VAL B 404 -27.23 23.63 -20.13
N PRO B 405 -27.66 23.20 -21.32
CA PRO B 405 -29.06 22.77 -21.52
C PRO B 405 -29.51 21.61 -20.64
N GLY B 406 -28.81 20.49 -20.70
CA GLY B 406 -29.30 19.29 -20.04
C GLY B 406 -30.00 18.34 -21.01
N VAL B 407 -30.11 17.09 -20.60
CA VAL B 407 -30.61 16.04 -21.49
C VAL B 407 -31.94 15.48 -20.97
N PRO B 408 -32.92 15.25 -21.83
CA PRO B 408 -34.13 14.53 -21.39
C PRO B 408 -33.83 13.08 -21.04
N VAL B 409 -34.63 12.54 -20.14
CA VAL B 409 -34.47 11.18 -19.63
C VAL B 409 -35.80 10.45 -19.73
N VAL B 410 -35.76 9.19 -20.14
CA VAL B 410 -36.92 8.31 -20.18
C VAL B 410 -36.60 7.05 -19.39
N ILE B 411 -37.53 6.64 -18.52
CA ILE B 411 -37.33 5.51 -17.63
C ILE B 411 -38.50 4.54 -17.78
N THR B 412 -38.19 3.25 -17.88
CA THR B 412 -39.16 2.18 -17.81
C THR B 412 -38.78 1.25 -16.67
N SER B 413 -39.78 0.77 -15.93
CA SER B 413 -39.50 -0.08 -14.78
C SER B 413 -40.72 -0.92 -14.45
N ASN B 414 -40.49 -1.98 -13.69
CA ASN B 414 -41.56 -2.84 -13.21
C ASN B 414 -42.06 -2.44 -11.82
N GLY B 415 -41.19 -1.85 -11.00
CA GLY B 415 -41.55 -1.42 -9.67
C GLY B 415 -41.61 0.09 -9.54
N ASP B 416 -41.78 0.53 -8.29
CA ASP B 416 -41.86 1.95 -7.97
C ASP B 416 -40.47 2.45 -7.62
N ILE B 417 -39.98 3.42 -8.41
CA ILE B 417 -38.61 3.91 -8.25
C ILE B 417 -38.48 5.05 -7.26
N THR B 418 -39.59 5.50 -6.67
CA THR B 418 -39.52 6.53 -5.64
C THR B 418 -39.07 5.99 -4.29
N PHE B 419 -38.96 4.67 -4.16
CA PHE B 419 -38.42 4.03 -2.95
C PHE B 419 -36.94 3.77 -3.20
N VAL B 420 -36.09 4.60 -2.61
CA VAL B 420 -34.66 4.55 -2.90
C VAL B 420 -34.03 3.42 -2.09
N VAL B 421 -33.22 2.60 -2.76
CA VAL B 421 -32.59 1.44 -2.12
C VAL B 421 -31.40 1.94 -1.30
N SER B 422 -31.48 1.82 0.01
CA SER B 422 -30.39 2.21 0.92
C SER B 422 -30.04 1.01 1.76
N GLY B 423 -28.76 0.61 1.73
CA GLY B 423 -28.35 -0.58 2.46
C GLY B 423 -29.10 -1.79 1.95
N ASN B 424 -29.72 -2.53 2.88
CA ASN B 424 -30.56 -3.66 2.54
C ASN B 424 -32.05 -3.34 2.68
N THR B 425 -32.40 -2.05 2.68
CA THR B 425 -33.78 -1.62 2.88
C THR B 425 -34.13 -0.56 1.84
N THR B 426 -35.37 -0.08 1.90
CA THR B 426 -35.86 0.97 1.02
C THR B 426 -36.34 2.14 1.85
N THR B 427 -35.91 3.34 1.48
CA THR B 427 -36.33 4.57 2.14
C THR B 427 -37.25 5.37 1.23
N THR B 428 -38.11 6.18 1.85
CA THR B 428 -39.09 6.99 1.13
C THR B 428 -38.91 8.48 1.38
N VAL B 429 -37.72 8.90 1.82
CA VAL B 429 -37.49 10.31 2.09
C VAL B 429 -37.43 11.13 0.80
N HIS B 430 -36.82 10.59 -0.25
CA HIS B 430 -36.68 11.31 -1.51
C HIS B 430 -37.93 11.26 -2.38
N ALA B 431 -38.92 10.44 -2.00
CA ALA B 431 -40.06 10.18 -2.87
C ALA B 431 -40.75 11.46 -3.31
N LYS B 432 -40.79 12.47 -2.43
CA LYS B 432 -41.40 13.74 -2.81
C LYS B 432 -40.62 14.41 -3.92
N ALA B 433 -39.31 14.57 -3.73
CA ALA B 433 -38.51 15.36 -4.66
C ALA B 433 -38.54 14.77 -6.07
N LEU B 434 -38.39 13.44 -6.16
CA LEU B 434 -38.45 12.80 -7.47
C LEU B 434 -39.79 13.06 -8.16
N LYS B 435 -40.88 13.08 -7.38
CA LYS B 435 -42.20 13.31 -7.96
C LYS B 435 -42.31 14.71 -8.57
N GLU B 436 -41.39 15.61 -8.24
CA GLU B 436 -41.40 16.93 -8.83
C GLU B 436 -40.79 16.98 -10.22
N ARG B 437 -40.07 15.92 -10.63
CA ARG B 437 -39.31 15.95 -11.88
C ARG B 437 -39.78 14.93 -12.91
N MET B 438 -40.86 14.20 -12.64
CA MET B 438 -41.25 13.08 -13.49
C MET B 438 -42.73 13.14 -13.83
N VAL B 439 -43.08 12.55 -14.97
CA VAL B 439 -44.46 12.34 -15.39
C VAL B 439 -44.64 10.84 -15.59
N LYS B 440 -45.67 10.27 -14.97
CA LYS B 440 -45.85 8.83 -14.90
C LYS B 440 -46.97 8.36 -15.82
N LEU B 441 -46.70 7.30 -16.56
CA LEU B 441 -47.70 6.62 -17.40
C LEU B 441 -47.76 5.16 -17.01
N ASN B 442 -48.99 4.66 -16.83
CA ASN B 442 -49.20 3.29 -16.38
C ASN B 442 -49.57 2.42 -17.57
N PHE B 443 -48.80 1.34 -17.78
CA PHE B 443 -49.02 0.39 -18.86
C PHE B 443 -49.45 -0.93 -18.22
N THR B 444 -50.78 -1.10 -18.04
CA THR B 444 -51.42 -2.27 -17.34
C THR B 444 -51.88 -3.37 -18.28
N VAL B 445 -52.87 -3.13 -19.17
CA VAL B 445 -53.25 -4.16 -20.19
C VAL B 445 -52.01 -4.77 -20.84
N ARG B 446 -52.09 -6.00 -21.23
CA ARG B 446 -50.96 -6.71 -21.86
C ARG B 446 -51.24 -6.74 -23.34
N CYS B 447 -50.32 -7.23 -24.15
CA CYS B 447 -50.47 -7.07 -25.61
C CYS B 447 -50.21 -8.38 -26.34
N SER B 448 -50.88 -8.59 -27.49
CA SER B 448 -50.72 -9.83 -28.31
C SER B 448 -49.25 -10.16 -28.49
N PRO B 449 -48.87 -11.44 -28.62
CA PRO B 449 -47.48 -11.82 -28.85
C PRO B 449 -47.19 -11.74 -30.35
N ASP B 450 -48.12 -11.19 -31.13
CA ASP B 450 -47.99 -11.10 -32.61
C ASP B 450 -47.49 -9.73 -33.05
N MET B 451 -47.96 -8.65 -32.43
CA MET B 451 -47.41 -7.29 -32.71
C MET B 451 -45.89 -7.40 -32.57
N GLY B 452 -45.13 -6.76 -33.45
CA GLY B 452 -43.67 -6.96 -33.41
C GLY B 452 -42.94 -5.67 -33.11
N LEU B 453 -41.65 -5.57 -33.40
CA LEU B 453 -40.85 -4.37 -33.06
C LEU B 453 -41.59 -3.18 -33.67
N LEU B 454 -41.62 -2.06 -32.97
CA LEU B 454 -42.26 -0.82 -33.43
C LEU B 454 -41.14 -0.09 -34.18
N THR B 455 -41.47 0.75 -35.16
CA THR B 455 -40.41 1.28 -36.06
C THR B 455 -40.36 2.81 -36.11
N GLU B 456 -39.34 3.33 -36.78
CA GLU B 456 -39.14 4.78 -36.82
C GLU B 456 -40.23 5.46 -37.63
N ALA B 457 -40.67 4.82 -38.71
CA ALA B 457 -41.70 5.42 -39.56
C ALA B 457 -43.00 5.62 -38.79
N ASP B 458 -43.38 4.64 -37.96
CA ASP B 458 -44.60 4.78 -37.17
C ASP B 458 -44.51 5.95 -36.20
N VAL B 459 -43.37 6.09 -35.52
CA VAL B 459 -43.20 7.19 -34.58
C VAL B 459 -43.23 8.54 -35.30
N GLN B 460 -42.56 8.62 -36.46
CA GLN B 460 -42.55 9.87 -37.21
C GLN B 460 -43.95 10.24 -37.69
N GLN B 461 -44.70 9.27 -38.21
CA GLN B 461 -46.06 9.54 -38.66
C GLN B 461 -46.94 9.97 -37.51
N TRP B 462 -46.85 9.28 -36.37
CA TRP B 462 -47.67 9.61 -35.21
C TRP B 462 -47.35 11.03 -34.72
N LEU B 463 -46.06 11.37 -34.63
CA LEU B 463 -45.69 12.68 -34.13
C LEU B 463 -46.07 13.78 -35.10
N THR B 464 -45.90 13.57 -36.41
CA THR B 464 -46.31 14.56 -37.39
C THR B 464 -47.82 14.77 -37.36
N TRP B 465 -48.59 13.69 -37.31
CA TRP B 465 -50.04 13.81 -37.25
C TRP B 465 -50.47 14.53 -35.98
N CYS B 466 -49.82 14.22 -34.85
CA CYS B 466 -50.14 14.91 -33.60
C CYS B 466 -49.82 16.40 -33.70
N ASN B 467 -48.69 16.75 -34.29
CA ASN B 467 -48.31 18.16 -34.41
C ASN B 467 -49.26 18.92 -35.34
N ALA B 468 -49.78 18.23 -36.36
CA ALA B 468 -50.66 18.88 -37.33
C ALA B 468 -51.93 19.41 -36.69
N GLN B 469 -52.42 18.76 -35.63
CA GLN B 469 -53.69 19.13 -35.05
C GLN B 469 -53.53 20.34 -34.13
N SER B 470 -54.59 20.63 -33.38
CA SER B 470 -54.65 21.83 -32.55
C SER B 470 -53.73 21.70 -31.33
N TRP B 471 -53.38 22.85 -30.77
CA TRP B 471 -52.52 22.92 -29.60
C TRP B 471 -53.18 23.74 -28.50
N ASP B 472 -54.45 23.45 -28.20
CA ASP B 472 -55.20 24.22 -27.21
C ASP B 472 -55.34 23.51 -25.87
N HIS B 473 -55.53 22.18 -25.87
CA HIS B 473 -55.74 21.46 -24.62
C HIS B 473 -54.45 21.29 -23.82
N TYR B 474 -53.30 21.35 -24.48
CA TYR B 474 -52.05 21.05 -23.78
C TYR B 474 -51.69 22.12 -22.76
N GLU B 475 -51.73 23.39 -23.16
CA GLU B 475 -51.32 24.46 -22.26
C GLU B 475 -52.31 24.71 -21.13
N ASN B 476 -53.53 24.18 -21.24
CA ASN B 476 -54.43 24.19 -20.09
C ASN B 476 -53.88 23.33 -18.97
N TRP B 477 -53.36 22.15 -19.31
CA TRP B 477 -52.68 21.30 -18.33
C TRP B 477 -51.34 21.89 -17.94
N ALA B 478 -50.66 22.55 -18.87
CA ALA B 478 -49.31 23.07 -18.63
C ALA B 478 -49.29 24.21 -17.63
N ILE B 479 -50.45 24.78 -17.26
CA ILE B 479 -50.46 25.83 -16.25
C ILE B 479 -49.93 25.30 -14.93
N ASN B 480 -50.37 24.11 -14.54
CA ASN B 480 -49.85 23.40 -13.37
C ASN B 480 -49.63 21.95 -13.77
N TYR B 481 -48.37 21.54 -13.86
CA TYR B 481 -48.04 20.19 -14.28
C TYR B 481 -48.34 19.19 -13.17
N THR B 482 -48.97 18.08 -13.52
CA THR B 482 -49.31 17.03 -12.57
C THR B 482 -48.29 15.89 -12.67
N PHE B 483 -48.06 15.23 -11.54
CA PHE B 483 -47.13 14.10 -11.52
C PHE B 483 -47.65 12.94 -12.36
N ASP B 484 -48.94 12.67 -12.30
CA ASP B 484 -49.55 11.54 -13.00
C ASP B 484 -50.23 12.03 -14.27
N PHE B 485 -49.95 11.37 -15.39
CA PHE B 485 -50.54 11.77 -16.66
C PHE B 485 -52.03 11.43 -16.66
N PRO B 486 -52.90 12.38 -17.00
CA PRO B 486 -54.34 12.10 -16.98
C PRO B 486 -54.72 11.09 -18.05
N GLY B 487 -55.77 10.32 -17.75
CA GLY B 487 -56.27 9.34 -18.69
C GLY B 487 -57.13 9.95 -19.77
N ILE B 488 -57.51 9.12 -20.74
CA ILE B 488 -58.31 9.58 -21.86
C ILE B 488 -59.70 9.97 -21.39
N ASN B 489 -60.28 10.98 -22.05
CA ASN B 489 -61.61 11.46 -21.73
C ASN B 489 -62.61 10.89 -22.73
N ALA B 490 -63.84 10.65 -22.27
CA ALA B 490 -64.85 10.02 -23.10
C ALA B 490 -65.23 10.89 -24.30
N ASP B 491 -65.33 12.21 -24.10
CA ASP B 491 -65.79 13.10 -25.15
C ASP B 491 -64.70 14.02 -25.71
N ALA B 492 -63.59 14.20 -24.99
CA ALA B 492 -62.53 15.07 -25.47
C ALA B 492 -61.68 14.42 -26.57
N LEU B 493 -61.90 13.15 -26.87
CA LEU B 493 -61.15 12.48 -27.92
C LEU B 493 -61.37 13.17 -29.26
N HIS B 494 -60.30 13.25 -30.06
CA HIS B 494 -60.38 13.93 -31.34
C HIS B 494 -61.33 13.17 -32.27
N PRO B 495 -62.06 13.87 -33.15
CA PRO B 495 -62.95 13.18 -34.08
C PRO B 495 -62.24 12.15 -34.95
N ASP B 496 -60.98 12.40 -35.32
CA ASP B 496 -60.23 11.45 -36.14
C ASP B 496 -59.91 10.16 -35.40
N LEU B 497 -60.08 10.12 -34.08
CA LEU B 497 -59.80 8.94 -33.29
C LEU B 497 -61.04 8.28 -32.71
N GLN B 498 -62.19 8.95 -32.75
CA GLN B 498 -63.42 8.38 -32.21
C GLN B 498 -64.02 7.36 -33.17
N VAL C 201 10.99 52.05 -24.51
CA VAL C 201 10.29 50.95 -25.15
C VAL C 201 9.95 51.29 -26.60
N VAL C 202 10.51 50.54 -27.52
CA VAL C 202 10.25 50.74 -28.96
C VAL C 202 9.79 49.40 -29.54
N PRO C 203 8.67 49.36 -30.24
CA PRO C 203 8.21 48.10 -30.84
C PRO C 203 9.21 47.55 -31.84
N PHE C 204 9.30 46.22 -31.89
CA PHE C 204 10.19 45.56 -32.82
C PHE C 204 9.77 45.84 -34.25
N ASN C 205 10.76 45.98 -35.14
CA ASN C 205 10.51 46.35 -36.52
C ASN C 205 10.03 45.19 -37.39
N GLY C 206 9.76 44.03 -36.79
CA GLY C 206 9.23 42.92 -37.57
C GLY C 206 7.89 43.24 -38.18
N LYS C 207 7.73 42.91 -39.45
CA LYS C 207 6.50 43.14 -40.19
C LYS C 207 5.87 41.82 -40.57
N GLY C 208 4.56 41.70 -40.37
CA GLY C 208 3.87 40.45 -40.59
C GLY C 208 3.47 40.22 -42.03
N THR C 209 2.97 39.01 -42.28
CA THR C 209 2.50 38.61 -43.60
C THR C 209 0.99 38.75 -43.66
N LYS C 210 0.38 38.28 -44.76
CA LYS C 210 -1.07 38.34 -44.89
C LYS C 210 -1.77 37.44 -43.86
N ALA C 211 -1.19 36.28 -43.57
CA ALA C 211 -1.80 35.36 -42.62
C ALA C 211 -1.74 35.89 -41.19
N SER C 212 -0.65 36.57 -40.82
CA SER C 212 -0.55 37.13 -39.47
C SER C 212 -1.56 38.26 -39.26
N ILE C 213 -1.78 39.08 -40.29
CA ILE C 213 -2.76 40.16 -40.18
C ILE C 213 -4.16 39.58 -40.03
N LYS C 214 -4.45 38.49 -40.72
CA LYS C 214 -5.73 37.81 -40.54
C LYS C 214 -5.89 37.31 -39.10
N PHE C 215 -4.83 36.75 -38.53
CA PHE C 215 -4.90 36.27 -37.15
C PHE C 215 -5.13 37.43 -36.18
N GLN C 216 -4.45 38.56 -36.40
CA GLN C 216 -4.65 39.72 -35.54
C GLN C 216 -6.07 40.25 -35.65
N THR C 217 -6.61 40.31 -36.88
CA THR C 217 -7.98 40.76 -37.07
C THR C 217 -8.97 39.82 -36.38
N MET C 218 -8.72 38.52 -36.47
CA MET C 218 -9.59 37.55 -35.80
C MET C 218 -9.52 37.70 -34.29
N VAL C 219 -8.32 37.96 -33.75
CA VAL C 219 -8.18 38.18 -32.31
C VAL C 219 -8.96 39.42 -31.88
N ASN C 220 -8.85 40.50 -32.66
CA ASN C 220 -9.60 41.71 -32.35
C ASN C 220 -11.11 41.46 -32.42
N TRP C 221 -11.55 40.70 -33.43
CA TRP C 221 -12.97 40.37 -33.55
C TRP C 221 -13.45 39.55 -32.35
N LEU C 222 -12.63 38.60 -31.91
CA LEU C 222 -12.98 37.82 -30.72
C LEU C 222 -13.09 38.71 -29.50
N CYS C 223 -12.16 39.67 -29.36
CA CYS C 223 -12.16 40.52 -28.17
C CYS C 223 -13.34 41.49 -28.15
N GLU C 224 -13.69 42.08 -29.30
CA GLU C 224 -14.71 43.12 -29.28
C GLU C 224 -16.12 42.53 -29.38
N ASN C 225 -16.25 41.24 -29.68
CA ASN C 225 -17.54 40.56 -29.67
C ASN C 225 -17.79 39.82 -28.37
N ARG C 226 -16.86 39.87 -27.41
CA ARG C 226 -17.01 39.24 -26.10
C ARG C 226 -17.26 37.74 -26.21
N VAL C 227 -16.45 37.08 -27.05
CA VAL C 227 -16.47 35.63 -27.18
C VAL C 227 -15.13 35.10 -26.70
N PHE C 228 -15.17 34.21 -25.70
CA PHE C 228 -13.95 33.72 -25.09
C PHE C 228 -13.96 32.20 -24.89
N THR C 229 -14.96 31.49 -25.39
CA THR C 229 -15.04 30.04 -25.28
C THR C 229 -15.35 29.44 -26.64
N GLU C 230 -15.02 28.15 -26.78
CA GLU C 230 -15.31 27.43 -28.01
C GLU C 230 -16.83 27.32 -28.23
N ASP C 231 -17.57 27.08 -27.15
CA ASP C 231 -19.02 26.93 -27.27
C ASP C 231 -19.67 28.21 -27.75
N LYS C 232 -19.25 29.36 -27.21
CA LYS C 232 -19.82 30.62 -27.67
C LYS C 232 -19.41 30.93 -29.10
N TRP C 233 -18.20 30.54 -29.51
CA TRP C 233 -17.80 30.69 -30.90
C TRP C 233 -18.69 29.87 -31.82
N LYS C 234 -18.99 28.63 -31.42
CA LYS C 234 -19.88 27.80 -32.23
C LYS C 234 -21.28 28.39 -32.29
N LEU C 235 -21.78 28.91 -31.16
CA LEU C 235 -23.11 29.50 -31.14
C LEU C 235 -23.19 30.76 -32.01
N VAL C 236 -22.15 31.59 -31.97
CA VAL C 236 -22.22 32.89 -32.63
C VAL C 236 -21.87 32.77 -34.11
N ASP C 237 -20.76 32.10 -34.43
CA ASP C 237 -20.29 31.98 -35.81
C ASP C 237 -19.85 30.53 -36.04
N PHE C 238 -20.81 29.70 -36.49
CA PHE C 238 -20.49 28.31 -36.79
C PHE C 238 -19.75 28.16 -38.11
N ASN C 239 -20.00 29.06 -39.07
CA ASN C 239 -19.38 28.95 -40.39
C ASN C 239 -17.87 29.13 -40.30
N GLN C 240 -17.42 30.20 -39.62
CA GLN C 240 -15.99 30.44 -39.49
C GLN C 240 -15.31 29.34 -38.68
N TYR C 241 -15.96 28.87 -37.62
CA TYR C 241 -15.40 27.78 -36.83
C TYR C 241 -15.25 26.52 -37.66
N THR C 242 -16.25 26.20 -38.48
CA THR C 242 -16.18 25.02 -39.34
C THR C 242 -15.06 25.15 -40.37
N LEU C 243 -14.93 26.33 -40.98
CA LEU C 243 -13.86 26.54 -41.94
C LEU C 243 -12.49 26.44 -41.28
N LEU C 244 -12.35 26.96 -40.06
CA LEU C 244 -11.06 26.89 -39.36
C LEU C 244 -10.71 25.46 -38.96
N SER C 245 -11.70 24.69 -38.49
CA SER C 245 -11.44 23.38 -37.94
C SER C 245 -11.25 22.31 -39.01
N SER C 246 -10.99 22.68 -40.25
CA SER C 246 -10.77 21.73 -41.33
C SER C 246 -9.33 21.26 -41.44
N SER C 247 -8.42 21.82 -40.66
CA SER C 247 -7.01 21.45 -40.73
C SER C 247 -6.34 21.70 -39.39
N HIS C 248 -5.09 21.25 -39.29
CA HIS C 248 -4.34 21.42 -38.04
C HIS C 248 -4.04 22.88 -37.77
N SER C 249 -3.72 23.66 -38.81
CA SER C 249 -3.38 25.06 -38.61
C SER C 249 -4.54 25.85 -38.04
N GLY C 250 -5.75 25.63 -38.56
CA GLY C 250 -6.90 26.33 -38.03
C GLY C 250 -7.22 25.93 -36.60
N SER C 251 -7.05 24.64 -36.28
CA SER C 251 -7.29 24.18 -34.92
C SER C 251 -6.31 24.81 -33.94
N PHE C 252 -5.04 24.94 -34.35
CA PHE C 252 -4.07 25.64 -33.51
C PHE C 252 -4.43 27.12 -33.38
N GLN C 253 -4.83 27.75 -34.48
CA GLN C 253 -5.17 29.17 -34.47
C GLN C 253 -6.36 29.46 -33.58
N ILE C 254 -7.33 28.55 -33.50
CA ILE C 254 -8.50 28.77 -32.65
C ILE C 254 -8.07 28.92 -31.20
N GLN C 255 -7.27 27.97 -30.71
CA GLN C 255 -6.81 28.03 -29.32
C GLN C 255 -5.92 29.23 -29.08
N SER C 256 -5.01 29.53 -30.03
CA SER C 256 -4.11 30.65 -29.86
C SER C 256 -4.89 31.97 -29.78
N ALA C 257 -5.86 32.15 -30.67
CA ALA C 257 -6.66 33.37 -30.67
C ALA C 257 -7.51 33.48 -29.41
N LEU C 258 -8.08 32.36 -28.94
CA LEU C 258 -8.86 32.40 -27.72
C LEU C 258 -8.00 32.82 -26.53
N LYS C 259 -6.80 32.24 -26.40
CA LYS C 259 -5.90 32.62 -25.32
C LYS C 259 -5.51 34.09 -25.39
N LEU C 260 -5.16 34.55 -26.60
CA LEU C 260 -4.75 35.94 -26.75
C LEU C 260 -5.89 36.91 -26.43
N ALA C 261 -7.11 36.57 -26.87
CA ALA C 261 -8.26 37.43 -26.59
C ALA C 261 -8.55 37.47 -25.10
N ILE C 262 -8.47 36.33 -24.42
CA ILE C 262 -8.70 36.31 -22.97
C ILE C 262 -7.66 37.17 -22.27
N TYR C 263 -6.39 37.04 -22.66
CA TYR C 263 -5.34 37.83 -22.02
C TYR C 263 -5.55 39.33 -22.27
N LYS C 264 -5.92 39.70 -23.49
CA LYS C 264 -6.14 41.11 -23.79
C LYS C 264 -7.32 41.66 -23.01
N ALA C 265 -8.38 40.88 -22.87
CA ALA C 265 -9.58 41.38 -22.20
C ALA C 265 -9.37 41.48 -20.69
N THR C 266 -8.65 40.54 -20.09
CA THR C 266 -8.57 40.47 -18.64
C THR C 266 -7.33 41.13 -18.04
N ASN C 267 -6.35 41.52 -18.85
CA ASN C 267 -5.12 42.05 -18.28
C ASN C 267 -4.72 43.38 -18.92
N LEU C 268 -5.02 43.57 -20.20
CA LEU C 268 -4.57 44.74 -20.92
C LEU C 268 -5.63 45.84 -21.00
N VAL C 269 -6.86 45.56 -20.61
CA VAL C 269 -7.95 46.55 -20.69
C VAL C 269 -8.66 46.59 -19.34
N PRO C 270 -8.92 47.77 -18.78
CA PRO C 270 -9.66 47.85 -17.51
C PRO C 270 -11.06 47.24 -17.65
N THR C 271 -11.49 46.57 -16.57
CA THR C 271 -12.79 45.89 -16.60
C THR C 271 -13.93 46.88 -16.74
N SER C 272 -13.83 48.05 -16.08
CA SER C 272 -14.92 49.02 -16.09
C SER C 272 -15.26 49.50 -17.50
N THR C 273 -14.31 49.44 -18.43
CA THR C 273 -14.61 49.84 -19.80
C THR C 273 -15.68 48.96 -20.43
N PHE C 274 -15.73 47.68 -20.03
CA PHE C 274 -16.79 46.79 -20.49
C PHE C 274 -18.14 47.07 -19.85
N LEU C 275 -18.17 47.84 -18.75
CA LEU C 275 -19.42 48.15 -18.08
C LEU C 275 -20.02 49.47 -18.53
N LEU C 276 -19.19 50.42 -18.97
CA LEU C 276 -19.65 51.74 -19.37
C LEU C 276 -19.79 51.80 -20.88
N HIS C 277 -20.95 52.28 -21.35
CA HIS C 277 -21.19 52.41 -22.77
C HIS C 277 -21.70 53.81 -23.12
N CYS C 285 -37.07 58.10 -16.00
CA CYS C 285 -36.19 57.21 -16.74
C CYS C 285 -35.31 56.38 -15.81
N ILE C 286 -34.47 57.05 -15.03
CA ILE C 286 -33.59 56.33 -14.11
C ILE C 286 -34.38 55.78 -12.92
N LYS C 287 -35.51 56.41 -12.58
CA LYS C 287 -36.31 55.90 -11.48
C LYS C 287 -36.98 54.58 -11.80
N ASP C 288 -37.08 54.23 -13.08
CA ASP C 288 -37.67 52.95 -13.49
C ASP C 288 -36.64 51.83 -13.56
N ASN C 289 -35.37 52.14 -13.28
CA ASN C 289 -34.35 51.10 -13.28
C ASN C 289 -34.55 50.15 -12.11
N LYS C 290 -34.49 48.85 -12.39
CA LYS C 290 -34.73 47.85 -11.36
C LYS C 290 -33.65 47.89 -10.28
N ILE C 291 -32.40 48.12 -10.68
CA ILE C 291 -31.30 48.14 -9.71
C ILE C 291 -31.48 49.28 -8.72
N VAL C 292 -31.88 50.46 -9.22
CA VAL C 292 -32.05 51.62 -8.35
C VAL C 292 -33.18 51.36 -7.35
N LYS C 293 -34.30 50.81 -7.82
CA LYS C 293 -35.41 50.49 -6.92
C LYS C 293 -35.00 49.45 -5.88
N LEU C 294 -34.26 48.43 -6.31
CA LEU C 294 -33.81 47.40 -5.38
C LEU C 294 -32.90 47.98 -4.32
N LEU C 295 -31.96 48.84 -4.72
CA LEU C 295 -31.05 49.46 -3.75
C LEU C 295 -31.76 50.45 -2.84
N LEU C 296 -32.83 51.08 -3.33
CA LEU C 296 -33.60 51.99 -2.47
C LEU C 296 -34.45 51.22 -1.47
N CYS C 297 -34.97 50.05 -1.86
CA CYS C 297 -35.77 49.25 -0.94
C CYS C 297 -34.95 48.78 0.26
N GLN C 298 -33.70 48.38 0.02
CA GLN C 298 -32.82 47.94 1.09
C GLN C 298 -32.18 49.10 1.86
N ASN C 299 -32.71 50.31 1.70
CA ASN C 299 -32.32 51.47 2.50
C ASN C 299 -30.86 51.84 2.25
N TYR C 300 -30.49 51.93 0.98
CA TYR C 300 -29.12 52.25 0.59
C TYR C 300 -29.14 53.28 -0.53
N ASP C 301 -28.02 54.02 -0.66
CA ASP C 301 -27.90 55.05 -1.69
C ASP C 301 -27.37 54.43 -2.97
N PRO C 302 -28.16 54.41 -4.05
CA PRO C 302 -27.68 53.76 -5.29
C PRO C 302 -26.41 54.39 -5.87
N LEU C 303 -26.27 55.71 -5.76
CA LEU C 303 -25.14 56.39 -6.39
C LEU C 303 -23.82 55.96 -5.76
N LEU C 304 -23.77 55.97 -4.42
CA LEU C 304 -22.53 55.60 -3.74
C LEU C 304 -22.20 54.14 -3.96
N VAL C 305 -23.22 53.27 -4.01
CA VAL C 305 -22.99 51.86 -4.31
C VAL C 305 -22.40 51.71 -5.71
N GLY C 306 -22.93 52.47 -6.68
CA GLY C 306 -22.37 52.41 -8.02
C GLY C 306 -20.93 52.88 -8.09
N GLN C 307 -20.63 53.98 -7.39
CA GLN C 307 -19.24 54.46 -7.36
C GLN C 307 -18.32 53.43 -6.75
N HIS C 308 -18.75 52.80 -5.65
CA HIS C 308 -17.92 51.79 -4.99
C HIS C 308 -17.72 50.58 -5.89
N VAL C 309 -18.78 50.15 -6.59
CA VAL C 309 -18.65 49.01 -7.50
C VAL C 309 -17.67 49.34 -8.62
N LEU C 310 -17.78 50.53 -9.19
CA LEU C 310 -16.88 50.94 -10.28
C LEU C 310 -15.44 50.98 -9.81
N LYS C 311 -15.19 51.48 -8.59
CA LYS C 311 -13.83 51.53 -8.08
C LYS C 311 -13.30 50.16 -7.67
N TRP C 312 -14.16 49.29 -7.15
CA TRP C 312 -13.73 47.98 -6.68
C TRP C 312 -13.48 47.01 -7.82
N ILE C 313 -14.23 47.13 -8.93
CA ILE C 313 -14.01 46.24 -10.06
C ILE C 313 -12.66 46.49 -10.72
N ASP C 314 -12.04 47.64 -10.48
CA ASP C 314 -10.75 47.97 -11.08
C ASP C 314 -9.59 47.82 -10.11
N LYS C 315 -9.81 47.14 -8.98
CA LYS C 315 -8.77 46.87 -7.98
C LYS C 315 -8.12 48.18 -7.50
N LYS C 316 -8.95 49.18 -7.23
CA LYS C 316 -8.48 50.48 -6.77
C LYS C 316 -8.98 50.79 -5.36
N CYS C 317 -9.34 49.76 -4.60
CA CYS C 317 -9.84 49.92 -3.23
C CYS C 317 -8.84 49.41 -2.20
N GLY C 318 -7.59 49.17 -2.61
CA GLY C 318 -6.60 48.74 -1.63
C GLY C 318 -6.79 47.28 -1.27
N LYS C 319 -6.67 46.99 0.02
CA LYS C 319 -6.81 45.61 0.51
C LYS C 319 -8.26 45.18 0.63
N LYS C 320 -9.22 46.10 0.55
CA LYS C 320 -10.63 45.78 0.63
C LYS C 320 -11.11 45.30 -0.74
N ASN C 321 -10.64 44.11 -1.11
CA ASN C 321 -10.92 43.51 -2.41
C ASN C 321 -12.24 42.77 -2.47
N THR C 322 -12.92 42.59 -1.34
CA THR C 322 -14.10 41.74 -1.26
C THR C 322 -15.36 42.56 -1.00
N LEU C 323 -16.43 42.23 -1.71
CA LEU C 323 -17.74 42.80 -1.49
C LEU C 323 -18.68 41.72 -0.98
N TRP C 324 -19.34 41.98 0.14
CA TRP C 324 -20.13 40.98 0.84
C TRP C 324 -21.57 41.43 0.95
N PHE C 325 -22.50 40.57 0.52
CA PHE C 325 -23.93 40.80 0.67
C PHE C 325 -24.48 39.82 1.71
N TYR C 326 -25.22 40.34 2.67
CA TYR C 326 -25.74 39.54 3.78
C TYR C 326 -27.20 39.90 4.02
N GLY C 327 -28.02 38.88 4.28
CA GLY C 327 -29.43 39.08 4.56
C GLY C 327 -30.25 37.82 4.56
N PRO C 328 -31.52 37.93 4.90
CA PRO C 328 -32.42 36.77 4.90
C PRO C 328 -32.67 36.26 3.49
N PRO C 329 -33.16 35.04 3.34
CA PRO C 329 -33.38 34.49 2.00
C PRO C 329 -34.47 35.22 1.24
N SER C 330 -34.41 35.10 -0.09
CA SER C 330 -35.37 35.73 -1.01
C SER C 330 -35.37 37.25 -0.82
N THR C 331 -34.24 37.94 -0.96
CA THR C 331 -34.11 39.39 -0.69
C THR C 331 -33.31 40.03 -1.84
N GLY C 332 -32.95 39.26 -2.89
CA GLY C 332 -32.31 39.76 -4.11
C GLY C 332 -30.81 39.80 -4.10
N LYS C 333 -30.12 38.78 -3.63
CA LYS C 333 -28.65 38.85 -3.44
C LYS C 333 -27.96 38.11 -4.57
N THR C 334 -28.34 36.90 -4.89
CA THR C 334 -27.79 36.23 -6.07
C THR C 334 -28.37 36.85 -7.33
N ASN C 335 -29.29 37.78 -7.26
CA ASN C 335 -29.77 38.53 -8.46
C ASN C 335 -28.75 39.63 -8.81
N LEU C 336 -28.31 40.48 -7.88
CA LEU C 336 -27.39 41.58 -8.16
C LEU C 336 -26.01 41.02 -8.35
N ALA C 337 -25.74 39.87 -7.83
CA ALA C 337 -24.35 39.45 -7.94
C ALA C 337 -24.15 38.78 -9.27
N MET C 338 -25.20 38.31 -9.89
CA MET C 338 -24.97 37.55 -11.14
C MET C 338 -25.33 38.43 -12.33
N ALA C 339 -25.94 39.60 -12.11
CA ALA C 339 -26.14 40.63 -13.14
C ALA C 339 -24.87 41.44 -13.25
N ILE C 340 -24.04 41.54 -12.22
CA ILE C 340 -22.72 42.21 -12.33
C ILE C 340 -21.80 41.15 -12.89
N ALA C 341 -21.96 39.93 -12.48
CA ALA C 341 -21.02 38.97 -13.05
C ALA C 341 -21.23 38.78 -14.55
N LYS C 342 -22.46 38.92 -15.03
CA LYS C 342 -22.72 38.71 -16.46
C LYS C 342 -22.11 39.81 -17.31
N SER C 343 -21.95 41.01 -16.76
CA SER C 343 -21.45 42.13 -17.54
C SER C 343 -19.94 42.05 -17.76
N VAL C 344 -19.19 41.49 -16.82
CA VAL C 344 -17.74 41.39 -16.95
C VAL C 344 -17.42 40.34 -18.01
N PRO C 345 -16.25 40.40 -18.66
CA PRO C 345 -15.92 39.42 -19.70
C PRO C 345 -15.93 37.98 -19.19
N VAL C 346 -15.10 37.68 -18.19
CA VAL C 346 -14.95 36.33 -17.66
C VAL C 346 -15.11 36.36 -16.15
N TYR C 347 -15.79 35.36 -15.61
CA TYR C 347 -15.97 35.22 -14.17
C TYR C 347 -15.96 33.75 -13.80
N GLY C 348 -15.71 33.48 -12.51
CA GLY C 348 -15.63 32.13 -12.01
C GLY C 348 -16.51 31.93 -10.79
N MET C 349 -16.55 30.67 -10.34
CA MET C 349 -17.32 30.28 -9.16
C MET C 349 -16.45 29.47 -8.21
N VAL C 350 -16.61 29.73 -6.91
CA VAL C 350 -16.09 28.81 -5.91
C VAL C 350 -16.89 27.51 -5.94
N ASN C 351 -18.18 27.59 -6.29
CA ASN C 351 -19.02 26.40 -6.32
C ASN C 351 -18.56 25.42 -7.39
N TRP C 352 -18.18 25.93 -8.57
CA TRP C 352 -17.76 25.04 -9.66
C TRP C 352 -16.52 24.24 -9.29
N ASN C 353 -15.59 24.84 -8.56
CA ASN C 353 -14.35 24.18 -8.24
C ASN C 353 -14.59 23.04 -7.23
N ASN C 354 -13.58 22.21 -7.05
CA ASN C 354 -13.66 21.13 -6.09
C ASN C 354 -13.75 21.69 -4.67
N GLU C 355 -14.43 20.93 -3.80
CA GLU C 355 -14.70 21.42 -2.45
C GLU C 355 -13.44 21.59 -1.62
N ASN C 356 -12.33 20.95 -2.01
CA ASN C 356 -11.07 21.10 -1.30
C ASN C 356 -10.01 21.87 -2.10
N PHE C 357 -10.35 22.32 -3.31
CA PHE C 357 -9.56 23.33 -4.02
C PHE C 357 -10.52 24.42 -4.51
N PRO C 358 -11.07 25.21 -3.60
CA PRO C 358 -12.06 26.23 -4.01
C PRO C 358 -11.46 27.37 -4.82
N PHE C 359 -10.13 27.56 -4.78
CA PHE C 359 -9.52 28.71 -5.44
C PHE C 359 -8.50 28.26 -6.49
N ASN C 360 -8.88 27.29 -7.32
CA ASN C 360 -7.97 26.75 -8.32
C ASN C 360 -7.99 27.57 -9.61
N ASP C 361 -9.16 27.70 -10.25
CA ASP C 361 -9.27 28.41 -11.51
C ASP C 361 -9.55 29.89 -11.20
N VAL C 362 -8.48 30.61 -10.90
CA VAL C 362 -8.58 32.03 -10.55
C VAL C 362 -7.85 32.85 -11.60
N ALA C 363 -6.81 32.27 -12.19
CA ALA C 363 -6.04 32.96 -13.21
C ALA C 363 -6.86 33.17 -14.48
N GLY C 364 -6.72 34.33 -15.09
CA GLY C 364 -7.46 34.66 -16.29
C GLY C 364 -8.89 35.11 -16.07
N LYS C 365 -9.31 35.28 -14.82
CA LYS C 365 -10.67 35.69 -14.50
C LYS C 365 -10.68 37.16 -14.12
N SER C 366 -11.84 37.80 -14.33
CA SER C 366 -12.05 39.18 -13.93
C SER C 366 -12.92 39.32 -12.68
N LEU C 367 -13.51 38.23 -12.20
CA LEU C 367 -14.37 38.27 -11.03
C LEU C 367 -14.54 36.85 -10.52
N VAL C 368 -14.71 36.71 -9.20
CA VAL C 368 -14.98 35.44 -8.55
C VAL C 368 -16.22 35.60 -7.68
N VAL C 369 -17.16 34.67 -7.82
CA VAL C 369 -18.43 34.72 -7.10
C VAL C 369 -18.47 33.56 -6.11
N TRP C 370 -18.87 33.86 -4.88
CA TRP C 370 -18.95 32.87 -3.79
C TRP C 370 -20.37 32.91 -3.26
N ASP C 371 -21.24 32.07 -3.82
CA ASP C 371 -22.66 32.09 -3.48
C ASP C 371 -22.94 31.15 -2.31
N GLU C 372 -23.63 31.67 -1.30
CA GLU C 372 -24.00 30.92 -0.10
C GLU C 372 -22.78 30.24 0.52
N GLY C 373 -21.75 31.06 0.76
CA GLY C 373 -20.47 30.55 1.17
C GLY C 373 -20.29 30.45 2.68
N ILE C 374 -19.27 29.67 3.06
CA ILE C 374 -18.86 29.53 4.46
C ILE C 374 -17.40 29.10 4.45
N ILE C 375 -16.64 29.59 5.43
CA ILE C 375 -15.19 29.43 5.46
C ILE C 375 -14.83 28.35 6.48
N LYS C 376 -13.99 27.41 6.05
CA LYS C 376 -13.49 26.34 6.91
C LYS C 376 -12.07 26.68 7.38
N SER C 377 -11.71 26.13 8.54
CA SER C 377 -10.39 26.40 9.10
C SER C 377 -9.25 25.79 8.28
N THR C 378 -9.54 24.79 7.45
CA THR C 378 -8.50 24.15 6.66
C THR C 378 -8.12 24.94 5.42
N ILE C 379 -8.95 25.91 5.02
CA ILE C 379 -8.69 26.73 3.85
C ILE C 379 -8.65 28.22 4.20
N VAL C 380 -8.58 28.56 5.48
CA VAL C 380 -8.70 29.95 5.90
C VAL C 380 -7.48 30.77 5.48
N GLU C 381 -6.30 30.15 5.41
CA GLU C 381 -5.11 30.88 4.99
C GLU C 381 -5.21 31.30 3.54
N ALA C 382 -5.52 30.35 2.65
CA ALA C 382 -5.73 30.69 1.24
C ALA C 382 -6.93 31.61 1.07
N ALA C 383 -7.95 31.45 1.91
CA ALA C 383 -9.11 32.34 1.84
C ALA C 383 -8.70 33.78 2.12
N LYS C 384 -7.90 34.00 3.16
CA LYS C 384 -7.43 35.36 3.44
C LYS C 384 -6.52 35.86 2.33
N ALA C 385 -5.67 34.98 1.79
CA ALA C 385 -4.77 35.38 0.72
C ALA C 385 -5.53 35.85 -0.50
N ILE C 386 -6.63 35.18 -0.85
CA ILE C 386 -7.38 35.58 -2.04
C ILE C 386 -8.30 36.75 -1.74
N LEU C 387 -8.87 36.83 -0.54
CA LEU C 387 -9.77 37.93 -0.22
C LEU C 387 -9.02 39.25 -0.03
N GLY C 388 -7.76 39.19 0.38
CA GLY C 388 -6.97 40.39 0.52
C GLY C 388 -6.33 40.90 -0.75
N GLY C 389 -6.56 40.23 -1.88
CA GLY C 389 -5.98 40.64 -3.14
C GLY C 389 -4.57 40.16 -3.37
N GLN C 390 -4.02 39.36 -2.47
CA GLN C 390 -2.65 38.88 -2.64
C GLN C 390 -2.60 37.78 -3.69
N PRO C 391 -1.59 37.78 -4.56
CA PRO C 391 -1.42 36.68 -5.50
C PRO C 391 -0.98 35.41 -4.78
N THR C 392 -1.02 34.31 -5.52
CA THR C 392 -0.63 33.01 -5.00
C THR C 392 0.82 32.71 -5.39
N ARG C 393 1.41 31.74 -4.68
CA ARG C 393 2.80 31.39 -4.91
C ARG C 393 3.03 30.91 -6.34
N VAL C 394 2.06 30.17 -6.89
CA VAL C 394 2.19 29.69 -8.27
C VAL C 394 2.21 30.85 -9.25
N ASP C 395 1.31 31.83 -9.06
CA ASP C 395 1.29 32.98 -9.95
C ASP C 395 2.56 33.80 -9.85
N GLN C 396 3.06 33.99 -8.62
CA GLN C 396 4.30 34.75 -8.42
C GLN C 396 5.48 34.04 -9.06
N LYS C 397 5.58 32.72 -8.90
CA LYS C 397 6.69 31.97 -9.48
C LYS C 397 6.65 31.99 -11.00
N MET C 398 5.46 31.86 -11.57
CA MET C 398 5.34 31.75 -13.03
C MET C 398 5.74 33.05 -13.72
N ARG C 399 5.27 34.19 -13.21
CA ARG C 399 5.53 35.47 -13.85
C ARG C 399 6.83 36.11 -13.38
N GLY C 400 7.48 35.56 -12.36
CA GLY C 400 8.73 36.13 -11.88
C GLY C 400 8.60 37.51 -11.28
N SER C 401 7.51 37.76 -10.54
CA SER C 401 7.32 39.03 -9.87
C SER C 401 6.40 38.81 -8.68
N VAL C 402 6.35 39.81 -7.80
CA VAL C 402 5.71 39.63 -6.50
C VAL C 402 4.20 39.88 -6.53
N ALA C 403 3.74 40.92 -7.25
CA ALA C 403 2.31 41.26 -7.29
C ALA C 403 1.90 41.43 -8.75
N VAL C 404 1.52 40.32 -9.38
CA VAL C 404 1.10 40.34 -10.78
C VAL C 404 -0.36 40.77 -10.92
N PRO C 405 -1.33 40.12 -10.23
CA PRO C 405 -2.73 40.38 -10.58
C PRO C 405 -3.57 40.95 -9.44
N GLY C 406 -4.46 40.13 -8.90
CA GLY C 406 -5.48 40.57 -7.97
C GLY C 406 -6.85 40.43 -8.60
N VAL C 407 -7.73 39.65 -7.97
CA VAL C 407 -9.05 39.35 -8.53
C VAL C 407 -10.12 39.78 -7.52
N PRO C 408 -11.05 40.65 -7.91
CA PRO C 408 -12.16 40.98 -7.00
C PRO C 408 -13.01 39.77 -6.68
N VAL C 409 -13.57 39.75 -5.47
CA VAL C 409 -14.40 38.65 -5.00
C VAL C 409 -15.71 39.22 -4.48
N VAL C 410 -16.81 38.53 -4.78
CA VAL C 410 -18.13 38.89 -4.27
C VAL C 410 -18.69 37.68 -3.55
N ILE C 411 -19.23 37.90 -2.34
CA ILE C 411 -19.69 36.82 -1.48
C ILE C 411 -21.14 37.09 -1.09
N THR C 412 -21.95 36.03 -1.09
CA THR C 412 -23.33 36.06 -0.65
C THR C 412 -23.54 34.97 0.38
N SER C 413 -24.27 35.27 1.45
CA SER C 413 -24.48 34.29 2.51
C SER C 413 -25.75 34.65 3.28
N ASN C 414 -26.23 33.67 4.04
CA ASN C 414 -27.38 33.83 4.91
C ASN C 414 -26.98 33.98 6.38
N GLY C 415 -25.69 34.03 6.67
CA GLY C 415 -25.22 34.16 8.04
C GLY C 415 -23.84 34.78 8.07
N ASP C 416 -23.39 35.07 9.28
CA ASP C 416 -22.07 35.68 9.46
C ASP C 416 -20.98 34.70 9.05
N ILE C 417 -20.08 35.14 8.19
CA ILE C 417 -19.02 34.29 7.67
C ILE C 417 -17.67 34.58 8.32
N THR C 418 -17.66 35.43 9.35
CA THR C 418 -16.45 35.65 10.14
C THR C 418 -16.29 34.61 11.25
N PHE C 419 -17.28 33.76 11.46
CA PHE C 419 -17.21 32.66 12.42
C PHE C 419 -16.72 31.44 11.64
N VAL C 420 -15.41 31.20 11.68
CA VAL C 420 -14.83 30.13 10.88
C VAL C 420 -15.10 28.79 11.54
N VAL C 421 -15.65 27.86 10.77
CA VAL C 421 -15.95 26.53 11.29
C VAL C 421 -14.65 25.74 11.45
N SER C 422 -14.54 25.03 12.56
CA SER C 422 -13.39 24.18 12.85
C SER C 422 -13.90 22.94 13.57
N GLY C 423 -13.63 21.77 13.01
CA GLY C 423 -14.19 20.55 13.58
C GLY C 423 -15.69 20.60 13.56
N ASN C 424 -16.29 20.39 14.72
CA ASN C 424 -17.74 20.49 14.89
C ASN C 424 -18.16 21.78 15.58
N THR C 425 -17.26 22.78 15.65
CA THR C 425 -17.54 24.01 16.36
C THR C 425 -17.22 25.20 15.45
N THR C 426 -17.39 26.40 15.98
CA THR C 426 -17.06 27.64 15.27
C THR C 426 -16.16 28.50 16.15
N THR C 427 -15.09 29.02 15.56
CA THR C 427 -14.15 29.91 16.24
C THR C 427 -14.23 31.31 15.65
N THR C 428 -13.82 32.29 16.45
CA THR C 428 -13.86 33.68 16.06
C THR C 428 -12.48 34.34 16.07
N VAL C 429 -11.40 33.56 16.07
CA VAL C 429 -10.05 34.13 16.12
C VAL C 429 -9.64 34.80 14.81
N HIS C 430 -10.39 34.60 13.73
CA HIS C 430 -10.09 35.22 12.45
C HIS C 430 -11.02 36.38 12.11
N ALA C 431 -12.04 36.63 12.92
CA ALA C 431 -13.07 37.62 12.57
C ALA C 431 -12.47 38.99 12.30
N LYS C 432 -11.44 39.36 13.06
CA LYS C 432 -10.77 40.65 12.80
C LYS C 432 -10.06 40.62 11.45
N ALA C 433 -9.26 39.59 11.20
CA ALA C 433 -8.45 39.55 10.00
C ALA C 433 -9.30 39.53 8.74
N LEU C 434 -10.50 38.96 8.83
CA LEU C 434 -11.41 38.95 7.69
C LEU C 434 -12.19 40.25 7.56
N LYS C 435 -12.34 41.02 8.63
CA LYS C 435 -13.13 42.24 8.58
C LYS C 435 -12.39 43.37 7.86
N GLU C 436 -11.06 43.33 7.86
CA GLU C 436 -10.29 44.40 7.23
C GLU C 436 -10.42 44.37 5.71
N ARG C 437 -10.66 43.20 5.13
CA ARG C 437 -10.63 43.03 3.69
C ARG C 437 -12.02 43.04 3.04
N MET C 438 -13.06 43.41 3.79
CA MET C 438 -14.42 43.20 3.32
C MET C 438 -15.28 44.44 3.55
N VAL C 439 -16.19 44.68 2.62
CA VAL C 439 -17.22 45.71 2.75
C VAL C 439 -18.57 45.01 2.79
N LYS C 440 -19.37 45.32 3.80
CA LYS C 440 -20.61 44.60 4.07
C LYS C 440 -21.82 45.46 3.73
N LEU C 441 -22.79 44.86 3.04
CA LEU C 441 -24.08 45.46 2.76
C LEU C 441 -25.17 44.55 3.28
N ASN C 442 -26.16 45.13 3.95
CA ASN C 442 -27.22 44.37 4.60
C ASN C 442 -28.49 44.43 3.75
N PHE C 443 -28.93 43.27 3.26
CA PHE C 443 -30.17 43.15 2.51
C PHE C 443 -31.23 42.59 3.44
N THR C 444 -31.85 43.48 4.21
CA THR C 444 -32.75 43.08 5.29
C THR C 444 -34.23 43.18 4.93
N VAL C 445 -34.63 43.54 3.72
CA VAL C 445 -36.08 43.72 3.43
C VAL C 445 -36.52 42.85 2.27
N ARG C 446 -37.42 41.91 2.49
CA ARG C 446 -37.83 40.94 1.45
C ARG C 446 -38.38 41.70 0.26
N CYS C 447 -38.49 41.02 -0.88
CA CYS C 447 -38.85 41.70 -2.15
C CYS C 447 -40.20 41.25 -2.65
N SER C 448 -40.30 41.06 -3.96
CA SER C 448 -41.58 40.67 -4.59
C SER C 448 -41.34 39.45 -5.49
N PRO C 449 -42.26 38.47 -5.59
CA PRO C 449 -42.00 37.26 -6.37
C PRO C 449 -42.25 37.57 -7.83
N ASP C 450 -42.29 38.87 -8.17
CA ASP C 450 -42.52 39.32 -9.56
C ASP C 450 -41.53 40.42 -9.96
N MET C 451 -40.23 40.08 -10.11
CA MET C 451 -39.18 41.05 -10.54
C MET C 451 -38.00 40.20 -11.02
N GLY C 452 -38.23 39.35 -11.99
CA GLY C 452 -37.25 38.35 -12.43
C GLY C 452 -35.89 38.86 -12.81
N LEU C 453 -35.06 37.95 -13.26
CA LEU C 453 -33.66 38.28 -13.57
C LEU C 453 -33.38 39.76 -13.86
N LEU C 454 -32.53 40.40 -13.04
CA LEU C 454 -32.00 41.74 -13.34
C LEU C 454 -30.96 41.44 -14.42
N THR C 455 -30.66 42.38 -15.34
CA THR C 455 -29.85 42.05 -16.54
C THR C 455 -28.64 42.93 -16.80
N GLU C 456 -27.76 42.52 -17.72
CA GLU C 456 -26.56 43.29 -18.12
C GLU C 456 -26.97 44.67 -18.58
N ALA C 457 -28.08 44.78 -19.25
CA ALA C 457 -28.58 46.10 -19.65
C ALA C 457 -28.74 47.04 -18.46
N ASP C 458 -29.50 46.65 -17.42
CA ASP C 458 -29.78 47.42 -16.21
C ASP C 458 -28.49 47.83 -15.50
N VAL C 459 -27.55 46.89 -15.37
CA VAL C 459 -26.29 47.18 -14.70
C VAL C 459 -25.50 48.22 -15.48
N GLN C 460 -25.43 48.07 -16.80
CA GLN C 460 -24.69 49.02 -17.63
C GLN C 460 -25.30 50.41 -17.52
N GLN C 461 -26.63 50.51 -17.59
CA GLN C 461 -27.29 51.81 -17.48
C GLN C 461 -27.03 52.44 -16.11
N TRP C 462 -27.16 51.66 -15.04
CA TRP C 462 -26.97 52.18 -13.70
C TRP C 462 -25.53 52.67 -13.49
N LEU C 463 -24.55 51.87 -13.93
CA LEU C 463 -23.16 52.26 -13.74
C LEU C 463 -22.79 53.45 -14.62
N THR C 464 -23.33 53.50 -15.85
CA THR C 464 -23.09 54.65 -16.72
C THR C 464 -23.65 55.93 -16.13
N TRP C 465 -24.87 55.85 -15.56
CA TRP C 465 -25.42 57.02 -14.88
C TRP C 465 -24.58 57.43 -13.69
N CYS C 466 -24.13 56.45 -12.89
CA CYS C 466 -23.37 56.78 -11.69
C CYS C 466 -22.05 57.44 -12.05
N ASN C 467 -21.39 56.98 -13.11
CA ASN C 467 -20.07 57.53 -13.46
C ASN C 467 -20.15 59.01 -13.82
N ALA C 468 -21.32 59.49 -14.23
CA ALA C 468 -21.41 60.86 -14.76
C ALA C 468 -21.25 61.90 -13.65
N GLN C 469 -21.94 61.74 -12.52
CA GLN C 469 -22.03 62.78 -11.51
C GLN C 469 -20.73 62.88 -10.70
N SER C 470 -20.76 63.74 -9.68
CA SER C 470 -19.56 64.08 -8.94
C SER C 470 -19.10 62.92 -8.06
N TRP C 471 -17.79 62.84 -7.85
CA TRP C 471 -17.16 61.81 -7.03
C TRP C 471 -16.77 62.32 -5.65
N ASP C 472 -17.37 63.44 -5.22
CA ASP C 472 -16.92 64.12 -4.00
C ASP C 472 -17.25 63.31 -2.74
N HIS C 473 -18.47 62.80 -2.63
CA HIS C 473 -18.86 62.07 -1.43
C HIS C 473 -18.09 60.77 -1.31
N TYR C 474 -17.91 60.04 -2.41
CA TYR C 474 -17.12 58.82 -2.38
C TYR C 474 -15.66 59.13 -2.05
N GLU C 475 -15.14 60.23 -2.58
CA GLU C 475 -13.78 60.62 -2.23
C GLU C 475 -13.65 60.93 -0.74
N ASN C 476 -14.65 61.59 -0.16
CA ASN C 476 -14.63 61.85 1.28
C ASN C 476 -14.69 60.56 2.08
N TRP C 477 -15.45 59.58 1.59
CA TRP C 477 -15.46 58.26 2.23
C TRP C 477 -14.14 57.52 2.07
N ALA C 478 -13.40 57.80 0.99
CA ALA C 478 -12.26 56.95 0.64
C ALA C 478 -11.04 57.13 1.54
N ILE C 479 -11.02 58.14 2.40
CA ILE C 479 -9.87 58.33 3.28
C ILE C 479 -9.75 57.15 4.25
N ASN C 480 -10.87 56.76 4.87
CA ASN C 480 -10.88 55.63 5.78
C ASN C 480 -12.02 54.69 5.40
N TYR C 481 -11.73 53.39 5.44
CA TYR C 481 -12.70 52.37 5.04
C TYR C 481 -13.38 51.76 6.26
N THR C 482 -14.70 51.69 6.22
CA THR C 482 -15.50 51.10 7.28
C THR C 482 -15.99 49.73 6.83
N PHE C 483 -16.09 48.79 7.79
CA PHE C 483 -16.53 47.44 7.46
C PHE C 483 -17.95 47.43 6.93
N ASP C 484 -18.84 48.21 7.54
CA ASP C 484 -20.21 48.30 7.08
C ASP C 484 -20.38 49.47 6.12
N PHE C 485 -21.29 49.30 5.17
CA PHE C 485 -21.50 50.34 4.18
C PHE C 485 -22.46 51.40 4.72
N PRO C 486 -22.18 52.69 4.47
CA PRO C 486 -23.04 53.75 5.01
C PRO C 486 -24.46 53.64 4.50
N GLY C 487 -25.41 54.00 5.38
CA GLY C 487 -26.81 54.02 5.03
C GLY C 487 -27.19 55.25 4.22
N ILE C 488 -28.47 55.32 3.86
CA ILE C 488 -28.95 56.41 3.03
C ILE C 488 -28.96 57.71 3.84
N ASN C 489 -29.00 58.83 3.12
CA ASN C 489 -29.11 60.14 3.74
C ASN C 489 -29.98 61.02 2.85
N ALA C 490 -31.11 61.47 3.38
CA ALA C 490 -32.02 62.30 2.60
C ALA C 490 -31.44 63.67 2.29
N ASP C 491 -30.47 64.14 3.08
CA ASP C 491 -29.85 65.43 2.84
C ASP C 491 -28.79 65.39 1.74
N ALA C 492 -28.34 64.20 1.35
CA ALA C 492 -27.35 64.05 0.29
C ALA C 492 -27.88 63.30 -0.92
N LEU C 493 -29.16 62.91 -0.91
CA LEU C 493 -29.74 62.19 -2.05
C LEU C 493 -29.78 63.08 -3.29
N HIS C 494 -29.53 62.47 -4.43
CA HIS C 494 -29.55 63.22 -5.69
C HIS C 494 -30.96 63.76 -5.94
N PRO C 495 -31.10 65.00 -6.41
CA PRO C 495 -32.44 65.55 -6.63
C PRO C 495 -33.28 64.77 -7.62
N ASP C 496 -32.66 64.17 -8.64
CA ASP C 496 -33.43 63.38 -9.60
C ASP C 496 -33.93 62.08 -8.98
N LEU C 497 -33.18 61.53 -8.01
CA LEU C 497 -33.64 60.34 -7.29
C LEU C 497 -34.69 60.66 -6.24
N GLN C 498 -34.82 61.93 -5.85
CA GLN C 498 -35.80 62.34 -4.85
C GLN C 498 -37.21 62.30 -5.42
N VAL D 201 39.63 30.20 -30.60
CA VAL D 201 38.81 29.33 -31.43
C VAL D 201 38.15 30.13 -32.54
N VAL D 202 38.41 29.74 -33.79
CA VAL D 202 37.81 30.39 -34.95
C VAL D 202 36.35 29.96 -35.06
N PRO D 203 35.41 30.89 -35.10
CA PRO D 203 33.99 30.51 -35.19
C PRO D 203 33.70 29.78 -36.50
N PHE D 204 32.71 28.89 -36.43
CA PHE D 204 32.28 28.14 -37.61
C PHE D 204 31.69 29.10 -38.64
N ASN D 205 32.22 29.05 -39.86
CA ASN D 205 31.82 30.00 -40.91
C ASN D 205 30.65 29.47 -41.73
N GLY D 206 29.57 29.11 -41.05
CA GLY D 206 28.34 28.74 -41.73
C GLY D 206 27.30 29.84 -41.63
N LYS D 207 27.10 30.58 -42.71
CA LYS D 207 26.20 31.72 -42.68
C LYS D 207 24.75 31.26 -42.76
N GLY D 208 23.84 32.15 -42.36
CA GLY D 208 22.43 31.86 -42.29
C GLY D 208 21.60 32.60 -43.32
N THR D 209 20.30 32.38 -43.23
CA THR D 209 19.32 32.96 -44.13
C THR D 209 18.74 34.24 -43.52
N LYS D 210 17.71 34.78 -44.16
CA LYS D 210 17.06 35.99 -43.65
C LYS D 210 16.33 35.70 -42.34
N ALA D 211 15.68 34.54 -42.24
CA ALA D 211 14.93 34.21 -41.03
C ALA D 211 15.83 34.10 -39.81
N SER D 212 17.01 33.49 -39.98
CA SER D 212 17.94 33.36 -38.87
C SER D 212 18.47 34.72 -38.43
N ILE D 213 18.74 35.60 -39.38
CA ILE D 213 19.20 36.95 -39.04
C ILE D 213 18.12 37.72 -38.29
N LYS D 214 16.87 37.59 -38.74
CA LYS D 214 15.77 38.25 -38.05
C LYS D 214 15.59 37.69 -36.64
N PHE D 215 15.75 36.37 -36.48
CA PHE D 215 15.65 35.77 -35.16
C PHE D 215 16.75 36.28 -34.24
N GLN D 216 17.97 36.41 -34.76
CA GLN D 216 19.07 36.95 -33.96
C GLN D 216 18.80 38.40 -33.57
N THR D 217 18.28 39.20 -34.50
CA THR D 217 17.93 40.58 -34.19
C THR D 217 16.86 40.65 -33.11
N MET D 218 15.86 39.76 -33.18
CA MET D 218 14.83 39.73 -32.15
C MET D 218 15.39 39.31 -30.80
N VAL D 219 16.34 38.38 -30.79
CA VAL D 219 16.99 37.98 -29.54
C VAL D 219 17.74 39.16 -28.94
N ASN D 220 18.47 39.91 -29.78
CA ASN D 220 19.19 41.08 -29.29
C ASN D 220 18.23 42.13 -28.75
N TRP D 221 17.11 42.35 -29.45
CA TRP D 221 16.10 43.30 -28.98
C TRP D 221 15.53 42.87 -27.63
N LEU D 222 15.26 41.58 -27.46
CA LEU D 222 14.77 41.08 -26.18
C LEU D 222 15.80 41.29 -25.08
N CYS D 223 17.08 41.09 -25.39
CA CYS D 223 18.11 41.24 -24.37
C CYS D 223 18.33 42.69 -23.97
N GLU D 224 18.29 43.62 -24.92
CA GLU D 224 18.58 45.02 -24.60
C GLU D 224 17.35 45.81 -24.16
N ASN D 225 16.17 45.21 -24.16
CA ASN D 225 14.98 45.80 -23.57
C ASN D 225 14.62 45.19 -22.22
N ARG D 226 15.43 44.26 -21.73
CA ARG D 226 15.20 43.61 -20.43
C ARG D 226 13.83 42.92 -20.38
N VAL D 227 13.53 42.15 -21.43
CA VAL D 227 12.33 41.34 -21.51
C VAL D 227 12.74 39.88 -21.40
N PHE D 228 12.30 39.21 -20.35
CA PHE D 228 12.73 37.84 -20.08
C PHE D 228 11.58 36.89 -19.77
N THR D 229 10.34 37.35 -19.77
CA THR D 229 9.19 36.50 -19.53
C THR D 229 8.12 36.77 -20.58
N GLU D 230 7.23 35.78 -20.76
CA GLU D 230 6.16 35.92 -21.73
C GLU D 230 5.20 37.04 -21.34
N ASP D 231 4.90 37.17 -20.05
CA ASP D 231 3.99 38.22 -19.60
C ASP D 231 4.57 39.60 -19.87
N LYS D 232 5.86 39.79 -19.62
CA LYS D 232 6.51 41.06 -19.92
C LYS D 232 6.50 41.34 -21.42
N TRP D 233 6.71 40.30 -22.24
CA TRP D 233 6.66 40.48 -23.69
C TRP D 233 5.26 40.91 -24.13
N LYS D 234 4.22 40.28 -23.58
CA LYS D 234 2.86 40.68 -23.92
C LYS D 234 2.58 42.11 -23.49
N LEU D 235 3.05 42.50 -22.31
CA LEU D 235 2.82 43.85 -21.82
C LEU D 235 3.51 44.89 -22.70
N VAL D 236 4.81 44.69 -22.96
CA VAL D 236 5.59 45.70 -23.66
C VAL D 236 5.20 45.75 -25.14
N ASP D 237 5.14 44.59 -25.79
CA ASP D 237 4.91 44.51 -27.24
C ASP D 237 3.86 43.44 -27.52
N PHE D 238 2.59 43.85 -27.54
CA PHE D 238 1.52 42.92 -27.87
C PHE D 238 1.43 42.64 -29.36
N ASN D 239 1.82 43.60 -30.20
CA ASN D 239 1.71 43.42 -31.65
C ASN D 239 2.61 42.30 -32.13
N GLN D 240 3.89 42.34 -31.76
CA GLN D 240 4.83 41.31 -32.22
C GLN D 240 4.49 39.96 -31.61
N TYR D 241 4.04 39.94 -30.36
CA TYR D 241 3.66 38.67 -29.73
C TYR D 241 2.46 38.06 -30.44
N THR D 242 1.48 38.88 -30.81
CA THR D 242 0.31 38.37 -31.53
C THR D 242 0.68 37.89 -32.93
N LEU D 243 1.56 38.63 -33.61
CA LEU D 243 1.99 38.21 -34.94
C LEU D 243 2.81 36.93 -34.91
N LEU D 244 3.59 36.73 -33.85
CA LEU D 244 4.43 35.54 -33.77
C LEU D 244 3.61 34.29 -33.44
N SER D 245 2.61 34.41 -32.56
CA SER D 245 1.85 33.27 -32.08
C SER D 245 0.77 32.83 -33.07
N SER D 246 0.86 33.25 -34.32
CA SER D 246 -0.11 32.87 -35.34
C SER D 246 0.17 31.49 -35.93
N SER D 247 1.31 30.89 -35.66
CA SER D 247 1.67 29.61 -36.24
C SER D 247 2.62 28.86 -35.30
N HIS D 248 2.88 27.60 -35.64
CA HIS D 248 3.76 26.77 -34.82
C HIS D 248 5.18 27.32 -34.79
N SER D 249 5.67 27.80 -35.94
CA SER D 249 7.05 28.27 -36.03
C SER D 249 7.28 29.46 -35.11
N GLY D 250 6.36 30.42 -35.12
CA GLY D 250 6.51 31.57 -34.24
C GLY D 250 6.40 31.20 -32.77
N SER D 251 5.52 30.25 -32.45
CA SER D 251 5.39 29.80 -31.07
C SER D 251 6.67 29.15 -30.58
N PHE D 252 7.31 28.34 -31.43
CA PHE D 252 8.61 27.77 -31.08
C PHE D 252 9.67 28.87 -30.94
N GLN D 253 9.64 29.85 -31.85
CA GLN D 253 10.64 30.91 -31.84
C GLN D 253 10.53 31.77 -30.58
N ILE D 254 9.32 31.97 -30.06
CA ILE D 254 9.16 32.77 -28.86
C ILE D 254 9.93 32.15 -27.70
N GLN D 255 9.72 30.86 -27.45
CA GLN D 255 10.41 30.18 -26.37
C GLN D 255 11.92 30.12 -26.62
N SER D 256 12.32 29.84 -27.87
CA SER D 256 13.74 29.76 -28.16
C SER D 256 14.44 31.09 -27.92
N ALA D 257 13.83 32.19 -28.37
CA ALA D 257 14.41 33.51 -28.18
C ALA D 257 14.44 33.90 -26.71
N LEU D 258 13.38 33.55 -25.96
CA LEU D 258 13.38 33.87 -24.54
C LEU D 258 14.50 33.13 -23.81
N LYS D 259 14.67 31.84 -24.10
CA LYS D 259 15.75 31.09 -23.46
C LYS D 259 17.12 31.64 -23.84
N LEU D 260 17.31 31.99 -25.11
CA LEU D 260 18.59 32.53 -25.55
C LEU D 260 18.89 33.87 -24.89
N ALA D 261 17.88 34.74 -24.79
CA ALA D 261 18.07 36.03 -24.14
C ALA D 261 18.38 35.88 -22.66
N ILE D 262 17.68 34.96 -21.99
CA ILE D 262 17.97 34.72 -20.57
C ILE D 262 19.40 34.23 -20.39
N TYR D 263 19.84 33.30 -21.24
CA TYR D 263 21.20 32.79 -21.13
C TYR D 263 22.22 33.91 -21.39
N LYS D 264 21.99 34.73 -22.41
CA LYS D 264 22.94 35.80 -22.71
C LYS D 264 23.00 36.81 -21.57
N ALA D 265 21.86 37.13 -20.96
CA ALA D 265 21.86 38.11 -19.89
C ALA D 265 22.51 37.56 -18.62
N THR D 266 22.32 36.27 -18.34
CA THR D 266 22.76 35.71 -17.06
C THR D 266 24.18 35.15 -17.10
N ASN D 267 24.66 34.67 -18.25
CA ASN D 267 25.93 33.94 -18.30
C ASN D 267 26.98 34.58 -19.19
N LEU D 268 26.61 35.46 -20.11
CA LEU D 268 27.57 36.06 -21.02
C LEU D 268 27.88 37.52 -20.72
N VAL D 269 27.05 38.19 -19.93
CA VAL D 269 27.26 39.60 -19.60
C VAL D 269 27.31 39.75 -18.08
N PRO D 270 28.33 40.40 -17.53
CA PRO D 270 28.38 40.62 -16.07
C PRO D 270 27.18 41.42 -15.59
N THR D 271 26.68 41.07 -14.41
CA THR D 271 25.50 41.73 -13.86
C THR D 271 25.77 43.20 -13.55
N SER D 272 27.01 43.54 -13.17
CA SER D 272 27.32 44.92 -12.81
C SER D 272 27.07 45.88 -13.96
N THR D 273 27.22 45.42 -15.20
CA THR D 273 26.94 46.28 -16.34
C THR D 273 25.48 46.67 -16.42
N PHE D 274 24.58 45.81 -15.94
CA PHE D 274 23.16 46.14 -15.93
C PHE D 274 22.82 47.20 -14.88
N LEU D 275 23.54 47.24 -13.77
CA LEU D 275 23.31 48.23 -12.73
C LEU D 275 23.94 49.58 -13.06
N LEU D 276 25.11 49.56 -13.70
CA LEU D 276 25.84 50.79 -14.01
C LEU D 276 25.17 51.49 -15.19
N HIS D 277 24.46 52.58 -14.89
CA HIS D 277 23.78 53.35 -15.93
C HIS D 277 24.78 54.20 -16.71
N CYS D 285 22.73 66.74 -4.87
CA CYS D 285 22.19 65.75 -5.80
C CYS D 285 22.32 64.35 -5.25
N ILE D 286 23.57 63.94 -4.96
CA ILE D 286 23.81 62.61 -4.41
C ILE D 286 23.26 62.46 -3.00
N LYS D 287 23.19 63.56 -2.23
CA LYS D 287 22.67 63.49 -0.88
C LYS D 287 21.15 63.29 -0.85
N ASP D 288 20.45 63.75 -1.88
CA ASP D 288 19.01 63.56 -1.95
C ASP D 288 18.59 62.11 -2.18
N ASN D 289 19.55 61.24 -2.51
CA ASN D 289 19.25 59.82 -2.63
C ASN D 289 18.77 59.26 -1.30
N LYS D 290 17.69 58.46 -1.36
CA LYS D 290 17.17 57.89 -0.13
C LYS D 290 18.03 56.73 0.37
N ILE D 291 18.78 56.08 -0.52
CA ILE D 291 19.59 54.94 -0.11
C ILE D 291 20.77 55.40 0.76
N VAL D 292 21.42 56.50 0.38
CA VAL D 292 22.50 57.01 1.21
C VAL D 292 21.98 57.52 2.54
N LYS D 293 20.77 58.10 2.56
CA LYS D 293 20.14 58.47 3.83
C LYS D 293 19.94 57.25 4.71
N LEU D 294 19.41 56.17 4.13
CA LEU D 294 19.19 54.94 4.89
C LEU D 294 20.51 54.39 5.43
N LEU D 295 21.55 54.38 4.59
CA LEU D 295 22.82 53.82 5.03
C LEU D 295 23.48 54.69 6.09
N LEU D 296 23.32 56.02 6.02
CA LEU D 296 23.86 56.90 7.04
C LEU D 296 23.10 56.80 8.36
N CYS D 297 21.79 56.52 8.30
CA CYS D 297 21.02 56.38 9.53
C CYS D 297 21.52 55.19 10.35
N GLN D 298 21.86 54.09 9.69
CA GLN D 298 22.33 52.89 10.37
C GLN D 298 23.84 52.87 10.58
N ASN D 299 24.50 54.03 10.55
CA ASN D 299 25.92 54.16 10.86
C ASN D 299 26.78 53.29 9.93
N TYR D 300 26.47 53.31 8.64
CA TYR D 300 27.26 52.63 7.63
C TYR D 300 27.62 53.61 6.53
N ASP D 301 28.85 53.52 6.04
CA ASP D 301 29.32 54.40 4.98
C ASP D 301 28.62 54.04 3.67
N PRO D 302 27.89 54.97 3.04
CA PRO D 302 27.19 54.62 1.81
C PRO D 302 28.09 54.67 0.58
N LEU D 303 29.31 54.19 0.72
CA LEU D 303 30.17 53.94 -0.43
C LEU D 303 30.78 52.55 -0.41
N LEU D 304 31.18 52.06 0.77
CA LEU D 304 31.72 50.72 0.86
C LEU D 304 30.64 49.67 0.67
N VAL D 305 29.40 49.98 1.06
CA VAL D 305 28.29 49.08 0.77
C VAL D 305 28.13 48.91 -0.74
N GLY D 306 28.16 50.01 -1.49
CA GLY D 306 28.10 49.90 -2.94
C GLY D 306 29.29 49.16 -3.52
N GLN D 307 30.47 49.40 -2.96
CA GLN D 307 31.65 48.66 -3.41
C GLN D 307 31.46 47.15 -3.23
N HIS D 308 30.97 46.75 -2.05
CA HIS D 308 30.76 45.33 -1.78
C HIS D 308 29.66 44.76 -2.65
N VAL D 309 28.60 45.54 -2.90
CA VAL D 309 27.53 45.08 -3.78
C VAL D 309 28.08 44.82 -5.18
N LEU D 310 28.89 45.75 -5.69
CA LEU D 310 29.47 45.57 -7.02
C LEU D 310 30.38 44.34 -7.07
N LYS D 311 31.22 44.16 -6.06
CA LYS D 311 32.16 43.04 -6.09
C LYS D 311 31.48 41.70 -5.81
N TRP D 312 30.35 41.71 -5.12
CA TRP D 312 29.67 40.48 -4.73
C TRP D 312 28.65 40.04 -5.77
N ILE D 313 28.05 40.98 -6.50
CA ILE D 313 27.10 40.60 -7.54
C ILE D 313 27.79 40.00 -8.76
N ASP D 314 29.10 40.20 -8.89
CA ASP D 314 29.87 39.62 -9.98
C ASP D 314 30.61 38.34 -9.56
N LYS D 315 30.27 37.79 -8.40
CA LYS D 315 30.88 36.56 -7.91
C LYS D 315 32.39 36.70 -7.76
N LYS D 316 32.83 37.84 -7.23
CA LYS D 316 34.25 38.13 -7.04
C LYS D 316 34.61 38.27 -5.56
N CYS D 317 33.79 37.68 -4.69
CA CYS D 317 34.03 37.72 -3.25
C CYS D 317 34.52 36.38 -2.70
N GLY D 318 34.88 35.44 -3.57
CA GLY D 318 35.41 34.17 -3.09
C GLY D 318 34.34 33.32 -2.47
N LYS D 319 34.65 32.76 -1.29
CA LYS D 319 33.75 31.85 -0.61
C LYS D 319 32.61 32.56 0.09
N LYS D 320 32.74 33.86 0.38
CA LYS D 320 31.70 34.62 1.07
C LYS D 320 30.73 35.17 0.02
N ASN D 321 29.76 34.32 -0.33
CA ASN D 321 28.81 34.60 -1.40
C ASN D 321 27.51 35.24 -0.91
N THR D 322 27.35 35.43 0.40
CA THR D 322 26.06 35.80 0.97
C THR D 322 26.12 37.20 1.58
N LEU D 323 24.98 37.90 1.49
CA LEU D 323 24.80 39.20 2.13
C LEU D 323 23.56 39.11 3.00
N TRP D 324 23.72 39.37 4.30
CA TRP D 324 22.66 39.17 5.29
C TRP D 324 22.32 40.50 5.94
N PHE D 325 21.03 40.83 5.95
CA PHE D 325 20.52 42.01 6.66
C PHE D 325 19.70 41.54 7.85
N TYR D 326 19.98 42.13 9.02
CA TYR D 326 19.34 41.70 10.25
C TYR D 326 19.11 42.92 11.14
N GLY D 327 17.90 43.02 11.71
CA GLY D 327 17.57 44.09 12.61
C GLY D 327 16.15 44.04 13.12
N PRO D 328 15.73 44.87 14.11
CA PRO D 328 14.35 44.89 14.63
C PRO D 328 13.30 45.42 13.68
N PRO D 329 12.00 45.25 13.90
CA PRO D 329 10.99 45.62 12.89
C PRO D 329 11.05 47.02 12.22
N SER D 330 10.22 47.31 11.21
CA SER D 330 10.29 48.54 10.36
C SER D 330 11.59 49.35 10.37
N THR D 331 12.76 48.73 10.31
CA THR D 331 14.03 49.45 10.13
C THR D 331 14.27 49.65 8.61
N GLY D 332 13.76 48.76 7.73
CA GLY D 332 13.83 48.93 6.26
C GLY D 332 14.76 47.93 5.60
N LYS D 333 14.54 46.61 5.81
CA LYS D 333 15.52 45.61 5.26
C LYS D 333 15.00 45.02 3.95
N THR D 334 13.72 44.76 3.85
CA THR D 334 13.12 44.33 2.58
C THR D 334 13.13 45.44 1.53
N ASN D 335 12.63 46.64 1.76
CA ASN D 335 12.73 47.77 0.80
C ASN D 335 14.13 47.86 0.16
N LEU D 336 15.23 47.85 0.90
CA LEU D 336 16.54 47.95 0.22
C LEU D 336 16.85 46.69 -0.58
N ALA D 337 16.47 45.50 -0.14
CA ALA D 337 16.92 44.29 -0.82
C ALA D 337 16.03 44.03 -2.00
N MET D 338 14.81 44.50 -1.98
CA MET D 338 13.89 44.20 -3.08
C MET D 338 14.02 45.33 -4.09
N ALA D 339 14.95 46.24 -3.87
CA ALA D 339 15.21 47.30 -4.86
C ALA D 339 16.40 46.77 -5.60
N ILE D 340 17.31 46.17 -4.89
CA ILE D 340 18.44 45.51 -5.53
C ILE D 340 17.96 44.36 -6.41
N ALA D 341 16.94 43.63 -5.95
CA ALA D 341 16.40 42.52 -6.75
C ALA D 341 15.75 43.02 -8.03
N LYS D 342 15.07 44.16 -7.98
CA LYS D 342 14.44 44.74 -9.17
C LYS D 342 15.44 45.45 -10.07
N SER D 343 16.64 45.76 -9.58
CA SER D 343 17.65 46.37 -10.43
C SER D 343 18.37 45.35 -11.30
N VAL D 344 18.38 44.07 -10.91
CA VAL D 344 19.06 43.04 -11.69
C VAL D 344 18.09 42.49 -12.72
N PRO D 345 18.58 41.85 -13.81
CA PRO D 345 17.67 41.32 -14.83
C PRO D 345 16.66 40.30 -14.30
N VAL D 346 17.15 39.23 -13.68
CA VAL D 346 16.32 38.13 -13.22
C VAL D 346 16.66 37.83 -11.77
N TYR D 347 15.64 37.59 -10.95
CA TYR D 347 15.83 37.25 -9.55
C TYR D 347 14.81 36.20 -9.15
N GLY D 348 15.16 35.42 -8.12
CA GLY D 348 14.29 34.39 -7.62
C GLY D 348 14.11 34.49 -6.12
N MET D 349 12.95 34.03 -5.66
CA MET D 349 12.58 34.07 -4.25
C MET D 349 12.59 32.66 -3.66
N VAL D 350 13.25 32.50 -2.51
CA VAL D 350 13.17 31.25 -1.78
C VAL D 350 11.76 31.00 -1.26
N ASN D 351 10.98 32.06 -1.06
CA ASN D 351 9.62 31.92 -0.54
C ASN D 351 8.67 31.30 -1.55
N TRP D 352 8.88 31.57 -2.85
CA TRP D 352 7.99 31.01 -3.87
C TRP D 352 8.12 29.50 -3.96
N ASN D 353 9.32 28.98 -3.76
CA ASN D 353 9.58 27.56 -3.94
C ASN D 353 8.86 26.73 -2.88
N ASN D 354 8.84 25.42 -3.11
CA ASN D 354 8.19 24.50 -2.18
C ASN D 354 8.94 24.47 -0.85
N GLU D 355 8.20 24.21 0.23
CA GLU D 355 8.80 24.20 1.55
C GLU D 355 9.83 23.09 1.72
N ASN D 356 9.72 22.01 0.94
CA ASN D 356 10.69 20.92 1.00
C ASN D 356 11.81 21.08 -0.01
N PHE D 357 11.61 21.86 -1.07
CA PHE D 357 12.64 22.11 -2.09
C PHE D 357 12.74 23.61 -2.27
N PRO D 358 13.51 24.30 -1.44
CA PRO D 358 13.59 25.76 -1.54
C PRO D 358 14.58 26.28 -2.57
N PHE D 359 15.34 25.40 -3.23
CA PHE D 359 16.38 25.80 -4.16
C PHE D 359 16.13 25.24 -5.55
N ASN D 360 14.88 25.36 -6.03
CA ASN D 360 14.55 24.86 -7.36
C ASN D 360 15.09 25.79 -8.45
N ASP D 361 14.62 27.05 -8.45
CA ASP D 361 15.02 28.02 -9.47
C ASP D 361 16.35 28.63 -9.07
N VAL D 362 17.44 27.97 -9.48
CA VAL D 362 18.78 28.46 -9.21
C VAL D 362 19.50 28.69 -10.54
N ALA D 363 19.12 27.92 -11.56
CA ALA D 363 19.73 28.07 -12.87
C ALA D 363 19.17 29.28 -13.59
N GLY D 364 20.04 30.01 -14.27
CA GLY D 364 19.62 31.19 -15.01
C GLY D 364 19.09 32.31 -14.16
N LYS D 365 19.71 32.56 -13.01
CA LYS D 365 19.30 33.63 -12.11
C LYS D 365 20.48 34.53 -11.80
N SER D 366 20.20 35.82 -11.62
CA SER D 366 21.21 36.78 -11.22
C SER D 366 21.27 36.99 -9.71
N LEU D 367 20.17 36.74 -9.00
CA LEU D 367 20.11 36.96 -7.57
C LEU D 367 19.05 36.04 -6.97
N VAL D 368 19.28 35.64 -5.73
CA VAL D 368 18.32 34.82 -4.97
C VAL D 368 18.00 35.57 -3.68
N VAL D 369 16.70 35.76 -3.42
CA VAL D 369 16.24 36.56 -2.30
C VAL D 369 15.56 35.63 -1.29
N TRP D 370 15.97 35.74 -0.03
CA TRP D 370 15.36 34.99 1.07
C TRP D 370 14.80 36.00 2.06
N ASP D 371 13.48 35.98 2.26
CA ASP D 371 12.80 36.95 3.10
C ASP D 371 12.39 36.31 4.42
N GLU D 372 12.74 36.98 5.53
CA GLU D 372 12.44 36.53 6.90
C GLU D 372 12.58 35.02 7.05
N GLY D 373 13.73 34.50 6.62
CA GLY D 373 13.96 33.08 6.57
C GLY D 373 14.66 32.52 7.79
N ILE D 374 14.54 31.20 7.94
CA ILE D 374 15.19 30.45 9.02
C ILE D 374 15.67 29.13 8.45
N ILE D 375 16.82 28.66 8.95
CA ILE D 375 17.48 27.47 8.42
C ILE D 375 17.16 26.28 9.32
N LYS D 376 16.70 25.20 8.72
CA LYS D 376 16.42 23.95 9.43
C LYS D 376 17.60 22.99 9.30
N SER D 377 17.57 21.94 10.13
CA SER D 377 18.63 20.93 10.10
C SER D 377 18.50 20.00 8.90
N THR D 378 17.29 19.84 8.36
CA THR D 378 17.10 18.91 7.24
C THR D 378 17.68 19.44 5.94
N ILE D 379 17.71 20.77 5.78
CA ILE D 379 18.21 21.39 4.55
C ILE D 379 19.55 22.10 4.79
N VAL D 380 20.24 21.77 5.88
CA VAL D 380 21.45 22.50 6.23
C VAL D 380 22.57 22.23 5.23
N GLU D 381 22.65 21.02 4.69
CA GLU D 381 23.70 20.71 3.72
C GLU D 381 23.48 21.44 2.40
N ALA D 382 22.24 21.41 1.90
CA ALA D 382 21.91 22.16 0.70
C ALA D 382 22.06 23.66 0.93
N ALA D 383 21.70 24.14 2.12
CA ALA D 383 21.87 25.55 2.45
C ALA D 383 23.34 25.93 2.43
N LYS D 384 24.21 25.08 2.97
CA LYS D 384 25.64 25.34 2.91
C LYS D 384 26.15 25.33 1.47
N ALA D 385 25.68 24.38 0.67
CA ALA D 385 26.14 24.29 -0.71
C ALA D 385 25.76 25.52 -1.53
N ILE D 386 24.49 25.88 -1.51
CA ILE D 386 24.04 27.03 -2.29
C ILE D 386 24.52 28.34 -1.66
N LEU D 387 24.78 28.33 -0.35
CA LEU D 387 25.00 29.56 0.39
C LEU D 387 26.41 30.09 0.23
N GLY D 388 27.36 29.25 -0.18
CA GLY D 388 28.73 29.66 -0.41
C GLY D 388 29.18 29.66 -1.85
N GLY D 389 28.27 29.56 -2.81
CA GLY D 389 28.63 29.56 -4.21
C GLY D 389 29.02 28.21 -4.78
N GLN D 390 28.86 27.13 -4.01
CA GLN D 390 29.21 25.82 -4.54
C GLN D 390 28.03 25.22 -5.31
N PRO D 391 28.27 24.80 -6.55
CA PRO D 391 27.18 24.21 -7.34
C PRO D 391 26.74 22.85 -6.81
N THR D 392 25.50 22.51 -7.11
CA THR D 392 24.95 21.22 -6.73
C THR D 392 25.41 20.13 -7.70
N ARG D 393 25.26 18.88 -7.27
CA ARG D 393 25.68 17.75 -8.11
C ARG D 393 24.75 17.58 -9.31
N VAL D 394 23.47 17.90 -9.16
CA VAL D 394 22.53 17.77 -10.26
C VAL D 394 22.87 18.72 -11.40
N ASP D 395 23.46 19.88 -11.10
CA ASP D 395 23.91 20.80 -12.14
C ASP D 395 25.28 20.44 -12.69
N GLN D 396 26.15 19.84 -11.86
CA GLN D 396 27.42 19.34 -12.36
C GLN D 396 27.24 18.18 -13.32
N LYS D 397 26.22 17.36 -13.09
CA LYS D 397 25.93 16.23 -13.96
C LYS D 397 25.48 16.70 -15.34
N MET D 398 24.66 17.75 -15.40
CA MET D 398 24.13 18.22 -16.67
C MET D 398 25.22 18.79 -17.57
N ARG D 399 26.19 19.51 -16.99
CA ARG D 399 27.26 20.12 -17.77
C ARG D 399 28.48 19.22 -17.90
N GLY D 400 28.76 18.39 -16.90
CA GLY D 400 29.91 17.50 -16.97
C GLY D 400 31.25 18.22 -16.99
N SER D 401 31.34 19.37 -16.32
CA SER D 401 32.58 20.12 -16.23
C SER D 401 32.91 20.65 -14.85
N VAL D 402 32.00 20.49 -13.87
CA VAL D 402 32.12 20.81 -12.44
C VAL D 402 32.43 22.29 -12.21
N ALA D 403 31.85 22.84 -11.13
CA ALA D 403 32.07 24.24 -10.72
C ALA D 403 31.72 25.21 -11.84
N VAL D 404 30.56 24.98 -12.47
CA VAL D 404 30.14 25.79 -13.61
C VAL D 404 29.57 27.13 -13.16
N PRO D 405 28.57 27.19 -12.25
CA PRO D 405 27.92 28.48 -12.00
C PRO D 405 28.15 29.04 -10.60
N GLY D 406 27.09 29.15 -9.83
CA GLY D 406 27.07 29.81 -8.53
C GLY D 406 26.33 31.12 -8.64
N VAL D 407 25.47 31.39 -7.66
CA VAL D 407 24.61 32.59 -7.71
C VAL D 407 24.64 33.29 -6.35
N PRO D 408 24.74 34.61 -6.31
CA PRO D 408 24.68 35.33 -5.03
C PRO D 408 23.33 35.17 -4.36
N VAL D 409 23.35 35.19 -3.03
CA VAL D 409 22.15 35.07 -2.21
C VAL D 409 22.09 36.24 -1.24
N VAL D 410 20.89 36.78 -1.02
CA VAL D 410 20.66 37.83 -0.05
C VAL D 410 19.60 37.34 0.93
N ILE D 411 19.87 37.51 2.23
CA ILE D 411 19.02 36.97 3.29
C ILE D 411 18.61 38.11 4.22
N THR D 412 17.33 38.11 4.61
CA THR D 412 16.79 39.04 5.60
C THR D 412 16.11 38.23 6.69
N SER D 413 16.30 38.66 7.95
CA SER D 413 15.71 37.93 9.06
C SER D 413 15.59 38.85 10.27
N ASN D 414 14.65 38.51 11.15
CA ASN D 414 14.47 39.21 12.42
C ASN D 414 15.23 38.59 13.57
N GLY D 415 15.89 37.44 13.36
CA GLY D 415 16.62 36.76 14.39
C GLY D 415 17.95 36.24 13.87
N ASP D 416 18.70 35.60 14.77
CA ASP D 416 19.99 35.03 14.42
C ASP D 416 19.79 33.74 13.65
N ILE D 417 20.28 33.69 12.41
CA ILE D 417 20.07 32.53 11.55
C ILE D 417 21.20 31.51 11.66
N THR D 418 22.30 31.84 12.35
CA THR D 418 23.35 30.86 12.57
C THR D 418 22.90 29.74 13.50
N PHE D 419 21.84 29.96 14.27
CA PHE D 419 21.24 28.91 15.08
C PHE D 419 20.32 28.06 14.21
N VAL D 420 20.56 26.75 14.19
CA VAL D 420 19.85 25.83 13.31
C VAL D 420 18.75 25.13 14.09
N VAL D 421 17.54 25.16 13.56
CA VAL D 421 16.40 24.50 14.20
C VAL D 421 16.48 23.00 13.93
N SER D 422 16.36 22.20 15.00
CA SER D 422 16.35 20.75 14.88
C SER D 422 15.22 20.23 15.76
N GLY D 423 14.22 19.64 15.14
CA GLY D 423 13.06 19.16 15.89
C GLY D 423 12.37 20.31 16.59
N ASN D 424 12.24 20.20 17.91
CA ASN D 424 11.66 21.25 18.74
C ASN D 424 12.72 22.07 19.47
N THR D 425 14.00 21.88 19.14
CA THR D 425 15.08 22.56 19.84
C THR D 425 15.96 23.28 18.82
N THR D 426 17.01 23.93 19.32
CA THR D 426 17.92 24.71 18.50
C THR D 426 19.36 24.33 18.81
N THR D 427 20.13 24.05 17.77
CA THR D 427 21.54 23.69 17.90
C THR D 427 22.41 24.77 17.27
N THR D 428 23.69 24.77 17.67
CA THR D 428 24.64 25.78 17.21
C THR D 428 25.93 25.15 16.68
N VAL D 429 25.89 23.87 16.29
CA VAL D 429 27.09 23.22 15.78
C VAL D 429 27.45 23.71 14.39
N HIS D 430 26.53 24.33 13.67
CA HIS D 430 26.77 24.79 12.31
C HIS D 430 27.11 26.26 12.23
N ALA D 431 27.22 26.95 13.37
CA ALA D 431 27.47 28.40 13.35
C ALA D 431 28.83 28.71 12.74
N LYS D 432 29.85 27.92 13.05
CA LYS D 432 31.20 28.20 12.57
C LYS D 432 31.27 28.16 11.05
N ALA D 433 30.66 27.13 10.44
CA ALA D 433 30.70 27.02 8.99
C ALA D 433 29.82 28.09 8.34
N LEU D 434 28.67 28.39 8.93
CA LEU D 434 27.78 29.39 8.36
C LEU D 434 28.41 30.78 8.38
N LYS D 435 29.14 31.11 9.45
CA LYS D 435 29.75 32.42 9.56
C LYS D 435 30.82 32.65 8.49
N GLU D 436 31.42 31.56 7.99
CA GLU D 436 32.48 31.68 6.98
C GLU D 436 31.96 32.11 5.62
N ARG D 437 30.64 32.11 5.41
CA ARG D 437 30.07 32.39 4.10
C ARG D 437 29.16 33.60 4.08
N MET D 438 29.07 34.34 5.19
CA MET D 438 28.09 35.41 5.32
C MET D 438 28.79 36.73 5.65
N VAL D 439 28.20 37.81 5.14
CA VAL D 439 28.56 39.18 5.54
C VAL D 439 27.32 39.81 6.15
N LYS D 440 27.47 40.30 7.37
CA LYS D 440 26.33 40.72 8.19
C LYS D 440 26.32 42.23 8.35
N LEU D 441 25.17 42.84 8.08
CA LEU D 441 24.94 44.26 8.32
C LEU D 441 23.87 44.40 9.40
N ASN D 442 24.18 45.20 10.42
CA ASN D 442 23.28 45.40 11.55
C ASN D 442 22.43 46.64 11.29
N PHE D 443 21.13 46.44 11.10
CA PHE D 443 20.18 47.53 10.88
C PHE D 443 19.42 47.76 12.18
N THR D 444 20.02 48.55 13.07
CA THR D 444 19.46 48.74 14.40
C THR D 444 18.61 50.00 14.52
N VAL D 445 19.03 51.12 13.93
CA VAL D 445 18.34 52.44 14.02
C VAL D 445 17.02 52.45 13.27
N ARG D 446 15.89 52.52 13.96
CA ARG D 446 14.58 52.42 13.28
C ARG D 446 14.56 53.55 12.28
N CYS D 447 13.51 53.62 11.47
CA CYS D 447 13.54 54.60 10.36
C CYS D 447 12.27 55.43 10.29
N SER D 448 12.26 56.41 9.37
CA SER D 448 11.08 57.29 9.17
C SER D 448 9.80 56.47 8.93
N PRO D 449 8.59 57.05 9.04
CA PRO D 449 7.37 56.26 8.94
C PRO D 449 6.65 56.28 7.60
N ASP D 450 7.10 57.15 6.69
CA ASP D 450 6.42 57.28 5.37
C ASP D 450 7.41 57.14 4.21
N MET D 451 8.71 57.01 4.48
CA MET D 451 9.67 56.79 3.37
C MET D 451 9.11 55.67 2.49
N GLY D 452 8.68 55.96 1.27
CA GLY D 452 8.03 54.92 0.45
C GLY D 452 9.02 53.91 -0.10
N LEU D 453 8.69 53.29 -1.22
CA LEU D 453 9.59 52.30 -1.86
C LEU D 453 10.88 52.97 -2.30
N LEU D 454 12.00 52.32 -2.02
CA LEU D 454 13.30 52.78 -2.54
C LEU D 454 13.28 52.24 -3.97
N THR D 455 13.88 52.93 -4.96
CA THR D 455 13.65 52.56 -6.40
C THR D 455 14.88 52.14 -7.21
N GLU D 456 14.63 51.42 -8.33
CA GLU D 456 15.71 50.98 -9.25
C GLU D 456 16.54 52.20 -9.67
N ALA D 457 15.86 53.31 -9.96
CA ALA D 457 16.67 54.44 -10.42
C ALA D 457 17.61 54.92 -9.33
N ASP D 458 17.15 54.94 -8.07
CA ASP D 458 18.01 55.31 -6.96
C ASP D 458 19.16 54.32 -6.81
N VAL D 459 18.88 53.02 -6.97
CA VAL D 459 19.92 52.01 -6.88
C VAL D 459 20.96 52.22 -7.97
N GLN D 460 20.50 52.45 -9.21
CA GLN D 460 21.43 52.65 -10.31
C GLN D 460 22.28 53.90 -10.09
N GLN D 461 21.67 54.98 -9.62
CA GLN D 461 22.42 56.20 -9.35
C GLN D 461 23.46 55.98 -8.27
N TRP D 462 23.08 55.30 -7.18
CA TRP D 462 24.01 55.07 -6.08
C TRP D 462 25.18 54.20 -6.51
N LEU D 463 24.90 53.12 -7.25
CA LEU D 463 25.97 52.24 -7.70
C LEU D 463 26.87 52.96 -8.72
N THR D 464 26.29 53.75 -9.61
CA THR D 464 27.10 54.49 -10.58
C THR D 464 28.02 55.49 -9.87
N TRP D 465 27.50 56.19 -8.86
CA TRP D 465 28.33 57.10 -8.09
C TRP D 465 29.43 56.36 -7.35
N CYS D 466 29.11 55.21 -6.76
CA CYS D 466 30.12 54.45 -6.01
C CYS D 466 31.22 53.94 -6.93
N ASN D 467 30.86 53.49 -8.14
CA ASN D 467 31.86 52.91 -9.04
C ASN D 467 32.88 53.94 -9.52
N ALA D 468 32.55 55.24 -9.46
CA ALA D 468 33.46 56.25 -9.98
C ALA D 468 34.65 56.47 -9.07
N GLN D 469 34.45 56.42 -7.75
CA GLN D 469 35.51 56.73 -6.81
C GLN D 469 36.54 55.61 -6.75
N SER D 470 37.52 55.78 -5.85
CA SER D 470 38.64 54.86 -5.77
C SER D 470 38.22 53.53 -5.16
N TRP D 471 39.11 52.54 -5.29
CA TRP D 471 38.86 51.19 -4.81
C TRP D 471 39.90 50.76 -3.77
N ASP D 472 40.67 51.71 -3.22
CA ASP D 472 41.67 51.37 -2.22
C ASP D 472 41.06 51.08 -0.85
N HIS D 473 39.91 51.70 -0.55
CA HIS D 473 39.25 51.44 0.72
C HIS D 473 38.72 50.01 0.78
N TYR D 474 38.34 49.45 -0.37
CA TYR D 474 37.83 48.09 -0.40
C TYR D 474 38.95 47.06 -0.56
N GLU D 475 40.02 47.41 -1.27
CA GLU D 475 41.05 46.44 -1.62
C GLU D 475 41.77 45.91 -0.39
N ASN D 476 42.10 46.80 0.56
CA ASN D 476 42.82 46.36 1.74
C ASN D 476 41.96 45.43 2.60
N TRP D 477 40.66 45.73 2.74
CA TRP D 477 39.78 44.88 3.52
C TRP D 477 39.55 43.54 2.81
N ALA D 478 39.52 43.55 1.47
CA ALA D 478 39.22 42.33 0.72
C ALA D 478 40.29 41.25 0.88
N ILE D 479 41.46 41.60 1.40
CA ILE D 479 42.50 40.58 1.63
C ILE D 479 42.02 39.59 2.68
N ASN D 480 41.42 40.06 3.76
CA ASN D 480 40.86 39.20 4.81
C ASN D 480 39.48 39.75 5.18
N TYR D 481 38.44 39.16 4.59
CA TYR D 481 37.09 39.61 4.87
C TYR D 481 36.69 39.29 6.31
N THR D 482 35.80 40.11 6.85
CA THR D 482 35.27 39.94 8.20
C THR D 482 33.82 39.51 8.14
N PHE D 483 33.37 38.83 9.20
CA PHE D 483 32.00 38.36 9.26
C PHE D 483 31.01 39.52 9.29
N ASP D 484 31.33 40.58 10.03
CA ASP D 484 30.48 41.75 10.13
C ASP D 484 31.04 42.90 9.31
N PHE D 485 30.14 43.73 8.80
CA PHE D 485 30.54 44.88 7.98
C PHE D 485 30.98 46.04 8.87
N PRO D 486 32.16 46.61 8.64
CA PRO D 486 32.62 47.72 9.49
C PRO D 486 31.71 48.93 9.39
N GLY D 487 31.63 49.67 10.50
CA GLY D 487 30.81 50.86 10.58
C GLY D 487 31.52 52.09 10.02
N ILE D 488 30.85 53.24 10.19
CA ILE D 488 31.40 54.50 9.68
C ILE D 488 32.72 54.81 10.35
N ASN D 489 33.74 55.10 9.55
CA ASN D 489 35.03 55.57 10.03
C ASN D 489 35.23 56.99 9.50
N ALA D 490 35.06 57.97 10.37
CA ALA D 490 35.17 59.37 9.97
C ALA D 490 36.59 59.75 9.53
N ASP D 491 37.59 58.95 9.87
CA ASP D 491 38.95 59.22 9.42
C ASP D 491 39.13 59.00 7.92
N ALA D 492 38.29 58.17 7.31
CA ALA D 492 38.40 57.86 5.89
C ALA D 492 37.10 58.12 5.13
N LEU D 493 36.19 58.89 5.72
CA LEU D 493 34.96 59.23 5.02
C LEU D 493 35.27 60.11 3.80
N HIS D 494 34.50 59.91 2.73
CA HIS D 494 34.76 60.65 1.50
C HIS D 494 34.43 62.12 1.70
N PRO D 495 35.26 63.04 1.18
CA PRO D 495 34.98 64.48 1.28
C PRO D 495 33.55 64.86 0.94
N ASP D 496 32.98 64.24 -0.10
CA ASP D 496 31.62 64.58 -0.51
C ASP D 496 30.61 64.25 0.58
N LEU D 497 30.77 63.09 1.22
CA LEU D 497 29.82 62.67 2.25
C LEU D 497 29.96 63.45 3.54
N GLN D 498 31.02 64.22 3.71
CA GLN D 498 31.23 65.02 4.90
C GLN D 498 30.12 66.06 5.08
N VAL E 201 35.36 -3.54 -46.02
CA VAL E 201 34.00 -3.38 -46.51
C VAL E 201 33.88 -2.13 -47.36
N VAL E 202 33.33 -2.29 -48.56
CA VAL E 202 33.16 -1.15 -49.47
C VAL E 202 32.03 -0.28 -48.94
N PRO E 203 32.26 1.02 -48.74
CA PRO E 203 31.20 1.89 -48.22
C PRO E 203 30.04 2.01 -49.20
N PHE E 204 28.85 2.25 -48.65
CA PHE E 204 27.67 2.42 -49.48
C PHE E 204 27.82 3.63 -50.38
N ASN E 205 27.34 3.50 -51.62
CA ASN E 205 27.51 4.55 -52.63
C ASN E 205 26.39 5.58 -52.56
N GLY E 206 26.18 6.15 -51.38
CA GLY E 206 25.21 7.21 -51.24
C GLY E 206 25.81 8.57 -51.60
N LYS E 207 24.94 9.50 -51.95
CA LYS E 207 25.34 10.85 -52.31
C LYS E 207 24.52 11.85 -51.52
N GLY E 208 25.20 12.79 -50.88
CA GLY E 208 24.54 13.79 -50.05
C GLY E 208 24.35 15.12 -50.77
N THR E 209 23.46 15.93 -50.22
CA THR E 209 23.18 17.25 -50.76
C THR E 209 24.08 18.28 -50.08
N LYS E 210 23.81 19.57 -50.29
CA LYS E 210 24.58 20.61 -49.63
C LYS E 210 24.39 20.57 -48.13
N ALA E 211 23.15 20.32 -47.68
CA ALA E 211 22.87 20.28 -46.25
C ALA E 211 23.64 19.16 -45.56
N SER E 212 23.74 17.99 -46.20
CA SER E 212 24.46 16.88 -45.59
C SER E 212 25.94 17.19 -45.43
N ILE E 213 26.55 17.79 -46.45
CA ILE E 213 27.96 18.13 -46.37
C ILE E 213 28.18 19.22 -45.33
N LYS E 214 27.26 20.19 -45.25
CA LYS E 214 27.35 21.22 -44.21
C LYS E 214 27.27 20.61 -42.82
N PHE E 215 26.36 19.65 -42.63
CA PHE E 215 26.24 18.98 -41.34
C PHE E 215 27.50 18.20 -40.99
N GLN E 216 28.09 17.52 -41.98
CA GLN E 216 29.32 16.78 -41.73
C GLN E 216 30.47 17.73 -41.37
N THR E 217 30.55 18.88 -42.06
CA THR E 217 31.56 19.87 -41.73
C THR E 217 31.36 20.42 -40.32
N MET E 218 30.11 20.64 -39.93
CA MET E 218 29.83 21.10 -38.57
C MET E 218 30.24 20.05 -37.54
N VAL E 219 29.99 18.77 -37.82
CA VAL E 219 30.40 17.71 -36.90
C VAL E 219 31.91 17.68 -36.78
N ASN E 220 32.62 17.81 -37.91
CA ASN E 220 34.08 17.85 -37.86
C ASN E 220 34.58 19.05 -37.07
N TRP E 221 33.94 20.22 -37.24
CA TRP E 221 34.32 21.40 -36.48
C TRP E 221 34.10 21.18 -34.98
N LEU E 222 32.98 20.57 -34.61
CA LEU E 222 32.72 20.28 -33.20
C LEU E 222 33.79 19.34 -32.63
N CYS E 223 34.16 18.32 -33.40
CA CYS E 223 35.16 17.37 -32.92
C CYS E 223 36.54 18.01 -32.78
N GLU E 224 36.92 18.85 -33.75
CA GLU E 224 38.26 19.43 -33.74
C GLU E 224 38.45 20.38 -32.56
N ASN E 225 37.45 21.20 -32.25
CA ASN E 225 37.58 22.24 -31.24
C ASN E 225 37.19 21.77 -29.85
N ARG E 226 37.00 20.46 -29.65
CA ARG E 226 36.71 19.88 -28.34
C ARG E 226 35.44 20.48 -27.73
N VAL E 227 34.41 20.64 -28.54
CA VAL E 227 33.11 21.11 -28.08
C VAL E 227 32.19 19.91 -28.01
N PHE E 228 31.80 19.52 -26.79
CA PHE E 228 30.98 18.34 -26.59
C PHE E 228 29.73 18.59 -25.74
N THR E 229 29.49 19.83 -25.34
CA THR E 229 28.31 20.17 -24.55
C THR E 229 27.66 21.42 -25.12
N GLU E 230 26.38 21.62 -24.79
CA GLU E 230 25.67 22.80 -25.25
C GLU E 230 26.23 24.07 -24.62
N ASP E 231 26.59 24.01 -23.34
CA ASP E 231 27.14 25.19 -22.67
C ASP E 231 28.47 25.60 -23.30
N LYS E 232 29.32 24.61 -23.62
CA LYS E 232 30.58 24.93 -24.30
C LYS E 232 30.34 25.54 -25.67
N TRP E 233 29.34 25.04 -26.39
CA TRP E 233 29.00 25.60 -27.69
C TRP E 233 28.54 27.05 -27.57
N LYS E 234 27.69 27.34 -26.57
CA LYS E 234 27.24 28.71 -26.37
C LYS E 234 28.41 29.62 -25.97
N LEU E 235 29.31 29.12 -25.12
CA LEU E 235 30.43 29.94 -24.68
C LEU E 235 31.40 30.23 -25.83
N VAL E 236 31.66 29.24 -26.68
CA VAL E 236 32.67 29.39 -27.72
C VAL E 236 32.12 30.13 -28.93
N ASP E 237 30.94 29.71 -29.42
CA ASP E 237 30.35 30.28 -30.62
C ASP E 237 28.86 30.49 -30.38
N PHE E 238 28.50 31.68 -29.90
CA PHE E 238 27.09 31.99 -29.65
C PHE E 238 26.34 32.31 -30.94
N ASN E 239 27.05 32.82 -31.96
CA ASN E 239 26.39 33.20 -33.20
C ASN E 239 25.84 31.98 -33.94
N GLN E 240 26.67 30.95 -34.12
CA GLN E 240 26.23 29.74 -34.80
C GLN E 240 25.11 29.06 -34.04
N TYR E 241 25.22 29.00 -32.70
CA TYR E 241 24.17 28.40 -31.89
C TYR E 241 22.86 29.16 -32.04
N THR E 242 22.92 30.50 -32.03
CA THR E 242 21.71 31.31 -32.16
C THR E 242 21.06 31.11 -33.54
N LEU E 243 21.87 31.09 -34.60
CA LEU E 243 21.32 30.85 -35.92
C LEU E 243 20.72 29.45 -36.05
N LEU E 244 21.37 28.45 -35.44
CA LEU E 244 20.87 27.09 -35.53
C LEU E 244 19.56 26.91 -34.77
N SER E 245 19.45 27.52 -33.59
CA SER E 245 18.29 27.31 -32.73
C SER E 245 17.09 28.17 -33.16
N SER E 246 17.09 28.68 -34.39
CA SER E 246 15.98 29.48 -34.89
C SER E 246 14.82 28.64 -35.40
N SER E 247 15.00 27.33 -35.61
CA SER E 247 13.96 26.49 -36.17
C SER E 247 14.11 25.08 -35.60
N HIS E 248 13.09 24.25 -35.88
CA HIS E 248 13.11 22.87 -35.40
C HIS E 248 14.26 22.07 -36.01
N SER E 249 14.53 22.28 -37.30
CA SER E 249 15.58 21.51 -37.98
C SER E 249 16.94 21.78 -37.37
N GLY E 250 17.25 23.06 -37.11
CA GLY E 250 18.53 23.38 -36.49
C GLY E 250 18.64 22.85 -35.08
N SER E 251 17.55 22.89 -34.32
CA SER E 251 17.56 22.34 -32.97
C SER E 251 17.83 20.84 -32.99
N PHE E 252 17.21 20.13 -33.93
CA PHE E 252 17.51 18.70 -34.09
C PHE E 252 18.96 18.48 -34.49
N GLN E 253 19.46 19.30 -35.40
CA GLN E 253 20.83 19.15 -35.88
C GLN E 253 21.86 19.39 -34.79
N ILE E 254 21.56 20.30 -33.86
CA ILE E 254 22.49 20.56 -32.76
C ILE E 254 22.73 19.29 -31.95
N GLN E 255 21.64 18.64 -31.52
CA GLN E 255 21.76 17.42 -30.73
C GLN E 255 22.38 16.29 -31.55
N SER E 256 21.98 16.15 -32.81
CA SER E 256 22.54 15.09 -33.65
C SER E 256 24.05 15.25 -33.82
N ALA E 257 24.50 16.48 -34.10
CA ALA E 257 25.91 16.74 -34.28
C ALA E 257 26.68 16.53 -32.98
N LEU E 258 26.10 16.94 -31.85
CA LEU E 258 26.77 16.72 -30.57
C LEU E 258 26.95 15.23 -30.30
N LYS E 259 25.90 14.44 -30.53
CA LYS E 259 26.01 13.00 -30.32
C LYS E 259 27.05 12.37 -31.25
N LEU E 260 27.04 12.77 -32.53
CA LEU E 260 28.00 12.22 -33.47
C LEU E 260 29.44 12.59 -33.09
N ALA E 261 29.65 13.83 -32.67
CA ALA E 261 30.99 14.26 -32.26
C ALA E 261 31.45 13.51 -31.01
N ILE E 262 30.55 13.30 -30.05
CA ILE E 262 30.90 12.55 -28.85
C ILE E 262 31.29 11.12 -29.22
N TYR E 263 30.49 10.48 -30.09
CA TYR E 263 30.82 9.11 -30.50
C TYR E 263 32.15 9.05 -31.21
N LYS E 264 32.41 10.00 -32.11
CA LYS E 264 33.67 10.00 -32.84
C LYS E 264 34.85 10.22 -31.90
N ALA E 265 34.68 11.07 -30.89
CA ALA E 265 35.78 11.35 -29.97
C ALA E 265 36.07 10.17 -29.05
N THR E 266 35.02 9.46 -28.61
CA THR E 266 35.23 8.41 -27.63
C THR E 266 35.47 7.03 -28.23
N ASN E 267 35.00 6.77 -29.44
CA ASN E 267 35.09 5.42 -30.02
C ASN E 267 36.01 5.35 -31.24
N LEU E 268 35.81 6.22 -32.23
CA LEU E 268 36.54 6.08 -33.49
C LEU E 268 37.94 6.68 -33.44
N VAL E 269 38.28 7.46 -32.41
CA VAL E 269 39.58 8.11 -32.30
C VAL E 269 40.21 7.66 -30.99
N PRO E 270 41.46 7.20 -30.99
CA PRO E 270 42.11 6.85 -29.72
C PRO E 270 42.23 8.07 -28.82
N THR E 271 42.07 7.83 -27.51
CA THR E 271 42.14 8.93 -26.54
C THR E 271 43.55 9.49 -26.43
N SER E 272 44.57 8.65 -26.67
CA SER E 272 45.95 9.11 -26.55
C SER E 272 46.24 10.23 -27.53
N THR E 273 45.65 10.17 -28.73
CA THR E 273 45.85 11.24 -29.72
C THR E 273 45.27 12.57 -29.25
N PHE E 274 44.38 12.55 -28.26
CA PHE E 274 43.86 13.79 -27.67
C PHE E 274 44.79 14.37 -26.62
N LEU E 275 45.88 13.67 -26.27
CA LEU E 275 46.81 14.12 -25.26
C LEU E 275 48.14 14.58 -25.83
N LEU E 276 48.57 14.00 -26.96
CA LEU E 276 49.84 14.37 -27.58
C LEU E 276 49.65 15.63 -28.44
N HIS E 277 49.44 16.73 -27.75
CA HIS E 277 49.23 18.02 -28.41
C HIS E 277 50.38 18.98 -28.12
N CYS E 285 64.39 20.66 -20.33
CA CYS E 285 63.08 21.32 -20.32
C CYS E 285 62.06 20.47 -19.59
N ILE E 286 62.17 19.15 -19.73
CA ILE E 286 61.24 18.25 -19.05
C ILE E 286 61.46 18.27 -17.54
N LYS E 287 62.70 18.49 -17.10
CA LYS E 287 63.01 18.45 -15.68
C LYS E 287 62.41 19.61 -14.89
N ASP E 288 61.88 20.62 -15.58
CA ASP E 288 61.27 21.78 -14.93
C ASP E 288 59.76 21.76 -15.07
N ASN E 289 59.16 20.57 -15.03
CA ASN E 289 57.72 20.41 -15.10
C ASN E 289 57.17 20.13 -13.71
N LYS E 290 55.91 20.53 -13.48
CA LYS E 290 55.29 20.30 -12.19
C LYS E 290 55.02 18.82 -11.95
N ILE E 291 54.58 18.10 -12.99
CA ILE E 291 54.26 16.68 -12.84
C ILE E 291 55.50 15.87 -12.51
N VAL E 292 56.61 16.15 -13.19
CA VAL E 292 57.82 15.35 -12.99
C VAL E 292 58.37 15.56 -11.58
N LYS E 293 58.37 16.80 -11.10
CA LYS E 293 58.86 17.06 -9.75
C LYS E 293 57.91 16.50 -8.70
N LEU E 294 56.60 16.56 -8.95
CA LEU E 294 55.63 15.99 -8.01
C LEU E 294 55.80 14.48 -7.91
N LEU E 295 56.04 13.81 -9.04
CA LEU E 295 56.26 12.37 -9.02
C LEU E 295 57.64 12.00 -8.47
N LEU E 296 58.63 12.88 -8.61
CA LEU E 296 59.94 12.62 -8.02
C LEU E 296 59.93 12.79 -6.51
N CYS E 297 59.09 13.71 -6.00
CA CYS E 297 58.95 13.84 -4.55
C CYS E 297 58.38 12.57 -3.94
N GLN E 298 57.41 11.95 -4.60
CA GLN E 298 56.78 10.73 -4.11
C GLN E 298 57.59 9.48 -4.39
N ASN E 299 58.83 9.62 -4.86
CA ASN E 299 59.74 8.49 -5.10
C ASN E 299 59.15 7.54 -6.15
N TYR E 300 58.85 8.09 -7.33
CA TYR E 300 58.35 7.31 -8.45
C TYR E 300 58.98 7.81 -9.74
N ASP E 301 59.17 6.89 -10.68
CA ASP E 301 59.80 7.24 -11.96
C ASP E 301 58.77 7.88 -12.88
N PRO E 302 58.93 9.14 -13.24
CA PRO E 302 57.91 9.80 -14.09
C PRO E 302 57.79 9.19 -15.48
N LEU E 303 58.88 8.69 -16.06
CA LEU E 303 58.82 8.15 -17.41
C LEU E 303 57.97 6.89 -17.47
N LEU E 304 58.21 5.95 -16.55
CA LEU E 304 57.42 4.73 -16.53
C LEU E 304 55.96 5.02 -16.21
N VAL E 305 55.71 5.99 -15.32
CA VAL E 305 54.35 6.38 -15.00
C VAL E 305 53.65 6.94 -16.23
N GLY E 306 54.36 7.77 -17.00
CA GLY E 306 53.78 8.32 -18.22
C GLY E 306 53.48 7.25 -19.26
N GLN E 307 54.40 6.31 -19.44
CA GLN E 307 54.15 5.22 -20.38
C GLN E 307 52.97 4.37 -19.93
N HIS E 308 52.86 4.10 -18.62
CA HIS E 308 51.74 3.33 -18.11
C HIS E 308 50.42 4.08 -18.29
N VAL E 309 50.44 5.40 -18.11
CA VAL E 309 49.24 6.20 -18.34
C VAL E 309 48.84 6.15 -19.81
N LEU E 310 49.82 6.27 -20.71
CA LEU E 310 49.52 6.23 -22.14
C LEU E 310 48.93 4.89 -22.56
N LYS E 311 49.49 3.79 -22.05
CA LYS E 311 48.96 2.47 -22.39
C LYS E 311 47.64 2.17 -21.68
N TRP E 312 47.42 2.76 -20.51
CA TRP E 312 46.23 2.46 -19.71
C TRP E 312 44.99 3.14 -20.28
N ILE E 313 45.15 4.36 -20.82
CA ILE E 313 44.01 5.12 -21.31
C ILE E 313 43.51 4.62 -22.66
N ASP E 314 44.30 3.79 -23.35
CA ASP E 314 43.89 3.18 -24.61
C ASP E 314 43.34 1.78 -24.43
N LYS E 315 43.09 1.35 -23.19
CA LYS E 315 42.58 0.02 -22.88
C LYS E 315 43.51 -1.07 -23.41
N LYS E 316 44.80 -0.88 -23.18
CA LYS E 316 45.83 -1.82 -23.59
C LYS E 316 46.56 -2.41 -22.38
N CYS E 317 45.81 -2.71 -21.33
CA CYS E 317 46.39 -3.27 -20.10
C CYS E 317 45.64 -4.51 -19.62
N GLY E 318 44.69 -5.03 -20.39
CA GLY E 318 43.95 -6.21 -20.00
C GLY E 318 43.08 -6.02 -18.78
N LYS E 319 43.29 -6.83 -17.76
CA LYS E 319 42.46 -6.78 -16.55
C LYS E 319 42.79 -5.58 -15.68
N LYS E 320 44.04 -5.09 -15.73
CA LYS E 320 44.48 -3.98 -14.89
C LYS E 320 43.99 -2.65 -15.48
N ASN E 321 42.68 -2.44 -15.36
CA ASN E 321 42.02 -1.28 -15.93
C ASN E 321 41.92 -0.11 -14.96
N THR E 322 42.31 -0.29 -13.70
CA THR E 322 42.08 0.70 -12.67
C THR E 322 43.40 1.27 -12.15
N LEU E 323 43.44 2.59 -11.98
CA LEU E 323 44.54 3.28 -11.34
C LEU E 323 44.09 3.80 -9.98
N TRP E 324 44.87 3.55 -8.94
CA TRP E 324 44.52 3.91 -7.58
C TRP E 324 45.59 4.82 -7.00
N PHE E 325 45.16 5.97 -6.47
CA PHE E 325 46.04 6.91 -5.79
C PHE E 325 45.75 6.85 -4.29
N TYR E 326 46.77 6.50 -3.51
CA TYR E 326 46.62 6.30 -2.08
C TYR E 326 47.68 7.13 -1.34
N GLY E 327 47.25 7.73 -0.23
CA GLY E 327 48.18 8.49 0.60
C GLY E 327 47.54 9.30 1.70
N PRO E 328 48.33 9.80 2.68
CA PRO E 328 47.82 10.61 3.77
C PRO E 328 47.27 11.94 3.24
N PRO E 329 46.64 12.84 4.01
CA PRO E 329 46.14 14.08 3.40
C PRO E 329 47.10 14.97 2.58
N SER E 330 46.61 16.08 2.02
CA SER E 330 47.36 16.94 1.04
C SER E 330 48.69 16.38 0.53
N THR E 331 48.70 15.30 -0.21
CA THR E 331 49.97 14.81 -0.84
C THR E 331 49.92 15.02 -2.37
N GLY E 332 48.77 15.37 -2.97
CA GLY E 332 48.65 15.72 -4.40
C GLY E 332 48.02 14.67 -5.29
N LYS E 333 46.73 14.36 -5.12
CA LYS E 333 46.06 13.26 -5.84
C LYS E 333 44.85 13.74 -6.60
N THR E 334 44.01 14.60 -6.05
CA THR E 334 42.92 15.16 -6.84
C THR E 334 43.46 16.19 -7.82
N ASN E 335 44.76 16.37 -7.86
CA ASN E 335 45.38 17.31 -8.80
C ASN E 335 46.09 16.54 -9.90
N LEU E 336 46.70 15.38 -9.65
CA LEU E 336 47.26 14.61 -10.78
C LEU E 336 46.11 13.80 -11.38
N ALA E 337 44.87 14.04 -11.00
CA ALA E 337 43.87 13.14 -11.52
C ALA E 337 42.73 13.96 -12.03
N MET E 338 42.65 15.19 -11.56
CA MET E 338 41.61 16.04 -12.16
C MET E 338 42.32 16.89 -13.20
N ALA E 339 43.62 16.71 -13.36
CA ALA E 339 44.30 17.41 -14.43
C ALA E 339 44.31 16.40 -15.54
N ILE E 340 44.60 15.17 -15.19
CA ILE E 340 44.47 14.14 -16.22
C ILE E 340 43.04 14.09 -16.76
N ALA E 341 42.05 14.23 -15.88
CA ALA E 341 40.65 14.10 -16.30
C ALA E 341 40.22 15.27 -17.18
N LYS E 342 40.78 16.46 -16.98
CA LYS E 342 40.39 17.61 -17.77
C LYS E 342 41.07 17.64 -19.14
N SER E 343 42.01 16.74 -19.41
CA SER E 343 42.67 16.68 -20.69
C SER E 343 42.01 15.73 -21.67
N VAL E 344 41.22 14.77 -21.18
CA VAL E 344 40.50 13.83 -22.04
C VAL E 344 39.28 14.54 -22.60
N PRO E 345 38.70 14.06 -23.71
CA PRO E 345 37.49 14.72 -24.26
C PRO E 345 36.35 14.81 -23.26
N VAL E 346 35.90 13.67 -22.74
CA VAL E 346 34.77 13.61 -21.81
C VAL E 346 35.17 12.77 -20.61
N TYR E 347 34.76 13.19 -19.42
CA TYR E 347 35.04 12.47 -18.18
C TYR E 347 33.79 12.49 -17.30
N GLY E 348 33.72 11.51 -16.40
CA GLY E 348 32.58 11.38 -15.52
C GLY E 348 33.03 11.18 -14.08
N MET E 349 32.09 11.44 -13.17
CA MET E 349 32.30 11.30 -11.74
C MET E 349 31.35 10.26 -11.16
N VAL E 350 31.88 9.38 -10.31
CA VAL E 350 31.03 8.51 -9.51
C VAL E 350 30.26 9.34 -8.49
N ASN E 351 30.82 10.49 -8.08
CA ASN E 351 30.17 11.32 -7.08
C ASN E 351 28.89 11.96 -7.61
N TRP E 352 28.89 12.35 -8.89
CA TRP E 352 27.70 12.99 -9.46
C TRP E 352 26.50 12.06 -9.45
N ASN E 353 26.71 10.78 -9.75
CA ASN E 353 25.62 9.82 -9.78
C ASN E 353 25.08 9.59 -8.37
N ASN E 354 23.86 9.09 -8.30
CA ASN E 354 23.21 8.87 -7.03
C ASN E 354 23.88 7.72 -6.27
N GLU E 355 23.56 7.62 -4.98
CA GLU E 355 24.22 6.64 -4.12
C GLU E 355 23.90 5.21 -4.55
N ASN E 356 22.64 4.94 -4.91
CA ASN E 356 22.24 3.57 -5.19
C ASN E 356 22.76 3.09 -6.55
N PHE E 357 22.92 4.01 -7.51
CA PHE E 357 23.39 3.65 -8.85
C PHE E 357 24.57 4.54 -9.20
N PRO E 358 25.79 4.14 -8.81
CA PRO E 358 26.98 4.96 -9.05
C PRO E 358 27.64 4.77 -10.41
N PHE E 359 27.11 3.92 -11.28
CA PHE E 359 27.71 3.62 -12.57
C PHE E 359 26.70 3.83 -13.69
N ASN E 360 26.01 4.97 -13.64
CA ASN E 360 24.94 5.23 -14.60
C ASN E 360 25.48 5.68 -15.95
N ASP E 361 26.26 6.76 -15.97
CA ASP E 361 26.70 7.39 -17.21
C ASP E 361 28.06 6.92 -17.68
N VAL E 362 28.42 5.66 -17.44
CA VAL E 362 29.72 5.14 -17.88
C VAL E 362 29.81 4.99 -19.39
N ALA E 363 28.72 5.20 -20.12
CA ALA E 363 28.71 5.09 -21.57
C ALA E 363 28.91 6.48 -22.18
N GLY E 364 29.86 6.57 -23.10
CA GLY E 364 30.17 7.84 -23.74
C GLY E 364 31.23 8.67 -23.06
N LYS E 365 32.03 8.09 -22.16
CA LYS E 365 33.07 8.81 -21.45
C LYS E 365 34.42 8.20 -21.78
N SER E 366 35.45 9.05 -21.77
CA SER E 366 36.82 8.60 -21.93
C SER E 366 37.49 8.26 -20.61
N LEU E 367 36.85 8.55 -19.49
CA LEU E 367 37.44 8.32 -18.17
C LEU E 367 36.34 8.47 -17.12
N VAL E 368 36.45 7.68 -16.06
CA VAL E 368 35.58 7.77 -14.90
C VAL E 368 36.45 8.00 -13.68
N VAL E 369 36.11 9.02 -12.89
CA VAL E 369 36.91 9.43 -11.74
C VAL E 369 36.12 9.17 -10.47
N TRP E 370 36.74 8.48 -9.51
CA TRP E 370 36.16 8.20 -8.20
C TRP E 370 36.98 8.95 -7.15
N ASP E 371 36.38 9.93 -6.51
CA ASP E 371 37.06 10.79 -5.54
C ASP E 371 36.69 10.35 -4.12
N GLU E 372 37.72 10.14 -3.30
CA GLU E 372 37.58 9.73 -1.89
C GLU E 372 36.49 8.67 -1.70
N GLY E 373 36.49 7.69 -2.61
CA GLY E 373 35.45 6.69 -2.64
C GLY E 373 35.76 5.46 -1.81
N ILE E 374 34.70 4.75 -1.45
CA ILE E 374 34.80 3.50 -0.68
C ILE E 374 33.82 2.50 -1.28
N ILE E 375 34.22 1.23 -1.30
CA ILE E 375 33.43 0.17 -1.92
C ILE E 375 32.54 -0.47 -0.88
N LYS E 376 31.24 -0.55 -1.17
CA LYS E 376 30.27 -1.22 -0.32
C LYS E 376 29.99 -2.63 -0.84
N SER E 377 29.39 -3.44 0.02
CA SER E 377 29.08 -4.82 -0.34
C SER E 377 27.86 -4.94 -1.23
N THR E 378 27.03 -3.90 -1.31
CA THR E 378 25.83 -3.95 -2.14
C THR E 378 26.11 -3.61 -3.61
N ILE E 379 27.31 -3.12 -3.92
CA ILE E 379 27.65 -2.76 -5.29
C ILE E 379 28.98 -3.41 -5.67
N VAL E 380 29.39 -4.43 -4.90
CA VAL E 380 30.71 -5.02 -5.09
C VAL E 380 30.81 -5.73 -6.43
N GLU E 381 29.72 -6.36 -6.89
CA GLU E 381 29.77 -7.08 -8.17
C GLU E 381 29.91 -6.10 -9.34
N ALA E 382 29.08 -5.05 -9.36
CA ALA E 382 29.19 -4.05 -10.41
C ALA E 382 30.53 -3.32 -10.34
N ALA E 383 31.02 -3.08 -9.13
CA ALA E 383 32.33 -2.45 -8.98
C ALA E 383 33.43 -3.33 -9.57
N LYS E 384 33.39 -4.64 -9.29
CA LYS E 384 34.36 -5.55 -9.87
C LYS E 384 34.27 -5.55 -11.39
N ALA E 385 33.04 -5.58 -11.92
CA ALA E 385 32.85 -5.60 -13.36
C ALA E 385 33.43 -4.35 -14.01
N ILE E 386 33.16 -3.18 -13.45
CA ILE E 386 33.62 -1.93 -14.07
C ILE E 386 35.13 -1.79 -13.91
N LEU E 387 35.68 -2.14 -12.74
CA LEU E 387 37.11 -2.00 -12.53
C LEU E 387 37.91 -3.02 -13.32
N GLY E 388 37.31 -4.14 -13.70
CA GLY E 388 37.96 -5.11 -14.54
C GLY E 388 37.86 -4.87 -16.02
N GLY E 389 37.21 -3.78 -16.43
CA GLY E 389 37.02 -3.50 -17.84
C GLY E 389 35.98 -4.36 -18.50
N GLN E 390 34.95 -4.77 -17.78
CA GLN E 390 33.94 -5.69 -18.28
C GLN E 390 32.59 -4.97 -18.42
N PRO E 391 31.80 -5.32 -19.43
CA PRO E 391 30.50 -4.69 -19.63
C PRO E 391 29.47 -5.28 -18.68
N THR E 392 28.25 -4.76 -18.79
CA THR E 392 27.11 -5.24 -18.02
C THR E 392 26.10 -5.88 -18.97
N ARG E 393 25.33 -6.84 -18.43
CA ARG E 393 24.38 -7.58 -19.26
C ARG E 393 23.37 -6.63 -19.92
N VAL E 394 22.98 -5.56 -19.22
CA VAL E 394 22.11 -4.56 -19.81
C VAL E 394 22.81 -3.90 -21.00
N ASP E 395 24.10 -3.62 -20.87
CA ASP E 395 24.86 -3.05 -21.98
C ASP E 395 25.14 -4.08 -23.06
N GLN E 396 25.30 -5.36 -22.69
CA GLN E 396 25.58 -6.38 -23.68
C GLN E 396 24.36 -6.71 -24.53
N LYS E 397 23.15 -6.62 -23.96
CA LYS E 397 21.94 -6.93 -24.72
C LYS E 397 21.42 -5.74 -25.52
N MET E 398 21.88 -4.52 -25.24
CA MET E 398 21.51 -3.38 -26.06
C MET E 398 22.44 -3.20 -27.25
N ARG E 399 23.53 -3.95 -27.32
CA ARG E 399 24.42 -3.94 -28.47
C ARG E 399 24.46 -5.26 -29.22
N GLY E 400 23.93 -6.34 -28.64
CA GLY E 400 23.87 -7.61 -29.31
C GLY E 400 25.16 -8.40 -29.35
N SER E 401 26.21 -7.93 -28.65
CA SER E 401 27.49 -8.59 -28.68
C SER E 401 28.06 -8.69 -27.27
N VAL E 402 28.91 -9.69 -27.06
CA VAL E 402 29.54 -9.88 -25.75
C VAL E 402 30.80 -9.04 -25.60
N ALA E 403 31.49 -8.74 -26.69
CA ALA E 403 32.75 -8.01 -26.65
C ALA E 403 32.44 -6.51 -26.73
N VAL E 404 32.50 -5.84 -25.59
CA VAL E 404 32.26 -4.39 -25.52
C VAL E 404 33.38 -3.76 -24.70
N PRO E 405 34.01 -2.69 -25.18
CA PRO E 405 35.09 -2.06 -24.41
C PRO E 405 34.56 -1.40 -23.14
N GLY E 406 35.46 -1.28 -22.17
CA GLY E 406 35.12 -0.68 -20.88
C GLY E 406 35.97 0.55 -20.63
N VAL E 407 35.36 1.55 -19.99
CA VAL E 407 36.01 2.83 -19.72
C VAL E 407 37.03 2.67 -18.59
N PRO E 408 38.19 3.30 -18.68
CA PRO E 408 39.14 3.27 -17.55
C PRO E 408 38.62 4.03 -16.36
N VAL E 409 39.11 3.64 -15.18
CA VAL E 409 38.68 4.22 -13.91
C VAL E 409 39.91 4.64 -13.13
N VAL E 410 39.82 5.80 -12.48
CA VAL E 410 40.87 6.30 -11.58
C VAL E 410 40.23 6.56 -10.22
N ILE E 411 40.89 6.10 -9.16
CA ILE E 411 40.36 6.18 -7.80
C ILE E 411 41.39 6.82 -6.89
N THR E 412 40.95 7.78 -6.08
CA THR E 412 41.76 8.37 -5.03
C THR E 412 41.04 8.18 -3.70
N SER E 413 41.79 7.84 -2.65
CA SER E 413 41.18 7.61 -1.35
C SER E 413 42.21 7.80 -0.26
N ASN E 414 41.72 8.05 0.96
CA ASN E 414 42.56 8.17 2.14
C ASN E 414 42.68 6.87 2.91
N GLY E 415 41.96 5.83 2.52
CA GLY E 415 42.01 4.56 3.22
C GLY E 415 42.06 3.40 2.25
N ASP E 416 42.28 2.21 2.80
CA ASP E 416 42.39 1.00 2.00
C ASP E 416 41.01 0.63 1.45
N ILE E 417 40.79 0.87 0.16
CA ILE E 417 39.53 0.51 -0.48
C ILE E 417 39.42 -0.99 -0.73
N THR E 418 40.50 -1.74 -0.55
CA THR E 418 40.43 -3.19 -0.70
C THR E 418 39.49 -3.80 0.32
N PHE E 419 39.52 -3.29 1.55
CA PHE E 419 38.56 -3.69 2.56
C PHE E 419 37.16 -3.22 2.17
N VAL E 420 36.19 -4.14 2.21
CA VAL E 420 34.83 -3.87 1.78
C VAL E 420 33.92 -3.82 3.01
N VAL E 421 33.14 -2.75 3.12
CA VAL E 421 32.25 -2.57 4.26
C VAL E 421 30.96 -3.34 4.02
N SER E 422 30.46 -3.98 5.08
CA SER E 422 29.20 -4.73 5.03
C SER E 422 28.48 -4.52 6.34
N GLY E 423 27.32 -3.87 6.29
CA GLY E 423 26.62 -3.53 7.52
C GLY E 423 27.43 -2.54 8.32
N ASN E 424 27.68 -2.89 9.59
CA ASN E 424 28.55 -2.11 10.45
C ASN E 424 29.94 -2.71 10.57
N THR E 425 30.29 -3.67 9.70
CA THR E 425 31.58 -4.33 9.76
C THR E 425 32.32 -4.24 8.44
N THR E 426 33.45 -4.95 8.33
CA THR E 426 34.27 -4.90 7.13
C THR E 426 34.75 -6.32 6.81
N THR E 427 34.70 -6.66 5.52
CA THR E 427 35.10 -7.99 5.06
C THR E 427 36.46 -7.92 4.36
N THR E 428 36.95 -9.11 3.97
CA THR E 428 38.24 -9.23 3.30
C THR E 428 38.20 -10.23 2.16
N VAL E 429 37.10 -10.96 1.99
CA VAL E 429 37.05 -12.05 1.02
C VAL E 429 37.25 -11.56 -0.41
N HIS E 430 36.98 -10.28 -0.66
CA HIS E 430 37.10 -9.71 -2.00
C HIS E 430 38.48 -9.11 -2.26
N ALA E 431 39.43 -9.27 -1.34
CA ALA E 431 40.73 -8.64 -1.49
C ALA E 431 41.48 -9.15 -2.71
N LYS E 432 41.49 -10.48 -2.91
CA LYS E 432 42.26 -11.07 -4.00
C LYS E 432 41.72 -10.65 -5.36
N ALA E 433 40.40 -10.65 -5.51
CA ALA E 433 39.81 -10.25 -6.79
C ALA E 433 40.08 -8.78 -7.08
N LEU E 434 39.94 -7.91 -6.06
CA LEU E 434 40.15 -6.49 -6.27
C LEU E 434 41.61 -6.17 -6.58
N LYS E 435 42.55 -6.86 -5.92
CA LYS E 435 43.96 -6.59 -6.14
C LYS E 435 44.41 -6.88 -7.56
N GLU E 436 43.69 -7.76 -8.28
CA GLU E 436 44.10 -8.11 -9.63
C GLU E 436 43.84 -6.99 -10.63
N ARG E 437 42.79 -6.20 -10.40
CA ARG E 437 42.34 -5.21 -11.38
C ARG E 437 42.93 -3.82 -11.15
N MET E 438 43.80 -3.65 -10.16
CA MET E 438 44.26 -2.32 -9.77
C MET E 438 45.77 -2.20 -9.86
N VAL E 439 46.22 -0.97 -10.06
CA VAL E 439 47.63 -0.59 -9.93
C VAL E 439 47.70 0.51 -8.89
N LYS E 440 48.51 0.31 -7.86
CA LYS E 440 48.50 1.16 -6.68
C LYS E 440 49.70 2.10 -6.68
N LEU E 441 49.45 3.37 -6.39
CA LEU E 441 50.47 4.38 -6.23
C LEU E 441 50.37 4.99 -4.84
N ASN E 442 51.52 5.17 -4.20
CA ASN E 442 51.59 5.67 -2.83
C ASN E 442 52.07 7.12 -2.86
N PHE E 443 51.21 8.04 -2.42
CA PHE E 443 51.55 9.46 -2.32
C PHE E 443 51.81 9.77 -0.86
N THR E 444 53.04 9.49 -0.42
CA THR E 444 53.39 9.62 0.99
C THR E 444 53.88 11.01 1.36
N VAL E 445 54.83 11.56 0.60
CA VAL E 445 55.43 12.84 0.92
C VAL E 445 54.39 13.95 0.79
N ARG E 446 54.26 14.78 1.81
CA ARG E 446 53.31 15.88 1.79
C ARG E 446 53.70 16.91 0.74
N CYS E 447 52.69 17.60 0.21
CA CYS E 447 52.88 18.55 -0.87
C CYS E 447 53.05 19.96 -0.34
N SER E 448 54.00 20.69 -0.92
CA SER E 448 54.20 22.08 -0.54
C SER E 448 53.03 22.94 -0.99
N PRO E 449 52.56 23.88 -0.16
CA PRO E 449 51.41 24.71 -0.53
C PRO E 449 51.74 25.74 -1.61
N ASP E 450 52.99 25.86 -2.03
CA ASP E 450 53.36 26.88 -3.01
C ASP E 450 52.67 26.64 -4.35
N MET E 451 52.67 25.40 -4.83
CA MET E 451 52.08 25.09 -6.11
C MET E 451 50.55 25.12 -6.03
N GLY E 452 49.92 25.47 -7.13
CA GLY E 452 48.47 25.54 -7.20
C GLY E 452 47.87 24.50 -8.12
N LEU E 453 46.92 24.91 -8.95
CA LEU E 453 46.27 23.98 -9.87
C LEU E 453 47.25 23.47 -10.90
N LEU E 454 47.13 22.19 -11.24
CA LEU E 454 47.89 21.63 -12.35
C LEU E 454 47.17 21.91 -13.66
N THR E 455 47.94 22.07 -14.72
CA THR E 455 47.42 22.55 -16.00
C THR E 455 47.45 21.45 -17.04
N GLU E 456 46.56 21.60 -18.04
CA GLU E 456 46.53 20.66 -19.16
C GLU E 456 47.82 20.72 -19.96
N ALA E 457 48.45 21.90 -20.04
CA ALA E 457 49.70 22.03 -20.80
C ALA E 457 50.80 21.17 -20.19
N ASP E 458 50.90 21.16 -18.86
CA ASP E 458 51.91 20.34 -18.19
C ASP E 458 51.67 18.86 -18.48
N VAL E 459 50.41 18.42 -18.41
CA VAL E 459 50.09 17.03 -18.67
C VAL E 459 50.45 16.66 -20.10
N GLN E 460 50.09 17.52 -21.06
CA GLN E 460 50.38 17.25 -22.46
C GLN E 460 51.88 17.19 -22.72
N GLN E 461 52.64 18.13 -22.16
CA GLN E 461 54.09 18.14 -22.34
C GLN E 461 54.72 16.89 -21.74
N TRP E 462 54.30 16.53 -20.53
CA TRP E 462 54.86 15.35 -19.86
C TRP E 462 54.56 14.08 -20.65
N LEU E 463 53.31 13.95 -21.12
CA LEU E 463 52.94 12.75 -21.87
C LEU E 463 53.65 12.69 -23.22
N THR E 464 53.80 13.83 -23.89
CA THR E 464 54.53 13.85 -25.16
C THR E 464 55.98 13.45 -24.96
N TRP E 465 56.63 13.99 -23.91
CA TRP E 465 58.01 13.62 -23.64
C TRP E 465 58.13 12.14 -23.29
N CYS E 466 57.19 11.61 -22.51
CA CYS E 466 57.22 10.18 -22.20
C CYS E 466 57.06 9.34 -23.46
N ASN E 467 56.17 9.74 -24.36
CA ASN E 467 55.98 9.00 -25.61
C ASN E 467 57.20 9.08 -26.52
N ALA E 468 57.93 10.20 -26.47
CA ALA E 468 59.07 10.38 -27.37
C ALA E 468 60.17 9.35 -27.11
N GLN E 469 60.45 9.06 -25.84
CA GLN E 469 61.55 8.18 -25.50
C GLN E 469 61.24 6.73 -25.87
N SER E 470 62.27 5.88 -25.75
CA SER E 470 62.15 4.48 -26.10
C SER E 470 61.26 3.76 -25.09
N TRP E 471 60.76 2.59 -25.52
CA TRP E 471 59.85 1.77 -24.72
C TRP E 471 60.50 0.44 -24.33
N ASP E 472 61.80 0.47 -24.02
CA ASP E 472 62.54 -0.74 -23.72
C ASP E 472 62.39 -1.21 -22.28
N HIS E 473 62.09 -0.31 -21.35
CA HIS E 473 61.95 -0.68 -19.95
C HIS E 473 60.53 -1.06 -19.56
N TYR E 474 59.53 -0.42 -20.18
CA TYR E 474 58.14 -0.75 -19.86
C TYR E 474 57.78 -2.16 -20.31
N GLU E 475 58.33 -2.60 -21.44
CA GLU E 475 58.02 -3.93 -21.95
C GLU E 475 58.48 -5.02 -20.99
N ASN E 476 59.57 -4.80 -20.27
CA ASN E 476 60.05 -5.78 -19.30
C ASN E 476 59.05 -5.94 -18.16
N TRP E 477 58.57 -4.81 -17.62
CA TRP E 477 57.60 -4.88 -16.53
C TRP E 477 56.26 -5.44 -17.01
N ALA E 478 55.87 -5.12 -18.24
CA ALA E 478 54.57 -5.53 -18.76
C ALA E 478 54.44 -7.03 -18.94
N ILE E 479 55.53 -7.78 -18.86
CA ILE E 479 55.46 -9.23 -19.03
C ILE E 479 54.60 -9.85 -17.94
N ASN E 480 54.84 -9.46 -16.69
CA ASN E 480 54.06 -9.91 -15.55
C ASN E 480 53.56 -8.71 -14.76
N TYR E 481 52.27 -8.69 -14.46
CA TYR E 481 51.64 -7.56 -13.81
C TYR E 481 51.73 -7.69 -12.29
N THR E 482 52.12 -6.59 -11.64
CA THR E 482 52.24 -6.53 -10.19
C THR E 482 51.25 -5.52 -9.63
N PHE E 483 50.67 -5.85 -8.48
CA PHE E 483 49.66 -4.97 -7.88
C PHE E 483 50.25 -3.62 -7.51
N ASP E 484 51.46 -3.62 -6.96
CA ASP E 484 52.12 -2.39 -6.53
C ASP E 484 53.05 -1.89 -7.62
N PHE E 485 53.04 -0.57 -7.82
CA PHE E 485 53.88 0.02 -8.84
C PHE E 485 55.35 -0.01 -8.40
N PRO E 486 56.28 -0.27 -9.32
CA PRO E 486 57.69 -0.30 -8.95
C PRO E 486 58.20 1.08 -8.54
N GLY E 487 59.26 1.07 -7.72
CA GLY E 487 59.87 2.29 -7.23
C GLY E 487 60.98 2.79 -8.15
N ILE E 488 61.60 3.89 -7.71
CA ILE E 488 62.65 4.51 -8.51
C ILE E 488 63.88 3.61 -8.56
N ASN E 489 64.40 3.39 -9.75
CA ASN E 489 65.71 2.79 -9.95
C ASN E 489 66.68 3.92 -10.31
N ALA E 490 67.62 4.20 -9.41
CA ALA E 490 68.49 5.36 -9.60
C ALA E 490 69.34 5.24 -10.85
N ASP E 491 69.86 4.04 -11.14
CA ASP E 491 70.66 3.86 -12.34
C ASP E 491 69.84 3.93 -13.61
N ALA E 492 68.57 3.52 -13.54
CA ALA E 492 67.70 3.53 -14.72
C ALA E 492 67.09 4.90 -15.01
N LEU E 493 67.30 5.88 -14.14
CA LEU E 493 66.75 7.21 -14.37
C LEU E 493 67.35 7.83 -15.62
N HIS E 494 66.50 8.51 -16.40
CA HIS E 494 66.94 9.08 -17.66
C HIS E 494 67.90 10.25 -17.42
N PRO E 495 68.90 10.41 -18.28
CA PRO E 495 69.77 11.57 -18.19
C PRO E 495 69.03 12.90 -18.06
N ASP E 496 67.93 13.08 -18.80
CA ASP E 496 67.15 14.30 -18.68
C ASP E 496 66.46 14.41 -17.32
N LEU E 497 66.30 13.30 -16.61
CA LEU E 497 65.69 13.31 -15.29
C LEU E 497 66.71 13.33 -14.16
N GLN E 498 67.99 13.11 -14.46
CA GLN E 498 69.04 13.09 -13.45
C GLN E 498 69.18 14.44 -12.75
N VAL F 201 -0.49 -15.83 -55.97
CA VAL F 201 0.17 -14.67 -55.40
C VAL F 201 0.84 -13.85 -56.51
N VAL F 202 0.40 -12.60 -56.65
CA VAL F 202 0.92 -11.68 -57.65
C VAL F 202 1.35 -10.41 -56.93
N PRO F 203 2.57 -9.91 -57.14
CA PRO F 203 2.98 -8.67 -56.48
C PRO F 203 2.11 -7.49 -56.87
N PHE F 204 1.96 -6.55 -55.95
CA PHE F 204 1.12 -5.39 -56.17
C PHE F 204 1.68 -4.52 -57.30
N ASN F 205 0.77 -3.80 -57.96
CA ASN F 205 1.15 -3.02 -59.15
C ASN F 205 2.09 -1.87 -58.78
N GLY F 206 2.05 -1.41 -57.53
CA GLY F 206 2.79 -0.24 -57.12
C GLY F 206 4.28 -0.29 -57.38
N LYS F 207 4.82 0.78 -57.96
CA LYS F 207 6.23 0.91 -58.24
C LYS F 207 6.78 2.13 -57.51
N GLY F 208 8.03 2.02 -57.04
CA GLY F 208 8.61 3.05 -56.21
C GLY F 208 9.30 4.15 -57.00
N THR F 209 9.62 5.23 -56.27
CA THR F 209 10.32 6.37 -56.83
C THR F 209 11.84 6.17 -56.68
N LYS F 210 12.61 7.22 -56.96
CA LYS F 210 14.06 7.12 -56.80
C LYS F 210 14.45 6.93 -55.33
N ALA F 211 13.77 7.64 -54.43
CA ALA F 211 14.08 7.51 -53.01
C ALA F 211 13.78 6.10 -52.51
N SER F 212 12.65 5.52 -52.94
CA SER F 212 12.30 4.17 -52.51
C SER F 212 13.32 3.15 -53.03
N ILE F 213 13.75 3.30 -54.29
CA ILE F 213 14.74 2.39 -54.85
C ILE F 213 16.06 2.51 -54.10
N LYS F 214 16.46 3.75 -53.78
CA LYS F 214 17.70 3.94 -53.03
C LYS F 214 17.60 3.34 -51.63
N PHE F 215 16.43 3.47 -50.99
CA PHE F 215 16.22 2.86 -49.67
C PHE F 215 16.30 1.34 -49.76
N GLN F 216 15.71 0.75 -50.80
CA GLN F 216 15.80 -0.70 -50.98
C GLN F 216 17.24 -1.14 -51.21
N THR F 217 18.00 -0.37 -52.01
CA THR F 217 19.40 -0.68 -52.22
C THR F 217 20.19 -0.60 -50.92
N MET F 218 19.88 0.40 -50.08
CA MET F 218 20.55 0.53 -48.79
C MET F 218 20.21 -0.66 -47.88
N VAL F 219 18.96 -1.11 -47.90
CA VAL F 219 18.58 -2.27 -47.11
C VAL F 219 19.34 -3.51 -47.58
N ASN F 220 19.44 -3.69 -48.91
CA ASN F 220 20.20 -4.81 -49.45
C ASN F 220 21.67 -4.73 -49.05
N TRP F 221 22.25 -3.53 -49.08
CA TRP F 221 23.63 -3.35 -48.64
C TRP F 221 23.80 -3.70 -47.17
N LEU F 222 22.84 -3.28 -46.34
CA LEU F 222 22.90 -3.61 -44.92
C LEU F 222 22.85 -5.12 -44.69
N CYS F 223 21.97 -5.81 -45.42
CA CYS F 223 21.85 -7.25 -45.25
C CYS F 223 23.07 -7.99 -45.78
N GLU F 224 23.66 -7.51 -46.88
CA GLU F 224 24.79 -8.21 -47.49
C GLU F 224 26.05 -8.10 -46.64
N ASN F 225 26.29 -6.94 -46.04
CA ASN F 225 27.51 -6.70 -45.29
C ASN F 225 27.40 -7.07 -43.82
N ARG F 226 26.27 -7.65 -43.40
CA ARG F 226 26.08 -8.15 -42.04
C ARG F 226 26.15 -7.02 -41.02
N VAL F 227 25.45 -5.93 -41.31
CA VAL F 227 25.32 -4.81 -40.38
C VAL F 227 23.89 -4.82 -39.86
N PHE F 228 23.73 -5.04 -38.55
CA PHE F 228 22.42 -5.18 -37.94
C PHE F 228 22.23 -4.31 -36.72
N THR F 229 23.21 -3.48 -36.37
CA THR F 229 23.11 -2.58 -35.23
C THR F 229 23.66 -1.22 -35.63
N GLU F 230 23.29 -0.20 -34.84
CA GLU F 230 23.77 1.15 -35.11
C GLU F 230 25.28 1.26 -34.89
N ASP F 231 25.80 0.62 -33.85
CA ASP F 231 27.23 0.66 -33.58
C ASP F 231 28.03 0.03 -34.71
N LYS F 232 27.55 -1.10 -35.24
CA LYS F 232 28.21 -1.73 -36.38
C LYS F 232 28.17 -0.82 -37.60
N TRP F 233 27.06 -0.12 -37.81
CA TRP F 233 26.95 0.81 -38.94
C TRP F 233 27.96 1.94 -38.79
N LYS F 234 28.09 2.49 -37.58
CA LYS F 234 29.06 3.57 -37.37
C LYS F 234 30.49 3.06 -37.56
N LEU F 235 30.78 1.85 -37.09
CA LEU F 235 32.12 1.31 -37.22
C LEU F 235 32.48 1.02 -38.68
N VAL F 236 31.52 0.51 -39.44
CA VAL F 236 31.82 0.11 -40.82
C VAL F 236 31.72 1.29 -41.77
N ASP F 237 30.68 2.12 -41.65
CA ASP F 237 30.49 3.25 -42.55
C ASP F 237 29.97 4.43 -41.72
N PHE F 238 30.89 5.26 -41.23
CA PHE F 238 30.50 6.45 -40.49
C PHE F 238 30.01 7.57 -41.39
N ASN F 239 30.53 7.63 -42.63
CA ASN F 239 30.15 8.71 -43.54
C ASN F 239 28.67 8.64 -43.89
N GLN F 240 28.18 7.46 -44.27
CA GLN F 240 26.77 7.32 -44.64
C GLN F 240 25.87 7.59 -43.43
N TYR F 241 26.27 7.13 -42.25
CA TYR F 241 25.50 7.40 -41.04
C TYR F 241 25.43 8.89 -40.77
N THR F 242 26.55 9.61 -40.92
CA THR F 242 26.57 11.04 -40.67
C THR F 242 25.68 11.79 -41.66
N LEU F 243 25.77 11.44 -42.95
CA LEU F 243 24.90 12.09 -43.93
C LEU F 243 23.43 11.76 -43.70
N LEU F 244 23.13 10.53 -43.24
CA LEU F 244 21.74 10.16 -43.00
C LEU F 244 21.18 10.90 -41.78
N SER F 245 21.98 11.07 -40.74
CA SER F 245 21.49 11.66 -39.50
C SER F 245 21.38 13.18 -39.55
N SER F 246 21.41 13.78 -40.74
CA SER F 246 21.29 15.23 -40.84
C SER F 246 19.88 15.71 -40.55
N SER F 247 18.86 14.93 -40.92
CA SER F 247 17.47 15.35 -40.79
C SER F 247 16.66 14.21 -40.17
N HIS F 248 15.37 14.49 -39.95
CA HIS F 248 14.48 13.49 -39.35
C HIS F 248 14.24 12.31 -40.28
N SER F 249 14.16 12.57 -41.60
CA SER F 249 13.89 11.50 -42.55
C SER F 249 14.97 10.43 -42.54
N GLY F 250 16.24 10.85 -42.53
CA GLY F 250 17.32 9.88 -42.45
C GLY F 250 17.35 9.11 -41.15
N SER F 251 17.02 9.78 -40.04
CA SER F 251 16.93 9.10 -38.76
C SER F 251 15.85 8.02 -38.76
N PHE F 252 14.68 8.33 -39.34
CA PHE F 252 13.64 7.32 -39.47
C PHE F 252 14.09 6.19 -40.40
N GLN F 253 14.76 6.54 -41.50
CA GLN F 253 15.19 5.54 -42.46
C GLN F 253 16.23 4.59 -41.89
N ILE F 254 17.09 5.07 -40.98
CA ILE F 254 18.08 4.19 -40.38
C ILE F 254 17.41 3.06 -39.61
N GLN F 255 16.45 3.41 -38.74
CA GLN F 255 15.74 2.40 -37.97
C GLN F 255 14.92 1.49 -38.87
N SER F 256 14.24 2.05 -39.87
CA SER F 256 13.43 1.23 -40.76
C SER F 256 14.28 0.23 -41.52
N ALA F 257 15.43 0.68 -42.04
CA ALA F 257 16.32 -0.21 -42.78
C ALA F 257 16.91 -1.27 -41.87
N LEU F 258 17.28 -0.91 -40.64
CA LEU F 258 17.81 -1.91 -39.72
C LEU F 258 16.78 -2.99 -39.41
N LYS F 259 15.54 -2.59 -39.14
CA LYS F 259 14.50 -3.57 -38.87
C LYS F 259 14.23 -4.46 -40.08
N LEU F 260 14.17 -3.87 -41.27
CA LEU F 260 13.93 -4.66 -42.47
C LEU F 260 15.06 -5.65 -42.73
N ALA F 261 16.30 -5.21 -42.55
CA ALA F 261 17.44 -6.10 -42.75
C ALA F 261 17.44 -7.23 -41.73
N ILE F 262 17.10 -6.94 -40.48
CA ILE F 262 17.03 -7.98 -39.46
C ILE F 262 15.97 -9.01 -39.84
N TYR F 263 14.80 -8.54 -40.26
CA TYR F 263 13.73 -9.47 -40.64
C TYR F 263 14.13 -10.32 -41.83
N LYS F 264 14.76 -9.70 -42.84
CA LYS F 264 15.18 -10.46 -44.01
C LYS F 264 16.24 -11.51 -43.64
N ALA F 265 17.17 -11.15 -42.76
CA ALA F 265 18.23 -12.09 -42.40
C ALA F 265 17.72 -13.22 -41.51
N THR F 266 16.69 -12.97 -40.71
CA THR F 266 16.22 -13.99 -39.78
C THR F 266 14.98 -14.75 -40.25
N ASN F 267 14.33 -14.33 -41.33
CA ASN F 267 13.13 -15.04 -41.74
C ASN F 267 13.13 -15.46 -43.21
N LEU F 268 13.67 -14.64 -44.10
CA LEU F 268 13.58 -14.89 -45.53
C LEU F 268 14.79 -15.61 -46.11
N VAL F 269 15.87 -15.74 -45.34
CA VAL F 269 17.09 -16.38 -45.81
C VAL F 269 17.46 -17.49 -44.84
N PRO F 270 17.75 -18.70 -45.31
CA PRO F 270 18.19 -19.77 -44.40
C PRO F 270 19.48 -19.40 -43.69
N THR F 271 19.57 -19.81 -42.42
CA THR F 271 20.73 -19.46 -41.62
C THR F 271 22.00 -20.11 -42.14
N SER F 272 21.90 -21.36 -42.60
CA SER F 272 23.07 -22.08 -43.09
C SER F 272 23.73 -21.39 -44.26
N THR F 273 22.99 -20.58 -45.02
CA THR F 273 23.58 -19.83 -46.13
C THR F 273 24.62 -18.84 -45.64
N PHE F 274 24.45 -18.31 -44.42
CA PHE F 274 25.45 -17.43 -43.84
C PHE F 274 26.68 -18.19 -43.34
N LEU F 275 26.62 -19.52 -43.30
CA LEU F 275 27.71 -20.34 -42.79
C LEU F 275 28.51 -21.03 -43.87
N LEU F 276 27.92 -21.25 -45.05
CA LEU F 276 28.60 -21.96 -46.13
C LEU F 276 29.31 -20.96 -47.06
N HIS F 277 30.50 -20.58 -46.63
CA HIS F 277 31.32 -19.64 -47.39
C HIS F 277 32.61 -20.31 -47.86
N CYS F 285 45.45 -29.66 -45.16
CA CYS F 285 44.49 -28.58 -45.30
C CYS F 285 43.44 -28.64 -44.20
N ILE F 286 42.59 -29.67 -44.25
CA ILE F 286 41.53 -29.84 -43.25
C ILE F 286 42.11 -30.24 -41.89
N LYS F 287 43.33 -30.79 -41.88
CA LYS F 287 43.94 -31.21 -40.60
C LYS F 287 44.20 -30.02 -39.69
N ASP F 288 44.67 -28.91 -40.26
CA ASP F 288 45.06 -27.75 -39.46
C ASP F 288 43.87 -27.04 -38.81
N ASN F 289 42.64 -27.38 -39.19
CA ASN F 289 41.47 -26.76 -38.57
C ASN F 289 41.39 -27.13 -37.09
N LYS F 290 41.09 -26.13 -36.26
CA LYS F 290 41.02 -26.37 -34.82
C LYS F 290 39.77 -27.15 -34.42
N ILE F 291 38.66 -26.93 -35.12
CA ILE F 291 37.40 -27.60 -34.76
C ILE F 291 37.53 -29.10 -34.92
N VAL F 292 38.11 -29.56 -36.03
CA VAL F 292 38.20 -30.99 -36.28
C VAL F 292 39.16 -31.64 -35.29
N LYS F 293 40.26 -30.97 -34.96
CA LYS F 293 41.18 -31.51 -33.97
C LYS F 293 40.52 -31.60 -32.60
N LEU F 294 39.76 -30.57 -32.22
CA LEU F 294 39.07 -30.59 -30.93
C LEU F 294 38.04 -31.71 -30.89
N LEU F 295 37.28 -31.90 -31.96
CA LEU F 295 36.29 -32.96 -31.99
C LEU F 295 36.92 -34.34 -32.06
N LEU F 296 38.12 -34.47 -32.62
CA LEU F 296 38.82 -35.75 -32.60
C LEU F 296 39.38 -36.06 -31.21
N CYS F 297 39.84 -35.03 -30.49
CA CYS F 297 40.32 -35.24 -29.13
C CYS F 297 39.20 -35.63 -28.17
N GLN F 298 37.94 -35.36 -28.53
CA GLN F 298 36.80 -35.71 -27.69
C GLN F 298 36.12 -36.99 -28.12
N ASN F 299 36.75 -37.76 -29.03
CA ASN F 299 36.23 -39.06 -29.47
C ASN F 299 34.88 -38.92 -30.17
N TYR F 300 34.82 -37.99 -31.13
CA TYR F 300 33.61 -37.76 -31.91
C TYR F 300 33.98 -37.61 -33.39
N ASP F 301 33.02 -37.94 -34.25
CA ASP F 301 33.22 -37.85 -35.69
C ASP F 301 32.92 -36.43 -36.16
N PRO F 302 33.92 -35.69 -36.65
CA PRO F 302 33.67 -34.29 -37.04
C PRO F 302 32.64 -34.13 -38.15
N LEU F 303 32.61 -35.06 -39.11
CA LEU F 303 31.65 -34.96 -40.20
C LEU F 303 30.22 -35.05 -39.69
N LEU F 304 29.95 -35.99 -38.79
CA LEU F 304 28.60 -36.14 -38.24
C LEU F 304 28.19 -34.90 -37.47
N VAL F 305 29.12 -34.33 -36.68
CA VAL F 305 28.81 -33.12 -35.92
C VAL F 305 28.50 -31.97 -36.86
N GLY F 306 29.30 -31.83 -37.94
CA GLY F 306 29.06 -30.76 -38.89
C GLY F 306 27.71 -30.88 -39.57
N GLN F 307 27.38 -32.09 -40.03
CA GLN F 307 26.09 -32.29 -40.69
C GLN F 307 24.93 -32.06 -39.73
N HIS F 308 25.08 -32.51 -38.48
CA HIS F 308 24.04 -32.29 -37.48
C HIS F 308 23.86 -30.80 -37.19
N VAL F 309 24.96 -30.06 -37.11
CA VAL F 309 24.87 -28.62 -36.88
C VAL F 309 24.18 -27.95 -38.05
N LEU F 310 24.53 -28.34 -39.27
CA LEU F 310 23.90 -27.75 -40.45
C LEU F 310 22.40 -28.03 -40.48
N LYS F 311 21.99 -29.25 -40.12
CA LYS F 311 20.58 -29.58 -40.13
C LYS F 311 19.83 -28.95 -38.96
N TRP F 312 20.53 -28.69 -37.84
CA TRP F 312 19.88 -28.17 -36.65
C TRP F 312 19.76 -26.66 -36.68
N ILE F 313 20.68 -25.96 -37.35
CA ILE F 313 20.57 -24.52 -37.47
C ILE F 313 19.44 -24.11 -38.41
N ASP F 314 18.97 -25.03 -39.25
CA ASP F 314 17.89 -24.75 -40.19
C ASP F 314 16.54 -25.26 -39.71
N LYS F 315 16.45 -25.72 -38.46
CA LYS F 315 15.20 -26.17 -37.85
C LYS F 315 14.60 -27.34 -38.63
N LYS F 316 15.41 -28.37 -38.85
CA LYS F 316 14.99 -29.55 -39.58
C LYS F 316 15.12 -30.83 -38.77
N CYS F 317 15.42 -30.74 -37.47
CA CYS F 317 15.62 -31.90 -36.63
C CYS F 317 14.35 -32.33 -35.91
N GLY F 318 13.25 -31.62 -36.11
CA GLY F 318 11.99 -32.01 -35.46
C GLY F 318 11.89 -31.40 -34.09
N LYS F 319 11.56 -32.23 -33.10
CA LYS F 319 11.45 -31.76 -31.72
C LYS F 319 12.79 -31.62 -31.03
N LYS F 320 13.85 -32.21 -31.59
CA LYS F 320 15.19 -32.13 -30.99
C LYS F 320 15.85 -30.81 -31.41
N ASN F 321 15.35 -29.73 -30.80
CA ASN F 321 15.78 -28.37 -31.12
C ASN F 321 17.00 -27.91 -30.32
N THR F 322 17.41 -28.67 -29.31
CA THR F 322 18.44 -28.24 -28.37
C THR F 322 19.71 -29.06 -28.54
N LEU F 323 20.85 -28.39 -28.38
CA LEU F 323 22.16 -29.02 -28.42
C LEU F 323 22.83 -28.79 -27.07
N TRP F 324 23.33 -29.87 -26.46
CA TRP F 324 23.86 -29.84 -25.12
C TRP F 324 25.33 -30.26 -25.13
N PHE F 325 26.19 -29.43 -24.54
CA PHE F 325 27.60 -29.76 -24.33
C PHE F 325 27.81 -29.90 -22.83
N TYR F 326 28.31 -31.06 -22.41
CA TYR F 326 28.49 -31.38 -21.01
C TYR F 326 29.87 -31.97 -20.79
N GLY F 327 30.51 -31.56 -19.68
CA GLY F 327 31.83 -32.06 -19.35
C GLY F 327 32.49 -31.28 -18.23
N PRO F 328 33.72 -31.68 -17.81
CA PRO F 328 34.44 -31.04 -16.71
C PRO F 328 35.18 -29.73 -17.00
N PRO F 329 35.35 -28.80 -16.05
CA PRO F 329 35.96 -27.51 -16.36
C PRO F 329 37.09 -27.41 -17.43
N SER F 330 37.23 -26.29 -18.16
CA SER F 330 38.17 -26.04 -19.32
C SER F 330 38.32 -27.13 -20.38
N THR F 331 37.26 -27.54 -21.06
CA THR F 331 37.29 -28.56 -22.14
C THR F 331 36.77 -28.02 -23.49
N GLY F 332 36.59 -26.70 -23.67
CA GLY F 332 36.17 -26.05 -24.93
C GLY F 332 34.69 -26.17 -25.18
N LYS F 333 33.90 -25.26 -24.66
CA LYS F 333 32.44 -25.43 -24.76
C LYS F 333 31.89 -24.02 -24.84
N THR F 334 32.41 -23.10 -24.06
CA THR F 334 31.97 -21.71 -24.28
C THR F 334 32.81 -21.28 -25.46
N ASN F 335 33.81 -22.06 -25.82
CA ASN F 335 34.53 -21.75 -27.08
C ASN F 335 33.63 -22.22 -28.20
N LEU F 336 33.61 -23.49 -28.52
CA LEU F 336 32.81 -23.96 -29.68
C LEU F 336 31.46 -23.29 -29.77
N ALA F 337 30.78 -23.01 -28.68
CA ALA F 337 29.39 -22.52 -28.78
C ALA F 337 29.33 -21.04 -29.12
N MET F 338 30.33 -20.28 -28.75
CA MET F 338 30.29 -18.83 -29.00
C MET F 338 31.03 -18.53 -30.30
N ALA F 339 31.57 -19.51 -31.00
CA ALA F 339 32.16 -19.34 -32.34
C ALA F 339 31.09 -19.62 -33.37
N ILE F 340 30.14 -20.49 -33.05
CA ILE F 340 28.98 -20.75 -33.92
C ILE F 340 28.02 -19.58 -33.79
N ALA F 341 28.05 -18.83 -32.73
CA ALA F 341 27.09 -17.76 -32.51
C ALA F 341 27.64 -16.50 -33.15
N LYS F 342 28.93 -16.45 -33.33
CA LYS F 342 29.57 -15.32 -34.03
C LYS F 342 29.27 -15.52 -35.50
N SER F 343 29.00 -16.71 -35.96
CA SER F 343 28.79 -16.85 -37.40
C SER F 343 27.37 -16.45 -37.81
N VAL F 344 26.37 -16.70 -36.96
CA VAL F 344 24.99 -16.38 -37.30
C VAL F 344 24.81 -14.88 -37.26
N PRO F 345 23.84 -14.31 -38.00
CA PRO F 345 23.66 -12.86 -38.00
C PRO F 345 23.38 -12.27 -36.63
N VAL F 346 22.31 -12.72 -35.98
CA VAL F 346 21.89 -12.20 -34.69
C VAL F 346 21.65 -13.36 -33.74
N TYR F 347 22.17 -13.24 -32.52
CA TYR F 347 21.99 -14.25 -31.50
C TYR F 347 21.69 -13.58 -30.16
N GLY F 348 21.04 -14.33 -29.28
CA GLY F 348 20.76 -13.87 -27.93
C GLY F 348 21.32 -14.83 -26.90
N MET F 349 21.21 -14.42 -25.63
CA MET F 349 21.70 -15.22 -24.53
C MET F 349 20.74 -15.14 -23.36
N VAL F 350 20.53 -16.29 -22.70
CA VAL F 350 19.72 -16.33 -21.50
C VAL F 350 20.37 -15.53 -20.38
N ASN F 351 21.70 -15.42 -20.42
CA ASN F 351 22.43 -14.69 -19.37
C ASN F 351 22.05 -13.22 -19.36
N TRP F 352 21.88 -12.61 -20.55
CA TRP F 352 21.60 -11.18 -20.62
C TRP F 352 20.25 -10.85 -20.00
N ASN F 353 19.24 -11.70 -20.22
CA ASN F 353 17.89 -11.38 -19.82
C ASN F 353 17.75 -11.42 -18.30
N ASN F 354 16.59 -10.97 -17.83
CA ASN F 354 16.30 -10.94 -16.41
C ASN F 354 16.15 -12.36 -15.87
N GLU F 355 16.45 -12.51 -14.58
CA GLU F 355 16.35 -13.83 -13.94
C GLU F 355 14.92 -14.34 -13.91
N ASN F 356 13.95 -13.44 -13.70
CA ASN F 356 12.55 -13.86 -13.66
C ASN F 356 12.00 -14.17 -15.05
N PHE F 357 12.53 -13.52 -16.08
CA PHE F 357 12.07 -13.70 -17.46
C PHE F 357 13.28 -14.02 -18.34
N PRO F 358 13.72 -15.28 -18.35
CA PRO F 358 14.93 -15.63 -19.11
C PRO F 358 14.71 -15.75 -20.61
N PHE F 359 13.47 -15.91 -21.06
CA PHE F 359 13.16 -16.10 -22.47
C PHE F 359 12.23 -15.00 -22.97
N ASN F 360 12.43 -13.77 -22.47
CA ASN F 360 11.54 -12.66 -22.80
C ASN F 360 11.77 -12.10 -24.20
N ASP F 361 13.02 -12.09 -24.67
CA ASP F 361 13.38 -11.54 -25.98
C ASP F 361 14.06 -12.62 -26.80
N VAL F 362 13.26 -13.38 -27.55
CA VAL F 362 13.77 -14.43 -28.42
C VAL F 362 13.36 -14.25 -29.87
N ALA F 363 12.43 -13.35 -30.17
CA ALA F 363 11.99 -13.13 -31.54
C ALA F 363 12.99 -12.28 -32.29
N GLY F 364 13.39 -12.74 -33.47
CA GLY F 364 14.36 -12.04 -34.28
C GLY F 364 15.79 -12.51 -34.13
N LYS F 365 16.02 -13.64 -33.48
CA LYS F 365 17.34 -14.19 -33.27
C LYS F 365 17.51 -15.48 -34.05
N SER F 366 18.73 -15.71 -34.55
CA SER F 366 19.06 -16.94 -35.24
C SER F 366 19.54 -18.04 -34.30
N LEU F 367 19.79 -17.73 -33.04
CA LEU F 367 20.32 -18.68 -32.08
C LEU F 367 20.21 -18.09 -30.68
N VAL F 368 20.03 -18.96 -29.69
CA VAL F 368 19.98 -18.57 -28.28
C VAL F 368 20.99 -19.42 -27.53
N VAL F 369 21.87 -18.77 -26.78
CA VAL F 369 22.97 -19.44 -26.08
C VAL F 369 22.65 -19.45 -24.58
N TRP F 370 22.76 -20.62 -23.97
CA TRP F 370 22.56 -20.80 -22.53
C TRP F 370 23.86 -21.34 -21.96
N ASP F 371 24.69 -20.46 -21.39
CA ASP F 371 26.02 -20.82 -20.92
C ASP F 371 25.99 -21.07 -19.42
N GLU F 372 26.53 -22.22 -19.01
CA GLU F 372 26.63 -22.61 -17.60
C GLU F 372 25.27 -22.52 -16.92
N GLY F 373 24.24 -23.05 -17.58
CA GLY F 373 22.89 -22.90 -17.13
C GLY F 373 22.39 -24.01 -16.22
N ILE F 374 21.27 -23.74 -15.56
CA ILE F 374 20.59 -24.70 -14.72
C ILE F 374 19.10 -24.36 -14.73
N ILE F 375 18.26 -25.39 -14.65
CA ILE F 375 16.82 -25.23 -14.81
C ILE F 375 16.15 -25.29 -13.44
N LYS F 376 15.35 -24.27 -13.13
CA LYS F 376 14.56 -24.24 -11.92
C LYS F 376 13.16 -24.78 -12.18
N SER F 377 12.44 -25.03 -11.09
CA SER F 377 11.08 -25.55 -11.19
C SER F 377 10.05 -24.47 -11.53
N THR F 378 10.42 -23.19 -11.39
CA THR F 378 9.47 -22.12 -11.69
C THR F 378 9.30 -21.90 -13.19
N ILE F 379 10.36 -22.09 -13.97
CA ILE F 379 10.34 -21.83 -15.41
C ILE F 379 10.40 -23.09 -16.23
N VAL F 380 10.38 -24.27 -15.60
CA VAL F 380 10.58 -25.52 -16.32
C VAL F 380 9.48 -25.74 -17.36
N GLU F 381 8.29 -25.18 -17.13
CA GLU F 381 7.22 -25.28 -18.13
C GLU F 381 7.51 -24.40 -19.33
N ALA F 382 8.05 -23.20 -19.11
CA ALA F 382 8.37 -22.32 -20.23
C ALA F 382 9.56 -22.85 -21.02
N ALA F 383 10.59 -23.33 -20.33
CA ALA F 383 11.78 -23.83 -21.01
C ALA F 383 11.43 -25.00 -21.94
N LYS F 384 10.53 -25.88 -21.49
CA LYS F 384 10.09 -26.98 -22.33
C LYS F 384 9.55 -26.50 -23.66
N ALA F 385 8.91 -25.32 -23.68
CA ALA F 385 8.47 -24.74 -24.95
C ALA F 385 9.66 -24.28 -25.78
N ILE F 386 10.61 -23.59 -25.14
CA ILE F 386 11.75 -23.06 -25.89
C ILE F 386 12.69 -24.18 -26.33
N LEU F 387 12.94 -25.16 -25.45
CA LEU F 387 13.86 -26.24 -25.78
C LEU F 387 13.27 -27.21 -26.79
N GLY F 388 11.95 -27.26 -26.93
CA GLY F 388 11.32 -28.15 -27.88
C GLY F 388 10.98 -27.47 -29.19
N GLY F 389 11.09 -26.15 -29.24
CA GLY F 389 10.79 -25.40 -30.42
C GLY F 389 9.35 -24.92 -30.56
N GLN F 390 8.58 -24.92 -29.46
CA GLN F 390 7.20 -24.48 -29.62
C GLN F 390 7.07 -23.00 -29.28
N PRO F 391 6.21 -22.28 -29.99
CA PRO F 391 6.03 -20.86 -29.72
C PRO F 391 5.32 -20.63 -28.39
N THR F 392 5.60 -19.46 -27.79
CA THR F 392 4.86 -19.04 -26.62
C THR F 392 3.51 -18.46 -27.02
N ARG F 393 2.61 -18.35 -26.04
CA ARG F 393 1.28 -17.83 -26.33
C ARG F 393 1.32 -16.37 -26.78
N VAL F 394 2.34 -15.62 -26.34
CA VAL F 394 2.45 -14.23 -26.76
C VAL F 394 2.74 -14.13 -28.25
N ASP F 395 3.64 -14.99 -28.75
CA ASP F 395 3.94 -14.98 -30.18
C ASP F 395 2.73 -15.36 -31.01
N GLN F 396 1.97 -16.36 -30.57
CA GLN F 396 0.75 -16.74 -31.26
C GLN F 396 -0.28 -15.63 -31.23
N LYS F 397 -0.39 -14.93 -30.10
CA LYS F 397 -1.35 -13.84 -29.95
C LYS F 397 -1.01 -12.69 -30.90
N MET F 398 0.25 -12.25 -30.89
CA MET F 398 0.62 -11.10 -31.70
C MET F 398 0.65 -11.41 -33.18
N ARG F 399 1.23 -12.55 -33.56
CA ARG F 399 1.34 -12.88 -34.97
C ARG F 399 0.01 -13.38 -35.55
N GLY F 400 -0.78 -14.07 -34.74
CA GLY F 400 -2.04 -14.59 -35.19
C GLY F 400 -2.01 -15.97 -35.81
N SER F 401 -1.02 -16.79 -35.48
CA SER F 401 -0.88 -18.14 -36.04
C SER F 401 -0.58 -19.10 -34.90
N VAL F 402 -0.22 -20.34 -35.25
CA VAL F 402 0.03 -21.37 -34.26
C VAL F 402 1.51 -21.68 -34.08
N ALA F 403 2.28 -21.81 -35.16
CA ALA F 403 3.72 -22.06 -35.08
C ALA F 403 4.43 -21.07 -36.01
N VAL F 404 4.67 -19.86 -35.50
CA VAL F 404 5.33 -18.81 -36.27
C VAL F 404 6.84 -18.99 -36.29
N PRO F 405 7.53 -19.13 -35.13
CA PRO F 405 8.99 -19.10 -35.17
C PRO F 405 9.65 -20.42 -34.77
N GLY F 406 10.36 -20.41 -33.64
CA GLY F 406 11.22 -21.51 -33.25
C GLY F 406 12.67 -21.13 -33.41
N VAL F 407 13.46 -21.23 -32.35
CA VAL F 407 14.85 -20.80 -32.34
C VAL F 407 15.71 -21.97 -31.87
N PRO F 408 16.81 -22.27 -32.55
CA PRO F 408 17.75 -23.27 -32.03
C PRO F 408 18.37 -22.81 -30.71
N VAL F 409 18.67 -23.79 -29.86
CA VAL F 409 19.23 -23.53 -28.53
C VAL F 409 20.48 -24.37 -28.35
N VAL F 410 21.51 -23.78 -27.75
CA VAL F 410 22.73 -24.47 -27.39
C VAL F 410 22.99 -24.26 -25.90
N ILE F 411 23.28 -25.35 -25.19
CA ILE F 411 23.46 -25.32 -23.74
C ILE F 411 24.81 -25.93 -23.39
N THR F 412 25.53 -25.27 -22.49
CA THR F 412 26.74 -25.81 -21.90
C THR F 412 26.62 -25.78 -20.39
N SER F 413 27.08 -26.84 -19.73
CA SER F 413 26.95 -26.94 -18.29
C SER F 413 27.98 -27.91 -17.74
N ASN F 414 28.21 -27.82 -16.43
CA ASN F 414 29.10 -28.73 -15.72
C ASN F 414 28.36 -29.85 -15.00
N GLY F 415 27.03 -29.87 -15.08
CA GLY F 415 26.25 -30.88 -14.40
C GLY F 415 25.10 -31.37 -15.26
N ASP F 416 24.38 -32.35 -14.73
CA ASP F 416 23.24 -32.95 -15.42
C ASP F 416 22.05 -32.01 -15.30
N ILE F 417 21.74 -31.31 -16.39
CA ILE F 417 20.63 -30.35 -16.38
C ILE F 417 19.27 -31.01 -16.37
N THR F 418 19.19 -32.32 -16.56
CA THR F 418 17.92 -33.02 -16.45
C THR F 418 17.39 -33.02 -15.03
N PHE F 419 18.24 -32.78 -14.04
CA PHE F 419 17.81 -32.65 -12.65
C PHE F 419 17.35 -31.21 -12.41
N VAL F 420 16.05 -31.03 -12.20
CA VAL F 420 15.44 -29.71 -12.08
C VAL F 420 15.46 -29.29 -10.62
N VAL F 421 15.95 -28.08 -10.36
CA VAL F 421 16.03 -27.56 -9.00
C VAL F 421 14.63 -27.17 -8.53
N SER F 422 14.23 -27.70 -7.39
CA SER F 422 12.93 -27.41 -6.79
C SER F 422 13.14 -27.05 -5.33
N GLY F 423 12.86 -25.80 -4.97
CA GLY F 423 13.11 -25.36 -3.60
C GLY F 423 14.56 -25.50 -3.24
N ASN F 424 14.82 -26.11 -2.09
CA ASN F 424 16.18 -26.40 -1.65
C ASN F 424 16.61 -27.82 -2.00
N THR F 425 15.82 -28.53 -2.81
CA THR F 425 16.14 -29.91 -3.18
C THR F 425 16.14 -30.08 -4.70
N THR F 426 16.23 -31.32 -5.15
CA THR F 426 16.31 -31.64 -6.58
C THR F 426 15.27 -32.68 -6.93
N THR F 427 14.57 -32.47 -8.05
CA THR F 427 13.56 -33.39 -8.53
C THR F 427 14.03 -34.05 -9.83
N THR F 428 13.29 -35.09 -10.23
CA THR F 428 13.64 -35.84 -11.44
C THR F 428 12.40 -36.16 -12.27
N VAL F 429 11.27 -35.49 -12.00
CA VAL F 429 10.04 -35.81 -12.70
C VAL F 429 10.01 -35.25 -14.13
N HIS F 430 10.88 -34.29 -14.45
CA HIS F 430 10.91 -33.67 -15.77
C HIS F 430 12.03 -34.22 -16.66
N ALA F 431 12.73 -35.26 -16.22
CA ALA F 431 13.91 -35.71 -16.94
C ALA F 431 13.58 -36.27 -18.31
N LYS F 432 12.46 -37.00 -18.43
CA LYS F 432 12.15 -37.71 -19.67
C LYS F 432 11.90 -36.75 -20.82
N ALA F 433 11.12 -35.69 -20.59
CA ALA F 433 10.84 -34.73 -21.65
C ALA F 433 12.10 -34.01 -22.08
N LEU F 434 12.95 -33.62 -21.13
CA LEU F 434 14.21 -32.96 -21.48
C LEU F 434 15.11 -33.90 -22.29
N LYS F 435 15.14 -35.18 -21.93
CA LYS F 435 15.88 -36.15 -22.72
C LYS F 435 15.31 -36.23 -24.14
N GLU F 436 13.98 -36.18 -24.27
CA GLU F 436 13.37 -36.22 -25.59
C GLU F 436 13.76 -35.01 -26.43
N ARG F 437 13.81 -33.82 -25.83
CA ARG F 437 14.02 -32.58 -26.57
C ARG F 437 15.48 -32.15 -26.63
N MET F 438 16.43 -33.09 -26.57
CA MET F 438 17.83 -32.68 -26.46
C MET F 438 18.75 -33.71 -27.09
N VAL F 439 19.93 -33.25 -27.51
CA VAL F 439 21.01 -34.11 -27.98
C VAL F 439 22.26 -33.74 -27.19
N LYS F 440 22.96 -34.74 -26.67
CA LYS F 440 24.02 -34.55 -25.69
C LYS F 440 25.37 -34.98 -26.24
N LEU F 441 26.40 -34.21 -25.92
CA LEU F 441 27.78 -34.53 -26.24
C LEU F 441 28.62 -34.45 -24.97
N ASN F 442 29.67 -35.27 -24.92
CA ASN F 442 30.51 -35.39 -23.74
C ASN F 442 31.90 -34.85 -24.05
N PHE F 443 32.24 -33.71 -23.43
CA PHE F 443 33.56 -33.09 -23.58
C PHE F 443 34.39 -33.46 -22.36
N THR F 444 34.92 -34.68 -22.37
CA THR F 444 35.60 -35.24 -21.21
C THR F 444 37.11 -34.97 -21.20
N VAL F 445 37.65 -34.33 -22.23
CA VAL F 445 39.08 -34.06 -22.32
C VAL F 445 39.30 -32.56 -22.34
N ARG F 446 40.21 -32.08 -21.48
CA ARG F 446 40.51 -30.67 -21.40
C ARG F 446 41.59 -30.31 -22.44
N CYS F 447 41.87 -29.02 -22.55
CA CYS F 447 42.73 -28.50 -23.61
C CYS F 447 43.86 -27.68 -23.01
N SER F 448 45.01 -27.73 -23.68
CA SER F 448 46.17 -26.96 -23.25
C SER F 448 45.93 -25.47 -23.48
N PRO F 449 46.52 -24.60 -22.65
CA PRO F 449 46.26 -23.16 -22.79
C PRO F 449 46.88 -22.52 -24.01
N ASP F 450 47.71 -23.25 -24.78
CA ASP F 450 48.31 -22.67 -25.97
C ASP F 450 47.26 -22.34 -27.02
N MET F 451 46.22 -23.20 -27.06
CA MET F 451 45.08 -22.97 -28.00
C MET F 451 44.45 -21.62 -27.69
N GLY F 452 44.12 -20.89 -28.74
CA GLY F 452 43.44 -19.63 -28.54
C GLY F 452 41.97 -19.69 -28.88
N LEU F 453 41.41 -18.54 -29.25
CA LEU F 453 40.00 -18.44 -29.56
C LEU F 453 39.67 -19.15 -30.87
N LEU F 454 38.39 -19.49 -31.02
CA LEU F 454 37.86 -20.05 -32.26
C LEU F 454 37.09 -18.95 -33.00
N THR F 455 37.40 -18.77 -34.26
CA THR F 455 36.90 -17.66 -35.05
C THR F 455 35.84 -18.12 -36.03
N GLU F 456 35.32 -17.16 -36.81
CA GLU F 456 34.29 -17.46 -37.80
C GLU F 456 34.84 -18.27 -38.95
N ALA F 457 36.09 -18.01 -39.34
CA ALA F 457 36.67 -18.69 -40.49
C ALA F 457 36.77 -20.20 -40.26
N ASP F 458 37.16 -20.62 -39.05
CA ASP F 458 37.27 -22.04 -38.76
C ASP F 458 35.92 -22.73 -38.90
N VAL F 459 34.88 -22.14 -38.31
CA VAL F 459 33.54 -22.75 -38.38
C VAL F 459 33.05 -22.79 -39.81
N GLN F 460 33.25 -21.69 -40.56
CA GLN F 460 32.80 -21.64 -41.94
C GLN F 460 33.49 -22.70 -42.79
N GLN F 461 34.81 -22.82 -42.65
CA GLN F 461 35.55 -23.82 -43.43
C GLN F 461 35.14 -25.23 -43.04
N TRP F 462 34.98 -25.50 -41.74
CA TRP F 462 34.59 -26.82 -41.29
C TRP F 462 33.22 -27.22 -41.83
N LEU F 463 32.25 -26.31 -41.72
CA LEU F 463 30.89 -26.63 -42.18
C LEU F 463 30.84 -26.74 -43.70
N THR F 464 31.59 -25.90 -44.42
CA THR F 464 31.65 -26.02 -45.87
C THR F 464 32.26 -27.35 -46.29
N TRP F 465 33.31 -27.80 -45.59
CA TRP F 465 33.91 -29.10 -45.90
C TRP F 465 32.92 -30.22 -45.64
N CYS F 466 32.22 -30.19 -44.50
CA CYS F 466 31.25 -31.24 -44.22
C CYS F 466 30.04 -31.21 -45.16
N ASN F 467 29.75 -30.06 -45.76
CA ASN F 467 28.57 -29.97 -46.63
C ASN F 467 28.71 -30.80 -47.90
N ALA F 468 29.92 -31.15 -48.31
CA ALA F 468 30.15 -31.79 -49.60
C ALA F 468 30.97 -33.07 -49.47
N GLN F 469 30.61 -33.94 -48.52
CA GLN F 469 31.26 -35.24 -48.40
C GLN F 469 30.29 -36.38 -48.67
N SER F 470 29.18 -36.46 -47.94
CA SER F 470 28.19 -37.52 -48.07
C SER F 470 27.05 -37.20 -47.11
N TRP F 471 25.90 -37.83 -47.36
CA TRP F 471 24.73 -37.65 -46.49
C TRP F 471 24.02 -38.98 -46.27
N ASP F 472 24.80 -40.06 -46.16
CA ASP F 472 24.26 -41.39 -45.92
C ASP F 472 24.40 -41.81 -44.46
N HIS F 473 25.61 -41.71 -43.91
CA HIS F 473 25.85 -42.11 -42.53
C HIS F 473 25.00 -41.28 -41.56
N TYR F 474 24.58 -40.09 -41.96
CA TYR F 474 23.67 -39.29 -41.16
C TYR F 474 22.22 -39.72 -41.39
N GLU F 475 21.87 -40.03 -42.64
CA GLU F 475 20.47 -40.21 -43.02
C GLU F 475 19.79 -41.31 -42.22
N ASN F 476 20.49 -42.43 -42.01
CA ASN F 476 19.91 -43.50 -41.19
C ASN F 476 19.68 -43.03 -39.75
N TRP F 477 20.66 -42.32 -39.18
CA TRP F 477 20.52 -41.86 -37.81
C TRP F 477 19.34 -40.90 -37.67
N ALA F 478 19.17 -40.01 -38.65
CA ALA F 478 18.04 -39.09 -38.65
C ALA F 478 16.70 -39.82 -38.71
N ILE F 479 16.69 -41.11 -39.07
CA ILE F 479 15.46 -41.89 -38.99
C ILE F 479 14.97 -41.94 -37.54
N ASN F 480 15.90 -42.14 -36.59
CA ASN F 480 15.55 -42.17 -35.18
C ASN F 480 16.72 -41.59 -34.39
N TYR F 481 16.55 -40.40 -33.83
CA TYR F 481 17.61 -39.73 -33.11
C TYR F 481 17.80 -40.33 -31.72
N THR F 482 19.06 -40.43 -31.30
CA THR F 482 19.39 -40.89 -29.95
C THR F 482 19.73 -39.69 -29.07
N PHE F 483 19.54 -39.87 -27.76
CA PHE F 483 19.84 -38.78 -26.83
C PHE F 483 21.32 -38.45 -26.81
N ASP F 484 22.17 -39.47 -26.87
CA ASP F 484 23.62 -39.29 -26.85
C ASP F 484 24.19 -39.42 -28.26
N PHE F 485 25.09 -38.51 -28.61
CA PHE F 485 25.67 -38.51 -29.95
C PHE F 485 26.60 -39.72 -30.11
N PRO F 486 26.45 -40.50 -31.17
CA PRO F 486 27.35 -41.65 -31.38
C PRO F 486 28.80 -41.22 -31.48
N GLY F 487 29.70 -42.06 -30.97
CA GLY F 487 31.12 -41.81 -31.03
C GLY F 487 31.72 -42.19 -32.36
N ILE F 488 33.05 -42.17 -32.41
CA ILE F 488 33.74 -42.48 -33.65
C ILE F 488 33.55 -43.94 -34.04
N ASN F 489 33.85 -44.24 -35.29
CA ASN F 489 33.83 -45.61 -35.79
C ASN F 489 34.91 -45.73 -36.86
N ALA F 490 36.03 -46.36 -36.51
CA ALA F 490 37.12 -46.52 -37.47
C ALA F 490 36.71 -47.38 -38.66
N ASP F 491 35.66 -48.19 -38.52
CA ASP F 491 35.18 -48.98 -39.64
C ASP F 491 34.66 -48.08 -40.76
N ALA F 492 33.95 -47.01 -40.41
CA ALA F 492 33.40 -46.06 -41.38
C ALA F 492 33.82 -44.66 -40.97
N LEU F 493 35.01 -44.24 -41.41
CA LEU F 493 35.49 -42.88 -41.19
C LEU F 493 36.05 -42.36 -42.50
N HIS F 494 35.87 -41.07 -42.74
CA HIS F 494 36.19 -40.51 -44.04
C HIS F 494 37.70 -40.61 -44.31
N PRO F 495 38.10 -41.00 -45.52
CA PRO F 495 39.54 -41.20 -45.79
C PRO F 495 40.39 -39.97 -45.56
N ASP F 496 39.84 -38.76 -45.70
CA ASP F 496 40.64 -37.55 -45.55
C ASP F 496 41.24 -37.45 -44.15
N LEU F 497 40.39 -37.62 -43.12
CA LEU F 497 40.85 -37.52 -41.74
C LEU F 497 41.31 -38.86 -41.18
N GLN F 498 41.28 -39.92 -41.97
CA GLN F 498 41.71 -41.23 -41.50
C GLN F 498 43.22 -41.40 -41.62
N VAL G 201 32.02 -25.85 41.85
CA VAL G 201 30.88 -25.01 42.20
C VAL G 201 29.92 -25.79 43.09
N VAL G 202 29.74 -25.31 44.32
CA VAL G 202 28.84 -25.97 45.27
C VAL G 202 27.39 -25.65 44.88
N PRO G 203 26.54 -26.66 44.69
CA PRO G 203 25.15 -26.38 44.33
C PRO G 203 24.39 -25.70 45.46
N PHE G 204 23.29 -25.06 45.08
CA PHE G 204 22.45 -24.39 46.06
C PHE G 204 21.89 -25.39 47.05
N ASN G 205 21.74 -24.96 48.31
CA ASN G 205 21.35 -25.85 49.39
C ASN G 205 19.83 -25.88 49.49
N GLY G 206 19.15 -25.63 48.38
CA GLY G 206 17.70 -25.71 48.36
C GLY G 206 17.22 -27.14 48.47
N LYS G 207 16.06 -27.31 49.10
CA LYS G 207 15.45 -28.62 49.30
C LYS G 207 14.07 -28.64 48.65
N GLY G 208 13.73 -29.78 48.03
CA GLY G 208 12.48 -29.92 47.33
C GLY G 208 11.44 -30.68 48.12
N THR G 209 10.18 -30.50 47.73
CA THR G 209 9.05 -31.18 48.35
C THR G 209 8.77 -32.48 47.62
N LYS G 210 7.67 -33.15 47.98
CA LYS G 210 7.31 -34.39 47.32
C LYS G 210 6.97 -34.16 45.85
N ALA G 211 6.27 -33.06 45.56
CA ALA G 211 5.88 -32.77 44.17
C ALA G 211 7.12 -32.52 43.31
N SER G 212 8.10 -31.80 43.83
CA SER G 212 9.31 -31.53 43.06
C SER G 212 10.09 -32.81 42.77
N ILE G 213 10.19 -33.69 43.77
CA ILE G 213 10.90 -34.95 43.56
C ILE G 213 10.16 -35.84 42.57
N LYS G 214 8.83 -35.84 42.64
CA LYS G 214 8.04 -36.60 41.66
C LYS G 214 8.23 -36.05 40.26
N PHE G 215 8.27 -34.72 40.13
CA PHE G 215 8.51 -34.10 38.82
C PHE G 215 9.89 -34.46 38.28
N GLN G 216 10.91 -34.46 39.16
CA GLN G 216 12.24 -34.86 38.74
C GLN G 216 12.27 -36.32 38.29
N THR G 217 11.58 -37.20 39.02
CA THR G 217 11.51 -38.60 38.64
C THR G 217 10.81 -38.75 37.29
N MET G 218 9.76 -37.97 37.04
CA MET G 218 9.08 -38.01 35.75
C MET G 218 10.01 -37.54 34.62
N VAL G 219 10.81 -36.50 34.88
CA VAL G 219 11.76 -36.04 33.87
C VAL G 219 12.79 -37.12 33.57
N ASN G 220 13.30 -37.78 34.63
CA ASN G 220 14.25 -38.87 34.43
C ASN G 220 13.64 -40.01 33.63
N TRP G 221 12.37 -40.34 33.92
CA TRP G 221 11.68 -41.38 33.16
C TRP G 221 11.52 -40.98 31.70
N LEU G 222 11.19 -39.70 31.44
CA LEU G 222 11.06 -39.23 30.07
C LEU G 222 12.38 -39.36 29.32
N CYS G 223 13.48 -39.01 29.98
CA CYS G 223 14.79 -39.11 29.33
C CYS G 223 15.21 -40.55 29.11
N GLU G 224 14.90 -41.44 30.06
CA GLU G 224 15.35 -42.82 29.98
C GLU G 224 14.66 -43.56 28.83
N ASN G 225 13.37 -43.30 28.60
CA ASN G 225 12.57 -44.07 27.67
C ASN G 225 12.58 -43.48 26.26
N ARG G 226 13.43 -42.50 25.98
CA ARG G 226 13.60 -41.93 24.65
C ARG G 226 12.29 -41.32 24.12
N VAL G 227 11.52 -40.74 25.02
CA VAL G 227 10.26 -40.07 24.68
C VAL G 227 10.46 -38.56 24.80
N PHE G 228 10.16 -37.84 23.72
CA PHE G 228 10.40 -36.41 23.67
C PHE G 228 9.27 -35.59 23.05
N THR G 229 8.16 -36.22 22.68
CA THR G 229 7.05 -35.52 22.06
C THR G 229 5.75 -35.94 22.74
N GLU G 230 4.72 -35.10 22.57
CA GLU G 230 3.41 -35.40 23.15
C GLU G 230 2.80 -36.65 22.54
N ASP G 231 2.90 -36.81 21.22
CA ASP G 231 2.31 -37.97 20.56
C ASP G 231 2.97 -39.26 21.02
N LYS G 232 4.30 -39.26 21.14
CA LYS G 232 5.00 -40.44 21.63
C LYS G 232 4.61 -40.74 23.08
N TRP G 233 4.41 -39.70 23.89
CA TRP G 233 3.95 -39.89 25.26
C TRP G 233 2.57 -40.54 25.29
N LYS G 234 1.66 -40.07 24.43
CA LYS G 234 0.32 -40.66 24.37
C LYS G 234 0.38 -42.11 23.91
N LEU G 235 1.23 -42.41 22.92
CA LEU G 235 1.32 -43.78 22.42
C LEU G 235 1.99 -44.71 23.42
N VAL G 236 2.91 -44.20 24.23
CA VAL G 236 3.66 -45.05 25.16
C VAL G 236 2.95 -45.17 26.50
N ASP G 237 2.44 -44.06 27.05
CA ASP G 237 1.78 -44.07 28.36
C ASP G 237 0.58 -43.13 28.29
N PHE G 238 -0.58 -43.69 27.96
CA PHE G 238 -1.81 -42.91 27.91
C PHE G 238 -2.37 -42.65 29.31
N ASN G 239 -2.15 -43.59 30.24
CA ASN G 239 -2.69 -43.43 31.59
C ASN G 239 -2.12 -42.20 32.28
N GLN G 240 -0.79 -42.07 32.27
CA GLN G 240 -0.16 -40.93 32.93
C GLN G 240 -0.53 -39.61 32.26
N TYR G 241 -0.59 -39.61 30.93
CA TYR G 241 -0.99 -38.41 30.21
C TYR G 241 -2.41 -37.98 30.58
N THR G 242 -3.34 -38.94 30.64
CA THR G 242 -4.72 -38.63 31.00
C THR G 242 -4.81 -38.15 32.45
N LEU G 243 -4.06 -38.77 33.36
CA LEU G 243 -4.07 -38.34 34.75
C LEU G 243 -3.52 -36.92 34.89
N LEU G 244 -2.46 -36.60 34.16
CA LEU G 244 -1.85 -35.28 34.28
C LEU G 244 -2.73 -34.21 33.65
N SER G 245 -3.39 -34.51 32.53
CA SER G 245 -4.10 -33.49 31.78
C SER G 245 -5.49 -33.19 32.33
N SER G 246 -5.76 -33.54 33.59
CA SER G 246 -7.04 -33.24 34.20
C SER G 246 -7.09 -31.88 34.87
N SER G 247 -5.97 -31.17 34.95
CA SER G 247 -5.93 -29.87 35.60
C SER G 247 -4.86 -29.01 34.93
N HIS G 248 -4.86 -27.71 35.29
CA HIS G 248 -3.89 -26.78 34.72
C HIS G 248 -2.47 -27.14 35.14
N SER G 249 -2.29 -27.57 36.40
CA SER G 249 -0.96 -27.88 36.91
C SER G 249 -0.31 -29.01 36.12
N GLY G 250 -1.06 -30.07 35.86
CA GLY G 250 -0.51 -31.19 35.09
C GLY G 250 -0.21 -30.80 33.65
N SER G 251 -1.07 -29.97 33.05
CA SER G 251 -0.81 -29.51 31.69
C SER G 251 0.47 -28.69 31.61
N PHE G 252 0.70 -27.83 32.61
CA PHE G 252 1.96 -27.09 32.66
C PHE G 252 3.14 -28.03 32.86
N GLN G 253 2.98 -29.01 33.76
CA GLN G 253 4.06 -29.95 34.06
C GLN G 253 4.45 -30.78 32.85
N ILE G 254 3.48 -31.12 32.01
CA ILE G 254 3.78 -31.93 30.82
C ILE G 254 4.77 -31.19 29.93
N GLN G 255 4.48 -29.93 29.60
CA GLN G 255 5.38 -29.15 28.75
C GLN G 255 6.71 -28.89 29.43
N SER G 256 6.69 -28.57 30.73
CA SER G 256 7.94 -28.32 31.43
C SER G 256 8.84 -29.54 31.42
N ALA G 257 8.27 -30.71 31.71
CA ALA G 257 9.06 -31.94 31.73
C ALA G 257 9.56 -32.31 30.33
N LEU G 258 8.74 -32.09 29.30
CA LEU G 258 9.19 -32.37 27.94
C LEU G 258 10.37 -31.50 27.57
N LYS G 259 10.29 -30.20 27.88
CA LYS G 259 11.40 -29.30 27.57
C LYS G 259 12.65 -29.69 28.35
N LEU G 260 12.50 -30.01 29.63
CA LEU G 260 13.67 -30.39 30.43
C LEU G 260 14.31 -31.67 29.92
N ALA G 261 13.49 -32.66 29.54
CA ALA G 261 14.03 -33.90 29.02
C ALA G 261 14.76 -33.67 27.70
N ILE G 262 14.19 -32.84 26.83
CA ILE G 262 14.86 -32.53 25.57
C ILE G 262 16.21 -31.87 25.83
N TYR G 263 16.24 -30.90 26.75
CA TYR G 263 17.50 -30.22 27.05
C TYR G 263 18.52 -31.19 27.63
N LYS G 264 18.10 -32.07 28.54
CA LYS G 264 19.03 -33.02 29.15
C LYS G 264 19.58 -33.99 28.10
N ALA G 265 18.72 -34.45 27.19
CA ALA G 265 19.17 -35.38 26.16
C ALA G 265 20.12 -34.70 25.17
N THR G 266 19.89 -33.43 24.87
CA THR G 266 20.68 -32.77 23.83
C THR G 266 21.99 -32.19 24.36
N ASN G 267 21.96 -31.50 25.50
CA ASN G 267 23.10 -30.71 25.95
C ASN G 267 23.94 -31.38 27.03
N LEU G 268 23.31 -32.01 28.02
CA LEU G 268 24.04 -32.52 29.18
C LEU G 268 24.57 -33.94 29.01
N VAL G 269 24.19 -34.63 27.94
CA VAL G 269 24.64 -36.00 27.72
C VAL G 269 25.21 -36.12 26.31
N PRO G 270 26.41 -36.69 26.14
CA PRO G 270 26.94 -36.90 24.79
C PRO G 270 26.03 -37.80 23.97
N THR G 271 25.94 -37.49 22.66
CA THR G 271 25.08 -38.27 21.79
C THR G 271 25.59 -39.69 21.59
N SER G 272 26.92 -39.87 21.58
CA SER G 272 27.49 -41.20 21.39
C SER G 272 27.06 -42.18 22.48
N THR G 273 26.67 -41.68 23.66
CA THR G 273 26.15 -42.55 24.70
C THR G 273 24.87 -43.24 24.24
N PHE G 274 24.01 -42.52 23.53
CA PHE G 274 22.79 -43.12 22.98
C PHE G 274 23.07 -44.09 21.85
N LEU G 275 24.30 -44.13 21.33
CA LEU G 275 24.63 -44.96 20.19
C LEU G 275 25.28 -46.28 20.56
N LEU G 276 26.00 -46.34 21.68
CA LEU G 276 26.70 -47.56 22.07
C LEU G 276 25.78 -48.46 22.88
N HIS G 277 26.31 -49.59 23.32
CA HIS G 277 25.54 -50.55 24.10
C HIS G 277 26.46 -51.43 24.96
N CYS G 285 30.20 -62.91 13.35
CA CYS G 285 28.93 -62.24 13.59
C CYS G 285 28.94 -60.82 13.03
N ILE G 286 30.08 -60.14 13.16
CA ILE G 286 30.20 -58.78 12.64
C ILE G 286 30.15 -58.78 11.12
N LYS G 287 30.68 -59.81 10.47
CA LYS G 287 30.67 -59.87 9.01
C LYS G 287 29.27 -60.09 8.44
N ASP G 288 28.29 -60.44 9.27
CA ASP G 288 26.92 -60.59 8.84
C ASP G 288 26.12 -59.30 8.95
N ASN G 289 26.74 -58.22 9.43
CA ASN G 289 26.04 -56.95 9.56
C ASN G 289 25.89 -56.30 8.18
N LYS G 290 24.70 -55.76 7.93
CA LYS G 290 24.43 -55.16 6.62
C LYS G 290 25.28 -53.92 6.38
N ILE G 291 25.56 -53.13 7.42
CA ILE G 291 26.36 -51.93 7.26
C ILE G 291 27.77 -52.27 6.80
N VAL G 292 28.37 -53.31 7.39
CA VAL G 292 29.72 -53.71 7.01
C VAL G 292 29.75 -54.16 5.55
N LYS G 293 28.76 -54.96 5.14
CA LYS G 293 28.69 -55.41 3.76
C LYS G 293 28.53 -54.23 2.80
N LEU G 294 27.66 -53.28 3.14
CA LEU G 294 27.43 -52.13 2.29
C LEU G 294 28.70 -51.28 2.16
N LEU G 295 29.41 -51.08 3.28
CA LEU G 295 30.64 -50.29 3.22
C LEU G 295 31.77 -51.02 2.53
N LEU G 296 31.76 -52.36 2.54
CA LEU G 296 32.76 -53.12 1.79
C LEU G 296 32.47 -53.11 0.30
N CYS G 297 31.19 -53.08 -0.09
CA CYS G 297 30.84 -52.99 -1.51
C CYS G 297 31.37 -51.71 -2.13
N GLN G 298 31.26 -50.59 -1.42
CA GLN G 298 31.74 -49.30 -1.90
C GLN G 298 33.24 -49.13 -1.73
N ASN G 299 33.97 -50.19 -1.42
CA ASN G 299 35.42 -50.15 -1.22
C ASN G 299 35.80 -49.14 -0.12
N TYR G 300 35.15 -49.28 1.03
CA TYR G 300 35.40 -48.42 2.18
C TYR G 300 35.63 -49.28 3.42
N ASP G 301 36.47 -48.76 4.31
CA ASP G 301 36.77 -49.48 5.55
C ASP G 301 35.70 -49.18 6.59
N PRO G 302 34.94 -50.18 7.04
CA PRO G 302 33.89 -49.91 8.03
C PRO G 302 34.42 -49.37 9.34
N LEU G 303 35.61 -49.78 9.76
CA LEU G 303 36.15 -49.33 11.05
C LEU G 303 36.41 -47.83 11.04
N LEU G 304 37.08 -47.33 10.00
CA LEU G 304 37.36 -45.90 9.89
C LEU G 304 36.07 -45.09 9.80
N VAL G 305 35.10 -45.58 9.03
CA VAL G 305 33.82 -44.87 8.89
C VAL G 305 33.11 -44.80 10.24
N GLY G 306 33.09 -45.91 10.98
CA GLY G 306 32.44 -45.92 12.28
C GLY G 306 33.12 -44.99 13.28
N GLN G 307 34.45 -45.02 13.32
CA GLN G 307 35.17 -44.14 14.23
C GLN G 307 34.95 -42.67 13.86
N HIS G 308 34.95 -42.36 12.56
CA HIS G 308 34.70 -40.99 12.13
C HIS G 308 33.28 -40.55 12.49
N VAL G 309 32.29 -41.44 12.34
CA VAL G 309 30.93 -41.10 12.72
C VAL G 309 30.85 -40.83 14.21
N LEU G 310 31.50 -41.67 15.03
CA LEU G 310 31.48 -41.48 16.46
C LEU G 310 32.11 -40.14 16.86
N LYS G 311 33.24 -39.79 16.24
CA LYS G 311 33.89 -38.52 16.56
C LYS G 311 33.09 -37.33 16.02
N TRP G 312 32.43 -37.49 14.88
CA TRP G 312 31.73 -36.39 14.23
C TRP G 312 30.41 -36.07 14.92
N ILE G 313 29.70 -37.08 15.42
CA ILE G 313 28.42 -36.83 16.06
C ILE G 313 28.59 -36.19 17.43
N ASP G 314 29.80 -36.23 18.00
CA ASP G 314 30.10 -35.60 19.28
C ASP G 314 30.75 -34.23 19.12
N LYS G 315 30.72 -33.66 17.91
CA LYS G 315 31.26 -32.32 17.64
C LYS G 315 32.75 -32.25 17.99
N LYS G 316 33.48 -33.33 17.73
CA LYS G 316 34.90 -33.41 18.02
C LYS G 316 35.77 -33.23 16.78
N CYS G 317 35.17 -32.95 15.62
CA CYS G 317 35.91 -32.85 14.37
C CYS G 317 36.31 -31.42 14.02
N GLY G 318 36.02 -30.46 14.89
CA GLY G 318 36.42 -29.09 14.61
C GLY G 318 35.50 -28.43 13.61
N LYS G 319 36.09 -27.84 12.58
CA LYS G 319 35.33 -27.13 11.55
C LYS G 319 34.69 -28.06 10.52
N LYS G 320 35.12 -29.32 10.46
CA LYS G 320 34.55 -30.28 9.51
C LYS G 320 33.31 -30.93 10.14
N ASN G 321 32.24 -30.14 10.22
CA ASN G 321 31.01 -30.54 10.88
C ASN G 321 30.04 -31.25 9.95
N THR G 322 30.34 -31.35 8.66
CA THR G 322 29.39 -31.87 7.67
C THR G 322 29.87 -33.20 7.12
N LEU G 323 28.93 -34.12 6.93
CA LEU G 323 29.17 -35.41 6.30
C LEU G 323 28.33 -35.49 5.04
N TRP G 324 28.96 -35.82 3.91
CA TRP G 324 28.31 -35.76 2.61
C TRP G 324 28.40 -37.12 1.93
N PHE G 325 27.24 -37.63 1.50
CA PHE G 325 27.17 -38.85 0.71
C PHE G 325 26.84 -38.49 -0.73
N TYR G 326 27.67 -38.98 -1.66
CA TYR G 326 27.54 -38.64 -3.07
C TYR G 326 27.58 -39.90 -3.92
N GLY G 327 26.72 -39.95 -4.93
CA GLY G 327 26.79 -41.05 -5.88
C GLY G 327 25.64 -41.11 -6.84
N PRO G 328 25.64 -42.06 -7.79
CA PRO G 328 24.55 -42.24 -8.75
C PRO G 328 23.34 -42.90 -8.10
N PRO G 329 22.15 -42.96 -8.69
CA PRO G 329 20.97 -43.51 -7.99
C PRO G 329 20.95 -44.91 -7.31
N SER G 330 19.88 -45.27 -6.61
CA SER G 330 19.80 -46.50 -5.73
C SER G 330 21.13 -47.15 -5.33
N THR G 331 22.04 -46.42 -4.73
CA THR G 331 23.32 -46.92 -4.19
C THR G 331 23.34 -46.78 -2.65
N GLY G 332 22.22 -46.96 -1.93
CA GLY G 332 22.12 -46.89 -0.45
C GLY G 332 22.73 -45.68 0.21
N LYS G 333 22.08 -44.51 0.19
CA LYS G 333 22.64 -43.25 0.74
C LYS G 333 21.67 -42.71 1.76
N THR G 334 20.40 -42.63 1.44
CA THR G 334 19.38 -42.19 2.38
C THR G 334 19.03 -43.34 3.32
N ASN G 335 19.58 -44.52 3.13
CA ASN G 335 19.38 -45.66 4.04
C ASN G 335 20.51 -45.65 5.07
N LEU G 336 21.76 -45.42 4.72
CA LEU G 336 22.76 -45.31 5.79
C LEU G 336 22.48 -44.05 6.59
N ALA G 337 21.89 -43.00 6.02
CA ALA G 337 21.74 -41.69 6.69
C ALA G 337 20.56 -41.68 7.59
N MET G 338 19.47 -42.25 7.19
CA MET G 338 18.25 -42.14 8.00
C MET G 338 18.20 -43.26 9.03
N ALA G 339 19.15 -44.15 9.04
CA ALA G 339 19.25 -45.20 10.03
C ALA G 339 20.17 -44.61 11.06
N ILE G 340 21.19 -43.92 10.58
CA ILE G 340 21.95 -43.17 11.56
C ILE G 340 21.04 -42.19 12.30
N ALA G 341 20.17 -41.49 11.58
CA ALA G 341 19.32 -40.47 12.20
C ALA G 341 18.27 -41.08 13.11
N LYS G 342 17.90 -42.33 12.90
CA LYS G 342 16.90 -42.97 13.74
C LYS G 342 17.46 -43.46 15.07
N SER G 343 18.78 -43.37 15.27
CA SER G 343 19.39 -43.78 16.53
C SER G 343 19.64 -42.61 17.47
N VAL G 344 19.65 -41.37 16.99
CA VAL G 344 19.87 -40.20 17.83
C VAL G 344 18.57 -39.85 18.54
N PRO G 345 18.63 -39.17 19.69
CA PRO G 345 17.39 -38.78 20.37
C PRO G 345 16.46 -37.93 19.52
N VAL G 346 16.95 -36.80 19.04
CA VAL G 346 16.17 -35.86 18.24
C VAL G 346 16.96 -35.52 16.98
N TYR G 347 16.25 -35.41 15.86
CA TYR G 347 16.87 -35.03 14.60
C TYR G 347 15.89 -34.18 13.79
N GLY G 348 16.44 -33.39 12.88
CA GLY G 348 15.64 -32.50 12.07
C GLY G 348 15.97 -32.63 10.59
N MET G 349 15.07 -32.09 9.78
CA MET G 349 15.20 -32.09 8.32
C MET G 349 15.21 -30.67 7.78
N VAL G 350 16.06 -30.43 6.78
CA VAL G 350 15.96 -29.21 6.01
C VAL G 350 14.67 -29.21 5.18
N ASN G 351 14.21 -30.41 4.79
CA ASN G 351 13.01 -30.52 3.97
C ASN G 351 11.76 -30.07 4.72
N TRP G 352 11.66 -30.39 6.01
CA TRP G 352 10.50 -29.97 6.80
C TRP G 352 10.47 -28.46 6.99
N ASN G 353 11.60 -27.78 6.91
CA ASN G 353 11.63 -26.35 7.12
C ASN G 353 11.12 -25.62 5.87
N ASN G 354 10.79 -24.34 6.06
CA ASN G 354 10.33 -23.53 4.94
C ASN G 354 11.48 -23.27 3.97
N GLU G 355 11.12 -23.04 2.70
CA GLU G 355 12.13 -22.85 1.67
C GLU G 355 12.97 -21.60 1.92
N ASN G 356 12.37 -20.54 2.45
CA ASN G 356 13.09 -19.29 2.66
C ASN G 356 14.02 -19.35 3.85
N PHE G 357 13.67 -20.11 4.90
CA PHE G 357 14.46 -20.21 6.11
C PHE G 357 14.70 -21.68 6.43
N PRO G 358 15.61 -22.33 5.69
CA PRO G 358 15.82 -23.77 5.89
C PRO G 358 16.48 -24.14 7.21
N PHE G 359 17.15 -23.21 7.88
CA PHE G 359 17.88 -23.50 9.11
C PHE G 359 17.27 -22.80 10.31
N ASN G 360 15.94 -22.74 10.37
CA ASN G 360 15.24 -22.03 11.43
C ASN G 360 14.94 -22.91 12.64
N ASP G 361 15.14 -24.21 12.56
CA ASP G 361 14.77 -25.13 13.63
C ASP G 361 15.92 -26.08 13.96
N VAL G 362 17.11 -25.52 14.14
CA VAL G 362 18.29 -26.31 14.46
C VAL G 362 18.62 -26.26 15.96
N ALA G 363 17.65 -25.86 16.78
CA ALA G 363 17.84 -25.79 18.22
C ALA G 363 17.18 -26.99 18.90
N GLY G 364 17.89 -27.59 19.84
CA GLY G 364 17.38 -28.77 20.52
C GLY G 364 17.43 -30.04 19.70
N LYS G 365 18.29 -30.10 18.69
CA LYS G 365 18.41 -31.27 17.83
C LYS G 365 19.81 -31.85 17.96
N SER G 366 19.90 -33.17 17.80
CA SER G 366 21.18 -33.86 17.83
C SER G 366 21.76 -34.08 16.43
N LEU G 367 21.01 -33.78 15.38
CA LEU G 367 21.44 -34.02 14.01
C LEU G 367 20.50 -33.32 13.06
N VAL G 368 21.06 -32.85 11.94
CA VAL G 368 20.28 -32.26 10.85
C VAL G 368 20.60 -33.03 9.59
N VAL G 369 19.56 -33.45 8.86
CA VAL G 369 19.71 -34.27 7.66
C VAL G 369 19.21 -33.47 6.47
N TRP G 370 20.01 -33.42 5.41
CA TRP G 370 19.66 -32.72 4.18
C TRP G 370 19.64 -33.75 3.05
N ASP G 371 18.45 -34.07 2.55
CA ASP G 371 18.26 -35.12 1.55
C ASP G 371 18.06 -34.50 0.18
N GLU G 372 18.88 -34.92 -0.79
CA GLU G 372 18.80 -34.45 -2.18
C GLU G 372 18.86 -32.93 -2.24
N GLY G 373 19.72 -32.34 -1.41
CA GLY G 373 19.77 -30.90 -1.28
C GLY G 373 20.65 -30.21 -2.30
N ILE G 374 20.36 -28.93 -2.52
CA ILE G 374 21.15 -28.06 -3.38
C ILE G 374 21.29 -26.71 -2.67
N ILE G 375 22.41 -26.03 -2.92
CA ILE G 375 22.73 -24.78 -2.25
C ILE G 375 22.52 -23.62 -3.23
N LYS G 376 21.72 -22.64 -2.81
CA LYS G 376 21.48 -21.44 -3.57
C LYS G 376 22.39 -20.31 -3.08
N SER G 377 22.44 -19.23 -3.87
CA SER G 377 23.27 -18.09 -3.51
C SER G 377 22.61 -17.17 -2.49
N THR G 378 21.30 -17.32 -2.27
CA THR G 378 20.60 -16.48 -1.32
C THR G 378 20.70 -16.99 0.11
N ILE G 379 21.19 -18.22 0.31
CA ILE G 379 21.31 -18.80 1.65
C ILE G 379 22.72 -19.34 1.85
N VAL G 380 23.65 -18.91 0.99
CA VAL G 380 24.99 -19.49 1.01
C VAL G 380 25.74 -19.13 2.29
N GLU G 381 25.52 -17.93 2.83
CA GLU G 381 26.23 -17.52 4.04
C GLU G 381 25.73 -18.29 5.26
N ALA G 382 24.42 -18.41 5.41
CA ALA G 382 23.87 -19.20 6.50
C ALA G 382 24.27 -20.67 6.36
N ALA G 383 24.32 -21.17 5.13
CA ALA G 383 24.76 -22.54 4.91
C ALA G 383 26.21 -22.72 5.32
N LYS G 384 27.07 -21.77 4.97
CA LYS G 384 28.47 -21.83 5.40
C LYS G 384 28.56 -21.81 6.92
N ALA G 385 27.74 -20.99 7.57
CA ALA G 385 27.77 -20.91 9.03
C ALA G 385 27.36 -22.24 9.67
N ILE G 386 26.24 -22.80 9.24
CA ILE G 386 25.73 -24.01 9.89
C ILE G 386 26.61 -25.22 9.57
N LEU G 387 27.07 -25.33 8.31
CA LEU G 387 27.85 -26.49 7.91
C LEU G 387 29.24 -26.52 8.52
N GLY G 388 29.71 -25.41 9.09
CA GLY G 388 30.99 -25.35 9.74
C GLY G 388 30.96 -25.45 11.24
N GLY G 389 29.78 -25.60 11.83
CA GLY G 389 29.67 -25.66 13.28
C GLY G 389 29.55 -24.31 13.96
N GLN G 390 29.24 -23.26 13.21
CA GLN G 390 29.17 -21.93 13.80
C GLN G 390 27.74 -21.57 14.18
N PRO G 391 27.57 -20.89 15.31
CA PRO G 391 26.23 -20.49 15.74
C PRO G 391 25.68 -19.34 14.90
N THR G 392 24.35 -19.25 14.89
CA THR G 392 23.67 -18.13 14.25
C THR G 392 23.73 -16.90 15.14
N ARG G 393 23.53 -15.74 14.53
CA ARG G 393 23.62 -14.48 15.26
C ARG G 393 22.54 -14.36 16.33
N VAL G 394 21.34 -14.87 16.03
CA VAL G 394 20.24 -14.76 17.00
C VAL G 394 20.55 -15.58 18.26
N ASP G 395 21.11 -16.77 18.08
CA ASP G 395 21.49 -17.58 19.23
C ASP G 395 22.57 -16.90 20.05
N GLN G 396 23.55 -16.29 19.38
CA GLN G 396 24.60 -15.57 20.09
C GLN G 396 24.03 -14.40 20.88
N LYS G 397 23.08 -13.67 20.30
CA LYS G 397 22.48 -12.53 20.97
C LYS G 397 21.56 -12.93 22.12
N MET G 398 20.87 -14.06 22.01
CA MET G 398 19.88 -14.45 23.01
C MET G 398 20.44 -15.31 24.13
N ARG G 399 21.39 -16.20 23.84
CA ARG G 399 21.89 -17.14 24.83
C ARG G 399 23.08 -16.63 25.61
N GLY G 400 23.49 -15.37 25.38
CA GLY G 400 24.62 -14.83 26.11
C GLY G 400 25.92 -14.88 25.33
N SER G 401 26.73 -15.90 25.59
CA SER G 401 28.04 -16.03 24.95
C SER G 401 27.87 -16.41 23.48
N VAL G 402 28.98 -16.63 22.78
CA VAL G 402 28.95 -16.82 21.33
C VAL G 402 28.80 -18.30 20.96
N ALA G 403 29.65 -19.16 21.52
CA ALA G 403 29.73 -20.56 21.07
C ALA G 403 28.87 -21.44 21.97
N VAL G 404 27.57 -21.20 21.90
CA VAL G 404 26.59 -21.98 22.68
C VAL G 404 26.31 -23.33 22.03
N PRO G 405 25.93 -23.41 20.73
CA PRO G 405 25.46 -24.69 20.20
C PRO G 405 26.39 -25.36 19.20
N GLY G 406 25.96 -25.43 17.94
CA GLY G 406 26.65 -26.19 16.92
C GLY G 406 26.06 -27.58 16.77
N VAL G 407 25.53 -27.90 15.58
CA VAL G 407 24.81 -29.14 15.33
C VAL G 407 25.45 -29.84 14.15
N PRO G 408 25.75 -31.14 14.24
CA PRO G 408 26.25 -31.86 13.06
C PRO G 408 25.20 -31.94 11.96
N VAL G 409 25.68 -31.96 10.71
CA VAL G 409 24.83 -32.00 9.53
C VAL G 409 25.29 -33.14 8.63
N VAL G 410 24.33 -33.83 8.03
CA VAL G 410 24.60 -34.88 7.05
C VAL G 410 23.81 -34.56 5.79
N ILE G 411 24.47 -34.67 4.62
CA ILE G 411 23.88 -34.29 3.35
C ILE G 411 23.98 -35.45 2.38
N THR G 412 22.90 -35.68 1.64
CA THR G 412 22.87 -36.67 0.56
C THR G 412 22.46 -35.96 -0.73
N SER G 413 23.18 -36.22 -1.82
CA SER G 413 22.92 -35.53 -3.07
C SER G 413 23.28 -36.41 -4.25
N ASN G 414 22.68 -36.11 -5.39
CA ASN G 414 23.00 -36.77 -6.65
C ASN G 414 24.02 -36.00 -7.48
N GLY G 415 24.06 -34.68 -7.33
CA GLY G 415 24.99 -33.84 -8.04
C GLY G 415 26.05 -33.24 -7.13
N ASP G 416 26.86 -32.36 -7.73
CA ASP G 416 27.93 -31.69 -7.01
C ASP G 416 27.36 -30.46 -6.30
N ILE G 417 27.25 -30.54 -4.98
CA ILE G 417 26.69 -29.43 -4.20
C ILE G 417 27.68 -28.28 -4.01
N THR G 418 28.96 -28.50 -4.32
CA THR G 418 29.94 -27.41 -4.22
C THR G 418 29.64 -26.29 -5.20
N PHE G 419 29.03 -26.61 -6.34
CA PHE G 419 28.57 -25.58 -7.27
C PHE G 419 27.30 -24.93 -6.73
N VAL G 420 27.26 -23.61 -6.76
CA VAL G 420 26.17 -22.84 -6.16
C VAL G 420 25.31 -22.24 -7.26
N VAL G 421 24.00 -22.39 -7.13
CA VAL G 421 23.06 -21.84 -8.10
C VAL G 421 22.93 -20.34 -7.87
N SER G 422 23.11 -19.57 -8.93
CA SER G 422 22.97 -18.11 -8.88
C SER G 422 22.15 -17.66 -10.08
N GLY G 423 20.96 -17.13 -9.81
CA GLY G 423 20.06 -16.75 -10.90
C GLY G 423 19.67 -17.98 -11.70
N ASN G 424 19.92 -17.94 -13.00
CA ASN G 424 19.69 -19.09 -13.88
C ASN G 424 20.98 -19.79 -14.25
N THR G 425 22.06 -19.53 -13.51
CA THR G 425 23.36 -20.12 -13.83
C THR G 425 24.01 -20.75 -12.61
N THR G 426 25.25 -21.19 -12.76
CA THR G 426 25.99 -21.88 -11.70
C THR G 426 27.35 -21.24 -11.53
N THR G 427 27.73 -20.98 -10.28
CA THR G 427 29.00 -20.36 -9.95
C THR G 427 29.79 -21.27 -9.01
N THR G 428 31.10 -21.04 -8.97
CA THR G 428 32.01 -21.84 -8.16
C THR G 428 32.91 -20.97 -7.29
N VAL G 429 32.50 -19.74 -6.99
CA VAL G 429 33.33 -18.86 -6.17
C VAL G 429 33.40 -19.34 -4.72
N HIS G 430 32.33 -19.99 -4.24
CA HIS G 430 32.27 -20.45 -2.86
C HIS G 430 32.85 -21.85 -2.67
N ALA G 431 33.54 -22.38 -3.69
CA ALA G 431 34.00 -23.77 -3.62
C ALA G 431 35.00 -23.99 -2.50
N LYS G 432 35.98 -23.08 -2.36
CA LYS G 432 37.04 -23.29 -1.38
C LYS G 432 36.50 -23.26 0.05
N ALA G 433 35.60 -22.32 0.36
CA ALA G 433 35.03 -22.26 1.70
C ALA G 433 34.19 -23.49 2.00
N LEU G 434 33.39 -23.95 1.03
CA LEU G 434 32.55 -25.11 1.25
C LEU G 434 33.38 -26.38 1.45
N LYS G 435 34.45 -26.55 0.67
CA LYS G 435 35.24 -27.77 0.73
C LYS G 435 35.95 -27.95 2.07
N GLU G 436 36.17 -26.86 2.81
CA GLU G 436 36.88 -26.95 4.09
C GLU G 436 36.04 -27.51 5.22
N ARG G 437 34.72 -27.64 5.03
CA ARG G 437 33.82 -28.04 6.10
C ARG G 437 33.14 -29.38 5.87
N MET G 438 33.48 -30.10 4.80
CA MET G 438 32.77 -31.32 4.44
C MET G 438 33.73 -32.48 4.29
N VAL G 439 33.21 -33.68 4.53
CA VAL G 439 33.91 -34.94 4.27
C VAL G 439 33.05 -35.72 3.28
N LYS G 440 33.67 -36.19 2.20
CA LYS G 440 32.95 -36.74 1.06
C LYS G 440 33.19 -38.25 0.97
N LEU G 441 32.10 -38.99 0.77
CA LEU G 441 32.15 -40.42 0.52
C LEU G 441 31.45 -40.72 -0.80
N ASN G 442 32.05 -41.58 -1.61
CA ASN G 442 31.54 -41.91 -2.94
C ASN G 442 30.79 -43.23 -2.88
N PHE G 443 29.51 -43.20 -3.23
CA PHE G 443 28.64 -44.38 -3.23
C PHE G 443 28.28 -44.65 -4.69
N THR G 444 28.95 -45.62 -5.33
CA THR G 444 28.81 -45.89 -6.80
C THR G 444 28.07 -47.21 -7.10
N VAL G 445 28.58 -48.35 -6.66
CA VAL G 445 28.01 -49.70 -6.93
C VAL G 445 26.54 -49.74 -6.58
N ARG G 446 25.67 -50.07 -7.52
CA ARG G 446 24.23 -50.07 -7.23
C ARG G 446 23.96 -51.16 -6.21
N CYS G 447 22.72 -51.30 -5.77
CA CYS G 447 22.39 -52.24 -4.67
C CYS G 447 21.21 -53.15 -5.00
N SER G 448 21.27 -54.42 -4.61
CA SER G 448 20.14 -55.37 -4.84
C SER G 448 18.82 -54.71 -4.44
N PRO G 449 17.73 -54.87 -5.23
CA PRO G 449 16.44 -54.33 -4.85
C PRO G 449 15.96 -55.15 -3.64
N ASP G 450 16.74 -56.15 -3.22
CA ASP G 450 16.43 -57.03 -2.07
C ASP G 450 16.57 -56.33 -0.73
N MET G 451 17.79 -55.97 -0.30
CA MET G 451 18.03 -55.40 1.06
C MET G 451 16.96 -54.38 1.44
N GLY G 452 16.72 -54.14 2.73
CA GLY G 452 15.64 -53.20 3.04
C GLY G 452 16.02 -52.16 4.06
N LEU G 453 15.05 -51.37 4.51
CA LEU G 453 15.32 -50.34 5.54
C LEU G 453 16.30 -50.89 6.57
N LEU G 454 17.56 -50.44 6.59
CA LEU G 454 18.51 -50.80 7.66
C LEU G 454 17.91 -50.33 9.01
N THR G 455 18.23 -50.99 10.14
CA THR G 455 17.62 -50.87 11.46
C THR G 455 18.57 -50.17 12.42
N GLU G 456 17.97 -49.65 13.50
CA GLU G 456 18.75 -49.01 14.55
C GLU G 456 19.64 -50.00 15.28
N ALA G 457 19.18 -51.25 15.42
CA ALA G 457 19.99 -52.27 16.08
C ALA G 457 21.27 -52.55 15.30
N ASP G 458 21.17 -52.56 13.96
CA ASP G 458 22.37 -52.76 13.15
C ASP G 458 23.36 -51.62 13.35
N VAL G 459 22.87 -50.39 13.41
CA VAL G 459 23.75 -49.24 13.64
C VAL G 459 24.42 -49.34 15.00
N GLN G 460 23.65 -49.69 16.03
CA GLN G 460 24.23 -49.83 17.37
C GLN G 460 25.29 -50.93 17.39
N GLN G 461 25.01 -52.07 16.76
CA GLN G 461 25.98 -53.16 16.73
C GLN G 461 27.25 -52.74 16.01
N TRP G 462 27.12 -52.11 14.84
CA TRP G 462 28.28 -51.70 14.07
C TRP G 462 29.11 -50.67 14.84
N LEU G 463 28.45 -49.69 15.47
CA LEU G 463 29.18 -48.65 16.18
C LEU G 463 29.85 -49.19 17.43
N THR G 464 29.17 -50.09 18.15
CA THR G 464 29.79 -50.72 19.32
C THR G 464 31.01 -51.53 18.92
N TRP G 465 30.90 -52.30 17.83
CA TRP G 465 32.05 -53.07 17.36
C TRP G 465 33.20 -52.15 16.97
N CYS G 466 32.91 -51.05 16.27
CA CYS G 466 33.96 -50.13 15.88
C CYS G 466 34.62 -49.49 17.09
N ASN G 467 33.83 -49.10 18.09
CA ASN G 467 34.39 -48.50 19.29
C ASN G 467 35.17 -49.50 20.14
N ALA G 468 34.87 -50.80 19.99
CA ALA G 468 35.55 -51.81 20.80
C ALA G 468 37.05 -51.87 20.49
N GLN G 469 37.42 -51.81 19.22
CA GLN G 469 38.81 -52.04 18.82
C GLN G 469 39.64 -50.78 19.01
N SER G 470 40.87 -50.81 18.51
CA SER G 470 41.83 -49.74 18.71
C SER G 470 41.48 -48.51 17.87
N TRP G 471 42.12 -47.39 18.21
CA TRP G 471 41.87 -46.11 17.58
C TRP G 471 43.11 -45.49 16.96
N ASP G 472 44.22 -46.24 16.89
CA ASP G 472 45.50 -45.66 16.51
C ASP G 472 45.48 -45.09 15.09
N HIS G 473 44.87 -45.80 14.15
CA HIS G 473 44.85 -45.35 12.76
C HIS G 473 44.10 -44.04 12.59
N TYR G 474 43.16 -43.74 13.49
CA TYR G 474 42.28 -42.59 13.29
C TYR G 474 43.03 -41.27 13.45
N GLU G 475 43.83 -41.14 14.52
CA GLU G 475 44.46 -39.85 14.81
C GLU G 475 45.47 -39.46 13.75
N ASN G 476 46.12 -40.43 13.11
CA ASN G 476 47.10 -40.10 12.07
C ASN G 476 46.46 -39.35 10.93
N TRP G 477 45.26 -39.79 10.50
CA TRP G 477 44.52 -39.02 9.51
C TRP G 477 43.90 -37.77 10.11
N ALA G 478 43.52 -37.83 11.39
CA ALA G 478 42.87 -36.68 12.03
C ALA G 478 43.82 -35.51 12.24
N ILE G 479 45.13 -35.74 12.13
CA ILE G 479 46.07 -34.62 12.21
C ILE G 479 45.81 -33.63 11.07
N ASN G 480 45.61 -34.14 9.85
CA ASN G 480 45.30 -33.32 8.69
C ASN G 480 44.06 -33.90 8.02
N TYR G 481 42.93 -33.24 8.19
CA TYR G 481 41.67 -33.71 7.61
C TYR G 481 41.66 -33.47 6.10
N THR G 482 41.24 -34.48 5.36
CA THR G 482 41.17 -34.40 3.90
C THR G 482 39.70 -34.33 3.46
N PHE G 483 39.48 -33.64 2.34
CA PHE G 483 38.13 -33.52 1.80
C PHE G 483 37.58 -34.88 1.37
N ASP G 484 38.41 -35.70 0.72
CA ASP G 484 37.98 -37.00 0.25
C ASP G 484 38.33 -38.08 1.28
N PHE G 485 37.36 -38.93 1.58
CA PHE G 485 37.59 -40.01 2.52
C PHE G 485 38.51 -41.05 1.89
N PRO G 486 39.59 -41.47 2.58
CA PRO G 486 40.49 -42.46 1.99
C PRO G 486 39.78 -43.78 1.71
N GLY G 487 40.19 -44.43 0.63
CA GLY G 487 39.57 -45.66 0.19
C GLY G 487 40.04 -46.87 0.98
N ILE G 488 39.56 -48.04 0.55
CA ILE G 488 39.88 -49.28 1.25
C ILE G 488 41.37 -49.58 1.10
N ASN G 489 41.95 -50.18 2.14
CA ASN G 489 43.37 -50.48 2.23
C ASN G 489 43.56 -51.91 2.72
N ALA G 490 42.89 -52.85 2.03
CA ALA G 490 42.78 -54.26 2.44
C ALA G 490 44.10 -54.86 2.93
N ASP G 491 45.23 -54.34 2.44
CA ASP G 491 46.52 -54.80 2.97
C ASP G 491 46.65 -54.47 4.45
N ALA G 492 46.20 -53.28 4.85
CA ALA G 492 46.19 -52.88 6.26
C ALA G 492 44.78 -52.93 6.85
N LEU G 493 43.96 -53.88 6.41
CA LEU G 493 42.59 -53.99 6.87
C LEU G 493 42.55 -54.64 8.25
N HIS G 494 41.35 -54.74 8.82
CA HIS G 494 41.17 -55.39 10.10
C HIS G 494 41.51 -56.88 9.97
N PRO G 495 42.23 -57.46 10.94
CA PRO G 495 42.54 -58.89 10.84
C PRO G 495 41.31 -59.78 10.78
N ASP G 496 40.23 -59.41 11.46
CA ASP G 496 39.00 -60.17 11.42
C ASP G 496 38.20 -59.93 10.14
N LEU G 497 38.29 -58.74 9.55
CA LEU G 497 37.51 -58.39 8.37
C LEU G 497 38.23 -58.77 7.08
N GLN G 498 38.65 -60.03 6.99
CA GLN G 498 39.31 -60.54 5.80
C GLN G 498 38.86 -61.96 5.48
N VAL H 201 18.09 7.98 54.13
CA VAL H 201 16.89 7.18 53.98
C VAL H 201 16.95 5.96 54.89
N VAL H 202 15.81 5.63 55.49
CA VAL H 202 15.69 4.48 56.39
C VAL H 202 14.94 3.37 55.65
N PRO H 203 15.47 2.14 55.64
CA PRO H 203 14.76 1.06 54.95
C PRO H 203 13.41 0.77 55.60
N PHE H 204 12.48 0.29 54.77
CA PHE H 204 11.14 -0.03 55.26
C PHE H 204 11.20 -1.14 56.29
N ASN H 205 10.35 -1.05 57.31
CA ASN H 205 10.40 -1.97 58.44
C ASN H 205 9.71 -3.30 58.17
N GLY H 206 9.04 -3.45 57.03
CA GLY H 206 8.38 -4.69 56.69
C GLY H 206 9.33 -5.87 56.63
N LYS H 207 8.94 -6.99 57.25
CA LYS H 207 9.76 -8.18 57.29
C LYS H 207 9.06 -9.31 56.55
N GLY H 208 9.84 -10.08 55.79
CA GLY H 208 9.30 -11.14 54.97
C GLY H 208 9.24 -12.48 55.68
N THR H 209 8.71 -13.46 54.97
CA THR H 209 8.52 -14.81 55.48
C THR H 209 9.70 -15.70 55.04
N LYS H 210 9.58 -17.00 55.29
CA LYS H 210 10.64 -17.93 54.93
C LYS H 210 10.85 -17.98 53.42
N ALA H 211 9.76 -17.92 52.65
CA ALA H 211 9.88 -17.98 51.20
C ALA H 211 10.66 -16.81 50.65
N SER H 212 10.39 -15.59 51.17
CA SER H 212 11.10 -14.42 50.68
C SER H 212 12.57 -14.46 51.06
N ILE H 213 12.89 -14.95 52.26
CA ILE H 213 14.29 -15.06 52.68
C ILE H 213 15.01 -16.09 51.81
N LYS H 214 14.35 -17.21 51.49
CA LYS H 214 14.94 -18.18 50.59
C LYS H 214 15.17 -17.60 49.20
N PHE H 215 14.21 -16.81 48.72
CA PHE H 215 14.38 -16.15 47.43
C PHE H 215 15.57 -15.20 47.43
N GLN H 216 15.72 -14.43 48.51
CA GLN H 216 16.86 -13.52 48.62
C GLN H 216 18.18 -14.29 48.66
N THR H 217 18.22 -15.40 49.39
CA THR H 217 19.42 -16.22 49.44
C THR H 217 19.75 -16.79 48.06
N MET H 218 18.73 -17.21 47.32
CA MET H 218 18.96 -17.73 45.97
C MET H 218 19.47 -16.63 45.04
N VAL H 219 18.96 -15.40 45.19
CA VAL H 219 19.45 -14.29 44.38
C VAL H 219 20.92 -14.01 44.71
N ASN H 220 21.27 -14.04 46.00
CA ASN H 220 22.67 -13.83 46.39
C ASN H 220 23.56 -14.92 45.82
N TRP H 221 23.09 -16.18 45.86
CA TRP H 221 23.84 -17.28 45.26
C TRP H 221 24.05 -17.07 43.77
N LEU H 222 22.99 -16.65 43.07
CA LEU H 222 23.10 -16.40 41.63
C LEU H 222 24.13 -15.32 41.35
N CYS H 223 24.12 -14.25 42.15
CA CYS H 223 25.07 -13.16 41.92
C CYS H 223 26.50 -13.57 42.23
N GLU H 224 26.71 -14.32 43.32
CA GLU H 224 28.08 -14.66 43.71
C GLU H 224 28.66 -15.76 42.83
N ASN H 225 27.82 -16.58 42.22
CA ASN H 225 28.29 -17.69 41.40
C ASN H 225 28.45 -17.33 39.94
N ARG H 226 28.29 -16.04 39.59
CA ARG H 226 28.54 -15.55 38.24
C ARG H 226 27.61 -16.21 37.21
N VAL H 227 26.39 -16.54 37.63
CA VAL H 227 25.39 -17.13 36.75
C VAL H 227 24.30 -16.08 36.50
N PHE H 228 24.04 -15.80 35.22
CA PHE H 228 23.12 -14.74 34.85
C PHE H 228 22.17 -15.10 33.72
N THR H 229 22.20 -16.34 33.22
CA THR H 229 21.31 -16.78 32.15
C THR H 229 20.70 -18.13 32.53
N GLU H 230 19.68 -18.52 31.76
CA GLU H 230 19.03 -19.80 32.00
C GLU H 230 19.93 -20.96 31.58
N ASP H 231 20.68 -20.79 30.47
CA ASP H 231 21.56 -21.86 30.01
C ASP H 231 22.67 -22.14 31.02
N LYS H 232 23.27 -21.08 31.58
CA LYS H 232 24.32 -21.27 32.57
C LYS H 232 23.76 -21.90 33.84
N TRP H 233 22.54 -21.53 34.23
CA TRP H 233 21.90 -22.15 35.39
C TRP H 233 21.66 -23.65 35.15
N LYS H 234 21.21 -24.01 33.94
CA LYS H 234 21.00 -25.41 33.63
C LYS H 234 22.32 -26.17 33.62
N LEU H 235 23.38 -25.55 33.09
CA LEU H 235 24.67 -26.24 32.99
C LEU H 235 25.37 -26.36 34.34
N VAL H 236 25.13 -25.43 35.25
CA VAL H 236 25.82 -25.44 36.54
C VAL H 236 25.03 -26.21 37.59
N ASP H 237 23.74 -25.91 37.73
CA ASP H 237 22.87 -26.55 38.71
C ASP H 237 21.57 -26.96 38.04
N PHE H 238 21.56 -28.17 37.46
CA PHE H 238 20.35 -28.69 36.85
C PHE H 238 19.34 -29.17 37.88
N ASN H 239 19.82 -29.59 39.06
CA ASN H 239 18.91 -30.08 40.10
C ASN H 239 17.97 -28.97 40.58
N GLN H 240 18.53 -27.81 40.94
CA GLN H 240 17.70 -26.72 41.42
C GLN H 240 16.78 -26.20 40.33
N TYR H 241 17.26 -26.11 39.10
CA TYR H 241 16.42 -25.66 37.99
C TYR H 241 15.24 -26.61 37.79
N THR H 242 15.50 -27.92 37.80
CA THR H 242 14.42 -28.90 37.63
C THR H 242 13.44 -28.82 38.78
N LEU H 243 13.94 -28.68 40.01
CA LEU H 243 13.05 -28.57 41.17
C LEU H 243 12.17 -27.33 41.09
N LEU H 244 12.74 -26.21 40.64
CA LEU H 244 11.99 -24.96 40.59
C LEU H 244 10.98 -24.95 39.45
N SER H 245 11.33 -25.55 38.30
CA SER H 245 10.48 -25.47 37.12
C SER H 245 9.31 -26.45 37.15
N SER H 246 8.97 -26.99 38.32
CA SER H 246 7.86 -27.93 38.44
C SER H 246 6.53 -27.25 38.70
N SER H 247 6.49 -25.92 38.79
CA SER H 247 5.26 -25.21 39.08
C SER H 247 5.36 -23.79 38.54
N HIS H 248 4.23 -23.10 38.51
CA HIS H 248 4.19 -21.72 38.03
C HIS H 248 5.01 -20.80 38.92
N SER H 249 4.94 -21.01 40.23
CA SER H 249 5.64 -20.13 41.17
C SER H 249 7.15 -20.19 40.94
N GLY H 250 7.70 -21.40 40.79
CA GLY H 250 9.13 -21.52 40.56
C GLY H 250 9.56 -20.94 39.23
N SER H 251 8.74 -21.11 38.19
CA SER H 251 9.06 -20.53 36.89
C SER H 251 9.07 -19.01 36.96
N PHE H 252 8.11 -18.42 37.67
CA PHE H 252 8.13 -16.97 37.88
C PHE H 252 9.36 -16.54 38.67
N GLN H 253 9.70 -17.30 39.72
CA GLN H 253 10.84 -16.97 40.56
C GLN H 253 12.15 -17.03 39.80
N ILE H 254 12.28 -17.95 38.84
CA ILE H 254 13.51 -18.07 38.07
C ILE H 254 13.79 -16.76 37.32
N GLN H 255 12.79 -16.27 36.59
CA GLN H 255 12.96 -15.02 35.84
C GLN H 255 13.15 -13.84 36.78
N SER H 256 12.39 -13.79 37.87
CA SER H 256 12.51 -12.68 38.82
C SER H 256 13.91 -12.62 39.41
N ALA H 257 14.44 -13.77 39.84
CA ALA H 257 15.76 -13.81 40.43
C ALA H 257 16.83 -13.51 39.40
N LEU H 258 16.65 -13.96 38.16
CA LEU H 258 17.62 -13.64 37.12
C LEU H 258 17.68 -12.13 36.88
N LYS H 259 16.53 -11.48 36.79
CA LYS H 259 16.51 -10.04 36.59
C LYS H 259 17.13 -9.31 37.78
N LEU H 260 16.81 -9.76 39.00
CA LEU H 260 17.38 -9.11 40.19
C LEU H 260 18.88 -9.27 40.24
N ALA H 261 19.39 -10.45 39.90
CA ALA H 261 20.83 -10.67 39.87
C ALA H 261 21.51 -9.81 38.81
N ILE H 262 20.89 -9.69 37.63
CA ILE H 262 21.44 -8.82 36.59
C ILE H 262 21.54 -7.40 37.11
N TYR H 263 20.46 -6.90 37.72
CA TYR H 263 20.49 -5.51 38.20
C TYR H 263 21.52 -5.32 39.31
N LYS H 264 21.63 -6.29 40.22
CA LYS H 264 22.58 -6.16 41.32
C LYS H 264 24.02 -6.18 40.80
N ALA H 265 24.31 -7.04 39.82
CA ALA H 265 25.66 -7.12 39.28
C ALA H 265 25.99 -5.93 38.39
N THR H 266 24.99 -5.26 37.82
CA THR H 266 25.24 -4.15 36.91
C THR H 266 25.27 -2.79 37.60
N ASN H 267 24.34 -2.53 38.51
CA ASN H 267 24.18 -1.19 39.09
C ASN H 267 24.70 -1.06 40.51
N LEU H 268 24.40 -2.01 41.38
CA LEU H 268 24.72 -1.88 42.80
C LEU H 268 26.14 -2.30 43.14
N VAL H 269 26.87 -2.91 42.22
CA VAL H 269 28.23 -3.38 42.49
C VAL H 269 29.16 -2.87 41.40
N PRO H 270 30.31 -2.28 41.75
CA PRO H 270 31.26 -1.85 40.72
C PRO H 270 31.75 -3.04 39.90
N THR H 271 31.96 -2.79 38.60
CA THR H 271 32.39 -3.85 37.71
C THR H 271 33.79 -4.34 38.05
N SER H 272 34.69 -3.43 38.44
CA SER H 272 36.08 -3.79 38.74
C SER H 272 36.20 -4.76 39.91
N THR H 273 35.17 -4.91 40.74
CA THR H 273 35.20 -5.91 41.79
C THR H 273 35.22 -7.31 41.22
N PHE H 274 34.58 -7.53 40.07
CA PHE H 274 34.57 -8.84 39.44
C PHE H 274 35.91 -9.17 38.77
N LEU H 275 36.76 -8.17 38.56
CA LEU H 275 38.07 -8.39 37.94
C LEU H 275 39.16 -8.63 38.98
N LEU H 276 39.00 -8.07 40.18
CA LEU H 276 40.01 -8.18 41.23
C LEU H 276 39.82 -9.46 42.04
N HIS H 277 39.94 -10.59 41.35
CA HIS H 277 39.79 -11.89 41.99
C HIS H 277 41.04 -12.74 41.81
N CYS H 285 57.13 -13.07 39.20
CA CYS H 285 56.09 -14.02 38.85
C CYS H 285 55.18 -13.47 37.76
N ILE H 286 55.01 -12.14 37.77
CA ILE H 286 54.17 -11.48 36.77
C ILE H 286 54.82 -11.45 35.39
N LYS H 287 56.10 -11.79 35.29
CA LYS H 287 56.79 -11.77 34.00
C LYS H 287 56.22 -12.81 33.04
N ASP H 288 55.68 -13.91 33.57
CA ASP H 288 55.18 -15.00 32.74
C ASP H 288 53.78 -14.78 32.22
N ASN H 289 53.13 -13.68 32.60
CA ASN H 289 51.78 -13.41 32.12
C ASN H 289 51.80 -13.08 30.63
N LYS H 290 50.80 -13.58 29.90
CA LYS H 290 50.75 -13.33 28.46
C LYS H 290 50.34 -11.89 28.15
N ILE H 291 49.47 -11.30 28.97
CA ILE H 291 48.99 -9.95 28.70
C ILE H 291 50.14 -8.95 28.78
N VAL H 292 50.99 -9.07 29.80
CA VAL H 292 52.09 -8.12 29.96
C VAL H 292 53.11 -8.28 28.84
N LYS H 293 53.36 -9.51 28.41
CA LYS H 293 54.26 -9.73 27.27
C LYS H 293 53.68 -9.12 26.00
N LEU H 294 52.38 -9.30 25.77
CA LEU H 294 51.75 -8.71 24.60
C LEU H 294 51.84 -7.19 24.62
N LEU H 295 51.58 -6.59 25.79
CA LEU H 295 51.64 -5.14 25.89
C LEU H 295 53.07 -4.62 25.76
N LEU H 296 54.05 -5.40 26.20
CA LEU H 296 55.45 -5.00 26.05
C LEU H 296 55.93 -5.15 24.61
N CYS H 297 55.36 -6.10 23.86
CA CYS H 297 55.78 -6.28 22.47
C CYS H 297 55.46 -5.05 21.63
N GLN H 298 54.31 -4.42 21.85
CA GLN H 298 53.91 -3.24 21.11
C GLN H 298 54.36 -1.94 21.75
N ASN H 299 55.43 -1.98 22.56
CA ASN H 299 56.02 -0.79 23.17
C ASN H 299 55.00 -0.01 23.99
N TYR H 300 54.25 -0.73 24.82
CA TYR H 300 53.26 -0.14 25.71
C TYR H 300 53.51 -0.63 27.13
N ASP H 301 53.32 0.27 28.10
CA ASP H 301 53.56 -0.06 29.50
C ASP H 301 52.37 -0.81 30.07
N PRO H 302 52.53 -2.06 30.51
CA PRO H 302 51.38 -2.80 31.06
C PRO H 302 50.78 -2.15 32.28
N LEU H 303 51.59 -1.48 33.11
CA LEU H 303 51.07 -0.85 34.33
C LEU H 303 50.07 0.24 34.00
N LEU H 304 50.43 1.17 33.11
CA LEU H 304 49.54 2.27 32.77
C LEU H 304 48.29 1.77 32.06
N VAL H 305 48.44 0.76 31.19
CA VAL H 305 47.27 0.20 30.51
C VAL H 305 46.33 -0.44 31.52
N GLY H 306 46.87 -1.17 32.49
CA GLY H 306 46.03 -1.76 33.52
C GLY H 306 45.33 -0.72 34.36
N GLN H 307 46.05 0.34 34.73
CA GLN H 307 45.44 1.42 35.51
C GLN H 307 44.30 2.06 34.73
N HIS H 308 44.52 2.34 33.44
CA HIS H 308 43.48 2.97 32.63
C HIS H 308 42.28 2.05 32.45
N VAL H 309 42.53 0.74 32.28
CA VAL H 309 41.42 -0.21 32.15
C VAL H 309 40.61 -0.25 33.44
N LEU H 310 41.30 -0.29 34.58
CA LEU H 310 40.60 -0.33 35.86
C LEU H 310 39.77 0.94 36.09
N LYS H 311 40.33 2.10 35.74
CA LYS H 311 39.59 3.35 35.91
C LYS H 311 38.50 3.56 34.87
N TRP H 312 38.59 2.87 33.73
CA TRP H 312 37.66 3.06 32.63
C TRP H 312 36.42 2.18 32.74
N ILE H 313 36.57 0.94 33.23
CA ILE H 313 35.43 0.06 33.39
C ILE H 313 34.50 0.53 34.50
N ASP H 314 34.97 1.39 35.39
CA ASP H 314 34.16 1.94 36.47
C ASP H 314 33.53 3.28 36.11
N LYS H 315 33.62 3.69 34.84
CA LYS H 315 33.04 4.94 34.36
C LYS H 315 33.60 6.14 35.13
N LYS H 316 34.91 6.15 35.34
CA LYS H 316 35.61 7.21 36.05
C LYS H 316 36.66 7.87 35.18
N CYS H 317 36.32 8.11 33.91
CA CYS H 317 37.25 8.73 32.97
C CYS H 317 36.64 9.96 32.28
N GLY H 318 35.42 10.33 32.62
CA GLY H 318 34.82 11.51 32.02
C GLY H 318 34.24 11.20 30.65
N LYS H 319 34.59 12.04 29.67
CA LYS H 319 34.04 11.87 28.33
C LYS H 319 34.69 10.72 27.57
N LYS H 320 35.92 10.37 27.91
CA LYS H 320 36.66 9.32 27.20
C LYS H 320 36.14 7.95 27.63
N ASN H 321 34.95 7.63 27.14
CA ASN H 321 34.27 6.38 27.46
C ASN H 321 34.63 5.24 26.52
N THR H 322 35.38 5.51 25.45
CA THR H 322 35.68 4.52 24.43
C THR H 322 37.16 4.15 24.47
N LEU H 323 37.45 2.87 24.25
CA LEU H 323 38.80 2.36 24.15
C LEU H 323 38.97 1.71 22.79
N TRP H 324 39.90 2.22 21.99
CA TRP H 324 40.07 1.82 20.60
C TRP H 324 41.37 1.05 20.43
N PHE H 325 41.28 -0.15 19.87
CA PHE H 325 42.46 -0.95 19.51
C PHE H 325 42.57 -0.94 17.99
N TYR H 326 43.69 -0.45 17.48
CA TYR H 326 43.89 -0.29 16.04
C TYR H 326 45.20 -0.92 15.63
N GLY H 327 45.19 -1.63 14.50
CA GLY H 327 46.38 -2.25 13.98
C GLY H 327 46.10 -3.17 12.80
N PRO H 328 47.17 -3.71 12.21
CA PRO H 328 47.02 -4.64 11.09
C PRO H 328 46.38 -5.94 11.55
N PRO H 329 45.97 -6.79 10.62
CA PRO H 329 45.36 -8.07 11.01
C PRO H 329 46.34 -8.97 11.75
N SER H 330 45.78 -9.83 12.62
CA SER H 330 46.53 -10.83 13.37
C SER H 330 47.58 -10.18 14.28
N THR H 331 47.15 -9.19 15.06
CA THR H 331 48.02 -8.54 16.03
C THR H 331 47.56 -8.75 17.47
N GLY H 332 46.40 -9.35 17.68
CA GLY H 332 45.95 -9.68 19.03
C GLY H 332 44.94 -8.73 19.64
N LYS H 333 44.30 -7.86 18.84
CA LYS H 333 43.32 -6.94 19.40
C LYS H 333 42.07 -7.69 19.86
N THR H 334 41.53 -8.56 18.99
CA THR H 334 40.32 -9.29 19.33
C THR H 334 40.54 -10.25 20.50
N ASN H 335 41.72 -10.87 20.58
CA ASN H 335 42.01 -11.79 21.68
C ASN H 335 41.96 -11.06 23.02
N LEU H 336 42.64 -9.92 23.12
CA LEU H 336 42.61 -9.15 24.36
C LEU H 336 41.23 -8.61 24.66
N ALA H 337 40.51 -8.14 23.62
CA ALA H 337 39.16 -7.63 23.83
C ALA H 337 38.24 -8.72 24.38
N MET H 338 38.32 -9.92 23.84
CA MET H 338 37.51 -11.03 24.35
C MET H 338 37.95 -11.45 25.75
N ALA H 339 39.25 -11.43 26.03
CA ALA H 339 39.70 -11.76 27.38
C ALA H 339 39.15 -10.78 28.40
N ILE H 340 39.13 -9.49 28.05
CA ILE H 340 38.54 -8.49 28.94
C ILE H 340 37.04 -8.68 29.06
N ALA H 341 36.36 -8.92 27.93
CA ALA H 341 34.90 -9.01 27.94
C ALA H 341 34.40 -10.27 28.64
N LYS H 342 35.21 -11.32 28.74
CA LYS H 342 34.75 -12.53 29.40
C LYS H 342 34.70 -12.37 30.91
N SER H 343 35.55 -11.51 31.48
CA SER H 343 35.62 -11.37 32.93
C SER H 343 34.45 -10.57 33.51
N VAL H 344 33.90 -9.63 32.75
CA VAL H 344 32.79 -8.82 33.23
C VAL H 344 31.55 -9.71 33.33
N PRO H 345 30.58 -9.38 34.19
CA PRO H 345 29.39 -10.23 34.31
C PRO H 345 28.63 -10.41 33.00
N VAL H 346 28.20 -9.31 32.40
CA VAL H 346 27.42 -9.32 31.17
C VAL H 346 28.07 -8.39 30.17
N TYR H 347 28.12 -8.79 28.90
CA TYR H 347 28.67 -7.97 27.83
C TYR H 347 27.79 -8.09 26.60
N GLY H 348 27.81 -7.03 25.78
CA GLY H 348 27.04 -7.00 24.56
C GLY H 348 27.93 -6.80 23.36
N MET H 349 27.33 -6.93 22.18
CA MET H 349 28.06 -6.78 20.93
C MET H 349 27.23 -6.01 19.91
N VAL H 350 27.87 -5.09 19.22
CA VAL H 350 27.23 -4.39 18.12
C VAL H 350 27.00 -5.34 16.96
N ASN H 351 27.86 -6.35 16.81
CA ASN H 351 27.74 -7.28 15.70
C ASN H 351 26.44 -8.07 15.77
N TRP H 352 26.01 -8.43 16.99
CA TRP H 352 24.77 -9.19 17.14
C TRP H 352 23.55 -8.36 16.78
N ASN H 353 23.61 -7.04 16.98
CA ASN H 353 22.46 -6.19 16.78
C ASN H 353 22.15 -6.03 15.28
N ASN H 354 20.97 -5.50 15.00
CA ASN H 354 20.54 -5.28 13.63
C ASN H 354 21.37 -4.16 12.99
N GLU H 355 21.47 -4.23 11.66
CA GLU H 355 22.26 -3.25 10.92
C GLU H 355 21.73 -1.83 11.14
N ASN H 356 20.41 -1.66 11.06
CA ASN H 356 19.83 -0.32 11.21
C ASN H 356 19.79 0.14 12.66
N PHE H 357 19.87 -0.79 13.62
CA PHE H 357 19.85 -0.47 15.05
C PHE H 357 21.04 -1.14 15.72
N PRO H 358 22.25 -0.60 15.55
CA PRO H 358 23.43 -1.23 16.15
C PRO H 358 23.51 -1.07 17.65
N PHE H 359 22.72 -0.18 18.25
CA PHE H 359 22.75 0.04 19.69
C PHE H 359 21.38 -0.24 20.30
N ASN H 360 20.77 -1.36 19.92
CA ASN H 360 19.40 -1.65 20.36
C ASN H 360 19.35 -1.98 21.83
N ASP H 361 20.05 -3.03 22.25
CA ASP H 361 20.04 -3.49 23.64
C ASP H 361 21.36 -3.07 24.28
N VAL H 362 21.33 -1.96 25.02
CA VAL H 362 22.52 -1.42 25.66
C VAL H 362 22.35 -1.50 27.18
N ALA H 363 21.14 -1.21 27.66
CA ALA H 363 20.88 -1.22 29.09
C ALA H 363 20.98 -2.64 29.64
N GLY H 364 21.58 -2.76 30.82
CA GLY H 364 21.78 -4.05 31.45
C GLY H 364 23.10 -4.72 31.14
N LYS H 365 24.04 -4.02 30.51
CA LYS H 365 25.33 -4.57 30.13
C LYS H 365 26.45 -3.85 30.88
N SER H 366 27.53 -4.59 31.14
CA SER H 366 28.73 -4.00 31.72
C SER H 366 29.74 -3.56 30.68
N LEU H 367 29.60 -4.00 29.44
CA LEU H 367 30.53 -3.64 28.38
C LEU H 367 29.84 -3.83 27.04
N VAL H 368 30.32 -3.10 26.04
CA VAL H 368 29.85 -3.21 24.66
C VAL H 368 31.07 -3.40 23.77
N VAL H 369 31.03 -4.42 22.92
CA VAL H 369 32.16 -4.78 22.07
C VAL H 369 31.78 -4.48 20.62
N TRP H 370 32.67 -3.79 19.92
CA TRP H 370 32.50 -3.47 18.50
C TRP H 370 33.72 -4.00 17.77
N ASP H 371 33.53 -5.03 16.95
CA ASP H 371 34.61 -5.74 16.29
C ASP H 371 34.62 -5.40 14.80
N GLU H 372 35.75 -4.87 14.32
CA GLU H 372 35.92 -4.48 12.93
C GLU H 372 34.82 -3.52 12.50
N GLY H 373 34.71 -2.41 13.23
CA GLY H 373 33.60 -1.50 13.08
C GLY H 373 33.90 -0.33 12.15
N ILE H 374 32.84 0.14 11.49
CA ILE H 374 32.88 1.31 10.62
C ILE H 374 31.66 2.17 10.94
N ILE H 375 31.86 3.47 11.13
CA ILE H 375 30.79 4.39 11.49
C ILE H 375 30.21 4.99 10.22
N LYS H 376 28.89 4.88 10.08
CA LYS H 376 28.18 5.43 8.94
C LYS H 376 27.59 6.80 9.30
N SER H 377 27.23 7.55 8.25
CA SER H 377 26.65 8.88 8.46
C SER H 377 25.21 8.81 8.95
N THR H 378 24.52 7.69 8.72
CA THR H 378 23.13 7.57 9.15
C THR H 378 23.02 7.34 10.66
N ILE H 379 24.05 6.79 11.28
CA ILE H 379 24.03 6.45 12.70
C ILE H 379 25.11 7.19 13.47
N VAL H 380 25.58 8.32 12.94
CA VAL H 380 26.67 9.05 13.59
C VAL H 380 26.20 9.70 14.89
N GLU H 381 24.92 10.10 14.97
CA GLU H 381 24.42 10.75 16.17
C GLU H 381 24.38 9.78 17.35
N ALA H 382 23.79 8.60 17.14
CA ALA H 382 23.75 7.61 18.20
C ALA H 382 25.16 7.12 18.55
N ALA H 383 26.05 7.01 17.56
CA ALA H 383 27.42 6.63 17.85
C ALA H 383 28.12 7.66 18.72
N LYS H 384 27.91 8.95 18.44
CA LYS H 384 28.47 9.99 19.28
C LYS H 384 27.89 9.94 20.68
N ALA H 385 26.58 9.70 20.78
CA ALA H 385 25.94 9.63 22.09
C ALA H 385 26.48 8.49 22.93
N ILE H 386 26.69 7.31 22.32
CA ILE H 386 27.09 6.14 23.09
C ILE H 386 28.59 6.13 23.36
N LEU H 387 29.40 6.62 22.41
CA LEU H 387 30.85 6.59 22.58
C LEU H 387 31.33 7.61 23.61
N GLY H 388 30.56 8.66 23.86
CA GLY H 388 30.95 9.67 24.82
C GLY H 388 30.50 9.35 26.23
N GLY H 389 29.54 8.44 26.36
CA GLY H 389 29.00 8.06 27.64
C GLY H 389 27.67 8.69 28.00
N GLN H 390 27.03 9.43 27.08
CA GLN H 390 25.77 10.06 27.38
C GLN H 390 24.62 9.08 27.18
N PRO H 391 23.58 9.17 28.02
CA PRO H 391 22.43 8.29 27.86
C PRO H 391 21.60 8.66 26.64
N THR H 392 20.73 7.73 26.24
CA THR H 392 19.82 7.95 25.13
C THR H 392 18.52 8.56 25.62
N ARG H 393 17.75 9.11 24.66
CA ARG H 393 16.53 9.84 25.00
C ARG H 393 15.49 8.93 25.64
N VAL H 394 15.30 7.73 25.10
CA VAL H 394 14.26 6.85 25.61
C VAL H 394 14.59 6.38 27.03
N ASP H 395 15.87 6.10 27.29
CA ASP H 395 16.25 5.68 28.63
C ASP H 395 16.05 6.81 29.64
N GLN H 396 16.33 8.04 29.22
CA GLN H 396 16.05 9.19 30.09
C GLN H 396 14.56 9.33 30.34
N LYS H 397 13.74 9.14 29.31
CA LYS H 397 12.29 9.33 29.49
C LYS H 397 11.70 8.26 30.40
N MET H 398 12.05 7.00 30.19
CA MET H 398 11.45 5.92 30.96
C MET H 398 12.08 5.72 32.33
N ARG H 399 13.21 6.36 32.63
CA ARG H 399 13.81 6.27 33.95
C ARG H 399 13.42 7.43 34.86
N GLY H 400 12.96 8.55 34.28
CA GLY H 400 12.57 9.70 35.06
C GLY H 400 13.69 10.67 35.37
N SER H 401 14.94 10.26 35.19
CA SER H 401 16.10 11.09 35.46
C SER H 401 16.74 11.54 34.16
N VAL H 402 17.57 12.57 34.25
CA VAL H 402 18.17 13.16 33.05
C VAL H 402 19.52 12.50 32.72
N ALA H 403 20.22 11.95 33.70
CA ALA H 403 21.53 11.34 33.44
C ALA H 403 21.85 10.39 34.59
N VAL H 404 22.00 9.11 34.26
CA VAL H 404 22.49 8.11 35.22
C VAL H 404 23.18 6.94 34.52
N PRO H 405 22.71 6.41 33.36
CA PRO H 405 23.36 5.22 32.80
C PRO H 405 24.60 5.55 31.98
N GLY H 406 25.16 4.53 31.33
CA GLY H 406 26.36 4.68 30.53
C GLY H 406 27.21 3.43 30.56
N VAL H 407 27.63 2.95 29.40
CA VAL H 407 28.32 1.67 29.27
C VAL H 407 29.67 1.93 28.60
N PRO H 408 30.77 1.39 29.13
CA PRO H 408 32.04 1.48 28.42
C PRO H 408 31.99 0.76 27.08
N VAL H 409 32.75 1.27 26.12
CA VAL H 409 32.79 0.73 24.77
C VAL H 409 34.23 0.38 24.42
N VAL H 410 34.40 -0.72 23.69
CA VAL H 410 35.72 -1.13 23.18
C VAL H 410 35.57 -1.43 21.69
N ILE H 411 36.47 -0.90 20.88
CA ILE H 411 36.41 -1.03 19.43
C ILE H 411 37.76 -1.53 18.92
N THR H 412 37.72 -2.52 18.03
CA THR H 412 38.88 -2.98 17.30
C THR H 412 38.60 -2.87 15.80
N SER H 413 39.57 -2.36 15.05
CA SER H 413 39.37 -2.15 13.62
C SER H 413 40.71 -2.24 12.90
N ASN H 414 40.64 -2.54 11.60
CA ASN H 414 41.82 -2.59 10.76
C ASN H 414 42.12 -1.26 10.08
N GLY H 415 41.16 -0.33 10.06
CA GLY H 415 41.36 0.95 9.41
C GLY H 415 40.88 2.09 10.29
N ASP H 416 41.25 3.30 9.89
CA ASP H 416 40.87 4.49 10.64
C ASP H 416 39.36 4.65 10.66
N ILE H 417 38.82 4.94 11.85
CA ILE H 417 37.37 5.07 12.02
C ILE H 417 36.94 6.51 12.19
N THR H 418 37.87 7.47 12.11
CA THR H 418 37.49 8.88 12.14
C THR H 418 36.97 9.39 10.81
N PHE H 419 37.13 8.62 9.74
CA PHE H 419 36.55 8.95 8.44
C PHE H 419 35.20 8.24 8.34
N VAL H 420 34.12 9.02 8.36
CA VAL H 420 32.77 8.48 8.38
C VAL H 420 32.30 8.31 6.95
N VAL H 421 31.76 7.13 6.63
CA VAL H 421 31.32 6.85 5.28
C VAL H 421 29.97 7.52 5.04
N SER H 422 29.87 8.26 3.94
CA SER H 422 28.65 8.92 3.53
C SER H 422 28.45 8.65 2.04
N GLY H 423 27.32 8.05 1.70
CA GLY H 423 27.12 7.63 0.31
C GLY H 423 28.18 6.64 -0.10
N ASN H 424 28.87 6.93 -1.20
CA ASN H 424 29.99 6.13 -1.66
C ASN H 424 31.33 6.78 -1.34
N THR H 425 31.35 7.81 -0.50
CA THR H 425 32.59 8.51 -0.18
C THR H 425 32.82 8.57 1.33
N THR H 426 33.86 9.28 1.76
CA THR H 426 34.17 9.44 3.17
C THR H 426 34.28 10.91 3.51
N THR H 427 33.98 11.23 4.77
CA THR H 427 34.04 12.60 5.28
C THR H 427 34.82 12.62 6.58
N THR H 428 35.36 13.80 6.90
CA THR H 428 36.20 13.99 8.08
C THR H 428 35.64 15.10 8.99
N VAL H 429 34.38 15.48 8.78
CA VAL H 429 33.81 16.58 9.56
C VAL H 429 33.63 16.20 11.02
N HIS H 430 33.26 14.94 11.30
CA HIS H 430 32.99 14.50 12.67
C HIS H 430 34.23 14.06 13.42
N ALA H 431 35.38 13.95 12.73
CA ALA H 431 36.55 13.31 13.32
C ALA H 431 36.92 13.90 14.68
N LYS H 432 36.96 15.23 14.77
CA LYS H 432 37.37 15.88 16.01
C LYS H 432 36.51 15.41 17.18
N ALA H 433 35.20 15.29 16.97
CA ALA H 433 34.32 14.84 18.05
C ALA H 433 34.74 13.46 18.53
N LEU H 434 35.03 12.55 17.60
CA LEU H 434 35.51 11.23 17.99
C LEU H 434 36.82 11.34 18.76
N LYS H 435 37.69 12.26 18.33
CA LYS H 435 38.95 12.46 19.04
C LYS H 435 38.75 12.83 20.50
N GLU H 436 37.59 13.40 20.85
CA GLU H 436 37.33 13.80 22.22
C GLU H 436 36.78 12.67 23.08
N ARG H 437 36.53 11.49 22.51
CA ARG H 437 35.84 10.43 23.25
C ARG H 437 36.56 9.09 23.26
N MET H 438 37.73 8.97 22.63
CA MET H 438 38.37 7.68 22.48
C MET H 438 39.85 7.76 22.84
N VAL H 439 40.40 6.62 23.23
CA VAL H 439 41.83 6.44 23.47
C VAL H 439 42.32 5.39 22.50
N LYS H 440 43.38 5.70 21.76
CA LYS H 440 43.86 4.85 20.67
C LYS H 440 45.15 4.16 21.08
N LEU H 441 45.21 2.85 20.84
CA LEU H 441 46.41 2.05 21.04
C LEU H 441 46.75 1.34 19.74
N ASN H 442 48.00 1.43 19.33
CA ASN H 442 48.45 0.89 18.04
C ASN H 442 49.09 -0.48 18.26
N PHE H 443 48.48 -1.51 17.67
CA PHE H 443 49.01 -2.88 17.74
C PHE H 443 49.68 -3.19 16.41
N THR H 444 50.94 -2.78 16.29
CA THR H 444 51.67 -2.93 15.03
C THR H 444 52.32 -4.30 14.89
N VAL H 445 53.06 -4.73 15.91
CA VAL H 445 53.79 -5.99 15.82
C VAL H 445 52.83 -7.17 15.73
N ARG H 446 53.23 -8.17 14.96
CA ARG H 446 52.46 -9.39 14.78
C ARG H 446 52.64 -10.30 15.98
N CYS H 447 52.00 -11.47 15.94
CA CYS H 447 52.08 -12.43 17.03
C CYS H 447 52.23 -13.82 16.45
N SER H 448 53.13 -14.61 17.04
CA SER H 448 53.35 -15.97 16.57
C SER H 448 52.14 -16.84 16.90
N PRO H 449 51.88 -17.89 16.12
CA PRO H 449 50.72 -18.75 16.41
C PRO H 449 50.97 -19.71 17.57
N ASP H 450 52.05 -19.49 18.31
CA ASP H 450 52.39 -20.33 19.45
C ASP H 450 51.57 -20.01 20.69
N MET H 451 50.73 -18.97 20.63
CA MET H 451 49.84 -18.60 21.72
C MET H 451 48.45 -19.18 21.47
N GLY H 452 47.53 -18.85 22.37
CA GLY H 452 46.19 -19.39 22.28
C GLY H 452 45.18 -18.43 22.88
N LEU H 453 43.94 -18.89 22.94
CA LEU H 453 42.84 -18.11 23.51
C LEU H 453 43.17 -17.68 24.93
N LEU H 454 43.03 -16.39 25.21
CA LEU H 454 43.28 -15.88 26.55
C LEU H 454 42.05 -16.07 27.43
N THR H 455 42.29 -16.45 28.68
CA THR H 455 41.22 -16.75 29.64
C THR H 455 41.11 -15.61 30.64
N GLU H 456 40.07 -15.68 31.47
CA GLU H 456 39.84 -14.63 32.45
C GLU H 456 40.87 -14.66 33.57
N ALA H 457 41.54 -15.81 33.77
CA ALA H 457 42.53 -15.90 34.83
C ALA H 457 43.71 -14.95 34.60
N ASP H 458 44.19 -14.89 33.35
CA ASP H 458 45.33 -14.05 33.04
C ASP H 458 45.02 -12.58 33.26
N VAL H 459 43.88 -12.12 32.74
CA VAL H 459 43.50 -10.72 32.90
C VAL H 459 43.19 -10.41 34.37
N GLN H 460 42.60 -11.35 35.10
CA GLN H 460 42.35 -11.12 36.53
C GLN H 460 43.65 -10.95 37.29
N GLN H 461 44.64 -11.82 37.03
CA GLN H 461 45.94 -11.68 37.67
C GLN H 461 46.59 -10.36 37.31
N TRP H 462 46.56 -9.99 36.02
CA TRP H 462 47.19 -8.76 35.58
C TRP H 462 46.56 -7.55 36.24
N LEU H 463 45.22 -7.51 36.30
CA LEU H 463 44.53 -6.37 36.88
C LEU H 463 44.74 -6.30 38.40
N THR H 464 44.73 -7.45 39.07
CA THR H 464 44.98 -7.46 40.51
C THR H 464 46.38 -6.97 40.82
N TRP H 465 47.38 -7.45 40.07
CA TRP H 465 48.75 -7.03 40.30
C TRP H 465 48.93 -5.55 40.00
N CYS H 466 48.26 -5.05 38.94
CA CYS H 466 48.34 -3.63 38.62
C CYS H 466 47.71 -2.78 39.72
N ASN H 467 46.56 -3.20 40.25
CA ASN H 467 45.92 -2.44 41.31
C ASN H 467 46.72 -2.49 42.60
N ALA H 468 47.45 -3.58 42.83
CA ALA H 468 48.27 -3.69 44.04
C ALA H 468 49.49 -2.78 44.01
N GLN H 469 49.80 -2.15 42.88
CA GLN H 469 50.99 -1.33 42.76
C GLN H 469 50.66 0.14 43.02
N SER H 470 51.62 1.02 42.76
CA SER H 470 51.46 2.43 43.03
C SER H 470 50.53 3.09 42.02
N TRP H 471 49.94 4.22 42.43
CA TRP H 471 49.00 4.95 41.60
C TRP H 471 49.46 6.37 41.28
N ASP H 472 50.64 6.77 41.75
CA ASP H 472 51.03 8.18 41.69
C ASP H 472 51.16 8.68 40.25
N HIS H 473 51.68 7.85 39.34
CA HIS H 473 51.92 8.33 37.99
C HIS H 473 50.64 8.54 37.20
N TYR H 474 49.56 7.85 37.58
CA TYR H 474 48.36 7.84 36.73
C TYR H 474 47.70 9.21 36.64
N GLU H 475 47.50 9.87 37.78
CA GLU H 475 46.78 11.15 37.76
C GLU H 475 47.59 12.26 37.10
N ASN H 476 48.90 12.08 36.94
CA ASN H 476 49.67 13.03 36.14
C ASN H 476 49.20 13.03 34.69
N TRP H 477 48.97 11.85 34.12
CA TRP H 477 48.40 11.75 32.78
C TRP H 477 46.92 12.11 32.77
N ALA H 478 46.23 11.90 33.89
CA ALA H 478 44.80 12.14 33.97
C ALA H 478 44.43 13.61 34.01
N ILE H 479 45.39 14.51 34.26
CA ILE H 479 45.09 15.93 34.25
C ILE H 479 44.63 16.37 32.87
N ASN H 480 45.33 15.92 31.83
CA ASN H 480 44.95 16.18 30.45
C ASN H 480 44.94 14.87 29.68
N TYR H 481 43.75 14.46 29.24
CA TYR H 481 43.61 13.21 28.50
C TYR H 481 44.06 13.37 27.07
N THR H 482 44.96 12.49 26.62
CA THR H 482 45.46 12.51 25.25
C THR H 482 44.72 11.48 24.42
N PHE H 483 44.44 11.83 23.16
CA PHE H 483 43.74 10.91 22.28
C PHE H 483 44.57 9.65 22.02
N ASP H 484 45.88 9.79 21.93
CA ASP H 484 46.78 8.67 21.69
C ASP H 484 47.46 8.28 23.00
N PHE H 485 47.46 6.99 23.30
CA PHE H 485 48.05 6.51 24.54
C PHE H 485 49.58 6.54 24.45
N PRO H 486 50.27 7.11 25.43
CA PRO H 486 51.73 7.17 25.38
C PRO H 486 52.37 5.80 25.45
N GLY H 487 53.55 5.69 24.85
CA GLY H 487 54.30 4.45 24.84
C GLY H 487 55.19 4.29 26.07
N ILE H 488 56.05 3.27 26.03
CA ILE H 488 56.93 2.99 27.16
C ILE H 488 57.92 4.13 27.35
N ASN H 489 58.05 4.58 28.59
CA ASN H 489 59.13 5.47 29.00
C ASN H 489 60.13 4.64 29.79
N ALA H 490 61.31 4.43 29.22
CA ALA H 490 62.30 3.52 29.79
C ALA H 490 62.87 4.01 31.11
N ASP H 491 62.67 5.27 31.47
CA ASP H 491 63.16 5.80 32.73
C ASP H 491 62.14 5.73 33.86
N ALA H 492 60.90 5.32 33.57
CA ALA H 492 59.87 5.19 34.58
C ALA H 492 59.26 3.80 34.63
N LEU H 493 59.80 2.84 33.89
CA LEU H 493 59.25 1.48 33.88
C LEU H 493 59.49 0.82 35.24
N HIS H 494 58.50 0.06 35.69
CA HIS H 494 58.62 -0.63 36.96
C HIS H 494 59.70 -1.71 36.87
N PRO H 495 60.57 -1.83 37.87
CA PRO H 495 61.70 -2.79 37.79
C PRO H 495 61.31 -4.25 37.92
N ASP H 496 60.07 -4.56 38.33
CA ASP H 496 59.67 -5.96 38.46
C ASP H 496 59.62 -6.65 37.10
N LEU H 497 58.92 -6.03 36.15
CA LEU H 497 58.81 -6.59 34.79
C LEU H 497 59.89 -6.02 33.87
N GLN H 498 61.14 -6.08 34.30
CA GLN H 498 62.25 -5.60 33.50
C GLN H 498 63.10 -6.77 33.00
N VAL I 201 -18.83 14.66 53.54
CA VAL I 201 -19.03 13.28 53.10
C VAL I 201 -18.33 12.32 54.06
N VAL I 202 -19.11 11.44 54.67
CA VAL I 202 -18.59 10.45 55.63
C VAL I 202 -17.93 9.33 54.83
N PRO I 203 -16.66 9.02 55.09
CA PRO I 203 -16.00 7.94 54.35
C PRO I 203 -16.64 6.59 54.64
N PHE I 204 -16.48 5.67 53.68
CA PHE I 204 -17.02 4.33 53.83
C PHE I 204 -16.44 3.65 55.06
N ASN I 205 -17.31 2.96 55.81
CA ASN I 205 -16.93 2.31 57.05
C ASN I 205 -16.21 0.98 56.84
N GLY I 206 -15.79 0.67 55.62
CA GLY I 206 -15.06 -0.56 55.35
C GLY I 206 -13.77 -0.66 56.12
N LYS I 207 -13.53 -1.80 56.75
CA LYS I 207 -12.35 -2.04 57.55
C LYS I 207 -11.44 -3.03 56.86
N GLY I 208 -10.14 -2.73 56.85
CA GLY I 208 -9.15 -3.54 56.18
C GLY I 208 -8.46 -4.52 57.12
N THR I 209 -7.70 -5.43 56.52
CA THR I 209 -6.95 -6.44 57.25
C THR I 209 -5.53 -5.95 57.49
N LYS I 210 -4.71 -6.82 58.08
CA LYS I 210 -3.32 -6.48 58.34
C LYS I 210 -2.50 -6.32 57.06
N ALA I 211 -2.91 -6.96 55.97
CA ALA I 211 -2.19 -6.81 54.72
C ALA I 211 -2.44 -5.45 54.08
N SER I 212 -3.65 -4.89 54.25
CA SER I 212 -3.94 -3.58 53.68
C SER I 212 -3.30 -2.45 54.47
N ILE I 213 -3.20 -2.59 55.79
CA ILE I 213 -2.52 -1.59 56.60
C ILE I 213 -1.05 -1.51 56.21
N LYS I 214 -0.43 -2.66 55.96
CA LYS I 214 0.96 -2.67 55.50
C LYS I 214 1.09 -1.99 54.15
N PHE I 215 0.12 -2.21 53.25
CA PHE I 215 0.15 -1.55 51.96
C PHE I 215 0.03 -0.03 52.11
N GLN I 216 -0.86 0.44 52.98
CA GLN I 216 -0.99 1.88 53.20
C GLN I 216 0.27 2.46 53.81
N THR I 217 0.87 1.75 54.77
CA THR I 217 2.12 2.21 55.37
C THR I 217 3.23 2.28 54.33
N MET I 218 3.29 1.31 53.42
CA MET I 218 4.31 1.34 52.37
C MET I 218 4.06 2.47 51.38
N VAL I 219 2.80 2.78 51.09
CA VAL I 219 2.49 3.92 50.23
C VAL I 219 2.95 5.22 50.89
N ASN I 220 2.67 5.35 52.19
CA ASN I 220 3.12 6.53 52.93
C ASN I 220 4.64 6.63 52.95
N TRP I 221 5.32 5.49 53.11
CA TRP I 221 6.79 5.47 53.08
C TRP I 221 7.30 5.89 51.71
N LEU I 222 6.65 5.43 50.64
CA LEU I 222 7.07 5.81 49.29
C LEU I 222 6.91 7.31 49.07
N CYS I 223 5.78 7.87 49.53
CA CYS I 223 5.54 9.30 49.34
C CYS I 223 6.45 10.16 50.21
N GLU I 224 6.78 9.69 51.41
CA GLU I 224 7.57 10.50 52.34
C GLU I 224 9.02 10.63 51.87
N ASN I 225 9.59 9.56 51.35
CA ASN I 225 10.99 9.53 50.95
C ASN I 225 11.20 10.03 49.52
N ARG I 226 10.13 10.48 48.85
CA ARG I 226 10.21 11.04 47.51
C ARG I 226 10.82 10.04 46.51
N VAL I 227 10.42 8.79 46.63
CA VAL I 227 10.79 7.74 45.69
C VAL I 227 9.57 7.41 44.84
N PHE I 228 9.72 7.47 43.52
CA PHE I 228 8.58 7.37 42.62
C PHE I 228 8.85 6.48 41.41
N THR I 229 10.00 5.82 41.33
CA THR I 229 10.31 4.91 40.23
C THR I 229 10.88 3.63 40.79
N GLU I 230 10.90 2.59 39.94
CA GLU I 230 11.44 1.30 40.36
C GLU I 230 12.95 1.37 40.56
N ASP I 231 13.65 2.09 39.68
CA ASP I 231 15.10 2.21 39.81
C ASP I 231 15.50 2.90 41.11
N LYS I 232 14.80 3.97 41.48
CA LYS I 232 15.10 4.64 42.73
C LYS I 232 14.74 3.76 43.93
N TRP I 233 13.68 2.96 43.81
CA TRP I 233 13.35 2.01 44.87
C TRP I 233 14.47 0.99 45.06
N LYS I 234 15.01 0.46 43.97
CA LYS I 234 16.12 -0.48 44.08
C LYS I 234 17.36 0.19 44.64
N LEU I 235 17.60 1.45 44.26
CA LEU I 235 18.76 2.18 44.78
C LEU I 235 18.65 2.42 46.27
N VAL I 236 17.45 2.82 46.73
CA VAL I 236 17.28 3.21 48.13
C VAL I 236 17.11 1.98 49.02
N ASP I 237 16.21 1.07 48.64
CA ASP I 237 15.86 -0.08 49.47
C ASP I 237 15.84 -1.32 48.58
N PHE I 238 16.94 -2.09 48.61
CA PHE I 238 17.01 -3.30 47.80
C PHE I 238 16.38 -4.50 48.51
N ASN I 239 16.51 -4.58 49.83
CA ASN I 239 15.98 -5.73 50.55
C ASN I 239 14.46 -5.81 50.43
N GLN I 240 13.78 -4.68 50.61
CA GLN I 240 12.32 -4.66 50.51
C GLN I 240 11.88 -4.99 49.08
N TYR I 241 12.59 -4.47 48.09
CA TYR I 241 12.24 -4.76 46.69
C TYR I 241 12.40 -6.24 46.39
N THR I 242 13.50 -6.85 46.83
CA THR I 242 13.70 -8.28 46.59
C THR I 242 12.67 -9.12 47.32
N LEU I 243 12.34 -8.74 48.56
CA LEU I 243 11.31 -9.47 49.31
C LEU I 243 9.95 -9.35 48.65
N LEU I 244 9.64 -8.19 48.06
CA LEU I 244 8.35 -8.03 47.40
C LEU I 244 8.30 -8.79 46.07
N SER I 245 9.40 -8.80 45.33
CA SER I 245 9.42 -9.39 44.00
C SER I 245 9.55 -10.92 44.04
N SER I 246 9.28 -11.54 45.19
CA SER I 246 9.35 -12.99 45.31
C SER I 246 8.09 -13.70 44.83
N SER I 247 7.02 -12.97 44.55
CA SER I 247 5.75 -13.59 44.16
C SER I 247 4.95 -12.61 43.33
N HIS I 248 3.82 -13.10 42.79
CA HIS I 248 2.95 -12.27 41.97
C HIS I 248 2.33 -11.15 42.79
N SER I 249 1.94 -11.44 44.03
CA SER I 249 1.26 -10.44 44.87
C SER I 249 2.16 -9.24 45.11
N GLY I 250 3.42 -9.48 45.45
CA GLY I 250 4.34 -8.36 45.67
C GLY I 250 4.62 -7.57 44.41
N SER I 251 4.70 -8.26 43.27
CA SER I 251 4.91 -7.57 42.00
C SER I 251 3.74 -6.67 41.66
N PHE I 252 2.51 -7.13 41.91
CA PHE I 252 1.34 -6.28 41.72
C PHE I 252 1.35 -5.11 42.70
N GLN I 253 1.72 -5.38 43.96
CA GLN I 253 1.71 -4.34 44.98
C GLN I 253 2.72 -3.26 44.69
N ILE I 254 3.87 -3.60 44.11
CA ILE I 254 4.87 -2.59 43.79
C ILE I 254 4.30 -1.55 42.84
N GLN I 255 3.69 -2.01 41.74
CA GLN I 255 3.12 -1.08 40.77
C GLN I 255 1.94 -0.31 41.36
N SER I 256 1.08 -1.00 42.12
CA SER I 256 -0.07 -0.32 42.71
C SER I 256 0.38 0.79 43.66
N ALA I 257 1.36 0.50 44.52
CA ALA I 257 1.86 1.49 45.46
C ALA I 257 2.56 2.64 44.75
N LEU I 258 3.32 2.34 43.69
CA LEU I 258 3.97 3.41 42.93
C LEU I 258 2.93 4.35 42.32
N LYS I 259 1.87 3.79 41.71
CA LYS I 259 0.84 4.63 41.12
C LYS I 259 0.12 5.46 42.18
N LEU I 260 -0.19 4.85 43.34
CA LEU I 260 -0.86 5.58 44.40
C LEU I 260 0.01 6.70 44.94
N ALA I 261 1.32 6.44 45.10
CA ALA I 261 2.22 7.49 45.57
C ALA I 261 2.33 8.62 44.56
N ILE I 262 2.38 8.29 43.27
CA ILE I 262 2.41 9.34 42.24
C ILE I 262 1.17 10.21 42.35
N TYR I 263 -0.01 9.59 42.44
CA TYR I 263 -1.24 10.37 42.51
C TYR I 263 -1.29 11.23 43.77
N LYS I 264 -0.87 10.67 44.91
CA LYS I 264 -0.89 11.43 46.14
C LYS I 264 0.06 12.62 46.09
N ALA I 265 1.26 12.43 45.51
CA ALA I 265 2.22 13.52 45.45
C ALA I 265 1.83 14.57 44.43
N THR I 266 1.05 14.19 43.41
CA THR I 266 0.71 15.12 42.35
C THR I 266 -0.64 15.81 42.54
N ASN I 267 -1.65 15.11 43.05
CA ASN I 267 -3.00 15.64 43.07
C ASN I 267 -3.54 15.98 44.46
N LEU I 268 -2.96 15.42 45.52
CA LEU I 268 -3.49 15.63 46.86
C LEU I 268 -2.67 16.58 47.72
N VAL I 269 -1.37 16.70 47.47
CA VAL I 269 -0.48 17.55 48.25
C VAL I 269 -0.02 18.68 47.34
N PRO I 270 -0.17 19.94 47.74
CA PRO I 270 0.35 21.04 46.93
C PRO I 270 1.85 20.94 46.73
N THR I 271 2.31 21.34 45.54
CA THR I 271 3.72 21.20 45.21
C THR I 271 4.60 22.05 46.12
N SER I 272 4.14 23.26 46.47
CA SER I 272 4.94 24.15 47.32
C SER I 272 5.24 23.52 48.67
N THR I 273 4.41 22.58 49.12
CA THR I 273 4.68 21.89 50.38
C THR I 273 6.01 21.14 50.32
N PHE I 274 6.34 20.56 49.16
CA PHE I 274 7.62 19.90 49.01
C PHE I 274 8.76 20.90 48.97
N LEU I 275 8.49 22.15 48.57
CA LEU I 275 9.53 23.16 48.42
C LEU I 275 9.88 23.85 49.74
N LEU I 276 8.96 23.87 50.70
CA LEU I 276 9.11 24.65 51.92
C LEU I 276 9.72 23.85 53.07
N HIS I 277 10.57 22.88 52.76
CA HIS I 277 11.23 22.09 53.78
C HIS I 277 12.64 22.61 54.06
N CYS I 285 23.37 34.28 56.37
CA CYS I 285 23.38 33.05 55.59
C CYS I 285 22.64 33.23 54.28
N ILE I 286 21.59 34.06 54.31
CA ILE I 286 20.80 34.33 53.10
C ILE I 286 21.64 35.07 52.07
N LYS I 287 22.56 35.92 52.52
CA LYS I 287 23.39 36.69 51.59
C LYS I 287 24.33 35.80 50.80
N ASP I 288 24.79 34.70 51.38
CA ASP I 288 25.76 33.82 50.74
C ASP I 288 25.13 32.77 49.84
N ASN I 289 23.80 32.76 49.72
CA ASN I 289 23.14 31.80 48.84
C ASN I 289 23.47 32.09 47.39
N LYS I 290 23.66 31.03 46.60
CA LYS I 290 24.03 31.20 45.20
C LYS I 290 22.87 31.74 44.37
N ILE I 291 21.64 31.33 44.68
CA ILE I 291 20.48 31.73 43.88
C ILE I 291 20.27 33.23 43.99
N VAL I 292 20.36 33.77 45.20
CA VAL I 292 20.12 35.20 45.38
C VAL I 292 21.23 36.02 44.72
N LYS I 293 22.46 35.53 44.77
CA LYS I 293 23.56 36.22 44.08
C LYS I 293 23.33 36.23 42.58
N LEU I 294 22.90 35.08 42.02
CA LEU I 294 22.65 35.02 40.59
C LEU I 294 21.50 35.94 40.19
N LEU I 295 20.44 36.00 41.01
CA LEU I 295 19.32 36.88 40.70
C LEU I 295 19.70 38.35 40.86
N LEU I 296 20.62 38.67 41.77
CA LEU I 296 21.09 40.04 41.92
C LEU I 296 21.99 40.46 40.78
N CYS I 297 22.77 39.52 40.22
CA CYS I 297 23.60 39.84 39.07
C CYS I 297 22.74 40.27 37.88
N GLN I 298 21.59 39.63 37.68
CA GLN I 298 20.69 39.92 36.58
C GLN I 298 19.75 41.09 36.86
N ASN I 299 20.07 41.92 37.85
CA ASN I 299 19.29 43.13 38.15
C ASN I 299 17.83 42.80 38.49
N TYR I 300 17.63 41.71 39.24
CA TYR I 300 16.30 41.29 39.65
C TYR I 300 16.27 41.08 41.16
N ASP I 301 15.08 41.29 41.73
CA ASP I 301 14.91 41.15 43.18
C ASP I 301 14.82 39.68 43.55
N PRO I 302 15.71 39.17 44.40
CA PRO I 302 15.61 37.74 44.79
C PRO I 302 14.36 37.40 45.57
N LEU I 303 13.68 38.37 46.16
CA LEU I 303 12.49 38.09 46.95
C LEU I 303 11.27 37.90 46.05
N LEU I 304 11.00 38.87 45.16
CA LEU I 304 9.81 38.81 44.33
C LEU I 304 9.82 37.63 43.37
N VAL I 305 11.01 37.20 42.94
CA VAL I 305 11.11 36.03 42.06
C VAL I 305 10.60 34.79 42.79
N GLY I 306 11.03 34.59 44.03
CA GLY I 306 10.52 33.47 44.81
C GLY I 306 9.05 33.60 45.15
N GLN I 307 8.61 34.83 45.43
CA GLN I 307 7.19 35.07 45.69
C GLN I 307 6.34 34.65 44.49
N HIS I 308 6.80 34.99 43.28
CA HIS I 308 6.07 34.60 42.08
C HIS I 308 6.16 33.10 41.83
N VAL I 309 7.33 32.51 42.09
CA VAL I 309 7.52 31.08 41.85
C VAL I 309 6.58 30.25 42.72
N LEU I 310 6.45 30.64 43.99
CA LEU I 310 5.59 29.89 44.91
C LEU I 310 4.15 29.87 44.43
N LYS I 311 3.63 31.02 43.98
CA LYS I 311 2.26 31.06 43.49
C LYS I 311 2.11 30.43 42.11
N TRP I 312 3.18 30.46 41.31
CA TRP I 312 3.11 29.91 39.95
C TRP I 312 3.12 28.40 39.96
N ILE I 313 3.93 27.78 40.82
CA ILE I 313 4.00 26.33 40.86
C ILE I 313 2.76 25.71 41.47
N ASP I 314 1.93 26.49 42.16
CA ASP I 314 0.67 26.02 42.73
C ASP I 314 -0.52 26.33 41.83
N LYS I 315 -0.28 26.76 40.59
CA LYS I 315 -1.34 27.06 39.62
C LYS I 315 -2.32 28.10 40.17
N LYS I 316 -1.77 29.20 40.69
CA LYS I 316 -2.57 30.28 41.24
C LYS I 316 -2.42 31.59 40.48
N CYS I 317 -1.70 31.58 39.35
CA CYS I 317 -1.44 32.78 38.58
C CYS I 317 -2.43 32.97 37.43
N GLY I 318 -3.46 32.15 37.35
CA GLY I 318 -4.45 32.31 36.30
C GLY I 318 -3.95 31.77 34.99
N LYS I 319 -4.02 32.61 33.94
CA LYS I 319 -3.60 32.19 32.61
C LYS I 319 -2.10 32.28 32.41
N LYS I 320 -1.38 32.98 33.29
CA LYS I 320 0.08 33.10 33.18
C LYS I 320 0.71 31.87 33.83
N ASN I 321 0.68 30.76 33.09
CA ASN I 321 1.14 29.48 33.58
C ASN I 321 2.58 29.16 33.17
N THR I 322 3.27 30.09 32.51
CA THR I 322 4.57 29.83 31.93
C THR I 322 5.60 30.84 32.41
N LEU I 323 6.79 30.35 32.73
CA LEU I 323 7.96 31.18 33.00
C LEU I 323 8.97 31.01 31.88
N TRP I 324 9.49 32.13 31.37
CA TRP I 324 10.43 32.13 30.26
C TRP I 324 11.72 32.80 30.69
N PHE I 325 12.83 32.10 30.49
CA PHE I 325 14.17 32.63 30.75
C PHE I 325 14.85 32.88 29.42
N TYR I 326 15.17 34.14 29.12
CA TYR I 326 15.72 34.53 27.83
C TYR I 326 17.01 35.30 28.04
N GLY I 327 18.05 34.95 27.28
CA GLY I 327 19.31 35.62 27.39
C GLY I 327 20.41 34.99 26.55
N PRO I 328 21.59 35.63 26.46
CA PRO I 328 22.66 35.16 25.62
C PRO I 328 23.38 33.98 26.22
N PRO I 329 24.28 33.26 25.55
CA PRO I 329 24.86 32.04 26.14
C PRO I 329 25.46 32.07 27.56
N SER I 330 25.85 30.92 28.14
CA SER I 330 26.26 30.75 29.56
C SER I 330 26.01 31.94 30.50
N THR I 331 24.75 32.29 30.74
CA THR I 331 24.36 33.29 31.76
C THR I 331 23.55 32.55 32.87
N GLY I 332 23.59 31.20 32.94
CA GLY I 332 22.91 30.38 33.98
C GLY I 332 21.41 30.31 33.90
N LYS I 333 20.86 29.65 32.89
CA LYS I 333 19.38 29.50 32.71
C LYS I 333 19.00 28.03 32.90
N THR I 334 19.69 27.10 32.29
CA THR I 334 19.43 25.69 32.58
C THR I 334 19.86 25.44 34.02
N ASN I 335 21.07 25.78 34.43
CA ASN I 335 21.41 25.64 35.87
C ASN I 335 20.17 25.94 36.72
N LEU I 336 19.56 27.10 36.67
CA LEU I 336 18.44 27.37 37.57
C LEU I 336 17.30 26.39 37.28
N ALA I 337 16.44 26.60 36.30
CA ALA I 337 15.35 25.73 35.88
C ALA I 337 15.56 24.24 36.17
N MET I 338 16.75 23.72 36.07
CA MET I 338 17.06 22.30 36.40
C MET I 338 17.23 22.16 37.91
N ALA I 339 17.77 23.15 38.60
CA ALA I 339 17.76 23.17 40.06
C ALA I 339 16.33 23.24 40.60
N ILE I 340 15.48 24.03 39.96
CA ILE I 340 14.08 24.08 40.36
C ILE I 340 13.39 22.76 40.07
N ALA I 341 13.68 22.16 38.90
CA ALA I 341 13.04 20.90 38.52
C ALA I 341 13.42 19.77 39.48
N LYS I 342 14.66 19.75 39.94
CA LYS I 342 15.11 18.70 40.85
C LYS I 342 14.42 18.74 42.21
N SER I 343 13.75 19.85 42.54
CA SER I 343 13.09 19.98 43.83
C SER I 343 11.68 19.39 43.84
N VAL I 344 10.97 19.45 42.71
CA VAL I 344 9.62 18.90 42.63
C VAL I 344 9.72 17.38 42.60
N PRO I 345 8.66 16.65 42.99
CA PRO I 345 8.72 15.18 42.98
C PRO I 345 8.99 14.61 41.60
N VAL I 346 8.12 14.92 40.63
CA VAL I 346 8.22 14.38 39.28
C VAL I 346 8.16 15.54 38.29
N TYR I 347 9.05 15.51 37.30
CA TYR I 347 9.06 16.52 36.24
C TYR I 347 9.27 15.84 34.90
N GLY I 348 8.77 16.49 33.85
CA GLY I 348 8.95 15.99 32.49
C GLY I 348 9.64 17.00 31.61
N MET I 349 10.15 16.57 30.46
CA MET I 349 10.84 17.45 29.53
C MET I 349 10.30 17.25 28.12
N VAL I 350 10.14 18.37 27.40
CA VAL I 350 9.72 18.31 26.01
C VAL I 350 10.79 17.62 25.16
N ASN I 351 12.06 17.71 25.58
CA ASN I 351 13.14 17.10 24.82
C ASN I 351 13.00 15.58 24.78
N TRP I 352 12.59 14.97 25.89
CA TRP I 352 12.48 13.52 25.95
C TRP I 352 11.40 12.98 25.02
N ASN I 353 10.35 13.76 24.77
CA ASN I 353 9.22 13.28 23.99
C ASN I 353 9.57 13.23 22.50
N ASN I 354 8.62 12.74 21.70
CA ASN I 354 8.82 12.65 20.27
C ASN I 354 8.78 14.03 19.62
N GLU I 355 9.46 14.15 18.47
CA GLU I 355 9.51 15.43 17.77
C GLU I 355 8.13 15.87 17.32
N ASN I 356 7.35 14.95 16.76
CA ASN I 356 5.99 15.25 16.30
C ASN I 356 4.96 15.19 17.42
N PHE I 357 5.31 14.60 18.56
CA PHE I 357 4.39 14.45 19.69
C PHE I 357 5.13 14.90 20.96
N PRO I 358 5.20 16.21 21.21
CA PRO I 358 5.99 16.72 22.33
C PRO I 358 5.25 16.87 23.65
N PHE I 359 3.94 16.69 23.68
CA PHE I 359 3.15 16.91 24.89
C PHE I 359 2.34 15.67 25.26
N ASN I 360 2.96 14.49 25.19
CA ASN I 360 2.28 13.27 25.59
C ASN I 360 2.35 13.05 27.10
N ASP I 361 3.57 12.92 27.63
CA ASP I 361 3.77 12.59 29.04
C ASP I 361 3.64 13.84 29.91
N VAL I 362 2.44 14.41 29.89
CA VAL I 362 2.15 15.63 30.62
C VAL I 362 1.44 15.34 31.93
N ALA I 363 0.44 14.45 31.91
CA ALA I 363 -0.29 14.12 33.12
C ALA I 363 0.60 13.35 34.10
N GLY I 364 0.35 13.59 35.39
CA GLY I 364 1.13 12.95 36.44
C GLY I 364 2.43 13.62 36.78
N LYS I 365 2.71 14.80 36.24
CA LYS I 365 3.93 15.52 36.49
C LYS I 365 3.66 16.81 37.25
N SER I 366 4.68 17.28 37.96
CA SER I 366 4.59 18.54 38.69
C SER I 366 5.14 19.71 37.88
N LEU I 367 5.93 19.45 36.84
CA LEU I 367 6.53 20.51 36.05
C LEU I 367 6.95 19.94 34.71
N VAL I 368 6.97 20.81 33.69
CA VAL I 368 7.43 20.47 32.35
C VAL I 368 8.50 21.46 31.96
N VAL I 369 9.66 20.96 31.51
CA VAL I 369 10.82 21.78 31.20
C VAL I 369 11.02 21.78 29.68
N TRP I 370 11.15 22.97 29.11
CA TRP I 370 11.43 23.15 27.69
C TRP I 370 12.77 23.88 27.57
N ASP I 371 13.81 23.16 27.14
CA ASP I 371 15.16 23.68 27.11
C ASP I 371 15.56 24.02 25.69
N GLU I 372 16.10 25.23 25.51
CA GLU I 372 16.49 25.80 24.21
C GLU I 372 15.52 25.42 23.11
N GLY I 373 14.24 25.72 23.37
CA GLY I 373 13.17 25.31 22.49
C GLY I 373 12.77 26.36 21.47
N ILE I 374 11.90 25.94 20.55
CA ILE I 374 11.35 26.81 19.52
C ILE I 374 10.00 26.24 19.11
N ILE I 375 9.08 27.13 18.72
CA ILE I 375 7.70 26.77 18.43
C ILE I 375 7.50 26.73 16.92
N LYS I 376 7.06 25.59 16.40
CA LYS I 376 6.73 25.44 14.99
C LYS I 376 5.27 25.79 14.75
N SER I 377 4.95 26.00 13.47
CA SER I 377 3.59 26.38 13.10
C SER I 377 2.61 25.23 13.19
N THR I 378 3.09 23.98 13.21
CA THR I 378 2.22 22.82 13.19
C THR I 378 1.77 22.38 14.58
N ILE I 379 2.28 23.01 15.65
CA ILE I 379 1.93 22.66 17.02
C ILE I 379 1.49 23.88 17.80
N VAL I 380 1.00 24.92 17.12
CA VAL I 380 0.66 26.17 17.79
C VAL I 380 -0.52 25.99 18.73
N GLU I 381 -1.53 25.22 18.32
CA GLU I 381 -2.73 25.07 19.13
C GLU I 381 -2.43 24.31 20.43
N ALA I 382 -1.73 23.18 20.31
CA ALA I 382 -1.39 22.40 21.50
C ALA I 382 -0.45 23.18 22.41
N ALA I 383 0.50 23.90 21.83
CA ALA I 383 1.41 24.72 22.63
C ALA I 383 0.65 25.81 23.38
N LYS I 384 -0.29 26.48 22.70
CA LYS I 384 -1.09 27.50 23.37
C LYS I 384 -1.91 26.90 24.50
N ALA I 385 -2.51 25.72 24.26
CA ALA I 385 -3.32 25.08 25.29
C ALA I 385 -2.49 24.72 26.50
N ILE I 386 -1.30 24.16 26.29
CA ILE I 386 -0.48 23.72 27.42
C ILE I 386 0.12 24.92 28.15
N LEU I 387 0.48 25.98 27.42
CA LEU I 387 1.08 27.14 28.06
C LEU I 387 0.04 27.98 28.80
N GLY I 388 -1.21 27.94 28.35
CA GLY I 388 -2.27 28.67 29.03
C GLY I 388 -2.88 27.95 30.21
N GLY I 389 -2.42 26.74 30.52
CA GLY I 389 -2.98 25.98 31.62
C GLY I 389 -4.21 25.17 31.28
N GLN I 390 -4.63 25.16 30.02
CA GLN I 390 -5.81 24.41 29.62
C GLN I 390 -5.49 22.92 29.56
N PRO I 391 -6.25 22.07 30.24
CA PRO I 391 -6.01 20.62 30.13
C PRO I 391 -6.28 20.11 28.73
N THR I 392 -5.54 19.09 28.33
CA THR I 392 -5.75 18.49 27.02
C THR I 392 -7.10 17.79 26.97
N ARG I 393 -7.65 17.72 25.76
CA ARG I 393 -9.00 17.19 25.58
C ARG I 393 -9.09 15.71 25.92
N VAL I 394 -8.01 14.95 25.68
CA VAL I 394 -8.01 13.53 26.04
C VAL I 394 -8.13 13.36 27.54
N ASP I 395 -7.44 14.20 28.32
CA ASP I 395 -7.59 14.15 29.77
C ASP I 395 -9.00 14.50 30.19
N GLN I 396 -9.62 15.46 29.50
CA GLN I 396 -11.01 15.80 29.80
C GLN I 396 -11.94 14.62 29.54
N LYS I 397 -11.69 13.89 28.45
CA LYS I 397 -12.52 12.73 28.12
C LYS I 397 -12.42 11.65 29.19
N MET I 398 -11.20 11.40 29.69
CA MET I 398 -11.02 10.30 30.64
C MET I 398 -11.40 10.70 32.06
N ARG I 399 -11.01 11.91 32.49
CA ARG I 399 -11.27 12.32 33.87
C ARG I 399 -12.76 12.58 34.11
N GLY I 400 -13.52 12.83 33.05
CA GLY I 400 -14.93 13.11 33.18
C GLY I 400 -15.28 14.54 33.54
N SER I 401 -14.28 15.40 33.70
CA SER I 401 -14.48 16.81 34.03
C SER I 401 -13.92 17.69 32.92
N VAL I 402 -13.99 19.00 33.12
CA VAL I 402 -13.54 19.95 32.11
C VAL I 402 -12.18 20.54 32.41
N ALA I 403 -11.74 20.55 33.67
CA ALA I 403 -10.43 21.10 34.02
C ALA I 403 -10.05 20.60 35.40
N VAL I 404 -8.97 19.81 35.47
CA VAL I 404 -8.49 19.29 36.75
C VAL I 404 -6.97 19.40 36.90
N PRO I 405 -6.13 18.80 36.03
CA PRO I 405 -4.75 18.53 36.45
C PRO I 405 -3.88 19.75 36.69
N GLY I 406 -3.71 20.60 35.67
CA GLY I 406 -2.86 21.77 35.79
C GLY I 406 -1.40 21.41 35.66
N VAL I 407 -0.65 22.12 34.81
CA VAL I 407 0.76 21.83 34.59
C VAL I 407 1.55 23.11 34.40
N PRO I 408 2.45 23.48 35.31
CA PRO I 408 3.37 24.59 35.05
C PRO I 408 4.38 24.22 33.97
N VAL I 409 4.88 25.25 33.29
CA VAL I 409 5.84 25.07 32.20
C VAL I 409 7.01 26.03 32.41
N VAL I 410 8.22 25.55 32.15
CA VAL I 410 9.43 26.37 32.17
C VAL I 410 10.06 26.32 30.79
N ILE I 411 10.36 27.50 30.23
CA ILE I 411 10.94 27.60 28.89
C ILE I 411 12.27 28.35 28.98
N THR I 412 13.28 27.80 28.32
CA THR I 412 14.59 28.44 28.19
C THR I 412 14.93 28.52 26.71
N SER I 413 15.50 29.65 26.28
CA SER I 413 15.83 29.82 24.87
C SER I 413 16.89 30.91 24.72
N ASN I 414 17.56 30.88 23.57
CA ASN I 414 18.52 31.92 23.20
C ASN I 414 17.93 32.98 22.29
N GLY I 415 16.74 32.76 21.74
CA GLY I 415 16.11 33.71 20.85
C GLY I 415 14.66 33.92 21.22
N ASP I 416 14.04 34.88 20.53
CA ASP I 416 12.65 35.24 20.81
C ASP I 416 11.73 34.12 20.34
N ILE I 417 11.17 33.36 21.30
CA ILE I 417 10.23 32.30 20.97
C ILE I 417 8.85 32.83 20.60
N THR I 418 8.62 34.14 20.75
CA THR I 418 7.33 34.71 20.37
C THR I 418 7.12 34.61 18.85
N PHE I 419 8.20 34.53 18.08
CA PHE I 419 8.11 34.28 16.65
C PHE I 419 7.87 32.80 16.39
N VAL I 420 7.02 32.50 15.41
CA VAL I 420 6.63 31.13 15.10
C VAL I 420 7.21 30.76 13.74
N VAL I 421 7.88 29.61 13.67
CA VAL I 421 8.50 29.15 12.43
C VAL I 421 7.43 28.50 11.55
N SER I 422 7.24 29.04 10.35
CA SER I 422 6.27 28.52 9.39
C SER I 422 7.02 28.22 8.10
N GLY I 423 7.11 26.94 7.75
CA GLY I 423 7.86 26.57 6.57
C GLY I 423 9.32 26.95 6.74
N ASN I 424 9.85 27.70 5.78
CA ASN I 424 11.20 28.23 5.85
C ASN I 424 11.23 29.68 6.32
N THR I 425 10.11 30.24 6.75
CA THR I 425 10.01 31.63 7.15
C THR I 425 9.56 31.74 8.60
N THR I 426 9.40 32.99 9.05
CA THR I 426 9.02 33.29 10.42
C THR I 426 7.83 34.24 10.41
N THR I 427 6.80 33.91 11.18
CA THR I 427 5.59 34.71 11.29
C THR I 427 5.40 35.17 12.73
N THR I 428 4.58 36.21 12.90
CA THR I 428 4.33 36.79 14.22
C THR I 428 2.84 37.00 14.47
N VAL I 429 1.97 36.21 13.83
CA VAL I 429 0.54 36.40 14.01
C VAL I 429 0.04 35.86 15.35
N HIS I 430 0.78 34.94 15.96
CA HIS I 430 0.42 34.39 17.27
C HIS I 430 1.06 35.15 18.43
N ALA I 431 1.88 36.16 18.14
CA ALA I 431 2.70 36.79 19.16
C ALA I 431 1.86 37.27 20.35
N LYS I 432 0.82 38.05 20.08
CA LYS I 432 -0.02 38.54 21.16
C LYS I 432 -0.64 37.39 21.93
N ALA I 433 -1.12 36.36 21.23
CA ALA I 433 -1.73 35.23 21.90
C ALA I 433 -0.73 34.50 22.77
N LEU I 434 0.57 34.63 22.48
CA LEU I 434 1.60 34.00 23.29
C LEU I 434 2.10 34.90 24.41
N LYS I 435 1.70 36.18 24.43
CA LYS I 435 2.19 37.09 25.45
C LYS I 435 1.28 37.18 26.67
N GLU I 436 0.05 36.71 26.57
CA GLU I 436 -0.88 36.74 27.69
C GLU I 436 -0.74 35.55 28.63
N ARG I 437 0.16 34.61 28.31
CA ARG I 437 0.31 33.38 29.09
C ARG I 437 1.70 33.22 29.69
N MET I 438 2.58 34.22 29.53
CA MET I 438 3.99 34.00 29.80
C MET I 438 4.55 35.15 30.63
N VAL I 439 5.61 34.84 31.38
CA VAL I 439 6.37 35.82 32.15
C VAL I 439 7.83 35.71 31.72
N LYS I 440 8.45 36.84 31.41
CA LYS I 440 9.78 36.87 30.81
C LYS I 440 10.79 37.43 31.80
N LEU I 441 11.97 36.81 31.81
CA LEU I 441 13.12 37.29 32.56
C LEU I 441 14.33 37.34 31.64
N ASN I 442 15.15 38.37 31.80
CA ASN I 442 16.29 38.62 30.92
C ASN I 442 17.59 38.30 31.68
N PHE I 443 18.26 37.24 31.26
CA PHE I 443 19.56 36.85 31.83
C PHE I 443 20.66 37.35 30.89
N THR I 444 20.94 38.65 30.99
CA THR I 444 21.88 39.29 30.08
C THR I 444 23.32 39.30 30.59
N VAL I 445 23.52 39.21 31.90
CA VAL I 445 24.86 39.29 32.49
C VAL I 445 25.46 37.88 32.51
N ARG I 446 26.65 37.75 31.93
CA ARG I 446 27.33 36.47 31.90
C ARG I 446 27.76 36.06 33.31
N CYS I 447 27.78 34.75 33.55
CA CYS I 447 28.09 34.21 34.86
C CYS I 447 29.54 33.72 34.91
N SER I 448 29.94 33.29 36.11
CA SER I 448 31.29 32.79 36.30
C SER I 448 31.48 31.46 35.58
N PRO I 449 32.71 31.16 35.12
CA PRO I 449 32.93 29.91 34.39
C PRO I 449 33.06 28.68 35.27
N ASP I 450 33.18 28.84 36.59
CA ASP I 450 33.33 27.73 37.51
C ASP I 450 32.38 27.90 38.71
N MET I 451 31.13 28.22 38.42
CA MET I 451 30.11 28.39 39.45
C MET I 451 29.56 27.05 39.93
N GLY I 452 29.85 25.96 39.24
CA GLY I 452 29.35 24.66 39.65
C GLY I 452 27.89 24.47 39.30
N LEU I 453 27.30 23.47 39.95
CA LEU I 453 25.90 23.11 39.73
C LEU I 453 25.06 23.55 40.91
N LEU I 454 23.94 24.22 40.62
CA LEU I 454 23.00 24.60 41.67
C LEU I 454 22.30 23.37 42.20
N THR I 455 22.01 23.37 43.50
CA THR I 455 21.53 22.18 44.19
C THR I 455 20.12 22.39 44.72
N GLU I 456 19.53 21.28 45.15
CA GLU I 456 18.15 21.28 45.63
C GLU I 456 18.04 21.95 46.99
N ALA I 457 19.07 21.81 47.83
CA ALA I 457 19.06 22.46 49.14
C ALA I 457 19.09 23.98 49.01
N ASP I 458 19.83 24.49 48.03
CA ASP I 458 19.85 25.93 47.79
C ASP I 458 18.45 26.44 47.44
N VAL I 459 17.73 25.71 46.59
CA VAL I 459 16.38 26.10 46.22
C VAL I 459 15.47 26.07 47.44
N GLN I 460 15.57 25.02 48.26
CA GLN I 460 14.77 24.95 49.47
C GLN I 460 15.04 26.14 50.39
N GLN I 461 16.32 26.44 50.64
CA GLN I 461 16.66 27.53 51.55
C GLN I 461 16.14 28.87 51.01
N TRP I 462 16.36 29.11 49.71
CA TRP I 462 15.92 30.37 49.12
C TRP I 462 14.41 30.53 49.19
N LEU I 463 13.67 29.49 48.82
CA LEU I 463 12.22 29.58 48.81
C LEU I 463 11.65 29.68 50.23
N THR I 464 12.26 28.97 51.18
CA THR I 464 11.81 29.07 52.57
C THR I 464 12.03 30.46 53.13
N TRP I 465 13.21 31.04 52.89
CA TRP I 465 13.46 32.39 53.37
C TRP I 465 12.54 33.39 52.70
N CYS I 466 12.28 33.23 51.40
CA CYS I 466 11.36 34.12 50.71
C CYS I 466 9.95 34.03 51.28
N ASN I 467 9.49 32.80 51.58
CA ASN I 467 8.17 32.63 52.18
C ASN I 467 8.13 33.19 53.59
N ALA I 468 9.26 33.21 54.30
CA ALA I 468 9.29 33.73 55.65
C ALA I 468 9.00 35.23 55.69
N GLN I 469 9.50 35.97 54.71
CA GLN I 469 9.37 37.42 54.70
C GLN I 469 7.93 37.83 54.41
N SER I 470 7.69 39.14 54.37
CA SER I 470 6.35 39.68 54.15
C SER I 470 5.98 39.58 52.67
N TRP I 471 4.68 39.44 52.43
CA TRP I 471 4.15 39.25 51.08
C TRP I 471 3.55 40.52 50.49
N ASP I 472 3.65 41.66 51.20
CA ASP I 472 2.88 42.84 50.82
C ASP I 472 3.27 43.36 49.43
N HIS I 473 4.53 43.19 49.04
CA HIS I 473 4.97 43.68 47.73
C HIS I 473 4.25 42.96 46.58
N TYR I 474 3.99 41.66 46.76
CA TYR I 474 3.55 40.83 45.64
C TYR I 474 2.15 41.22 45.14
N GLU I 475 1.22 41.51 46.06
CA GLU I 475 -0.17 41.71 45.65
C GLU I 475 -0.31 42.90 44.71
N ASN I 476 0.49 43.94 44.92
CA ASN I 476 0.39 45.14 44.10
C ASN I 476 0.56 44.81 42.61
N TRP I 477 1.61 44.05 42.29
CA TRP I 477 1.78 43.59 40.91
C TRP I 477 0.83 42.43 40.59
N ALA I 478 0.27 41.78 41.60
CA ALA I 478 -0.64 40.67 41.36
C ALA I 478 -2.03 41.11 40.91
N ILE I 479 -2.44 42.35 41.18
CA ILE I 479 -3.74 42.80 40.65
C ILE I 479 -3.77 42.63 39.14
N ASN I 480 -2.75 43.14 38.45
CA ASN I 480 -2.65 43.05 37.00
C ASN I 480 -1.25 42.59 36.62
N TYR I 481 -1.17 41.49 35.87
CA TYR I 481 0.11 40.91 35.52
C TYR I 481 0.71 41.58 34.30
N THR I 482 2.05 41.68 34.29
CA THR I 482 2.79 42.25 33.18
C THR I 482 3.58 41.15 32.47
N PHE I 483 3.78 41.33 31.16
CA PHE I 483 4.53 40.35 30.39
C PHE I 483 5.98 40.27 30.85
N ASP I 484 6.60 41.41 31.14
CA ASP I 484 7.97 41.46 31.59
C ASP I 484 8.01 41.60 33.11
N PHE I 485 8.83 40.79 33.76
CA PHE I 485 8.97 40.85 35.20
C PHE I 485 9.62 42.17 35.59
N PRO I 486 9.07 42.91 36.55
CA PRO I 486 9.64 44.21 36.91
C PRO I 486 11.08 44.08 37.41
N GLY I 487 11.89 45.07 37.06
CA GLY I 487 13.29 45.06 37.44
C GLY I 487 13.50 45.41 38.90
N ILE I 488 14.77 45.31 39.32
CA ILE I 488 15.10 45.54 40.71
C ILE I 488 14.88 47.00 41.08
N ASN I 489 14.28 47.23 42.24
CA ASN I 489 14.03 48.57 42.77
C ASN I 489 14.91 48.73 44.02
N ALA I 490 16.05 49.41 43.85
CA ALA I 490 17.04 49.49 44.92
C ALA I 490 16.49 50.15 46.18
N ASP I 491 15.43 50.93 46.07
CA ASP I 491 14.83 51.54 47.26
C ASP I 491 14.10 50.50 48.11
N ALA I 492 13.52 49.48 47.48
CA ALA I 492 12.65 48.53 48.15
C ALA I 492 13.35 47.21 48.49
N LEU I 493 14.68 47.15 48.37
CA LEU I 493 15.41 45.96 48.78
C LEU I 493 15.23 45.68 50.27
N HIS I 494 15.05 44.42 50.60
CA HIS I 494 14.92 44.03 52.00
C HIS I 494 16.21 44.34 52.75
N PRO I 495 16.12 44.81 54.00
CA PRO I 495 17.35 45.10 54.76
C PRO I 495 18.24 43.89 54.96
N ASP I 496 17.68 42.68 54.95
CA ASP I 496 18.49 41.48 55.13
C ASP I 496 19.44 41.26 53.97
N LEU I 497 19.05 41.66 52.76
CA LEU I 497 19.87 41.49 51.56
C LEU I 497 20.39 42.82 51.04
N GLN I 498 19.49 43.77 50.74
CA GLN I 498 19.85 45.06 50.19
C GLN I 498 20.74 44.95 48.96
N VAL J 201 -42.47 -10.59 38.98
CA VAL J 201 -41.38 -11.55 38.93
C VAL J 201 -40.79 -11.76 40.32
N VAL J 202 -40.82 -13.00 40.79
CA VAL J 202 -40.25 -13.33 42.10
C VAL J 202 -38.73 -13.37 41.98
N PRO J 203 -38.01 -12.61 42.79
CA PRO J 203 -36.54 -12.63 42.70
C PRO J 203 -35.97 -13.98 43.12
N PHE J 204 -34.77 -14.26 42.60
CA PHE J 204 -34.09 -15.51 42.91
C PHE J 204 -33.77 -15.58 44.40
N ASN J 205 -33.83 -16.79 44.95
CA ASN J 205 -33.65 -17.02 46.37
C ASN J 205 -32.18 -17.18 46.77
N GLY J 206 -31.26 -16.70 45.95
CA GLY J 206 -29.85 -16.79 46.30
C GLY J 206 -29.52 -15.96 47.52
N LYS J 207 -28.60 -16.47 48.33
CA LYS J 207 -28.17 -15.83 49.56
C LYS J 207 -26.70 -15.46 49.46
N GLY J 208 -26.37 -14.23 49.86
CA GLY J 208 -25.01 -13.75 49.76
C GLY J 208 -24.23 -13.89 51.06
N THR J 209 -22.91 -13.83 50.94
CA THR J 209 -22.01 -13.93 52.07
C THR J 209 -21.75 -12.53 52.63
N LYS J 210 -20.79 -12.43 53.55
CA LYS J 210 -20.45 -11.13 54.13
C LYS J 210 -19.80 -10.22 53.09
N ALA J 211 -18.93 -10.79 52.23
CA ALA J 211 -18.26 -10.00 51.22
C ALA J 211 -19.25 -9.43 50.21
N SER J 212 -20.27 -10.21 49.83
CA SER J 212 -21.26 -9.72 48.89
C SER J 212 -22.08 -8.58 49.49
N ILE J 213 -22.46 -8.71 50.77
CA ILE J 213 -23.21 -7.65 51.43
C ILE J 213 -22.37 -6.38 51.55
N LYS J 214 -21.08 -6.55 51.88
CA LYS J 214 -20.18 -5.39 51.94
C LYS J 214 -20.05 -4.72 50.57
N PHE J 215 -19.95 -5.52 49.51
CA PHE J 215 -19.86 -4.96 48.17
C PHE J 215 -21.13 -4.20 47.80
N GLN J 216 -22.29 -4.75 48.13
CA GLN J 216 -23.54 -4.05 47.85
C GLN J 216 -23.64 -2.74 48.64
N THR J 217 -23.20 -2.76 49.90
CA THR J 217 -23.19 -1.54 50.70
C THR J 217 -22.26 -0.50 50.09
N MET J 218 -21.10 -0.94 49.58
CA MET J 218 -20.18 -0.02 48.91
C MET J 218 -20.80 0.56 47.65
N VAL J 219 -21.54 -0.25 46.89
CA VAL J 219 -22.20 0.24 45.68
C VAL J 219 -23.25 1.28 46.05
N ASN J 220 -24.02 1.03 47.11
CA ASN J 220 -25.00 2.01 47.56
C ASN J 220 -24.33 3.29 48.02
N TRP J 221 -23.19 3.17 48.71
CA TRP J 221 -22.43 4.35 49.12
C TRP J 221 -21.96 5.15 47.91
N LEU J 222 -21.48 4.47 46.88
CA LEU J 222 -21.02 5.15 45.68
C LEU J 222 -22.17 5.88 44.99
N CYS J 223 -23.34 5.24 44.91
CA CYS J 223 -24.47 5.87 44.26
C CYS J 223 -25.00 7.05 45.07
N GLU J 224 -24.98 6.95 46.40
CA GLU J 224 -25.57 7.99 47.23
C GLU J 224 -24.72 9.25 47.23
N ASN J 225 -23.40 9.10 47.21
CA ASN J 225 -22.48 10.24 47.31
C ASN J 225 -22.13 10.84 45.95
N ARG J 226 -22.80 10.41 44.88
CA ARG J 226 -22.63 10.99 43.55
C ARG J 226 -21.18 10.89 43.06
N VAL J 227 -20.52 9.79 43.38
CA VAL J 227 -19.17 9.52 42.92
C VAL J 227 -19.24 8.42 41.86
N PHE J 228 -18.68 8.69 40.69
CA PHE J 228 -18.81 7.79 39.54
C PHE J 228 -17.52 7.60 38.76
N THR J 229 -16.42 8.21 39.18
CA THR J 229 -15.13 8.05 38.50
C THR J 229 -14.06 7.73 39.54
N GLU J 230 -12.94 7.21 39.04
CA GLU J 230 -11.82 6.89 39.92
C GLU J 230 -11.23 8.14 40.56
N ASP J 231 -11.13 9.23 39.79
CA ASP J 231 -10.54 10.46 40.32
C ASP J 231 -11.37 11.02 41.47
N LYS J 232 -12.70 11.03 41.33
CA LYS J 232 -13.54 11.52 42.40
C LYS J 232 -13.51 10.59 43.61
N TRP J 233 -13.37 9.28 43.38
CA TRP J 233 -13.21 8.35 44.50
C TRP J 233 -11.93 8.64 45.27
N LYS J 234 -10.83 8.88 44.55
CA LYS J 234 -9.57 9.21 45.22
C LYS J 234 -9.68 10.54 45.96
N LEU J 235 -10.34 11.54 45.37
CA LEU J 235 -10.46 12.84 46.01
C LEU J 235 -11.34 12.79 47.26
N VAL J 236 -12.44 12.03 47.20
CA VAL J 236 -13.39 12.02 48.30
C VAL J 236 -12.94 11.08 49.42
N ASP J 237 -12.53 9.85 49.06
CA ASP J 237 -12.14 8.84 50.04
C ASP J 237 -10.88 8.15 49.53
N PHE J 238 -9.71 8.68 49.92
CA PHE J 238 -8.44 8.08 49.53
C PHE J 238 -8.14 6.84 50.36
N ASN J 239 -8.62 6.77 51.59
CA ASN J 239 -8.31 5.64 52.47
C ASN J 239 -8.92 4.34 51.94
N GLN J 240 -10.21 4.37 51.61
CA GLN J 240 -10.86 3.17 51.08
C GLN J 240 -10.27 2.76 49.74
N TYR J 241 -9.99 3.74 48.88
CA TYR J 241 -9.40 3.45 47.58
C TYR J 241 -8.01 2.83 47.73
N THR J 242 -7.24 3.27 48.72
CA THR J 242 -5.92 2.70 48.94
C THR J 242 -6.00 1.31 49.55
N LEU J 243 -6.93 1.09 50.49
CA LEU J 243 -7.09 -0.24 51.07
C LEU J 243 -7.56 -1.25 50.02
N LEU J 244 -8.45 -0.83 49.12
CA LEU J 244 -8.94 -1.75 48.10
C LEU J 244 -7.86 -2.10 47.10
N SER J 245 -6.98 -1.16 46.77
CA SER J 245 -5.98 -1.35 45.73
C SER J 245 -4.82 -2.24 46.16
N SER J 246 -4.87 -2.83 47.35
CA SER J 246 -3.76 -3.64 47.84
C SER J 246 -3.71 -5.03 47.22
N SER J 247 -4.80 -5.50 46.64
CA SER J 247 -4.87 -6.86 46.09
C SER J 247 -5.64 -6.84 44.77
N HIS J 248 -5.56 -7.97 44.06
CA HIS J 248 -6.27 -8.10 42.79
C HIS J 248 -7.78 -8.02 42.99
N SER J 249 -8.28 -8.65 44.05
CA SER J 249 -9.73 -8.71 44.29
C SER J 249 -10.30 -7.31 44.48
N GLY J 250 -9.62 -6.47 45.27
CA GLY J 250 -10.10 -5.11 45.47
C GLY J 250 -10.04 -4.28 44.20
N SER J 251 -9.00 -4.48 43.38
CA SER J 251 -8.91 -3.75 42.12
C SER J 251 -10.05 -4.14 41.19
N PHE J 252 -10.39 -5.43 41.14
CA PHE J 252 -11.55 -5.85 40.36
C PHE J 252 -12.84 -5.27 40.91
N GLN J 253 -12.98 -5.28 42.24
CA GLN J 253 -14.19 -4.78 42.88
C GLN J 253 -14.39 -3.29 42.64
N ILE J 254 -13.31 -2.52 42.55
CA ILE J 254 -13.42 -1.09 42.31
C ILE J 254 -14.14 -0.83 40.99
N GLN J 255 -13.66 -1.47 39.91
CA GLN J 255 -14.27 -1.29 38.60
C GLN J 255 -15.68 -1.85 38.56
N SER J 256 -15.89 -3.02 39.16
CA SER J 256 -17.22 -3.62 39.15
C SER J 256 -18.24 -2.72 39.85
N ALA J 257 -17.88 -2.19 41.02
CA ALA J 257 -18.77 -1.32 41.76
C ALA J 257 -18.99 0.00 41.04
N LEU J 258 -17.95 0.53 40.40
CA LEU J 258 -18.12 1.76 39.63
C LEU J 258 -19.13 1.57 38.51
N LYS J 259 -18.99 0.47 37.76
CA LYS J 259 -19.93 0.19 36.67
C LYS J 259 -21.36 0.00 37.20
N LEU J 260 -21.50 -0.74 38.30
CA LEU J 260 -22.82 -0.98 38.86
C LEU J 260 -23.47 0.31 39.34
N ALA J 261 -22.70 1.18 40.00
CA ALA J 261 -23.22 2.44 40.47
C ALA J 261 -23.63 3.34 39.32
N ILE J 262 -22.81 3.39 38.27
CA ILE J 262 -23.16 4.20 37.10
C ILE J 262 -24.47 3.70 36.49
N TYR J 263 -24.60 2.38 36.33
CA TYR J 263 -25.82 1.82 35.75
C TYR J 263 -27.03 2.12 36.62
N LYS J 264 -26.90 1.96 37.95
CA LYS J 264 -28.02 2.23 38.83
C LYS J 264 -28.44 3.68 38.78
N ALA J 265 -27.46 4.60 38.74
CA ALA J 265 -27.80 6.02 38.68
C ALA J 265 -28.42 6.41 37.35
N THR J 266 -28.01 5.77 36.25
CA THR J 266 -28.47 6.22 34.94
C THR J 266 -29.77 5.55 34.50
N ASN J 267 -29.91 4.23 34.70
CA ASN J 267 -31.02 3.49 34.11
C ASN J 267 -32.15 3.16 35.08
N LEU J 268 -31.87 3.02 36.37
CA LEU J 268 -32.87 2.56 37.32
C LEU J 268 -33.50 3.67 38.15
N VAL J 269 -32.91 4.87 38.15
CA VAL J 269 -33.41 5.99 38.92
C VAL J 269 -33.65 7.15 37.96
N PRO J 270 -34.82 7.79 37.99
CA PRO J 270 -35.03 8.97 37.12
C PRO J 270 -34.05 10.08 37.45
N THR J 271 -33.63 10.80 36.40
CA THR J 271 -32.66 11.87 36.59
C THR J 271 -33.23 13.02 37.42
N SER J 272 -34.54 13.28 37.30
CA SER J 272 -35.16 14.37 38.05
C SER J 272 -35.07 14.14 39.56
N THR J 273 -34.85 12.91 40.00
CA THR J 273 -34.63 12.66 41.42
C THR J 273 -33.33 13.32 41.90
N PHE J 274 -32.29 13.27 41.06
CA PHE J 274 -31.01 13.88 41.42
C PHE J 274 -31.04 15.39 41.36
N LEU J 275 -32.09 15.99 40.78
CA LEU J 275 -32.19 17.45 40.68
C LEU J 275 -33.01 18.07 41.80
N LEU J 276 -33.97 17.34 42.35
CA LEU J 276 -34.81 17.86 43.43
C LEU J 276 -34.19 17.58 44.79
N CYS J 285 -37.22 35.61 48.58
CA CYS J 285 -36.59 34.29 48.64
C CYS J 285 -36.28 33.77 47.24
N ILE J 286 -37.33 33.45 46.48
CA ILE J 286 -37.14 32.95 45.12
C ILE J 286 -36.71 34.08 44.19
N LYS J 287 -37.07 35.32 44.51
CA LYS J 287 -36.68 36.46 43.68
C LYS J 287 -35.18 36.68 43.67
N ASP J 288 -34.46 36.18 44.67
CA ASP J 288 -33.01 36.33 44.73
C ASP J 288 -32.27 35.29 43.91
N ASN J 289 -32.98 34.35 43.30
CA ASN J 289 -32.32 33.31 42.51
C ASN J 289 -31.77 33.89 41.22
N LYS J 290 -30.51 33.55 40.92
CA LYS J 290 -29.86 34.09 39.72
C LYS J 290 -30.48 33.53 38.45
N ILE J 291 -30.94 32.28 38.48
CA ILE J 291 -31.58 31.69 37.29
C ILE J 291 -32.86 32.44 36.96
N VAL J 292 -33.65 32.79 37.98
CA VAL J 292 -34.89 33.53 37.75
C VAL J 292 -34.59 34.90 37.16
N LYS J 293 -33.56 35.58 37.70
CA LYS J 293 -33.19 36.89 37.17
C LYS J 293 -32.72 36.79 35.72
N LEU J 294 -31.91 35.77 35.42
CA LEU J 294 -31.46 35.58 34.03
C LEU J 294 -32.63 35.34 33.09
N LEU J 295 -33.56 34.48 33.49
CA LEU J 295 -34.69 34.17 32.62
C LEU J 295 -35.67 35.34 32.52
N LEU J 296 -35.71 36.22 33.52
CA LEU J 296 -36.51 37.44 33.42
C LEU J 296 -35.86 38.48 32.52
N CYS J 297 -34.53 38.55 32.53
CA CYS J 297 -33.84 39.50 31.65
C CYS J 297 -34.00 39.12 30.18
N GLN J 298 -34.23 37.84 29.88
CA GLN J 298 -34.41 37.37 28.52
C GLN J 298 -35.87 37.29 28.12
N ASN J 299 -36.78 37.83 28.94
CA ASN J 299 -38.22 37.85 28.65
C ASN J 299 -38.77 36.43 28.52
N TYR J 300 -38.44 35.58 29.50
CA TYR J 300 -38.90 34.21 29.53
C TYR J 300 -39.42 33.86 30.92
N ASP J 301 -40.42 33.00 30.96
CA ASP J 301 -41.04 32.62 32.22
C ASP J 301 -40.23 31.53 32.91
N PRO J 302 -39.67 31.77 34.10
CA PRO J 302 -38.88 30.74 34.76
C PRO J 302 -39.65 29.47 35.10
N LEU J 303 -40.93 29.58 35.44
CA LEU J 303 -41.72 28.42 35.82
C LEU J 303 -41.88 27.46 34.64
N LEU J 304 -42.22 28.00 33.47
CA LEU J 304 -42.39 27.15 32.30
C LEU J 304 -41.07 26.49 31.89
N VAL J 305 -39.97 27.24 31.96
CA VAL J 305 -38.67 26.67 31.62
C VAL J 305 -38.29 25.56 32.59
N GLY J 306 -38.54 25.77 33.89
CA GLY J 306 -38.24 24.75 34.87
C GLY J 306 -39.05 23.48 34.67
N GLN J 307 -40.36 23.64 34.43
CA GLN J 307 -41.21 22.48 34.20
C GLN J 307 -40.79 21.75 32.92
N HIS J 308 -40.45 22.51 31.87
CA HIS J 308 -40.00 21.89 30.63
C HIS J 308 -38.70 21.14 30.84
N VAL J 309 -37.77 21.70 31.61
CA VAL J 309 -36.52 21.00 31.90
C VAL J 309 -36.78 19.71 32.66
N LEU J 310 -37.67 19.77 33.65
CA LEU J 310 -37.99 18.58 34.43
C LEU J 310 -38.59 17.48 33.57
N LYS J 311 -39.53 17.85 32.68
CA LYS J 311 -40.14 16.84 31.82
C LYS J 311 -39.20 16.37 30.71
N TRP J 312 -38.29 17.25 30.27
CA TRP J 312 -37.36 16.95 29.19
C TRP J 312 -36.26 16.00 29.63
N ILE J 313 -35.69 16.22 30.82
CA ILE J 313 -34.58 15.39 31.26
C ILE J 313 -35.01 14.01 31.72
N ASP J 314 -36.31 13.77 31.86
CA ASP J 314 -36.85 12.45 32.15
C ASP J 314 -37.29 11.71 30.89
N LYS J 315 -37.01 12.27 29.71
CA LYS J 315 -37.35 11.64 28.43
C LYS J 315 -38.85 11.42 28.29
N LYS J 316 -39.64 12.45 28.64
CA LYS J 316 -41.09 12.39 28.55
C LYS J 316 -41.66 13.36 27.52
N CYS J 317 -40.81 14.01 26.74
CA CYS J 317 -41.26 15.00 25.76
C CYS J 317 -41.57 14.41 24.40
N GLY J 318 -41.29 13.13 24.18
CA GLY J 318 -41.61 12.52 22.90
C GLY J 318 -40.45 12.65 21.94
N LYS J 319 -40.73 13.16 20.74
CA LYS J 319 -39.72 13.32 19.71
C LYS J 319 -38.89 14.58 19.88
N LYS J 320 -39.31 15.52 20.72
CA LYS J 320 -38.57 16.75 20.97
C LYS J 320 -37.61 16.51 22.11
N ASN J 321 -36.39 16.09 21.77
CA ASN J 321 -35.39 15.68 22.74
C ASN J 321 -34.26 16.69 22.92
N THR J 322 -34.18 17.71 22.07
CA THR J 322 -33.07 18.65 22.08
C THR J 322 -33.51 20.01 22.61
N LEU J 323 -32.66 20.63 23.41
CA LEU J 323 -32.87 21.97 23.93
C LEU J 323 -31.79 22.87 23.37
N TRP J 324 -32.20 23.97 22.73
CA TRP J 324 -31.29 24.83 21.97
C TRP J 324 -31.25 26.21 22.60
N PHE J 325 -30.04 26.68 22.90
CA PHE J 325 -29.80 28.05 23.35
C PHE J 325 -29.13 28.82 22.23
N TYR J 326 -29.74 29.94 21.83
CA TYR J 326 -29.24 30.73 20.71
C TYR J 326 -29.26 32.20 21.09
N GLY J 327 -28.23 32.94 20.66
CA GLY J 327 -28.17 34.35 20.90
C GLY J 327 -26.81 34.96 20.68
N PRO J 328 -26.71 36.29 20.83
CA PRO J 328 -25.42 36.97 20.70
C PRO J 328 -24.49 36.59 21.84
N PRO J 329 -23.20 36.91 21.73
CA PRO J 329 -22.25 36.54 22.78
C PRO J 329 -22.54 37.26 24.09
N SER J 330 -22.12 36.60 25.18
CA SER J 330 -22.25 37.12 26.55
C SER J 330 -23.72 37.37 26.91
N THR J 331 -24.55 36.35 26.70
CA THR J 331 -25.95 36.38 27.11
C THR J 331 -26.30 35.22 28.04
N GLY J 332 -25.30 34.57 28.63
CA GLY J 332 -25.53 33.52 29.60
C GLY J 332 -26.17 32.25 29.07
N LYS J 333 -25.59 31.70 28.00
CA LYS J 333 -26.04 30.40 27.49
C LYS J 333 -25.19 29.27 28.06
N THR J 334 -23.88 29.32 27.83
CA THR J 334 -22.95 28.30 28.28
C THR J 334 -22.95 28.15 29.80
N ASN J 335 -23.07 29.24 30.55
CA ASN J 335 -23.06 29.15 32.01
C ASN J 335 -24.26 28.35 32.52
N LEU J 336 -25.46 28.68 32.05
CA LEU J 336 -26.65 27.93 32.45
C LEU J 336 -26.57 26.48 31.99
N ALA J 337 -26.13 26.25 30.74
CA ALA J 337 -26.04 24.89 30.23
C ALA J 337 -25.08 24.05 31.06
N MET J 338 -23.93 24.62 31.43
CA MET J 338 -22.94 23.86 32.18
C MET J 338 -23.37 23.70 33.63
N ALA J 339 -24.12 24.65 34.19
CA ALA J 339 -24.69 24.45 35.52
C ALA J 339 -25.65 23.28 35.53
N ILE J 340 -26.52 23.21 34.52
CA ILE J 340 -27.46 22.09 34.41
C ILE J 340 -26.68 20.79 34.22
N ALA J 341 -25.63 20.82 33.40
CA ALA J 341 -24.82 19.62 33.17
C ALA J 341 -24.14 19.14 34.46
N LYS J 342 -23.66 20.09 35.28
CA LYS J 342 -23.04 19.71 36.54
C LYS J 342 -24.04 19.25 37.57
N SER J 343 -25.29 19.70 37.48
CA SER J 343 -26.31 19.26 38.44
C SER J 343 -26.57 17.77 38.33
N VAL J 344 -26.64 17.24 37.11
CA VAL J 344 -27.00 15.84 36.89
C VAL J 344 -25.80 14.95 37.23
N PRO J 345 -26.01 13.65 37.50
CA PRO J 345 -24.89 12.78 37.86
C PRO J 345 -23.78 12.70 36.83
N VAL J 346 -24.12 12.30 35.60
CA VAL J 346 -23.15 12.10 34.53
C VAL J 346 -23.58 12.90 33.31
N TYR J 347 -22.63 13.60 32.70
CA TYR J 347 -22.87 14.36 31.49
C TYR J 347 -21.75 14.12 30.50
N GLY J 348 -22.06 14.31 29.21
CA GLY J 348 -21.08 14.15 28.17
C GLY J 348 -21.01 15.40 27.30
N MET J 349 -19.88 15.53 26.61
CA MET J 349 -19.60 16.68 25.76
C MET J 349 -19.33 16.23 24.34
N VAL J 350 -19.99 16.86 23.38
CA VAL J 350 -19.70 16.61 21.97
C VAL J 350 -18.31 17.12 21.60
N ASN J 351 -17.80 18.11 22.35
CA ASN J 351 -16.50 18.69 22.04
C ASN J 351 -15.36 17.74 22.36
N TRP J 352 -15.49 16.93 23.42
CA TRP J 352 -14.41 16.02 23.81
C TRP J 352 -14.19 14.93 22.76
N ASN J 353 -15.24 14.52 22.06
CA ASN J 353 -15.16 13.39 21.16
C ASN J 353 -14.31 13.71 19.94
N ASN J 354 -14.03 12.68 19.14
CA ASN J 354 -13.27 12.84 17.93
C ASN J 354 -14.07 13.63 16.90
N GLU J 355 -13.35 14.24 15.95
CA GLU J 355 -14.00 15.08 14.95
C GLU J 355 -14.95 14.28 14.07
N ASN J 356 -14.54 13.07 13.67
CA ASN J 356 -15.36 12.27 12.77
C ASN J 356 -16.45 11.48 13.49
N PHE J 357 -16.35 11.33 14.81
CA PHE J 357 -17.33 10.57 15.59
C PHE J 357 -17.76 11.41 16.79
N PRO J 358 -18.57 12.44 16.57
CA PRO J 358 -19.00 13.29 17.70
C PRO J 358 -19.90 12.57 18.70
N PHE J 359 -20.52 11.46 18.32
CA PHE J 359 -21.50 10.77 19.16
C PHE J 359 -21.02 9.38 19.54
N ASN J 360 -19.75 9.24 19.92
CA ASN J 360 -19.23 7.93 20.29
C ASN J 360 -19.62 7.54 21.71
N ASP J 361 -19.40 8.45 22.67
CA ASP J 361 -19.71 8.19 24.07
C ASP J 361 -21.10 8.75 24.36
N VAL J 362 -22.12 7.89 24.22
CA VAL J 362 -23.49 8.30 24.48
C VAL J 362 -24.19 7.42 25.51
N ALA J 363 -23.82 6.14 25.65
CA ALA J 363 -24.45 5.27 26.62
C ALA J 363 -23.93 5.55 28.02
N GLY J 364 -24.81 5.42 29.01
CA GLY J 364 -24.44 5.66 30.38
C GLY J 364 -24.40 7.11 30.80
N LYS J 365 -24.94 8.01 29.97
CA LYS J 365 -24.94 9.44 30.25
C LYS J 365 -26.36 9.91 30.53
N SER J 366 -26.48 10.86 31.46
CA SER J 366 -27.76 11.50 31.72
C SER J 366 -28.00 12.74 30.87
N LEU J 367 -26.95 13.27 30.24
CA LEU J 367 -27.06 14.48 29.43
C LEU J 367 -25.87 14.56 28.49
N VAL J 368 -26.08 15.19 27.34
CA VAL J 368 -25.03 15.44 26.37
C VAL J 368 -25.06 16.93 26.02
N VAL J 369 -23.90 17.58 26.08
CA VAL J 369 -23.77 19.01 25.88
C VAL J 369 -22.98 19.25 24.60
N TRP J 370 -23.53 20.09 23.71
CA TRP J 370 -22.87 20.51 22.49
C TRP J 370 -22.62 22.01 22.60
N ASP J 371 -21.36 22.41 22.72
CA ASP J 371 -20.99 23.79 22.96
C ASP J 371 -20.52 24.44 21.66
N GLU J 372 -21.19 25.51 21.26
CA GLU J 372 -20.85 26.28 20.06
C GLU J 372 -20.75 25.37 18.84
N GLY J 373 -21.79 24.57 18.63
CA GLY J 373 -21.76 23.52 17.65
C GLY J 373 -22.37 23.90 16.31
N ILE J 374 -21.90 23.23 15.26
CA ILE J 374 -22.40 23.39 13.90
C ILE J 374 -22.60 22.00 13.30
N ILE J 375 -23.66 21.84 12.53
CA ILE J 375 -24.02 20.55 11.95
C ILE J 375 -23.52 20.51 10.51
N LYS J 376 -22.71 19.50 10.20
CA LYS J 376 -22.19 19.29 8.86
C LYS J 376 -23.01 18.23 8.13
N SER J 377 -22.84 18.18 6.81
CA SER J 377 -23.60 17.26 5.97
C SER J 377 -23.11 15.82 6.08
N THR J 378 -21.92 15.58 6.64
CA THR J 378 -21.42 14.23 6.78
C THR J 378 -21.89 13.54 8.05
N ILE J 379 -22.54 14.26 8.97
CA ILE J 379 -23.01 13.69 10.22
C ILE J 379 -24.47 14.04 10.43
N VAL J 380 -25.14 14.49 9.36
CA VAL J 380 -26.50 14.99 9.49
C VAL J 380 -27.48 13.88 9.89
N GLU J 381 -27.28 12.65 9.39
CA GLU J 381 -28.21 11.58 9.71
C GLU J 381 -28.03 11.09 11.14
N ALA J 382 -26.78 10.94 11.59
CA ALA J 382 -26.53 10.58 12.98
C ALA J 382 -27.03 11.67 13.92
N ALA J 383 -26.86 12.93 13.52
CA ALA J 383 -27.40 14.03 14.32
C ALA J 383 -28.92 13.96 14.40
N LYS J 384 -29.58 13.68 13.28
CA LYS J 384 -31.03 13.53 13.29
C LYS J 384 -31.46 12.40 14.22
N ALA J 385 -30.71 11.29 14.20
CA ALA J 385 -31.05 10.16 15.06
C ALA J 385 -30.89 10.52 16.54
N ILE J 386 -29.73 11.08 16.91
CA ILE J 386 -29.45 11.30 18.32
C ILE J 386 -30.30 12.43 18.88
N LEU J 387 -30.51 13.50 18.10
CA LEU J 387 -31.25 14.66 18.60
C LEU J 387 -32.74 14.39 18.77
N GLY J 388 -33.26 13.30 18.21
CA GLY J 388 -34.65 12.95 18.35
C GLY J 388 -34.96 11.89 19.38
N GLY J 389 -33.94 11.39 20.09
CA GLY J 389 -34.15 10.32 21.04
C GLY J 389 -34.19 8.94 20.46
N GLN J 390 -33.61 8.74 19.27
CA GLN J 390 -33.67 7.46 18.58
C GLN J 390 -32.38 6.69 18.81
N PRO J 391 -32.43 5.50 19.39
CA PRO J 391 -31.20 4.75 19.63
C PRO J 391 -30.55 4.29 18.33
N THR J 392 -29.23 4.12 18.37
CA THR J 392 -28.49 3.65 17.22
C THR J 392 -28.62 2.14 17.06
N ARG J 393 -28.28 1.65 15.87
CA ARG J 393 -28.43 0.23 15.58
C ARG J 393 -27.43 -0.61 16.38
N VAL J 394 -26.29 -0.04 16.74
CA VAL J 394 -25.32 -0.79 17.55
C VAL J 394 -25.90 -1.04 18.95
N ASP J 395 -26.49 -0.02 19.56
CA ASP J 395 -27.11 -0.19 20.86
C ASP J 395 -28.28 -1.17 20.78
N GLN J 396 -29.03 -1.14 19.67
CA GLN J 396 -30.10 -2.10 19.47
C GLN J 396 -29.57 -3.51 19.39
N LYS J 397 -28.44 -3.71 18.70
CA LYS J 397 -27.90 -5.05 18.53
C LYS J 397 -27.33 -5.60 19.84
N MET J 398 -26.55 -4.80 20.56
CA MET J 398 -25.93 -5.31 21.79
C MET J 398 -26.94 -5.45 22.91
N ARG J 399 -27.87 -4.50 23.04
CA ARG J 399 -28.89 -4.62 24.08
C ARG J 399 -29.85 -5.77 23.80
N GLY J 400 -30.21 -5.98 22.54
CA GLY J 400 -31.13 -7.02 22.16
C GLY J 400 -32.55 -6.57 21.91
N SER J 401 -32.86 -5.30 22.15
CA SER J 401 -34.18 -4.74 21.92
C SER J 401 -34.14 -3.76 20.74
N VAL J 402 -35.27 -3.11 20.49
CA VAL J 402 -35.38 -2.21 19.35
C VAL J 402 -35.28 -0.73 19.75
N ALA J 403 -35.70 -0.36 20.95
CA ALA J 403 -35.60 1.03 21.39
C ALA J 403 -35.75 1.14 22.91
N VAL J 404 -34.70 1.56 23.60
CA VAL J 404 -34.75 1.72 25.05
C VAL J 404 -34.08 3.01 25.54
N PRO J 405 -32.75 3.21 25.37
CA PRO J 405 -32.03 4.10 26.30
C PRO J 405 -32.49 5.55 26.32
N GLY J 406 -32.36 6.26 25.21
CA GLY J 406 -32.72 7.67 25.15
C GLY J 406 -31.69 8.55 25.82
N VAL J 407 -31.36 9.69 25.21
CA VAL J 407 -30.39 10.63 25.78
C VAL J 407 -30.80 12.06 25.45
N PRO J 408 -31.12 12.88 26.44
CA PRO J 408 -31.37 14.31 26.17
C PRO J 408 -30.10 15.02 25.74
N VAL J 409 -30.27 16.02 24.87
CA VAL J 409 -29.17 16.80 24.34
C VAL J 409 -29.48 18.29 24.52
N VAL J 410 -28.45 19.06 24.88
CA VAL J 410 -28.55 20.51 24.98
C VAL J 410 -27.47 21.13 24.10
N ILE J 411 -27.84 22.10 23.29
CA ILE J 411 -26.94 22.73 22.32
C ILE J 411 -26.99 24.24 22.49
N THR J 412 -25.81 24.86 22.51
CA THR J 412 -25.68 26.31 22.49
C THR J 412 -24.88 26.71 21.25
N SER J 413 -25.33 27.76 20.58
CA SER J 413 -24.67 28.17 19.34
C SER J 413 -24.84 29.67 19.13
N ASN J 414 -23.95 30.24 18.33
CA ASN J 414 -24.03 31.66 17.96
C ASN J 414 -24.81 31.88 16.66
N GLY J 415 -24.73 30.93 15.72
CA GLY J 415 -25.46 31.01 14.47
C GLY J 415 -26.59 30.00 14.40
N ASP J 416 -27.30 30.05 13.28
CA ASP J 416 -28.43 29.17 13.04
C ASP J 416 -27.91 27.78 12.66
N ILE J 417 -28.26 26.77 13.46
CA ILE J 417 -27.78 25.42 13.24
C ILE J 417 -28.64 24.63 12.26
N THR J 418 -29.84 25.11 11.94
CA THR J 418 -30.67 24.43 10.95
C THR J 418 -30.08 24.52 9.55
N PHE J 419 -29.13 25.41 9.33
CA PHE J 419 -28.40 25.46 8.07
C PHE J 419 -27.22 24.49 8.12
N VAL J 420 -27.14 23.60 7.13
CA VAL J 420 -26.19 22.50 7.14
C VAL J 420 -25.04 22.85 6.20
N VAL J 421 -23.81 22.63 6.68
CA VAL J 421 -22.62 22.92 5.87
C VAL J 421 -22.35 21.73 4.96
N SER J 422 -22.24 22.00 3.66
CA SER J 422 -21.91 20.99 2.66
C SER J 422 -20.82 21.58 1.77
N GLY J 423 -19.62 21.01 1.81
CA GLY J 423 -18.52 21.57 1.07
C GLY J 423 -18.20 22.96 1.54
N ASN J 424 -18.27 23.93 0.63
CA ASN J 424 -18.10 25.34 0.94
C ASN J 424 -19.42 26.10 0.83
N THR J 425 -20.55 25.41 0.98
CA THR J 425 -21.86 25.97 0.73
C THR J 425 -22.77 25.62 1.89
N THR J 426 -23.87 26.36 2.03
CA THR J 426 -24.87 26.13 3.06
C THR J 426 -26.16 25.66 2.41
N THR J 427 -26.70 24.55 2.91
CA THR J 427 -27.95 23.99 2.42
C THR J 427 -29.00 24.00 3.52
N THR J 428 -30.27 23.90 3.11
CA THR J 428 -31.40 23.98 4.03
C THR J 428 -32.42 22.88 3.79
N VAL J 429 -32.00 21.76 3.19
CA VAL J 429 -32.93 20.67 2.91
C VAL J 429 -33.36 19.97 4.20
N HIS J 430 -32.49 19.91 5.20
CA HIS J 430 -32.76 19.18 6.44
C HIS J 430 -33.43 20.05 7.50
N ALA J 431 -33.79 21.30 7.18
CA ALA J 431 -34.32 22.21 8.19
C ALA J 431 -35.64 21.69 8.76
N LYS J 432 -36.53 21.16 7.91
CA LYS J 432 -37.82 20.69 8.38
C LYS J 432 -37.67 19.52 9.34
N ALA J 433 -36.80 18.57 9.01
CA ALA J 433 -36.57 17.44 9.91
C ALA J 433 -35.94 17.89 11.22
N LEU J 434 -34.98 18.82 11.15
CA LEU J 434 -34.30 19.27 12.36
C LEU J 434 -35.24 20.03 13.28
N LYS J 435 -36.13 20.85 12.72
CA LYS J 435 -37.01 21.68 13.55
C LYS J 435 -38.01 20.85 14.35
N GLU J 436 -38.24 19.59 13.97
CA GLU J 436 -39.22 18.75 14.67
C GLU J 436 -38.68 18.15 15.95
N ARG J 437 -37.39 18.32 16.25
CA ARG J 437 -36.77 17.68 17.40
C ARG J 437 -36.16 18.69 18.38
N MET J 438 -36.42 19.98 18.22
CA MET J 438 -35.76 21.00 19.02
C MET J 438 -36.78 21.95 19.63
N VAL J 439 -36.37 22.57 20.73
CA VAL J 439 -37.08 23.69 21.35
C VAL J 439 -36.09 24.82 21.51
N LYS J 440 -36.43 26.00 21.02
CA LYS J 440 -35.49 27.10 20.87
C LYS J 440 -35.77 28.21 21.89
N LEU J 441 -34.70 28.71 22.50
CA LEU J 441 -34.74 29.85 23.40
C LEU J 441 -33.81 30.93 22.88
N ASN J 442 -34.27 32.18 22.91
CA ASN J 442 -33.52 33.32 22.37
C ASN J 442 -32.98 34.14 23.53
N PHE J 443 -31.64 34.16 23.66
CA PHE J 443 -30.96 34.93 24.70
C PHE J 443 -30.38 36.18 24.04
N THR J 444 -31.23 37.21 23.93
CA THR J 444 -30.86 38.44 23.25
C THR J 444 -30.25 39.48 24.19
N VAL J 445 -30.91 39.74 25.33
CA VAL J 445 -30.47 40.79 26.23
C VAL J 445 -29.13 40.39 26.85
N ARG J 446 -28.26 41.39 27.03
CA ARG J 446 -26.89 41.07 27.46
C ARG J 446 -26.88 40.86 28.96
N CYS J 447 -25.69 40.67 29.54
CA CYS J 447 -25.58 40.33 30.99
C CYS J 447 -24.50 41.17 31.67
N SER J 448 -24.69 41.55 32.94
CA SER J 448 -23.72 42.37 33.70
C SER J 448 -22.37 41.69 33.76
N PRO J 449 -21.26 42.27 33.28
CA PRO J 449 -19.98 41.57 33.19
C PRO J 449 -19.45 40.82 34.40
N ASP J 450 -20.21 40.68 35.49
CA ASP J 450 -19.64 40.05 36.71
C ASP J 450 -20.53 38.90 37.21
N MET J 451 -21.85 38.90 36.97
CA MET J 451 -22.85 37.85 37.38
C MET J 451 -22.28 36.55 37.94
N GLY J 452 -21.11 36.07 37.51
CA GLY J 452 -20.42 34.91 38.11
C GLY J 452 -21.07 33.60 37.79
N LEU J 453 -20.29 32.51 37.79
CA LEU J 453 -20.81 31.15 37.49
C LEU J 453 -22.12 30.89 38.24
N LEU J 454 -23.13 30.34 37.58
CA LEU J 454 -24.36 29.87 38.27
C LEU J 454 -24.02 28.45 38.75
N THR J 455 -24.60 27.98 39.87
CA THR J 455 -24.10 26.71 40.49
C THR J 455 -25.16 25.67 40.76
N GLU J 456 -24.78 24.57 41.44
CA GLU J 456 -25.75 23.50 41.58
C GLU J 456 -26.87 23.86 42.54
N ALA J 457 -26.56 24.62 43.59
CA ALA J 457 -27.57 24.98 44.57
C ALA J 457 -28.67 25.84 43.95
N ASP J 458 -28.29 26.80 43.11
CA ASP J 458 -29.29 27.66 42.47
C ASP J 458 -30.21 26.84 41.56
N VAL J 459 -29.62 25.93 40.76
CA VAL J 459 -30.42 25.10 39.86
C VAL J 459 -31.36 24.22 40.66
N GLN J 460 -30.86 23.60 41.73
CA GLN J 460 -31.69 22.73 42.54
C GLN J 460 -32.83 23.50 43.19
N GLN J 461 -32.54 24.70 43.72
CA GLN J 461 -33.59 25.51 44.34
C GLN J 461 -34.64 25.91 43.33
N TRP J 462 -34.21 26.36 42.14
CA TRP J 462 -35.16 26.76 41.11
C TRP J 462 -36.03 25.58 40.67
N LEU J 463 -35.42 24.41 40.49
CA LEU J 463 -36.16 23.26 40.01
C LEU J 463 -37.12 22.73 41.08
N THR J 464 -36.71 22.73 42.34
CA THR J 464 -37.61 22.24 43.39
C THR J 464 -38.73 23.25 43.67
N TRP J 465 -38.48 24.54 43.40
CA TRP J 465 -39.58 25.50 43.51
C TRP J 465 -40.57 25.33 42.36
N CYS J 466 -40.06 25.14 41.14
CA CYS J 466 -40.95 24.97 39.99
C CYS J 466 -41.71 23.65 40.05
N ASN J 467 -41.13 22.62 40.67
CA ASN J 467 -41.78 21.32 40.73
C ASN J 467 -43.00 21.34 41.65
N ALA J 468 -42.95 22.14 42.72
CA ALA J 468 -44.05 22.20 43.67
C ALA J 468 -45.24 23.00 43.15
N GLN J 469 -45.05 23.85 42.16
CA GLN J 469 -46.13 24.68 41.65
C GLN J 469 -47.15 23.84 40.90
N SER J 470 -48.26 24.48 40.52
CA SER J 470 -49.31 23.79 39.79
C SER J 470 -48.87 23.46 38.36
N TRP J 471 -49.44 22.39 37.82
CA TRP J 471 -49.13 21.93 36.47
C TRP J 471 -50.32 22.12 35.53
N ASP J 472 -51.16 23.11 35.81
CA ASP J 472 -52.37 23.34 35.02
C ASP J 472 -52.10 24.06 33.70
N HIS J 473 -50.90 24.59 33.50
CA HIS J 473 -50.57 25.30 32.27
C HIS J 473 -49.67 24.52 31.33
N TYR J 474 -48.83 23.62 31.85
CA TYR J 474 -47.88 22.92 31.02
C TYR J 474 -48.55 21.95 30.05
N GLU J 475 -49.59 21.26 30.51
CA GLU J 475 -50.21 20.24 29.66
C GLU J 475 -50.89 20.85 28.44
N ASN J 476 -51.42 22.07 28.57
CA ASN J 476 -52.05 22.72 27.43
C ASN J 476 -51.05 22.96 26.31
N TRP J 477 -49.84 23.39 26.65
CA TRP J 477 -48.80 23.58 25.64
C TRP J 477 -48.25 22.23 25.17
N ALA J 478 -48.15 21.26 26.08
CA ALA J 478 -47.61 19.94 25.71
C ALA J 478 -48.56 19.18 24.80
N ILE J 479 -49.83 19.56 24.74
CA ILE J 479 -50.75 18.95 23.78
C ILE J 479 -50.21 19.11 22.36
N ASN J 480 -49.73 20.30 22.03
CA ASN J 480 -49.13 20.58 20.72
C ASN J 480 -47.84 21.35 20.94
N TYR J 481 -46.70 20.66 20.88
CA TYR J 481 -45.41 21.30 21.07
C TYR J 481 -45.11 22.26 19.92
N THR J 482 -44.43 23.36 20.25
CA THR J 482 -44.06 24.37 19.27
C THR J 482 -42.53 24.50 19.21
N PHE J 483 -42.03 24.91 18.05
CA PHE J 483 -40.60 25.05 17.86
C PHE J 483 -40.01 26.14 18.76
N ASP J 484 -40.73 27.25 18.92
CA ASP J 484 -40.26 28.38 19.70
C ASP J 484 -40.93 28.42 21.06
N PHE J 485 -40.14 28.66 22.09
CA PHE J 485 -40.65 28.73 23.46
C PHE J 485 -41.29 30.10 23.70
N PRO J 486 -42.52 30.16 24.21
CA PRO J 486 -43.17 31.46 24.43
C PRO J 486 -42.47 32.27 25.51
N GLY J 487 -42.62 33.59 25.42
CA GLY J 487 -42.04 34.52 26.37
C GLY J 487 -42.96 34.80 27.55
N ILE J 488 -42.55 35.79 28.34
CA ILE J 488 -43.29 36.15 29.55
C ILE J 488 -44.70 36.61 29.19
N ASN J 489 -45.68 36.08 29.90
CA ASN J 489 -47.05 36.60 29.90
C ASN J 489 -47.26 37.20 31.28
N ALA J 490 -47.01 38.52 31.39
CA ALA J 490 -46.97 39.18 32.68
C ALA J 490 -48.29 39.13 33.44
N ASP J 491 -49.40 38.85 32.76
CA ASP J 491 -50.68 38.71 33.45
C ASP J 491 -50.77 37.39 34.22
N ALA J 492 -50.11 36.34 33.73
CA ALA J 492 -50.14 35.03 34.37
C ALA J 492 -48.87 34.72 35.15
N LEU J 493 -47.97 35.70 35.32
CA LEU J 493 -46.74 35.45 36.04
C LEU J 493 -47.03 35.14 37.51
N HIS J 494 -46.23 34.24 38.08
CA HIS J 494 -46.45 33.83 39.46
C HIS J 494 -46.16 34.97 40.41
N PRO J 495 -47.00 35.17 41.44
CA PRO J 495 -46.81 36.27 42.41
C PRO J 495 -45.73 36.01 43.45
N ASP J 496 -44.58 35.51 43.00
CA ASP J 496 -43.43 35.33 43.88
C ASP J 496 -42.19 35.93 43.25
N LEU J 497 -42.18 36.00 41.92
CA LEU J 497 -41.09 36.64 41.18
C LEU J 497 -41.57 37.80 40.31
N GLN J 498 -42.88 38.02 40.21
CA GLN J 498 -43.42 39.12 39.41
C GLN J 498 -43.53 40.39 40.23
N VAL K 201 8.15 -50.94 27.26
CA VAL K 201 8.29 -49.79 28.13
C VAL K 201 7.38 -49.94 29.34
N VAL K 202 7.98 -49.85 30.53
CA VAL K 202 7.25 -49.95 31.80
C VAL K 202 6.57 -48.61 32.05
N PRO K 203 5.26 -48.57 32.26
CA PRO K 203 4.58 -47.29 32.51
C PRO K 203 5.07 -46.62 33.77
N PHE K 204 5.01 -45.29 33.78
CA PHE K 204 5.48 -44.52 34.92
C PHE K 204 4.68 -44.86 36.17
N ASN K 205 5.37 -44.89 37.31
CA ASN K 205 4.79 -45.32 38.57
C ASN K 205 3.95 -44.23 39.24
N GLY K 206 3.61 -43.16 38.52
CA GLY K 206 2.80 -42.12 39.11
C GLY K 206 1.40 -42.64 39.44
N LYS K 207 0.84 -42.13 40.53
CA LYS K 207 -0.48 -42.53 41.00
C LYS K 207 -1.40 -41.31 41.03
N GLY K 208 -2.63 -41.49 40.56
CA GLY K 208 -3.58 -40.40 40.49
C GLY K 208 -4.42 -40.27 41.75
N THR K 209 -5.13 -39.15 41.82
CA THR K 209 -6.02 -38.87 42.94
C THR K 209 -7.45 -39.24 42.57
N LYS K 210 -8.41 -38.89 43.43
CA LYS K 210 -9.81 -39.16 43.14
C LYS K 210 -10.29 -38.36 41.94
N ALA K 211 -9.90 -37.08 41.85
CA ALA K 211 -10.31 -36.25 40.73
C ALA K 211 -9.74 -36.76 39.41
N SER K 212 -8.48 -37.20 39.42
CA SER K 212 -7.88 -37.73 38.20
C SER K 212 -8.59 -38.99 37.73
N ILE K 213 -8.94 -39.88 38.68
CA ILE K 213 -9.66 -41.11 38.31
C ILE K 213 -11.04 -40.77 37.76
N LYS K 214 -11.73 -39.79 38.37
CA LYS K 214 -13.02 -39.37 37.86
C LYS K 214 -12.89 -38.78 36.46
N PHE K 215 -11.84 -38.01 36.21
CA PHE K 215 -11.61 -37.46 34.88
C PHE K 215 -11.36 -38.56 33.86
N GLN K 216 -10.58 -39.57 34.23
CA GLN K 216 -10.34 -40.69 33.33
C GLN K 216 -11.62 -41.45 33.03
N THR K 217 -12.46 -41.66 34.05
CA THR K 217 -13.75 -42.30 33.85
C THR K 217 -14.63 -41.48 32.91
N MET K 218 -14.61 -40.16 33.06
CA MET K 218 -15.39 -39.30 32.17
C MET K 218 -14.88 -39.38 30.73
N VAL K 219 -13.56 -39.46 30.55
CA VAL K 219 -13.00 -39.61 29.21
C VAL K 219 -13.43 -40.93 28.59
N ASN K 220 -13.40 -42.01 29.38
CA ASN K 220 -13.86 -43.30 28.89
C ASN K 220 -15.35 -43.25 28.52
N TRP K 221 -16.15 -42.57 29.33
CA TRP K 221 -17.57 -42.41 29.02
C TRP K 221 -17.77 -41.63 27.72
N LEU K 222 -16.98 -40.58 27.52
CA LEU K 222 -17.07 -39.80 26.28
C LEU K 222 -16.72 -40.66 25.08
N CYS K 223 -15.67 -41.47 25.18
CA CYS K 223 -15.26 -42.30 24.05
C CYS K 223 -16.25 -43.43 23.79
N GLU K 224 -16.87 -43.98 24.85
CA GLU K 224 -17.76 -45.12 24.68
C GLU K 224 -19.03 -44.73 23.94
N ASN K 225 -19.60 -43.57 24.24
CA ASN K 225 -20.88 -43.15 23.69
C ASN K 225 -20.74 -42.37 22.39
N ARG K 226 -19.52 -42.23 21.87
CA ARG K 226 -19.26 -41.60 20.58
C ARG K 226 -19.71 -40.13 20.56
N VAL K 227 -19.49 -39.44 21.68
CA VAL K 227 -19.72 -38.00 21.76
C VAL K 227 -18.36 -37.31 21.64
N PHE K 228 -18.24 -36.40 20.68
CA PHE K 228 -16.96 -35.77 20.38
C PHE K 228 -17.04 -34.26 20.18
N THR K 229 -18.21 -33.66 20.37
CA THR K 229 -18.39 -32.23 20.16
C THR K 229 -19.16 -31.62 21.32
N GLU K 230 -19.12 -30.30 21.41
CA GLU K 230 -19.86 -29.58 22.44
C GLU K 230 -21.36 -29.81 22.30
N ASP K 231 -21.87 -29.72 21.06
CA ASP K 231 -23.31 -29.79 20.85
C ASP K 231 -23.87 -31.17 21.18
N LYS K 232 -23.16 -32.22 20.78
CA LYS K 232 -23.64 -33.57 21.09
C LYS K 232 -23.56 -33.86 22.59
N TRP K 233 -22.55 -33.30 23.27
CA TRP K 233 -22.50 -33.42 24.72
C TRP K 233 -23.69 -32.73 25.36
N LYS K 234 -24.04 -31.53 24.89
CA LYS K 234 -25.21 -30.83 25.42
C LYS K 234 -26.49 -31.61 25.18
N LEU K 235 -26.63 -32.20 23.98
CA LEU K 235 -27.84 -32.93 23.65
C LEU K 235 -27.96 -34.22 24.46
N VAL K 236 -26.89 -34.99 24.52
CA VAL K 236 -26.95 -36.31 25.16
C VAL K 236 -27.08 -36.17 26.67
N ASP K 237 -26.29 -35.29 27.28
CA ASP K 237 -26.25 -35.15 28.74
C ASP K 237 -26.10 -33.68 29.07
N PHE K 238 -27.22 -33.02 29.36
CA PHE K 238 -27.20 -31.60 29.70
C PHE K 238 -26.91 -31.34 31.17
N ASN K 239 -27.30 -32.26 32.06
CA ASN K 239 -27.08 -32.05 33.49
C ASN K 239 -25.59 -32.06 33.81
N GLN K 240 -24.85 -33.04 33.29
CA GLN K 240 -23.42 -33.10 33.53
C GLN K 240 -22.70 -31.89 32.93
N TYR K 241 -23.12 -31.48 31.73
CA TYR K 241 -22.52 -30.29 31.12
C TYR K 241 -22.77 -29.04 31.96
N THR K 242 -24.00 -28.88 32.46
CA THR K 242 -24.32 -27.73 33.30
C THR K 242 -23.52 -27.75 34.60
N LEU K 243 -23.40 -28.93 35.23
CA LEU K 243 -22.63 -29.04 36.45
C LEU K 243 -21.16 -28.73 36.21
N LEU K 244 -20.61 -29.17 35.09
CA LEU K 244 -19.21 -28.91 34.78
C LEU K 244 -18.96 -27.44 34.44
N SER K 245 -19.91 -26.79 33.77
CA SER K 245 -19.71 -25.43 33.30
C SER K 245 -20.03 -24.38 34.38
N SER K 246 -20.00 -24.77 35.65
CA SER K 246 -20.24 -23.83 36.74
C SER K 246 -18.96 -23.18 37.26
N SER K 247 -17.79 -23.60 36.77
CA SER K 247 -16.53 -23.07 37.25
C SER K 247 -15.47 -23.19 36.16
N HIS K 248 -14.32 -22.58 36.40
CA HIS K 248 -13.24 -22.60 35.43
C HIS K 248 -12.68 -24.01 35.25
N SER K 249 -12.55 -24.76 36.35
CA SER K 249 -11.95 -26.09 36.30
C SER K 249 -12.77 -27.03 35.43
N GLY K 250 -14.10 -27.02 35.60
CA GLY K 250 -14.94 -27.88 34.78
C GLY K 250 -14.92 -27.48 33.31
N SER K 251 -14.85 -26.18 33.04
CA SER K 251 -14.77 -25.72 31.66
C SER K 251 -13.49 -26.18 31.00
N PHE K 252 -12.37 -26.12 31.73
CA PHE K 252 -11.11 -26.65 31.20
C PHE K 252 -11.20 -28.16 30.99
N GLN K 253 -11.81 -28.86 31.95
CA GLN K 253 -11.91 -30.32 31.87
C GLN K 253 -12.76 -30.76 30.69
N ILE K 254 -13.79 -29.99 30.34
CA ILE K 254 -14.64 -30.36 29.20
C ILE K 254 -13.80 -30.44 27.92
N GLN K 255 -13.03 -29.39 27.64
CA GLN K 255 -12.21 -29.37 26.44
C GLN K 255 -11.11 -30.42 26.50
N SER K 256 -10.48 -30.57 27.66
CA SER K 256 -9.41 -31.57 27.78
C SER K 256 -9.94 -32.97 27.53
N ALA K 257 -11.10 -33.31 28.11
CA ALA K 257 -11.68 -34.63 27.92
C ALA K 257 -12.12 -34.84 26.48
N LEU K 258 -12.68 -33.81 25.84
CA LEU K 258 -13.07 -33.95 24.44
C LEU K 258 -11.86 -34.23 23.55
N LYS K 259 -10.77 -33.49 23.76
CA LYS K 259 -9.57 -33.72 22.96
C LYS K 259 -9.00 -35.11 23.21
N LEU K 260 -8.96 -35.54 24.48
CA LEU K 260 -8.43 -36.87 24.79
C LEU K 260 -9.28 -37.97 24.16
N ALA K 261 -10.60 -37.83 24.23
CA ALA K 261 -11.49 -38.82 23.63
C ALA K 261 -11.33 -38.87 22.13
N ILE K 262 -11.22 -37.70 21.49
CA ILE K 262 -11.02 -37.68 20.03
C ILE K 262 -9.72 -38.38 19.67
N TYR K 263 -8.64 -38.09 20.39
CA TYR K 263 -7.36 -38.74 20.10
C TYR K 263 -7.46 -40.26 20.29
N LYS K 264 -8.07 -40.69 21.39
CA LYS K 264 -8.18 -42.13 21.65
C LYS K 264 -9.01 -42.83 20.58
N ALA K 265 -10.08 -42.19 20.12
CA ALA K 265 -10.94 -42.82 19.12
C ALA K 265 -10.27 -42.87 17.75
N THR K 266 -9.61 -41.79 17.34
CA THR K 266 -9.11 -41.70 15.98
C THR K 266 -7.64 -42.10 15.83
N ASN K 267 -6.94 -42.42 16.92
CA ASN K 267 -5.52 -42.75 16.83
C ASN K 267 -5.11 -43.98 17.64
N LEU K 268 -5.85 -44.33 18.68
CA LEU K 268 -5.48 -45.44 19.55
C LEU K 268 -6.34 -46.67 19.38
N VAL K 269 -7.46 -46.57 18.67
CA VAL K 269 -8.34 -47.71 18.43
C VAL K 269 -8.56 -47.84 16.92
N PRO K 270 -8.46 -49.05 16.36
CA PRO K 270 -8.71 -49.22 14.92
C PRO K 270 -10.13 -48.80 14.56
N THR K 271 -10.27 -48.19 13.38
CA THR K 271 -11.57 -47.69 12.94
C THR K 271 -12.56 -48.82 12.71
N SER K 272 -12.10 -49.94 12.15
CA SER K 272 -13.00 -51.05 11.83
C SER K 272 -13.69 -51.60 13.07
N THR K 273 -13.06 -51.45 14.24
CA THR K 273 -13.69 -51.91 15.48
C THR K 273 -15.00 -51.19 15.73
N PHE K 274 -15.11 -49.93 15.29
CA PHE K 274 -16.36 -49.19 15.43
C PHE K 274 -17.42 -49.61 14.41
N LEU K 275 -17.03 -50.31 13.34
CA LEU K 275 -17.94 -50.69 12.27
C LEU K 275 -18.53 -52.07 12.45
N LEU K 276 -18.13 -52.81 13.49
CA LEU K 276 -18.59 -54.17 13.70
C LEU K 276 -19.43 -54.22 14.97
N HIS K 277 -20.66 -54.74 14.84
CA HIS K 277 -21.57 -54.86 15.96
C HIS K 277 -22.69 -55.84 15.65
N CYS K 285 -31.31 -63.47 5.59
CA CYS K 285 -31.68 -62.17 6.10
C CYS K 285 -30.79 -61.08 5.50
N ILE K 286 -29.63 -61.50 4.99
CA ILE K 286 -28.70 -60.54 4.39
C ILE K 286 -29.25 -60.00 3.08
N LYS K 287 -30.11 -60.75 2.40
CA LYS K 287 -30.69 -60.29 1.15
C LYS K 287 -31.66 -59.13 1.32
N ASP K 288 -32.16 -58.90 2.53
CA ASP K 288 -33.03 -57.76 2.80
C ASP K 288 -32.26 -56.47 3.05
N ASN K 289 -30.93 -56.54 3.06
CA ASN K 289 -30.11 -55.35 3.25
C ASN K 289 -30.14 -54.49 2.00
N LYS K 290 -30.40 -53.19 2.18
CA LYS K 290 -30.50 -52.28 1.04
C LYS K 290 -29.16 -52.15 0.32
N ILE K 291 -28.06 -52.10 1.07
CA ILE K 291 -26.74 -51.94 0.48
C ILE K 291 -26.40 -53.13 -0.41
N VAL K 292 -26.74 -54.34 0.04
CA VAL K 292 -26.45 -55.54 -0.75
C VAL K 292 -27.18 -55.48 -2.09
N LYS K 293 -28.48 -55.14 -2.07
CA LYS K 293 -29.24 -55.05 -3.31
C LYS K 293 -28.71 -53.95 -4.21
N LEU K 294 -28.38 -52.79 -3.64
CA LEU K 294 -27.87 -51.68 -4.44
C LEU K 294 -26.55 -52.04 -5.11
N LEU K 295 -25.66 -52.73 -4.37
CA LEU K 295 -24.38 -53.12 -4.94
C LEU K 295 -24.53 -54.29 -5.92
N LEU K 296 -25.58 -55.10 -5.77
CA LEU K 296 -25.83 -56.15 -6.76
C LEU K 296 -26.42 -55.59 -8.04
N CYS K 297 -27.16 -54.48 -7.96
CA CYS K 297 -27.69 -53.86 -9.16
C CYS K 297 -26.57 -53.38 -10.08
N GLN K 298 -25.50 -52.84 -9.50
CA GLN K 298 -24.37 -52.34 -10.28
C GLN K 298 -23.40 -53.45 -10.69
N ASN K 299 -23.82 -54.71 -10.64
CA ASN K 299 -23.00 -55.85 -11.06
C ASN K 299 -21.70 -55.93 -10.28
N TYR K 300 -21.79 -55.74 -8.96
CA TYR K 300 -20.64 -55.82 -8.07
C TYR K 300 -20.93 -56.82 -6.96
N ASP K 301 -19.93 -57.62 -6.62
CA ASP K 301 -20.09 -58.62 -5.57
C ASP K 301 -20.07 -57.95 -4.21
N PRO K 302 -21.15 -58.09 -3.41
CA PRO K 302 -21.16 -57.42 -2.10
C PRO K 302 -20.45 -58.20 -1.01
N LEU K 303 -19.30 -58.79 -1.34
CA LEU K 303 -18.39 -59.32 -0.33
C LEU K 303 -16.96 -58.82 -0.52
N LEU K 304 -16.49 -58.75 -1.77
CA LEU K 304 -15.16 -58.21 -2.01
C LEU K 304 -15.12 -56.72 -1.78
N VAL K 305 -16.21 -56.02 -2.11
CA VAL K 305 -16.29 -54.60 -1.79
C VAL K 305 -16.28 -54.38 -0.28
N GLY K 306 -17.00 -55.22 0.47
CA GLY K 306 -17.00 -55.09 1.91
C GLY K 306 -15.62 -55.34 2.52
N GLN K 307 -14.94 -56.38 2.05
CA GLN K 307 -13.59 -56.64 2.55
C GLN K 307 -12.62 -55.53 2.18
N HIS K 308 -12.77 -54.96 0.97
CA HIS K 308 -11.91 -53.85 0.57
C HIS K 308 -12.20 -52.61 1.42
N VAL K 309 -13.45 -52.37 1.76
CA VAL K 309 -13.78 -51.26 2.65
C VAL K 309 -13.17 -51.48 4.03
N LEU K 310 -13.25 -52.70 4.54
CA LEU K 310 -12.68 -53.00 5.85
C LEU K 310 -11.17 -52.81 5.86
N LYS K 311 -10.47 -53.25 4.81
CA LYS K 311 -9.02 -53.09 4.75
C LYS K 311 -8.63 -51.64 4.46
N TRP K 312 -9.46 -50.91 3.73
CA TRP K 312 -9.12 -49.55 3.31
C TRP K 312 -9.27 -48.57 4.48
N ILE K 313 -10.28 -48.76 5.32
CA ILE K 313 -10.50 -47.87 6.45
C ILE K 313 -9.45 -48.02 7.54
N ASP K 314 -8.63 -49.06 7.48
CA ASP K 314 -7.59 -49.30 8.48
C ASP K 314 -6.20 -48.97 7.98
N LYS K 315 -6.09 -48.27 6.84
CA LYS K 315 -4.80 -47.90 6.25
C LYS K 315 -3.94 -49.14 6.00
N LYS K 316 -4.55 -50.15 5.37
CA LYS K 316 -3.89 -51.43 5.12
C LYS K 316 -3.87 -51.76 3.63
N CYS K 317 -3.85 -50.74 2.77
CA CYS K 317 -3.88 -50.92 1.33
C CYS K 317 -2.69 -50.30 0.62
N GLY K 318 -1.68 -49.84 1.37
CA GLY K 318 -0.52 -49.21 0.76
C GLY K 318 -0.81 -47.81 0.25
N LYS K 319 -0.59 -47.59 -1.04
CA LYS K 319 -0.85 -46.29 -1.66
C LYS K 319 -2.26 -46.18 -2.22
N LYS K 320 -3.06 -47.25 -2.16
CA LYS K 320 -4.45 -47.20 -2.61
C LYS K 320 -5.35 -46.66 -1.51
N ASN K 321 -5.07 -45.42 -1.11
CA ASN K 321 -5.80 -44.80 -0.01
C ASN K 321 -7.16 -44.26 -0.43
N THR K 322 -7.35 -43.98 -1.71
CA THR K 322 -8.56 -43.32 -2.19
C THR K 322 -9.55 -44.33 -2.74
N LEU K 323 -10.84 -44.07 -2.49
CA LEU K 323 -11.93 -44.85 -3.03
C LEU K 323 -12.83 -43.91 -3.83
N TRP K 324 -13.08 -44.24 -5.09
CA TRP K 324 -13.75 -43.34 -6.02
C TRP K 324 -15.05 -43.97 -6.52
N PHE K 325 -16.13 -43.20 -6.43
CA PHE K 325 -17.43 -43.60 -6.98
C PHE K 325 -17.75 -42.71 -8.17
N TYR K 326 -18.10 -43.34 -9.29
CA TYR K 326 -18.34 -42.63 -10.55
C TYR K 326 -19.61 -43.13 -11.20
N GLY K 327 -20.35 -42.22 -11.84
CA GLY K 327 -21.55 -42.58 -12.54
C GLY K 327 -22.46 -41.40 -12.84
N PRO K 328 -23.57 -41.67 -13.53
CA PRO K 328 -24.54 -40.62 -13.85
C PRO K 328 -25.28 -40.16 -12.60
N PRO K 329 -26.21 -39.19 -12.75
CA PRO K 329 -27.07 -38.77 -11.65
C PRO K 329 -27.96 -39.82 -10.96
N SER K 330 -28.54 -39.49 -9.83
CA SER K 330 -29.30 -40.42 -8.94
C SER K 330 -29.02 -41.92 -9.09
N THR K 331 -27.77 -42.36 -8.92
CA THR K 331 -27.34 -43.78 -9.01
C THR K 331 -26.84 -44.35 -7.66
N GLY K 332 -26.97 -43.65 -6.52
CA GLY K 332 -26.62 -44.10 -5.16
C GLY K 332 -25.17 -43.93 -4.78
N LYS K 333 -24.62 -42.73 -4.82
CA LYS K 333 -23.18 -42.52 -4.62
C LYS K 333 -22.96 -41.71 -3.35
N THR K 334 -23.72 -40.66 -3.10
CA THR K 334 -23.67 -39.90 -1.83
C THR K 334 -24.53 -40.62 -0.82
N ASN K 335 -25.34 -41.57 -1.21
CA ASN K 335 -26.02 -42.41 -0.22
C ASN K 335 -24.97 -43.39 0.31
N LEU K 336 -24.32 -44.20 -0.48
CA LEU K 336 -23.34 -45.15 0.10
C LEU K 336 -22.16 -44.46 0.77
N ALA K 337 -21.88 -43.20 0.50
CA ALA K 337 -20.66 -42.60 1.07
C ALA K 337 -21.00 -41.86 2.32
N MET K 338 -22.23 -41.52 2.52
CA MET K 338 -22.48 -40.68 3.71
C MET K 338 -23.09 -41.57 4.78
N ALA K 339 -23.19 -42.85 4.53
CA ALA K 339 -23.63 -43.85 5.50
C ALA K 339 -22.36 -44.48 6.02
N ILE K 340 -21.32 -44.71 5.21
CA ILE K 340 -20.05 -45.12 5.81
C ILE K 340 -19.50 -44.01 6.69
N ALA K 341 -19.66 -42.76 6.30
CA ALA K 341 -19.14 -41.65 7.09
C ALA K 341 -19.91 -41.45 8.39
N LYS K 342 -21.18 -41.79 8.42
CA LYS K 342 -21.98 -41.67 9.63
C LYS K 342 -21.72 -42.81 10.61
N SER K 343 -20.94 -43.82 10.21
CA SER K 343 -20.64 -44.95 11.08
C SER K 343 -19.22 -44.91 11.64
N VAL K 344 -18.39 -43.97 11.21
CA VAL K 344 -17.04 -43.81 11.78
C VAL K 344 -17.14 -42.80 12.92
N PRO K 345 -16.17 -42.77 13.85
CA PRO K 345 -16.25 -41.81 14.96
C PRO K 345 -16.35 -40.36 14.52
N VAL K 346 -15.37 -39.90 13.75
CA VAL K 346 -15.32 -38.51 13.30
C VAL K 346 -14.91 -38.48 11.84
N TYR K 347 -15.63 -37.70 11.02
CA TYR K 347 -15.33 -37.57 9.61
C TYR K 347 -15.31 -36.10 9.22
N GLY K 348 -14.51 -35.78 8.20
CA GLY K 348 -14.45 -34.44 7.65
C GLY K 348 -14.96 -34.42 6.22
N MET K 349 -15.03 -33.21 5.66
CA MET K 349 -15.46 -33.01 4.29
C MET K 349 -14.69 -31.84 3.68
N VAL K 350 -14.25 -32.02 2.43
CA VAL K 350 -13.56 -30.96 1.71
C VAL K 350 -14.49 -29.78 1.46
N ASN K 351 -15.78 -30.04 1.24
CA ASN K 351 -16.73 -28.97 0.94
C ASN K 351 -16.83 -27.97 2.09
N TRP K 352 -16.73 -28.44 3.33
CA TRP K 352 -16.81 -27.54 4.47
C TRP K 352 -15.63 -26.58 4.51
N ASN K 353 -14.46 -27.00 4.06
CA ASN K 353 -13.26 -26.18 4.14
C ASN K 353 -13.33 -25.03 3.12
N ASN K 354 -12.37 -24.11 3.23
CA ASN K 354 -12.29 -22.99 2.32
C ASN K 354 -11.69 -23.44 0.98
N GLU K 355 -12.03 -22.71 -0.08
CA GLU K 355 -11.65 -23.10 -1.43
C GLU K 355 -10.15 -22.98 -1.70
N ASN K 356 -9.34 -22.39 -0.82
CA ASN K 356 -7.91 -22.29 -1.05
C ASN K 356 -7.09 -23.29 -0.24
N PHE K 357 -7.62 -23.78 0.88
CA PHE K 357 -6.94 -24.78 1.71
C PHE K 357 -7.92 -25.92 1.98
N PRO K 358 -8.15 -26.79 0.99
CA PRO K 358 -9.14 -27.86 1.18
C PRO K 358 -8.68 -28.96 2.12
N PHE K 359 -7.39 -29.04 2.43
CA PHE K 359 -6.85 -30.14 3.23
C PHE K 359 -6.19 -29.65 4.50
N ASN K 360 -6.76 -28.64 5.15
CA ASN K 360 -6.20 -28.10 6.39
C ASN K 360 -6.74 -28.80 7.63
N ASP K 361 -8.04 -29.09 7.66
CA ASP K 361 -8.66 -29.75 8.81
C ASP K 361 -8.74 -31.25 8.54
N VAL K 362 -7.58 -31.89 8.56
CA VAL K 362 -7.45 -33.30 8.25
C VAL K 362 -7.02 -34.06 9.51
N ALA K 363 -6.30 -33.37 10.39
CA ALA K 363 -5.84 -33.99 11.62
C ALA K 363 -7.01 -34.32 12.53
N GLY K 364 -6.92 -35.46 13.22
CA GLY K 364 -7.99 -35.88 14.10
C GLY K 364 -9.21 -36.42 13.40
N LYS K 365 -9.09 -36.87 12.17
CA LYS K 365 -10.22 -37.38 11.39
C LYS K 365 -10.03 -38.86 11.09
N SER K 366 -11.15 -39.56 10.95
CA SER K 366 -11.14 -40.96 10.54
C SER K 366 -11.49 -41.13 9.06
N LEU K 367 -12.08 -40.13 8.44
CA LEU K 367 -12.49 -40.20 7.05
C LEU K 367 -12.61 -38.79 6.49
N VAL K 368 -12.30 -38.65 5.20
CA VAL K 368 -12.46 -37.39 4.48
C VAL K 368 -13.35 -37.66 3.27
N VAL K 369 -14.37 -36.82 3.09
CA VAL K 369 -15.37 -36.99 2.05
C VAL K 369 -15.22 -35.85 1.04
N TRP K 370 -15.13 -36.21 -0.23
CA TRP K 370 -15.04 -35.25 -1.33
C TRP K 370 -16.25 -35.51 -2.23
N ASP K 371 -17.27 -34.65 -2.14
CA ASP K 371 -18.53 -34.86 -2.83
C ASP K 371 -18.57 -33.99 -4.09
N GLU K 372 -18.76 -34.64 -5.24
CA GLU K 372 -18.83 -33.97 -6.54
C GLU K 372 -17.62 -33.07 -6.76
N GLY K 373 -16.43 -33.65 -6.51
CA GLY K 373 -15.21 -32.88 -6.54
C GLY K 373 -14.54 -32.84 -7.91
N ILE K 374 -13.60 -31.92 -8.04
CA ILE K 374 -12.78 -31.78 -9.24
C ILE K 374 -11.45 -31.19 -8.82
N ILE K 375 -10.37 -31.66 -9.44
CA ILE K 375 -9.01 -31.31 -9.05
C ILE K 375 -8.50 -30.20 -9.96
N LYS K 376 -7.96 -29.15 -9.36
CA LYS K 376 -7.35 -28.05 -10.09
C LYS K 376 -5.83 -28.18 -10.05
N SER K 377 -5.17 -27.45 -10.95
CA SER K 377 -3.72 -27.51 -11.06
C SER K 377 -3.00 -26.77 -9.93
N THR K 378 -3.72 -25.91 -9.20
CA THR K 378 -3.10 -25.14 -8.13
C THR K 378 -3.02 -25.90 -6.81
N ILE K 379 -3.67 -27.06 -6.71
CA ILE K 379 -3.67 -27.83 -5.47
C ILE K 379 -3.34 -29.29 -5.76
N VAL K 380 -2.96 -29.58 -7.01
CA VAL K 380 -2.76 -30.97 -7.41
C VAL K 380 -1.58 -31.61 -6.67
N GLU K 381 -0.53 -30.82 -6.40
CA GLU K 381 0.60 -31.36 -5.67
C GLU K 381 0.22 -31.67 -4.23
N ALA K 382 -0.57 -30.81 -3.59
CA ALA K 382 -1.06 -31.10 -2.26
C ALA K 382 -2.14 -32.17 -2.28
N ALA K 383 -2.86 -32.31 -3.40
CA ALA K 383 -3.90 -33.33 -3.49
C ALA K 383 -3.30 -34.72 -3.61
N LYS K 384 -2.17 -34.84 -4.31
CA LYS K 384 -1.55 -36.16 -4.48
C LYS K 384 -1.14 -36.74 -3.13
N ALA K 385 -0.58 -35.91 -2.25
CA ALA K 385 -0.13 -36.40 -0.95
C ALA K 385 -1.29 -36.96 -0.13
N ILE K 386 -2.40 -36.24 -0.09
CA ILE K 386 -3.55 -36.70 0.71
C ILE K 386 -4.24 -37.88 0.03
N LEU K 387 -4.22 -37.95 -1.30
CA LEU K 387 -4.87 -39.06 -1.99
C LEU K 387 -4.05 -40.33 -1.87
N GLY K 388 -2.73 -40.22 -1.77
CA GLY K 388 -1.85 -41.35 -1.63
C GLY K 388 -1.61 -41.80 -0.20
N GLY K 389 -2.31 -41.23 0.76
CA GLY K 389 -2.12 -41.58 2.16
C GLY K 389 -0.75 -41.21 2.70
N GLN K 390 -0.23 -40.06 2.28
CA GLN K 390 1.08 -39.63 2.74
C GLN K 390 0.96 -38.48 3.73
N PRO K 391 1.89 -38.38 4.68
CA PRO K 391 1.85 -37.29 5.64
C PRO K 391 2.08 -35.94 4.98
N THR K 392 1.52 -34.90 5.60
CA THR K 392 1.76 -33.53 5.16
C THR K 392 3.03 -33.00 5.80
N ARG K 393 3.62 -32.00 5.14
CA ARG K 393 4.92 -31.49 5.57
C ARG K 393 4.85 -30.85 6.96
N VAL K 394 3.75 -30.15 7.25
CA VAL K 394 3.61 -29.50 8.56
C VAL K 394 3.58 -30.54 9.67
N ASP K 395 2.80 -31.61 9.49
CA ASP K 395 2.76 -32.66 10.50
C ASP K 395 4.08 -33.41 10.55
N GLN K 396 4.80 -33.49 9.43
CA GLN K 396 6.14 -34.06 9.44
C GLN K 396 7.07 -33.23 10.33
N LYS K 397 6.94 -31.91 10.26
CA LYS K 397 7.75 -31.04 11.10
C LYS K 397 7.38 -31.19 12.57
N MET K 398 6.12 -30.94 12.91
CA MET K 398 5.70 -30.93 14.31
C MET K 398 5.19 -32.29 14.80
N ARG K 399 5.94 -33.35 14.49
CA ARG K 399 5.68 -34.65 15.11
C ARG K 399 6.94 -35.42 15.50
N GLY K 400 8.12 -35.05 15.00
CA GLY K 400 9.33 -35.75 15.37
C GLY K 400 9.69 -36.91 14.46
N SER K 401 8.73 -37.35 13.64
CA SER K 401 8.92 -38.52 12.80
C SER K 401 8.56 -38.23 11.35
N VAL K 402 8.54 -39.26 10.51
CA VAL K 402 8.33 -39.06 9.09
C VAL K 402 6.89 -39.29 8.65
N ALA K 403 6.24 -40.37 9.11
CA ALA K 403 4.87 -40.67 8.70
C ALA K 403 4.05 -41.10 9.92
N VAL K 404 3.58 -40.12 10.68
CA VAL K 404 2.56 -40.35 11.72
C VAL K 404 1.16 -40.41 11.11
N PRO K 405 0.71 -39.39 10.35
CA PRO K 405 -0.71 -39.35 9.95
C PRO K 405 -1.04 -40.12 8.68
N GLY K 406 -2.28 -39.94 8.23
CA GLY K 406 -2.81 -40.58 7.03
C GLY K 406 -4.26 -40.97 7.22
N VAL K 407 -5.12 -40.48 6.33
CA VAL K 407 -6.57 -40.61 6.47
C VAL K 407 -7.11 -41.17 5.17
N PRO K 408 -8.03 -42.14 5.21
CA PRO K 408 -8.68 -42.58 3.97
C PRO K 408 -9.54 -41.47 3.37
N VAL K 409 -9.67 -41.51 2.05
CA VAL K 409 -10.43 -40.52 1.30
C VAL K 409 -11.43 -41.23 0.41
N VAL K 410 -12.65 -40.70 0.34
CA VAL K 410 -13.70 -41.22 -0.54
C VAL K 410 -14.18 -40.07 -1.42
N ILE K 411 -14.27 -40.32 -2.73
CA ILE K 411 -14.63 -39.30 -3.71
C ILE K 411 -15.80 -39.82 -4.55
N THR K 412 -16.78 -38.95 -4.76
CA THR K 412 -17.87 -39.19 -5.69
C THR K 412 -17.92 -38.06 -6.71
N SER K 413 -18.14 -38.39 -7.97
CA SER K 413 -18.13 -37.37 -9.02
C SER K 413 -18.95 -37.84 -10.21
N ASN K 414 -19.37 -36.87 -11.02
CA ASN K 414 -20.12 -37.14 -12.24
C ASN K 414 -19.23 -37.23 -13.47
N GLY K 415 -17.98 -36.78 -13.39
CA GLY K 415 -17.08 -36.81 -14.53
C GLY K 415 -15.71 -37.34 -14.12
N ASP K 416 -14.89 -37.57 -15.13
CA ASP K 416 -13.53 -38.08 -14.90
C ASP K 416 -12.70 -37.03 -14.19
N ILE K 417 -12.06 -37.42 -13.08
CA ILE K 417 -11.32 -36.48 -12.25
C ILE K 417 -9.81 -36.59 -12.47
N THR K 418 -9.37 -37.43 -13.39
CA THR K 418 -7.97 -37.46 -13.79
C THR K 418 -7.63 -36.37 -14.80
N PHE K 419 -8.64 -35.64 -15.28
CA PHE K 419 -8.42 -34.46 -16.12
C PHE K 419 -8.34 -33.26 -15.20
N VAL K 420 -7.13 -32.78 -14.95
CA VAL K 420 -6.91 -31.67 -14.03
C VAL K 420 -7.03 -30.36 -14.79
N VAL K 421 -7.88 -29.47 -14.30
CA VAL K 421 -8.10 -28.18 -14.96
C VAL K 421 -6.90 -27.28 -14.69
N SER K 422 -6.41 -26.63 -15.76
CA SER K 422 -5.26 -25.73 -15.68
C SER K 422 -5.67 -24.43 -16.37
N GLY K 423 -6.27 -23.52 -15.62
CA GLY K 423 -6.78 -22.28 -16.19
C GLY K 423 -8.17 -22.46 -16.80
N ASN K 424 -8.26 -22.30 -18.11
CA ASN K 424 -9.50 -22.52 -18.85
C ASN K 424 -9.44 -23.79 -19.70
N THR K 425 -8.59 -24.73 -19.31
CA THR K 425 -8.39 -25.96 -20.09
C THR K 425 -7.99 -27.09 -19.14
N THR K 426 -8.09 -28.31 -19.65
CA THR K 426 -7.75 -29.51 -18.90
C THR K 426 -6.49 -30.14 -19.46
N THR K 427 -5.74 -30.81 -18.59
CA THR K 427 -4.50 -31.49 -18.96
C THR K 427 -4.53 -32.91 -18.44
N THR K 428 -3.80 -33.80 -19.13
CA THR K 428 -3.75 -35.21 -18.79
C THR K 428 -2.37 -35.63 -18.28
N VAL K 429 -1.55 -34.68 -17.84
CA VAL K 429 -0.21 -35.02 -17.37
C VAL K 429 -0.24 -35.72 -16.03
N HIS K 430 -1.31 -35.55 -15.25
CA HIS K 430 -1.43 -36.16 -13.92
C HIS K 430 -2.33 -37.37 -13.92
N ALA K 431 -2.75 -37.85 -15.09
CA ALA K 431 -3.63 -39.01 -15.14
C ALA K 431 -2.93 -40.30 -14.73
N LYS K 432 -1.59 -40.31 -14.74
CA LYS K 432 -0.84 -41.51 -14.37
C LYS K 432 -0.61 -41.61 -12.87
N ALA K 433 -0.11 -40.54 -12.25
CA ALA K 433 0.17 -40.58 -10.82
C ALA K 433 -1.11 -40.73 -10.01
N LEU K 434 -2.22 -40.19 -10.49
CA LEU K 434 -3.48 -40.29 -9.77
C LEU K 434 -4.10 -41.69 -9.85
N LYS K 435 -3.79 -42.46 -10.89
CA LYS K 435 -4.35 -43.79 -11.03
C LYS K 435 -3.72 -44.78 -10.07
N GLU K 436 -2.44 -44.58 -9.71
CA GLU K 436 -1.73 -45.47 -8.80
C GLU K 436 -2.17 -45.33 -7.35
N ARG K 437 -3.19 -44.52 -7.06
CA ARG K 437 -3.60 -44.26 -5.70
C ARG K 437 -5.11 -44.44 -5.50
N MET K 438 -5.83 -44.95 -6.50
CA MET K 438 -7.29 -44.91 -6.48
C MET K 438 -7.87 -46.25 -6.90
N VAL K 439 -9.07 -46.53 -6.42
CA VAL K 439 -9.87 -47.67 -6.84
C VAL K 439 -11.24 -47.16 -7.26
N LYS K 440 -11.66 -47.52 -8.47
CA LYS K 440 -12.83 -46.93 -9.10
C LYS K 440 -13.98 -47.92 -9.14
N LEU K 441 -15.19 -47.41 -8.89
CA LEU K 441 -16.43 -48.18 -9.04
C LEU K 441 -17.37 -47.41 -9.94
N ASN K 442 -18.04 -48.12 -10.84
CA ASN K 442 -18.93 -47.50 -11.82
C ASN K 442 -20.38 -47.74 -11.38
N PHE K 443 -21.08 -46.66 -11.03
CA PHE K 443 -22.47 -46.73 -10.60
C PHE K 443 -23.34 -46.25 -11.77
N THR K 444 -23.66 -47.18 -12.66
CA THR K 444 -24.37 -46.85 -13.90
C THR K 444 -25.88 -46.92 -13.73
N VAL K 445 -26.38 -48.02 -13.17
CA VAL K 445 -27.83 -48.24 -13.11
C VAL K 445 -28.47 -47.19 -12.20
N ARG K 446 -29.55 -46.58 -12.69
CA ARG K 446 -30.28 -45.59 -11.93
C ARG K 446 -31.01 -46.24 -10.75
N CYS K 447 -31.33 -45.43 -9.75
CA CYS K 447 -31.99 -45.87 -8.54
C CYS K 447 -33.36 -45.23 -8.45
N SER K 448 -34.39 -46.05 -8.19
CA SER K 448 -35.73 -45.55 -8.06
C SER K 448 -35.88 -44.71 -6.79
N PRO K 449 -36.75 -43.70 -6.79
CA PRO K 449 -36.88 -42.82 -5.62
C PRO K 449 -37.59 -43.45 -4.43
N ASP K 450 -38.06 -44.70 -4.55
CA ASP K 450 -38.75 -45.33 -3.44
C ASP K 450 -37.81 -45.54 -2.25
N MET K 451 -36.59 -46.00 -2.52
CA MET K 451 -35.63 -46.24 -1.45
C MET K 451 -35.20 -44.94 -0.80
N GLY K 452 -34.97 -44.99 0.51
CA GLY K 452 -34.61 -43.82 1.28
C GLY K 452 -33.14 -43.79 1.67
N LEU K 453 -32.84 -43.01 2.70
CA LEU K 453 -31.47 -42.88 3.18
C LEU K 453 -30.97 -44.20 3.74
N LEU K 454 -29.72 -44.54 3.43
CA LEU K 454 -29.08 -45.69 4.03
C LEU K 454 -28.68 -45.38 5.47
N THR K 455 -28.80 -46.37 6.34
CA THR K 455 -28.61 -46.19 7.76
C THR K 455 -27.34 -46.90 8.23
N GLU K 456 -26.92 -46.55 9.45
CA GLU K 456 -25.72 -47.14 10.02
C GLU K 456 -25.90 -48.63 10.32
N ALA K 457 -27.13 -49.04 10.67
CA ALA K 457 -27.38 -50.45 10.96
C ALA K 457 -27.11 -51.32 9.74
N ASP K 458 -27.53 -50.88 8.56
CA ASP K 458 -27.28 -51.63 7.34
C ASP K 458 -25.78 -51.77 7.08
N VAL K 459 -25.03 -50.68 7.25
CA VAL K 459 -23.59 -50.72 7.02
C VAL K 459 -22.93 -51.69 8.00
N GLN K 460 -23.33 -51.60 9.27
CA GLN K 460 -22.73 -52.47 10.29
C GLN K 460 -23.03 -53.93 10.02
N GLN K 461 -24.28 -54.24 9.67
CA GLN K 461 -24.64 -55.63 9.37
C GLN K 461 -23.89 -56.15 8.16
N TRP K 462 -23.82 -55.35 7.09
CA TRP K 462 -23.13 -55.78 5.88
C TRP K 462 -21.65 -56.00 6.13
N LEU K 463 -21.01 -55.08 6.87
CA LEU K 463 -19.58 -55.22 7.15
C LEU K 463 -19.30 -56.40 8.08
N THR K 464 -20.18 -56.62 9.06
CA THR K 464 -20.02 -57.78 9.94
C THR K 464 -20.13 -59.07 9.16
N TRP K 465 -21.11 -59.17 8.26
CA TRP K 465 -21.25 -60.37 7.45
C TRP K 465 -20.03 -60.58 6.57
N CYS K 466 -19.52 -59.50 5.96
CA CYS K 466 -18.33 -59.63 5.13
C CYS K 466 -17.12 -60.08 5.94
N ASN K 467 -16.97 -59.55 7.15
CA ASN K 467 -15.86 -59.96 8.00
C ASN K 467 -15.98 -61.42 8.42
N ALA K 468 -17.21 -61.89 8.65
CA ALA K 468 -17.41 -63.26 9.12
C ALA K 468 -17.01 -64.28 8.06
N GLN K 469 -17.24 -63.98 6.78
CA GLN K 469 -17.04 -64.95 5.71
C GLN K 469 -15.55 -65.12 5.42
N SER K 470 -15.24 -65.88 4.37
CA SER K 470 -13.87 -66.18 3.99
C SER K 470 -13.22 -64.97 3.33
N TRP K 471 -11.89 -65.02 3.20
CA TRP K 471 -11.11 -63.89 2.70
C TRP K 471 -10.18 -64.24 1.55
N ASP K 472 -10.19 -65.48 1.06
CA ASP K 472 -9.15 -65.93 0.13
C ASP K 472 -9.12 -65.08 -1.14
N HIS K 473 -10.29 -64.73 -1.67
CA HIS K 473 -10.34 -63.95 -2.90
C HIS K 473 -9.70 -62.58 -2.73
N TYR K 474 -9.80 -61.99 -1.54
CA TYR K 474 -9.27 -60.65 -1.34
C TYR K 474 -7.76 -60.62 -1.51
N GLU K 475 -7.04 -61.50 -0.82
CA GLU K 475 -5.60 -61.57 -1.02
C GLU K 475 -5.21 -62.24 -2.32
N ASN K 476 -6.11 -62.98 -2.96
CA ASN K 476 -5.86 -63.42 -4.33
C ASN K 476 -5.77 -62.22 -5.27
N TRP K 477 -6.67 -61.26 -5.11
CA TRP K 477 -6.65 -60.06 -5.94
C TRP K 477 -5.56 -59.08 -5.49
N ALA K 478 -5.30 -59.02 -4.18
CA ALA K 478 -4.48 -57.97 -3.59
C ALA K 478 -2.99 -58.12 -3.89
N ILE K 479 -2.57 -59.25 -4.47
CA ILE K 479 -1.15 -59.40 -4.80
C ILE K 479 -0.74 -58.35 -5.82
N ASN K 480 -1.66 -57.92 -6.67
CA ASN K 480 -1.43 -56.82 -7.60
C ASN K 480 -2.72 -56.02 -7.70
N TYR K 481 -2.76 -54.85 -7.07
CA TYR K 481 -3.96 -54.03 -7.06
C TYR K 481 -4.17 -53.38 -8.42
N THR K 482 -5.44 -53.31 -8.83
CA THR K 482 -5.82 -52.72 -10.10
C THR K 482 -6.44 -51.34 -9.87
N PHE K 483 -6.71 -50.64 -10.96
CA PHE K 483 -7.35 -49.33 -10.90
C PHE K 483 -8.86 -49.43 -10.88
N ASP K 484 -9.42 -50.26 -11.75
CA ASP K 484 -10.86 -50.49 -11.79
C ASP K 484 -11.21 -51.74 -10.99
N PHE K 485 -12.29 -51.65 -10.23
CA PHE K 485 -12.67 -52.76 -9.37
C PHE K 485 -13.24 -53.90 -10.20
N PRO K 486 -12.82 -55.14 -9.96
CA PRO K 486 -13.35 -56.28 -10.73
C PRO K 486 -14.86 -56.38 -10.61
N GLY K 487 -15.50 -56.79 -11.71
CA GLY K 487 -16.93 -56.95 -11.74
C GLY K 487 -17.38 -58.24 -11.08
N ILE K 488 -18.71 -58.41 -11.02
CA ILE K 488 -19.27 -59.58 -10.36
C ILE K 488 -18.91 -60.84 -11.13
N ASN K 489 -18.63 -61.91 -10.39
CA ASN K 489 -18.27 -63.21 -10.94
C ASN K 489 -19.37 -64.19 -10.56
N ALA K 490 -20.08 -64.70 -11.57
CA ALA K 490 -21.21 -65.58 -11.32
C ALA K 490 -20.79 -66.94 -10.77
N ASP K 491 -19.60 -67.41 -11.10
CA ASP K 491 -19.10 -68.70 -10.63
C ASP K 491 -18.37 -68.60 -9.30
N ALA K 492 -18.13 -67.39 -8.79
CA ALA K 492 -17.46 -67.21 -7.52
C ALA K 492 -18.36 -66.57 -6.47
N LEU K 493 -19.64 -66.33 -6.80
CA LEU K 493 -20.55 -65.73 -5.83
C LEU K 493 -20.78 -66.66 -4.66
N HIS K 494 -20.89 -66.08 -3.46
CA HIS K 494 -21.07 -66.88 -2.26
C HIS K 494 -22.40 -67.62 -2.32
N PRO K 495 -22.47 -68.85 -1.80
CA PRO K 495 -23.75 -69.58 -1.81
C PRO K 495 -24.89 -68.83 -1.14
N ASP K 496 -24.61 -68.13 -0.04
CA ASP K 496 -25.64 -67.31 0.57
C ASP K 496 -25.99 -66.10 -0.30
N LEU K 497 -25.04 -65.64 -1.11
CA LEU K 497 -25.30 -64.53 -2.02
C LEU K 497 -26.04 -64.97 -3.27
N GLN K 498 -26.10 -66.28 -3.52
CA GLN K 498 -26.81 -66.80 -4.70
C GLN K 498 -28.28 -67.04 -4.37
N VAL L 201 -28.99 -43.16 25.55
CA VAL L 201 -27.72 -43.06 26.25
C VAL L 201 -27.94 -42.82 27.73
N VAL L 202 -27.26 -43.60 28.57
CA VAL L 202 -27.36 -43.48 30.02
C VAL L 202 -26.51 -42.28 30.45
N PRO L 203 -27.07 -41.33 31.20
CA PRO L 203 -26.28 -40.15 31.61
C PRO L 203 -25.13 -40.55 32.53
N PHE L 204 -24.07 -39.73 32.48
CA PHE L 204 -22.91 -39.97 33.33
C PHE L 204 -23.29 -39.87 34.80
N ASN L 205 -22.68 -40.74 35.61
CA ASN L 205 -22.98 -40.83 37.04
C ASN L 205 -22.22 -39.82 37.88
N GLY L 206 -21.67 -38.77 37.26
CA GLY L 206 -20.99 -37.76 38.04
C GLY L 206 -21.96 -37.02 38.96
N LYS L 207 -21.50 -36.75 40.18
CA LYS L 207 -22.31 -36.09 41.19
C LYS L 207 -21.71 -34.72 41.51
N GLY L 208 -22.58 -33.71 41.59
CA GLY L 208 -22.16 -32.35 41.82
C GLY L 208 -22.24 -31.92 43.26
N THR L 209 -21.60 -30.79 43.55
CA THR L 209 -21.57 -30.22 44.89
C THR L 209 -22.76 -29.29 45.08
N LYS L 210 -22.81 -28.58 46.21
CA LYS L 210 -23.89 -27.65 46.47
C LYS L 210 -23.81 -26.44 45.55
N ALA L 211 -22.60 -25.97 45.26
CA ALA L 211 -22.43 -24.83 44.36
C ALA L 211 -22.93 -25.16 42.95
N SER L 212 -22.62 -26.36 42.47
CA SER L 212 -23.09 -26.78 41.15
C SER L 212 -24.61 -26.85 41.11
N ILE L 213 -25.23 -27.38 42.17
CA ILE L 213 -26.68 -27.47 42.23
C ILE L 213 -27.30 -26.08 42.23
N LYS L 214 -26.71 -25.15 42.98
CA LYS L 214 -27.21 -23.78 43.00
C LYS L 214 -27.07 -23.11 41.64
N PHE L 215 -25.95 -23.38 40.94
CA PHE L 215 -25.77 -22.85 39.59
C PHE L 215 -26.83 -23.40 38.64
N GLN L 216 -27.12 -24.70 38.73
CA GLN L 216 -28.17 -25.28 37.90
C GLN L 216 -29.53 -24.68 38.21
N THR L 217 -29.82 -24.45 39.50
CA THR L 217 -31.08 -23.82 39.88
C THR L 217 -31.17 -22.40 39.33
N MET L 218 -30.06 -21.66 39.36
CA MET L 218 -30.05 -20.31 38.80
C MET L 218 -30.26 -20.33 37.29
N VAL L 219 -29.68 -21.31 36.60
CA VAL L 219 -29.91 -21.44 35.16
C VAL L 219 -31.37 -21.72 34.88
N ASN L 220 -31.98 -22.62 35.66
CA ASN L 220 -33.40 -22.92 35.49
C ASN L 220 -34.25 -21.69 35.76
N TRP L 221 -33.90 -20.90 36.78
CA TRP L 221 -34.62 -19.66 37.06
C TRP L 221 -34.50 -18.68 35.90
N LEU L 222 -33.30 -18.56 35.32
CA LEU L 222 -33.12 -17.67 34.18
C LEU L 222 -33.98 -18.10 33.00
N CYS L 223 -34.02 -19.41 32.73
CA CYS L 223 -34.82 -19.88 31.60
C CYS L 223 -36.32 -19.71 31.86
N GLU L 224 -36.74 -19.90 33.12
CA GLU L 224 -38.16 -19.82 33.45
C GLU L 224 -38.72 -18.41 33.26
N ASN L 225 -37.96 -17.39 33.66
CA ASN L 225 -38.44 -16.02 33.67
C ASN L 225 -38.10 -15.25 32.39
N ARG L 226 -37.64 -15.94 31.35
CA ARG L 226 -37.37 -15.35 30.04
C ARG L 226 -36.35 -14.23 30.14
N VAL L 227 -35.32 -14.43 30.96
CA VAL L 227 -34.22 -13.48 31.09
C VAL L 227 -33.04 -14.02 30.29
N PHE L 228 -32.63 -13.27 29.26
CA PHE L 228 -31.59 -13.73 28.35
C PHE L 228 -30.51 -12.70 28.06
N THR L 229 -30.55 -11.54 28.70
CA THR L 229 -29.54 -10.51 28.52
C THR L 229 -29.15 -9.94 29.88
N GLU L 230 -27.97 -9.33 29.92
CA GLU L 230 -27.51 -8.70 31.16
C GLU L 230 -28.41 -7.55 31.56
N ASP L 231 -28.84 -6.74 30.59
CA ASP L 231 -29.72 -5.62 30.91
C ASP L 231 -31.06 -6.09 31.46
N LYS L 232 -31.61 -7.17 30.88
CA LYS L 232 -32.84 -7.73 31.40
C LYS L 232 -32.66 -8.25 32.82
N TRP L 233 -31.50 -8.86 33.11
CA TRP L 233 -31.21 -9.32 34.46
C TRP L 233 -31.14 -8.16 35.44
N LYS L 234 -30.48 -7.06 35.04
CA LYS L 234 -30.40 -5.89 35.91
C LYS L 234 -31.78 -5.28 36.14
N LEU L 235 -32.60 -5.21 35.09
CA LEU L 235 -33.93 -4.63 35.24
C LEU L 235 -34.84 -5.51 36.09
N VAL L 236 -34.67 -6.82 36.02
CA VAL L 236 -35.56 -7.76 36.71
C VAL L 236 -35.09 -8.02 38.13
N ASP L 237 -33.80 -8.30 38.32
CA ASP L 237 -33.25 -8.61 39.64
C ASP L 237 -31.87 -7.97 39.75
N PHE L 238 -31.83 -6.76 40.29
CA PHE L 238 -30.55 -6.08 40.50
C PHE L 238 -29.80 -6.64 41.70
N ASN L 239 -30.51 -7.16 42.70
CA ASN L 239 -29.87 -7.66 43.91
C ASN L 239 -28.98 -8.87 43.61
N GLN L 240 -29.52 -9.86 42.89
CA GLN L 240 -28.75 -11.05 42.58
C GLN L 240 -27.56 -10.72 41.67
N TYR L 241 -27.79 -9.84 40.69
CA TYR L 241 -26.69 -9.44 39.80
C TYR L 241 -25.59 -8.74 40.59
N THR L 242 -25.96 -7.85 41.51
CA THR L 242 -24.97 -7.15 42.32
C THR L 242 -24.20 -8.12 43.21
N LEU L 243 -24.90 -9.07 43.83
CA LEU L 243 -24.21 -10.04 44.68
C LEU L 243 -23.28 -10.94 43.87
N LEU L 244 -23.69 -11.31 42.66
CA LEU L 244 -22.86 -12.18 41.84
C LEU L 244 -21.62 -11.45 41.32
N SER L 245 -21.77 -10.18 40.93
CA SER L 245 -20.69 -9.45 40.28
C SER L 245 -19.67 -8.88 41.27
N SER L 246 -19.61 -9.40 42.49
CA SER L 246 -18.65 -8.93 43.48
C SER L 246 -17.35 -9.72 43.45
N SER L 247 -17.23 -10.75 42.60
CA SER L 247 -16.03 -11.56 42.53
C SER L 247 -15.87 -12.09 41.11
N HIS L 248 -14.71 -12.71 40.86
CA HIS L 248 -14.45 -13.29 39.55
C HIS L 248 -15.36 -14.50 39.29
N SER L 249 -15.60 -15.31 40.32
CA SER L 249 -16.40 -16.51 40.14
C SER L 249 -17.82 -16.17 39.72
N GLY L 250 -18.44 -15.19 40.38
CA GLY L 250 -19.78 -14.78 40.00
C GLY L 250 -19.83 -14.17 38.61
N SER L 251 -18.80 -13.42 38.25
CA SER L 251 -18.74 -12.84 36.90
C SER L 251 -18.68 -13.93 35.84
N PHE L 252 -17.88 -14.97 36.08
CA PHE L 252 -17.84 -16.11 35.16
C PHE L 252 -19.19 -16.83 35.12
N GLN L 253 -19.80 -17.01 36.29
CA GLN L 253 -21.06 -17.73 36.38
C GLN L 253 -22.18 -17.01 35.65
N ILE L 254 -22.17 -15.67 35.65
CA ILE L 254 -23.22 -14.92 34.96
C ILE L 254 -23.19 -15.23 33.47
N GLN L 255 -22.01 -15.14 32.85
CA GLN L 255 -21.88 -15.44 31.43
C GLN L 255 -22.21 -16.90 31.13
N SER L 256 -21.71 -17.82 31.97
CA SER L 256 -21.97 -19.23 31.74
C SER L 256 -23.46 -19.54 31.81
N ALA L 257 -24.15 -19.01 32.81
CA ALA L 257 -25.57 -19.24 32.96
C ALA L 257 -26.37 -18.61 31.83
N LEU L 258 -25.96 -17.42 31.39
CA LEU L 258 -26.65 -16.80 30.26
C LEU L 258 -26.53 -17.66 29.01
N LYS L 259 -25.32 -18.15 28.72
CA LYS L 259 -25.13 -18.99 27.54
C LYS L 259 -25.93 -20.29 27.64
N LEU L 260 -25.92 -20.91 28.82
CA LEU L 260 -26.67 -22.14 29.00
C LEU L 260 -28.17 -21.92 28.85
N ALA L 261 -28.68 -20.79 29.36
CA ALA L 261 -30.10 -20.48 29.21
C ALA L 261 -30.45 -20.24 27.74
N ILE L 262 -29.58 -19.54 27.01
CA ILE L 262 -29.81 -19.34 25.57
C ILE L 262 -29.90 -20.70 24.87
N TYR L 263 -28.95 -21.58 25.16
CA TYR L 263 -28.96 -22.89 24.49
C TYR L 263 -30.20 -23.69 24.85
N LYS L 264 -30.60 -23.68 26.12
CA LYS L 264 -31.76 -24.45 26.53
C LYS L 264 -33.04 -23.90 25.91
N ALA L 265 -33.14 -22.57 25.80
CA ALA L 265 -34.35 -21.98 25.24
C ALA L 265 -34.43 -22.14 23.73
N THR L 266 -33.29 -22.19 23.04
CA THR L 266 -33.31 -22.21 21.58
C THR L 266 -33.03 -23.58 20.98
N ASN L 267 -32.68 -24.58 21.78
CA ASN L 267 -32.33 -25.90 21.23
C ASN L 267 -33.06 -27.07 21.87
N LEU L 268 -33.35 -27.02 23.17
CA LEU L 268 -33.91 -28.16 23.88
C LEU L 268 -35.43 -28.07 24.06
N VAL L 269 -36.02 -26.88 23.92
CA VAL L 269 -37.45 -26.71 24.12
C VAL L 269 -38.06 -26.16 22.84
N PRO L 270 -39.19 -26.69 22.38
CA PRO L 270 -39.83 -26.14 21.18
C PRO L 270 -40.22 -24.68 21.38
N THR L 271 -40.11 -23.91 20.30
CA THR L 271 -40.44 -22.49 20.36
C THR L 271 -41.91 -22.26 20.67
N SER L 272 -42.80 -23.09 20.12
CA SER L 272 -44.23 -22.94 20.37
C SER L 272 -44.56 -23.06 21.85
N THR L 273 -43.73 -23.74 22.64
CA THR L 273 -43.95 -23.81 24.07
C THR L 273 -43.90 -22.43 24.71
N PHE L 274 -43.01 -21.56 24.23
CA PHE L 274 -43.03 -20.17 24.66
C PHE L 274 -43.97 -19.34 23.79
N LEU L 275 -45.15 -19.89 23.52
CA LEU L 275 -46.18 -19.17 22.79
C LEU L 275 -47.59 -19.39 23.33
N LEU L 276 -47.79 -20.40 24.18
CA LEU L 276 -49.12 -20.85 24.56
C LEU L 276 -49.38 -20.58 26.03
N HIS L 277 -50.66 -20.52 26.39
CA HIS L 277 -51.10 -20.30 27.77
C HIS L 277 -50.53 -19.00 28.34
N CYS L 285 -65.17 -14.60 23.39
CA CYS L 285 -64.03 -14.11 24.17
C CYS L 285 -62.83 -13.88 23.26
N ILE L 286 -62.86 -14.49 22.07
CA ILE L 286 -61.78 -14.33 21.11
C ILE L 286 -62.09 -13.27 20.06
N LYS L 287 -63.35 -12.85 19.92
CA LYS L 287 -63.70 -11.86 18.92
C LYS L 287 -63.10 -10.49 19.22
N ASP L 288 -62.89 -10.18 20.50
CA ASP L 288 -62.36 -8.87 20.87
C ASP L 288 -60.85 -8.76 20.71
N ASN L 289 -60.17 -9.86 20.37
CA ASN L 289 -58.72 -9.81 20.17
C ASN L 289 -58.38 -8.94 18.96
N LYS L 290 -57.29 -8.17 19.07
CA LYS L 290 -56.90 -7.29 17.99
C LYS L 290 -56.36 -8.06 16.79
N ILE L 291 -55.65 -9.17 17.03
CA ILE L 291 -55.03 -9.92 15.94
C ILE L 291 -56.08 -10.48 15.00
N VAL L 292 -57.15 -11.07 15.54
CA VAL L 292 -58.17 -11.68 14.69
C VAL L 292 -58.92 -10.61 13.91
N LYS L 293 -59.19 -9.46 14.54
CA LYS L 293 -59.82 -8.36 13.82
C LYS L 293 -58.93 -7.86 12.68
N LEU L 294 -57.63 -7.72 12.94
CA LEU L 294 -56.71 -7.27 11.91
C LEU L 294 -56.66 -8.26 10.76
N LEU L 295 -56.61 -9.56 11.06
CA LEU L 295 -56.57 -10.57 10.01
C LEU L 295 -57.89 -10.70 9.27
N LEU L 296 -59.01 -10.34 9.91
CA LEU L 296 -60.30 -10.32 9.22
C LEU L 296 -60.46 -9.10 8.33
N CYS L 297 -59.85 -7.97 8.71
CA CYS L 297 -59.93 -6.77 7.88
C CYS L 297 -59.28 -7.01 6.52
N GLN L 298 -58.14 -7.69 6.50
CA GLN L 298 -57.44 -8.01 5.27
C GLN L 298 -57.95 -9.30 4.63
N ASN L 299 -59.13 -9.78 5.04
CA ASN L 299 -59.80 -10.92 4.42
C ASN L 299 -58.94 -12.18 4.48
N TYR L 300 -58.61 -12.60 5.70
CA TYR L 300 -57.85 -13.81 5.95
C TYR L 300 -58.45 -14.57 7.12
N ASP L 301 -58.31 -15.89 7.09
CA ASP L 301 -58.84 -16.76 8.14
C ASP L 301 -57.85 -16.81 9.30
N PRO L 302 -58.23 -16.29 10.47
CA PRO L 302 -57.29 -16.28 11.61
C PRO L 302 -56.85 -17.67 12.06
N LEU L 303 -57.74 -18.67 11.99
CA LEU L 303 -57.41 -20.00 12.48
C LEU L 303 -56.30 -20.64 11.65
N LEU L 304 -56.43 -20.59 10.32
CA LEU L 304 -55.43 -21.19 9.45
C LEU L 304 -54.10 -20.47 9.57
N VAL L 305 -54.13 -19.14 9.68
CA VAL L 305 -52.89 -18.37 9.84
C VAL L 305 -52.21 -18.74 11.16
N GLY L 306 -53.00 -18.85 12.23
CA GLY L 306 -52.41 -19.23 13.51
C GLY L 306 -51.80 -20.63 13.50
N GLN L 307 -52.49 -21.58 12.89
CA GLN L 307 -51.95 -22.93 12.80
C GLN L 307 -50.69 -22.96 11.94
N HIS L 308 -50.68 -22.18 10.85
CA HIS L 308 -49.49 -22.13 10.01
C HIS L 308 -48.32 -21.49 10.74
N VAL L 309 -48.58 -20.45 11.55
CA VAL L 309 -47.51 -19.86 12.35
C VAL L 309 -46.97 -20.86 13.36
N LEU L 310 -47.88 -21.61 14.01
CA LEU L 310 -47.44 -22.60 14.98
C LEU L 310 -46.58 -23.67 14.33
N LYS L 311 -46.94 -24.12 13.13
CA LYS L 311 -46.15 -25.14 12.46
C LYS L 311 -44.85 -24.56 11.88
N TRP L 312 -44.86 -23.28 11.49
CA TRP L 312 -43.71 -22.65 10.85
C TRP L 312 -42.63 -22.29 11.86
N ILE L 313 -43.02 -21.84 13.05
CA ILE L 313 -42.03 -21.45 14.06
C ILE L 313 -41.34 -22.65 14.69
N ASP L 314 -41.87 -23.86 14.49
CA ASP L 314 -41.24 -25.08 14.96
C ASP L 314 -40.48 -25.82 13.87
N LYS L 315 -40.30 -25.19 12.70
CA LYS L 315 -39.61 -25.79 11.56
C LYS L 315 -40.26 -27.11 11.14
N LYS L 316 -41.59 -27.07 11.00
CA LYS L 316 -42.37 -28.24 10.59
C LYS L 316 -43.08 -27.99 9.26
N CYS L 317 -42.53 -27.10 8.43
CA CYS L 317 -43.13 -26.77 7.15
C CYS L 317 -42.27 -27.16 5.95
N GLY L 318 -41.11 -27.78 6.18
CA GLY L 318 -40.28 -28.19 5.07
C GLY L 318 -39.36 -27.07 4.61
N LYS L 319 -39.27 -26.90 3.29
CA LYS L 319 -38.40 -25.88 2.72
C LYS L 319 -39.04 -24.49 2.75
N LYS L 320 -40.34 -24.39 2.99
CA LYS L 320 -41.03 -23.10 3.06
C LYS L 320 -40.82 -22.48 4.44
N ASN L 321 -39.59 -22.01 4.65
CA ASN L 321 -39.13 -21.50 5.94
C ASN L 321 -39.42 -20.02 6.14
N THR L 322 -39.86 -19.31 5.11
CA THR L 322 -39.99 -17.86 5.16
C THR L 322 -41.46 -17.44 5.12
N LEU L 323 -41.79 -16.42 5.89
CA LEU L 323 -43.11 -15.82 5.91
C LEU L 323 -43.01 -14.37 5.47
N TRP L 324 -43.81 -13.99 4.47
CA TRP L 324 -43.69 -12.69 3.82
C TRP L 324 -44.98 -11.90 3.98
N PHE L 325 -44.86 -10.65 4.43
CA PHE L 325 -45.97 -9.72 4.51
C PHE L 325 -45.77 -8.62 3.47
N TYR L 326 -46.79 -8.38 2.66
CA TYR L 326 -46.69 -7.44 1.55
C TYR L 326 -47.93 -6.57 1.51
N GLY L 327 -47.75 -5.28 1.22
CA GLY L 327 -48.86 -4.36 1.09
C GLY L 327 -48.45 -2.91 1.07
N PRO L 328 -49.38 -1.95 0.90
CA PRO L 328 -49.05 -0.53 0.79
C PRO L 328 -48.90 0.13 2.15
N PRO L 329 -48.42 1.38 2.29
CA PRO L 329 -48.21 1.92 3.64
C PRO L 329 -49.32 1.80 4.71
N SER L 330 -48.99 2.01 5.99
CA SER L 330 -49.86 1.74 7.17
C SER L 330 -51.03 0.77 6.95
N THR L 331 -50.75 -0.54 6.97
CA THR L 331 -51.76 -1.59 6.69
C THR L 331 -51.63 -2.72 7.73
N GLY L 332 -50.68 -2.63 8.67
CA GLY L 332 -50.55 -3.57 9.79
C GLY L 332 -49.57 -4.67 9.53
N LYS L 333 -48.28 -4.38 9.52
CA LYS L 333 -47.30 -5.38 9.07
C LYS L 333 -46.14 -5.40 10.04
N THR L 334 -45.48 -4.31 10.30
CA THR L 334 -44.41 -4.29 11.32
C THR L 334 -45.02 -4.38 12.71
N ASN L 335 -46.33 -4.40 12.83
CA ASN L 335 -47.00 -4.55 14.13
C ASN L 335 -47.25 -6.03 14.40
N LEU L 336 -47.72 -6.85 13.45
CA LEU L 336 -47.86 -8.32 13.64
C LEU L 336 -46.50 -8.99 13.58
N ALA L 337 -45.52 -8.40 12.95
CA ALA L 337 -44.26 -9.11 12.85
C ALA L 337 -43.55 -8.86 14.15
N MET L 338 -43.76 -7.71 14.76
CA MET L 338 -42.92 -7.39 15.94
C MET L 338 -43.64 -7.77 17.22
N ALA L 339 -44.91 -8.10 17.16
CA ALA L 339 -45.59 -8.72 18.29
C ALA L 339 -45.10 -10.15 18.29
N ILE L 340 -45.11 -10.81 17.13
CA ILE L 340 -44.63 -12.19 17.07
C ILE L 340 -43.20 -12.29 17.60
N ALA L 341 -42.35 -11.34 17.21
CA ALA L 341 -40.95 -11.39 17.61
C ALA L 341 -40.76 -11.17 19.11
N LYS L 342 -41.64 -10.41 19.74
CA LYS L 342 -41.49 -10.11 21.16
C LYS L 342 -41.96 -11.26 22.06
N SER L 343 -42.58 -12.29 21.49
CA SER L 343 -43.03 -13.43 22.28
C SER L 343 -42.07 -14.60 22.24
N VAL L 344 -41.18 -14.66 21.26
CA VAL L 344 -40.16 -15.71 21.18
C VAL L 344 -39.07 -15.36 22.19
N PRO L 345 -38.27 -16.34 22.65
CA PRO L 345 -37.20 -16.04 23.60
C PRO L 345 -36.20 -15.02 23.10
N VAL L 346 -35.55 -15.31 21.97
CA VAL L 346 -34.53 -14.44 21.39
C VAL L 346 -34.83 -14.26 19.91
N TYR L 347 -34.74 -13.03 19.44
CA TYR L 347 -34.93 -12.72 18.03
C TYR L 347 -33.84 -11.76 17.56
N GLY L 348 -33.51 -11.85 16.27
CA GLY L 348 -32.54 -10.96 15.66
C GLY L 348 -33.18 -10.20 14.50
N MET L 349 -32.40 -9.26 13.96
CA MET L 349 -32.87 -8.45 12.84
C MET L 349 -31.74 -8.28 11.82
N VAL L 350 -32.13 -8.16 10.56
CA VAL L 350 -31.17 -7.91 9.50
C VAL L 350 -30.72 -6.45 9.51
N ASN L 351 -31.57 -5.56 10.04
CA ASN L 351 -31.24 -4.13 10.05
C ASN L 351 -30.11 -3.82 11.00
N TRP L 352 -29.99 -4.56 12.11
CA TRP L 352 -28.91 -4.30 13.06
C TRP L 352 -27.55 -4.65 12.47
N ASN L 353 -27.48 -5.72 11.68
CA ASN L 353 -26.22 -6.20 11.16
C ASN L 353 -25.66 -5.23 10.10
N ASN L 354 -24.39 -5.46 9.75
CA ASN L 354 -23.73 -4.64 8.75
C ASN L 354 -24.31 -4.92 7.36
N GLU L 355 -24.13 -3.95 6.47
CA GLU L 355 -24.67 -4.07 5.11
C GLU L 355 -24.03 -5.24 4.37
N ASN L 356 -22.71 -5.41 4.51
CA ASN L 356 -22.02 -6.47 3.79
C ASN L 356 -22.24 -7.85 4.41
N PHE L 357 -22.65 -7.91 5.67
CA PHE L 357 -22.91 -9.18 6.37
C PHE L 357 -24.28 -9.10 7.01
N PRO L 358 -25.35 -9.23 6.22
CA PRO L 358 -26.71 -9.13 6.80
C PRO L 358 -27.10 -10.31 7.66
N PHE L 359 -26.41 -11.44 7.55
CA PHE L 359 -26.73 -12.64 8.30
C PHE L 359 -25.58 -13.02 9.23
N ASN L 360 -24.99 -12.02 9.89
CA ASN L 360 -23.81 -12.27 10.70
C ASN L 360 -24.12 -13.14 11.91
N ASP L 361 -25.23 -12.87 12.60
CA ASP L 361 -25.57 -13.54 13.85
C ASP L 361 -26.97 -14.14 13.74
N VAL L 362 -27.03 -15.42 13.38
CA VAL L 362 -28.29 -16.14 13.33
C VAL L 362 -28.34 -17.29 14.33
N ALA L 363 -27.21 -17.72 14.87
CA ALA L 363 -27.20 -18.79 15.86
C ALA L 363 -27.68 -18.30 17.20
N GLY L 364 -28.45 -19.13 17.90
CA GLY L 364 -28.99 -18.76 19.19
C GLY L 364 -30.25 -17.93 19.14
N LYS L 365 -30.82 -17.71 17.96
CA LYS L 365 -32.05 -16.94 17.80
C LYS L 365 -33.21 -17.86 17.48
N SER L 366 -34.40 -17.44 17.89
CA SER L 366 -35.63 -18.16 17.57
C SER L 366 -36.30 -17.61 16.31
N LEU L 367 -35.92 -16.43 15.85
CA LEU L 367 -36.56 -15.79 14.71
C LEU L 367 -35.63 -14.72 14.17
N VAL L 368 -35.74 -14.46 12.87
CA VAL L 368 -34.99 -13.41 12.20
C VAL L 368 -35.98 -12.50 11.49
N VAL L 369 -35.88 -11.20 11.73
CA VAL L 369 -36.82 -10.21 11.21
C VAL L 369 -36.12 -9.36 10.16
N TRP L 370 -36.76 -9.21 9.00
CA TRP L 370 -36.28 -8.36 7.91
C TRP L 370 -37.37 -7.35 7.61
N ASP L 371 -37.13 -6.09 7.96
CA ASP L 371 -38.14 -5.05 7.87
C ASP L 371 -37.85 -4.15 6.67
N GLU L 372 -38.84 -4.02 5.78
CA GLU L 372 -38.76 -3.18 4.58
C GLU L 372 -37.48 -3.49 3.79
N GLY L 373 -37.27 -4.78 3.57
CA GLY L 373 -36.03 -5.26 3.00
C GLY L 373 -36.06 -5.45 1.49
N ILE L 374 -34.87 -5.42 0.89
CA ILE L 374 -34.67 -5.66 -0.53
C ILE L 374 -33.51 -6.62 -0.67
N ILE L 375 -33.50 -7.38 -1.77
CA ILE L 375 -32.49 -8.41 -2.00
C ILE L 375 -31.59 -7.95 -3.16
N LYS L 376 -30.30 -7.90 -2.89
CA LYS L 376 -29.31 -7.59 -3.92
C LYS L 376 -28.75 -8.86 -4.53
N SER L 377 -28.14 -8.71 -5.71
CA SER L 377 -27.46 -9.83 -6.34
C SER L 377 -26.17 -10.21 -5.64
N THR L 378 -25.64 -9.34 -4.77
CA THR L 378 -24.39 -9.64 -4.07
C THR L 378 -24.60 -10.73 -3.02
N ILE L 379 -25.75 -10.72 -2.35
CA ILE L 379 -26.05 -11.65 -1.26
C ILE L 379 -27.15 -12.62 -1.60
N VAL L 380 -27.66 -12.62 -2.84
CA VAL L 380 -28.80 -13.46 -3.20
C VAL L 380 -28.46 -14.93 -3.03
N GLU L 381 -27.19 -15.31 -3.21
CA GLU L 381 -26.80 -16.70 -2.97
C GLU L 381 -26.91 -17.06 -1.50
N ALA L 382 -26.53 -16.15 -0.61
CA ALA L 382 -26.63 -16.42 0.83
C ALA L 382 -28.08 -16.43 1.29
N ALA L 383 -28.89 -15.51 0.80
CA ALA L 383 -30.27 -15.41 1.24
C ALA L 383 -31.04 -16.69 0.95
N LYS L 384 -30.84 -17.26 -0.25
CA LYS L 384 -31.49 -18.53 -0.58
C LYS L 384 -31.14 -19.61 0.44
N ALA L 385 -29.93 -19.57 0.99
CA ALA L 385 -29.57 -20.53 2.02
C ALA L 385 -30.38 -20.32 3.29
N ILE L 386 -30.62 -19.07 3.66
CA ILE L 386 -31.27 -18.79 4.94
C ILE L 386 -32.79 -18.71 4.80
N LEU L 387 -33.30 -18.36 3.62
CA LEU L 387 -34.74 -18.31 3.41
C LEU L 387 -35.37 -19.69 3.28
N GLY L 388 -34.59 -20.71 2.94
CA GLY L 388 -35.13 -22.05 2.77
C GLY L 388 -34.84 -22.97 3.93
N GLY L 389 -34.01 -22.51 4.88
CA GLY L 389 -33.67 -23.30 6.03
C GLY L 389 -32.37 -24.08 5.92
N GLN L 390 -31.65 -23.94 4.82
CA GLN L 390 -30.37 -24.64 4.67
C GLN L 390 -29.32 -24.03 5.59
N PRO L 391 -28.62 -24.84 6.37
CA PRO L 391 -27.59 -24.28 7.27
C PRO L 391 -26.43 -23.70 6.49
N THR L 392 -25.80 -22.69 7.10
CA THR L 392 -24.59 -22.13 6.53
C THR L 392 -23.42 -23.08 6.69
N ARG L 393 -22.39 -22.88 5.86
CA ARG L 393 -21.28 -23.82 5.78
C ARG L 393 -20.51 -23.92 7.10
N VAL L 394 -20.31 -22.79 7.77
CA VAL L 394 -19.58 -22.80 9.05
C VAL L 394 -20.39 -23.57 10.10
N ASP L 395 -21.72 -23.43 10.08
CA ASP L 395 -22.54 -24.18 11.01
C ASP L 395 -22.40 -25.68 10.78
N GLN L 396 -22.26 -26.08 9.52
CA GLN L 396 -21.95 -27.47 9.21
C GLN L 396 -20.58 -27.86 9.76
N LYS L 397 -19.59 -26.96 9.62
CA LYS L 397 -18.22 -27.31 9.99
C LYS L 397 -18.06 -27.51 11.49
N MET L 398 -18.53 -26.57 12.30
CA MET L 398 -18.35 -26.72 13.75
C MET L 398 -19.27 -27.79 14.34
N ARG L 399 -20.53 -27.84 13.91
CA ARG L 399 -21.45 -28.83 14.47
C ARG L 399 -20.98 -30.26 14.17
N GLY L 400 -20.49 -30.49 12.96
CA GLY L 400 -20.02 -31.79 12.55
C GLY L 400 -20.99 -32.56 11.66
N SER L 401 -22.24 -32.14 11.60
CA SER L 401 -23.25 -32.76 10.75
C SER L 401 -23.42 -31.93 9.49
N VAL L 402 -24.43 -32.28 8.69
CA VAL L 402 -24.68 -31.58 7.43
C VAL L 402 -25.88 -30.64 7.50
N ALA L 403 -26.76 -30.79 8.49
CA ALA L 403 -27.91 -29.90 8.63
C ALA L 403 -28.44 -30.02 10.05
N VAL L 404 -28.35 -28.95 10.83
CA VAL L 404 -28.84 -28.96 12.21
C VAL L 404 -29.66 -27.71 12.55
N PRO L 405 -29.08 -26.48 12.57
CA PRO L 405 -29.68 -25.43 13.40
C PRO L 405 -31.07 -24.97 12.98
N GLY L 406 -31.22 -24.47 11.76
CA GLY L 406 -32.51 -24.00 11.29
C GLY L 406 -32.93 -22.69 11.93
N VAL L 407 -33.66 -21.84 11.20
CA VAL L 407 -34.20 -20.61 11.78
C VAL L 407 -35.34 -20.08 10.90
N PRO L 408 -36.49 -19.76 11.49
CA PRO L 408 -37.55 -19.10 10.73
C PRO L 408 -37.16 -17.68 10.35
N VAL L 409 -37.74 -17.21 9.24
CA VAL L 409 -37.53 -15.85 8.74
C VAL L 409 -38.88 -15.21 8.47
N VAL L 410 -39.03 -13.94 8.85
CA VAL L 410 -40.22 -13.17 8.55
C VAL L 410 -39.79 -11.86 7.88
N ILE L 411 -40.44 -11.51 6.77
CA ILE L 411 -40.08 -10.36 5.97
C ILE L 411 -41.33 -9.52 5.71
N THR L 412 -41.19 -8.20 5.85
CA THR L 412 -42.21 -7.24 5.46
C THR L 412 -41.59 -6.26 4.47
N SER L 413 -42.36 -5.90 3.44
CA SER L 413 -41.84 -5.01 2.41
C SER L 413 -42.99 -4.29 1.72
N ASN L 414 -42.65 -3.17 1.08
CA ASN L 414 -43.61 -2.41 0.28
C ASN L 414 -43.62 -2.80 -1.18
N GLY L 415 -42.56 -3.49 -1.65
CA GLY L 415 -42.47 -3.89 -3.03
C GLY L 415 -42.28 -5.39 -3.17
N ASP L 416 -42.09 -5.88 -4.40
CA ASP L 416 -41.87 -7.33 -4.72
C ASP L 416 -40.42 -7.73 -4.57
N ILE L 417 -40.12 -8.64 -3.67
CA ILE L 417 -38.72 -8.97 -3.30
C ILE L 417 -38.25 -10.07 -4.22
N THR L 418 -39.12 -10.51 -5.11
CA THR L 418 -38.84 -11.58 -6.09
C THR L 418 -37.97 -10.97 -7.17
N PHE L 419 -38.00 -9.65 -7.32
CA PHE L 419 -37.15 -8.92 -8.25
C PHE L 419 -35.85 -8.53 -7.55
N VAL L 420 -34.73 -9.07 -8.02
CA VAL L 420 -33.43 -8.85 -7.39
C VAL L 420 -32.72 -7.73 -8.13
N VAL L 421 -32.21 -6.75 -7.37
CA VAL L 421 -31.54 -5.61 -7.95
C VAL L 421 -30.10 -5.98 -8.28
N SER L 422 -29.68 -5.71 -9.51
CA SER L 422 -28.33 -5.99 -9.98
C SER L 422 -27.76 -4.70 -10.57
N GLY L 423 -26.76 -4.14 -9.92
CA GLY L 423 -26.20 -2.87 -10.38
C GLY L 423 -27.25 -1.78 -10.30
N ASN L 424 -27.48 -1.11 -11.42
CA ASN L 424 -28.50 -0.07 -11.52
C ASN L 424 -29.79 -0.58 -12.16
N THR L 425 -29.95 -1.90 -12.29
CA THR L 425 -31.12 -2.47 -12.94
C THR L 425 -31.63 -3.63 -12.08
N THR L 426 -32.60 -4.37 -12.60
CA THR L 426 -33.26 -5.45 -11.87
C THR L 426 -33.38 -6.68 -12.77
N THR L 427 -33.22 -7.85 -12.17
CA THR L 427 -33.30 -9.13 -12.87
C THR L 427 -34.54 -9.89 -12.40
N THR L 428 -34.75 -11.07 -13.01
CA THR L 428 -35.89 -11.91 -12.67
C THR L 428 -35.52 -13.39 -12.64
N VAL L 429 -34.24 -13.73 -12.84
CA VAL L 429 -33.83 -15.12 -12.94
C VAL L 429 -33.95 -15.87 -11.61
N HIS L 430 -34.07 -15.15 -10.49
CA HIS L 430 -34.11 -15.78 -9.17
C HIS L 430 -35.53 -15.91 -8.63
N ALA L 431 -36.55 -15.60 -9.44
CA ALA L 431 -37.92 -15.54 -8.93
C ALA L 431 -38.41 -16.90 -8.48
N LYS L 432 -38.18 -17.94 -9.28
CA LYS L 432 -38.75 -19.25 -9.00
C LYS L 432 -38.19 -19.84 -7.70
N ALA L 433 -36.87 -19.75 -7.52
CA ALA L 433 -36.25 -20.31 -6.32
C ALA L 433 -36.74 -19.60 -5.07
N LEU L 434 -36.86 -18.27 -5.12
CA LEU L 434 -37.36 -17.52 -3.98
C LEU L 434 -38.82 -17.86 -3.68
N LYS L 435 -39.65 -17.95 -4.73
CA LYS L 435 -41.05 -18.30 -4.52
C LYS L 435 -41.23 -19.71 -3.99
N GLU L 436 -40.26 -20.60 -4.26
CA GLU L 436 -40.34 -21.95 -3.71
C GLU L 436 -40.28 -21.97 -2.19
N ARG L 437 -39.72 -20.93 -1.58
CA ARG L 437 -39.38 -20.94 -0.16
C ARG L 437 -40.20 -19.97 0.68
N MET L 438 -41.25 -19.36 0.13
CA MET L 438 -41.97 -18.33 0.85
C MET L 438 -43.49 -18.57 0.79
N VAL L 439 -44.17 -18.06 1.80
CA VAL L 439 -45.63 -17.97 1.83
C VAL L 439 -45.99 -16.50 1.95
N LYS L 440 -46.84 -16.03 1.04
CA LYS L 440 -47.09 -14.60 0.85
C LYS L 440 -48.47 -14.23 1.36
N LEU L 441 -48.54 -13.13 2.11
CA LEU L 441 -49.79 -12.56 2.58
C LEU L 441 -49.93 -11.14 2.07
N ASN L 442 -51.14 -10.77 1.65
CA ASN L 442 -51.41 -9.47 1.05
C ASN L 442 -52.15 -8.60 2.05
N PHE L 443 -51.46 -7.61 2.60
CA PHE L 443 -52.07 -6.65 3.52
C PHE L 443 -52.44 -5.38 2.75
N THR L 444 -53.48 -5.51 1.93
CA THR L 444 -53.87 -4.47 1.00
C THR L 444 -54.93 -3.51 1.54
N VAL L 445 -55.36 -3.68 2.79
CA VAL L 445 -56.41 -2.86 3.38
C VAL L 445 -55.77 -1.97 4.45
N ARG L 446 -55.88 -0.66 4.27
CA ARG L 446 -55.36 0.28 5.25
C ARG L 446 -56.17 0.21 6.54
N CYS L 447 -55.49 0.45 7.66
CA CYS L 447 -56.10 0.37 8.98
C CYS L 447 -56.16 1.74 9.62
N SER L 448 -57.22 1.97 10.39
CA SER L 448 -57.41 3.24 11.07
C SER L 448 -56.41 3.39 12.22
N PRO L 449 -56.13 4.62 12.66
CA PRO L 449 -55.21 4.82 13.79
C PRO L 449 -55.87 4.52 15.14
N ASP L 450 -57.02 3.87 15.10
CA ASP L 450 -57.74 3.48 16.31
C ASP L 450 -57.13 2.27 17.01
N MET L 451 -56.07 1.70 16.44
CA MET L 451 -55.40 0.54 17.01
C MET L 451 -53.99 0.93 17.45
N GLY L 452 -53.61 0.47 18.63
CA GLY L 452 -52.29 0.73 19.18
C GLY L 452 -51.31 -0.39 18.91
N LEU L 453 -50.25 -0.42 19.71
CA LEU L 453 -49.25 -1.46 19.57
C LEU L 453 -49.82 -2.82 19.96
N LEU L 454 -49.40 -3.86 19.25
CA LEU L 454 -49.80 -5.22 19.58
C LEU L 454 -48.82 -5.81 20.60
N THR L 455 -49.36 -6.45 21.62
CA THR L 455 -48.58 -6.94 22.75
C THR L 455 -48.50 -8.47 22.72
N GLU L 456 -47.63 -8.99 23.57
CA GLU L 456 -47.43 -10.44 23.67
C GLU L 456 -48.67 -11.16 24.15
N ALA L 457 -49.47 -10.54 25.01
CA ALA L 457 -50.68 -11.19 25.52
C ALA L 457 -51.67 -11.48 24.40
N ASP L 458 -51.84 -10.54 23.47
CA ASP L 458 -52.80 -10.74 22.39
C ASP L 458 -52.40 -11.92 21.50
N VAL L 459 -51.14 -11.97 21.08
CA VAL L 459 -50.68 -13.05 20.22
C VAL L 459 -50.69 -14.38 20.97
N GLN L 460 -50.35 -14.36 22.27
CA GLN L 460 -50.38 -15.58 23.06
C GLN L 460 -51.80 -16.13 23.14
N GLN L 461 -52.77 -15.25 23.42
CA GLN L 461 -54.17 -15.68 23.46
C GLN L 461 -54.64 -16.19 22.11
N TRP L 462 -54.27 -15.50 21.03
CA TRP L 462 -54.68 -15.91 19.69
C TRP L 462 -54.14 -17.29 19.35
N LEU L 463 -52.85 -17.52 19.61
CA LEU L 463 -52.25 -18.81 19.28
C LEU L 463 -52.80 -19.92 20.18
N THR L 464 -53.04 -19.62 21.46
CA THR L 464 -53.61 -20.62 22.34
C THR L 464 -55.01 -21.03 21.89
N TRP L 465 -55.82 -20.06 21.49
CA TRP L 465 -57.16 -20.39 21.00
C TRP L 465 -57.09 -21.16 19.68
N CYS L 466 -56.14 -20.79 18.81
CA CYS L 466 -56.00 -21.52 17.54
C CYS L 466 -55.59 -22.96 17.76
N ASN L 467 -54.68 -23.21 18.71
CA ASN L 467 -54.18 -24.56 18.93
C ASN L 467 -55.25 -25.52 19.42
N ALA L 468 -56.28 -25.00 20.11
CA ALA L 468 -57.31 -25.86 20.68
C ALA L 468 -58.27 -26.40 19.62
N GLN L 469 -58.57 -25.61 18.60
CA GLN L 469 -59.59 -25.98 17.63
C GLN L 469 -59.12 -27.16 16.77
N SER L 470 -60.02 -27.63 15.91
CA SER L 470 -59.71 -28.78 15.06
C SER L 470 -58.66 -28.40 14.02
N TRP L 471 -57.70 -29.30 13.81
CA TRP L 471 -56.62 -29.08 12.86
C TRP L 471 -56.89 -29.71 11.50
N ASP L 472 -58.03 -30.39 11.32
CA ASP L 472 -58.23 -31.23 10.15
C ASP L 472 -58.09 -30.46 8.83
N HIS L 473 -58.46 -29.17 8.83
CA HIS L 473 -58.33 -28.39 7.61
C HIS L 473 -56.88 -28.20 7.21
N TYR L 474 -56.00 -27.95 8.18
CA TYR L 474 -54.65 -27.47 7.87
C TYR L 474 -53.87 -28.47 7.03
N GLU L 475 -53.80 -29.73 7.47
CA GLU L 475 -53.04 -30.70 6.69
C GLU L 475 -53.67 -30.94 5.33
N ASN L 476 -54.96 -30.64 5.16
CA ASN L 476 -55.58 -30.71 3.84
C ASN L 476 -54.85 -29.80 2.86
N TRP L 477 -54.43 -28.63 3.31
CA TRP L 477 -53.61 -27.75 2.48
C TRP L 477 -52.17 -28.25 2.41
N ALA L 478 -51.71 -28.96 3.45
CA ALA L 478 -50.29 -29.31 3.57
C ALA L 478 -49.82 -30.28 2.49
N ILE L 479 -50.72 -30.92 1.75
CA ILE L 479 -50.30 -31.71 0.60
C ILE L 479 -49.62 -30.81 -0.42
N ASN L 480 -50.17 -29.63 -0.66
CA ASN L 480 -49.63 -28.70 -1.65
C ASN L 480 -49.47 -27.32 -0.99
N TYR L 481 -48.26 -27.03 -0.52
CA TYR L 481 -47.96 -25.70 -0.02
C TYR L 481 -47.91 -24.72 -1.17
N THR L 482 -48.81 -23.74 -1.17
CA THR L 482 -48.92 -22.76 -2.23
C THR L 482 -48.12 -21.51 -1.88
N PHE L 483 -47.66 -20.81 -2.92
CA PHE L 483 -46.94 -19.56 -2.71
C PHE L 483 -47.84 -18.50 -2.08
N ASP L 484 -49.10 -18.44 -2.51
CA ASP L 484 -50.07 -17.51 -1.98
C ASP L 484 -50.94 -18.22 -0.94
N PHE L 485 -51.17 -17.55 0.18
CA PHE L 485 -51.99 -18.13 1.24
C PHE L 485 -53.45 -18.16 0.81
N PRO L 486 -54.20 -19.20 1.18
CA PRO L 486 -55.63 -19.26 0.80
C PRO L 486 -56.41 -18.09 1.39
N GLY L 487 -57.42 -17.65 0.64
CA GLY L 487 -58.25 -16.55 1.06
C GLY L 487 -59.33 -16.95 2.05
N ILE L 488 -59.98 -15.94 2.61
CA ILE L 488 -61.03 -16.17 3.60
C ILE L 488 -62.23 -16.84 2.92
N ASN L 489 -62.92 -17.68 3.68
CA ASN L 489 -64.15 -18.34 3.24
C ASN L 489 -65.27 -18.01 4.22
N ALA L 490 -66.48 -18.47 3.89
CA ALA L 490 -67.63 -18.32 4.76
C ALA L 490 -68.35 -19.64 5.06
N ASP L 491 -68.23 -20.64 4.19
CA ASP L 491 -68.78 -21.96 4.48
C ASP L 491 -67.93 -22.72 5.46
N ALA L 492 -66.61 -22.48 5.46
CA ALA L 492 -65.67 -23.19 6.33
C ALA L 492 -65.09 -22.27 7.40
N LEU L 493 -65.83 -21.26 7.81
CA LEU L 493 -65.38 -20.35 8.86
C LEU L 493 -65.71 -20.95 10.24
N HIS L 494 -65.03 -20.47 11.26
CA HIS L 494 -65.28 -20.94 12.61
C HIS L 494 -66.59 -20.35 13.14
N PRO L 495 -67.43 -21.17 13.78
CA PRO L 495 -68.76 -20.67 14.21
C PRO L 495 -68.69 -19.47 15.15
N ASP L 496 -67.73 -19.44 16.07
CA ASP L 496 -67.62 -18.31 17.00
C ASP L 496 -67.11 -17.05 16.34
N LEU L 497 -66.45 -17.15 15.18
CA LEU L 497 -65.96 -15.97 14.49
C LEU L 497 -67.04 -15.24 13.69
N GLN L 498 -68.21 -15.85 13.54
CA GLN L 498 -69.31 -15.22 12.80
C GLN L 498 -70.18 -14.38 13.73
#